data_7YP3
#
_entry.id   7YP3
#
_cell.length_a   228.098
_cell.length_b   98.134
_cell.length_c   176.506
_cell.angle_alpha   90.000
_cell.angle_beta   103.260
_cell.angle_gamma   90.000
#
_symmetry.space_group_name_H-M   'C 1 2 1'
#
loop_
_entity.id
_entity.type
_entity.pdbx_description
1 polymer Glycosyltransferase
2 non-polymer 'ACETATE ION'
3 non-polymer GLYCEROL
4 non-polymer Elaiophylin
5 water water
#
_entity_poly.entity_id   1
_entity_poly.type   'polypeptide(L)'
_entity_poly.pdbx_seq_one_letter_code
;MGSSHHHHHHSSGLVPRGSHMRILFATVSEKSHLFTMVPLAWSLAAAGHEVHVASNPALTASIKSTGLTAVPVGKDHNLH
EMLTENRDSLENPLSDWSTPELDRHSWEQVLMKFKVSVMFAYQTYNDCMVHELVDYARHWQPDLVIWDPVTYAGPVAARV
VGAAHARLLWCIDIYAKMREVFLARLAEQPEERREDPMADWLGGILGRYGHTFDEEVVVGQWTIDQIPTSLQLPLSLRRV
PVRYLPHNGPSEIPDWLREAPGRPRVVLTSGVSARAALGGTFMPVADMINTLGSMDIDVVAALPPEEVEALEKVPANTRI
VDFVPLHALLPGASVLIHHGGFGSWGTALVNGVPQFIPTIRYADWWNKGTSLHEAGAGLVVHASELTAEVLRESVERLVE
DASYREAAERLREENQRTPTPHDVVPVIEELTAEHGR
;
_entity_poly.pdbx_strand_id   A,B,C,D,E,F,G
#
loop_
_chem_comp.id
_chem_comp.type
_chem_comp.name
_chem_comp.formula
ACT non-polymer 'ACETATE ION' 'C2 H3 O2 -1'
ELO non-polymer Elaiophylin 'C54 H88 O18'
GOL non-polymer GLYCEROL 'C3 H8 O3'
#
# COMPACT_ATOMS: atom_id res chain seq x y z
N SER A 19 17.82 52.03 -3.50
CA SER A 19 19.30 52.14 -3.45
C SER A 19 19.77 52.07 -1.99
N HIS A 20 20.70 51.16 -1.70
CA HIS A 20 20.95 50.67 -0.35
C HIS A 20 21.76 51.67 0.47
N MET A 21 21.25 52.09 1.63
CA MET A 21 21.89 53.13 2.43
C MET A 21 22.44 52.56 3.72
N ARG A 22 23.48 53.21 4.23
CA ARG A 22 23.88 53.12 5.62
C ARG A 22 23.31 54.32 6.35
N ILE A 23 22.54 54.05 7.40
CA ILE A 23 21.82 55.09 8.12
C ILE A 23 22.25 55.04 9.58
N LEU A 24 22.77 56.17 10.07
CA LEU A 24 23.19 56.27 11.45
C LEU A 24 22.19 57.11 12.23
N PHE A 25 21.55 56.49 13.21
CA PHE A 25 20.74 57.21 14.20
C PHE A 25 21.66 57.65 15.33
N ALA A 26 21.48 58.89 15.79
CA ALA A 26 22.23 59.45 16.91
C ALA A 26 21.26 60.06 17.93
N THR A 27 21.46 59.67 19.19
CA THR A 27 20.69 60.20 20.29
C THR A 27 21.55 60.31 21.55
N VAL A 28 21.25 61.35 22.31
CA VAL A 28 21.71 61.48 23.69
C VAL A 28 21.21 60.28 24.47
N SER A 29 21.87 60.01 25.61
CA SER A 29 21.68 58.77 26.33
C SER A 29 20.45 58.83 27.22
N GLU A 30 19.28 59.05 26.63
CA GLU A 30 18.00 58.98 27.32
C GLU A 30 17.15 57.92 26.64
N LYS A 31 16.70 56.92 27.42
CA LYS A 31 15.80 55.90 26.93
C LYS A 31 14.56 56.52 26.28
N SER A 32 14.04 57.57 26.93
CA SER A 32 12.79 58.20 26.50
C SER A 32 12.96 58.76 25.09
N HIS A 33 14.13 59.35 24.78
CA HIS A 33 14.40 59.86 23.45
C HIS A 33 14.59 58.71 22.46
N LEU A 34 15.40 57.71 22.83
CA LEU A 34 15.67 56.54 22.00
C LEU A 34 14.37 55.91 21.52
N PHE A 35 13.42 55.66 22.42
CA PHE A 35 12.22 54.91 22.10
C PHE A 35 11.40 55.61 21.04
N THR A 36 11.50 56.95 20.96
CA THR A 36 10.73 57.70 19.97
C THR A 36 11.25 57.43 18.55
N MET A 37 12.47 56.91 18.42
CA MET A 37 13.14 56.77 17.14
C MET A 37 13.00 55.35 16.58
N VAL A 38 12.53 54.41 17.41
CA VAL A 38 12.67 52.99 17.10
C VAL A 38 11.83 52.59 15.88
N PRO A 39 10.54 52.98 15.78
CA PRO A 39 9.75 52.58 14.63
C PRO A 39 10.30 53.10 13.31
N LEU A 40 10.82 54.34 13.27
CA LEU A 40 11.37 54.87 12.03
C LEU A 40 12.63 54.09 11.66
N ALA A 41 13.49 53.84 12.65
CA ALA A 41 14.70 53.06 12.44
C ALA A 41 14.35 51.70 11.83
N TRP A 42 13.37 51.01 12.41
CA TRP A 42 12.99 49.70 11.90
C TRP A 42 12.29 49.79 10.54
N SER A 43 11.59 50.88 10.24
CA SER A 43 10.97 51.03 8.94
C SER A 43 12.07 51.04 7.85
N LEU A 44 13.19 51.69 8.16
CA LEU A 44 14.28 51.85 7.20
C LEU A 44 15.03 50.53 7.07
N ALA A 45 15.23 49.82 8.20
CA ALA A 45 15.87 48.51 8.18
C ALA A 45 15.02 47.53 7.36
N ALA A 46 13.69 47.63 7.48
CA ALA A 46 12.77 46.73 6.80
C ALA A 46 12.78 46.96 5.29
N ALA A 47 13.21 48.15 4.87
CA ALA A 47 13.33 48.47 3.45
C ALA A 47 14.72 48.09 2.91
N GLY A 48 15.55 47.43 3.73
CA GLY A 48 16.80 46.87 3.26
C GLY A 48 18.03 47.72 3.60
N HIS A 49 17.84 48.87 4.25
CA HIS A 49 18.95 49.71 4.66
C HIS A 49 19.61 49.17 5.93
N GLU A 50 20.89 49.48 6.10
CA GLU A 50 21.62 49.14 7.31
C GLU A 50 21.46 50.28 8.30
N VAL A 51 21.02 49.96 9.52
CA VAL A 51 20.69 50.98 10.49
C VAL A 51 21.47 50.70 11.76
N HIS A 52 22.28 51.69 12.17
CA HIS A 52 23.01 51.63 13.42
C HIS A 52 22.59 52.81 14.29
N VAL A 53 22.54 52.57 15.60
CA VAL A 53 22.13 53.56 16.56
C VAL A 53 23.30 53.85 17.49
N ALA A 54 23.77 55.11 17.46
CA ALA A 54 24.89 55.55 18.26
C ALA A 54 24.44 56.40 19.45
N SER A 55 25.03 56.10 20.62
CA SER A 55 24.91 56.91 21.82
C SER A 55 26.08 56.60 22.76
N ASN A 56 26.12 57.29 23.91
CA ASN A 56 27.07 57.02 24.98
C ASN A 56 26.88 55.58 25.49
N PRO A 57 27.92 54.98 26.12
CA PRO A 57 27.83 53.63 26.68
C PRO A 57 26.64 53.38 27.62
N ALA A 58 26.20 54.38 28.36
CA ALA A 58 25.06 54.21 29.27
C ALA A 58 23.80 53.75 28.54
N LEU A 59 23.66 54.03 27.23
CA LEU A 59 22.44 53.67 26.50
C LEU A 59 22.55 52.31 25.80
N THR A 60 23.73 51.68 25.81
CA THR A 60 23.97 50.50 24.98
C THR A 60 22.93 49.41 25.25
N ALA A 61 22.67 49.10 26.52
CA ALA A 61 21.75 48.02 26.84
C ALA A 61 20.34 48.34 26.31
N SER A 62 19.91 49.60 26.44
CA SER A 62 18.61 50.03 25.95
C SER A 62 18.52 49.88 24.43
N ILE A 63 19.57 50.27 23.71
CA ILE A 63 19.54 50.15 22.26
C ILE A 63 19.38 48.68 21.87
N LYS A 64 20.12 47.80 22.54
CA LYS A 64 20.18 46.39 22.19
C LYS A 64 18.83 45.71 22.36
N SER A 65 18.00 46.18 23.31
CA SER A 65 16.66 45.64 23.50
C SER A 65 15.62 46.21 22.54
N THR A 66 16.03 47.08 21.59
CA THR A 66 15.14 47.57 20.54
C THR A 66 15.21 46.67 19.31
N GLY A 67 16.16 45.72 19.30
CA GLY A 67 16.43 44.93 18.11
C GLY A 67 17.48 45.57 17.20
N LEU A 68 17.80 46.84 17.43
CA LEU A 68 18.68 47.58 16.54
C LEU A 68 20.12 47.44 17.03
N THR A 69 21.05 47.55 16.07
CA THR A 69 22.48 47.47 16.36
C THR A 69 22.98 48.75 17.03
N ALA A 70 23.61 48.59 18.20
CA ALA A 70 24.15 49.68 18.99
C ALA A 70 25.61 49.96 18.62
N VAL A 71 25.95 51.25 18.60
CA VAL A 71 27.31 51.71 18.45
C VAL A 71 27.65 52.60 19.63
N PRO A 72 28.31 52.08 20.70
CA PRO A 72 28.75 52.92 21.81
C PRO A 72 29.82 53.92 21.36
N VAL A 73 29.64 55.20 21.69
CA VAL A 73 30.61 56.23 21.34
C VAL A 73 30.91 57.08 22.57
N GLY A 74 32.20 57.34 22.78
CA GLY A 74 32.66 58.29 23.79
C GLY A 74 32.43 57.77 25.20
N LYS A 75 32.19 58.69 26.14
CA LYS A 75 32.04 58.35 27.54
C LYS A 75 30.72 58.94 28.03
N ASP A 76 30.31 58.51 29.24
CA ASP A 76 29.09 58.97 29.87
C ASP A 76 29.33 60.33 30.50
N HIS A 77 28.25 61.09 30.66
CA HIS A 77 28.24 62.44 31.19
C HIS A 77 27.50 62.42 32.52
N ASN A 78 27.46 63.55 33.23
CA ASN A 78 26.93 63.64 34.58
C ASN A 78 25.68 64.54 34.62
N LEU A 79 24.96 64.65 33.49
CA LEU A 79 23.87 65.61 33.44
C LEU A 79 22.86 65.38 34.57
N HIS A 80 22.54 64.11 34.88
CA HIS A 80 21.48 63.81 35.82
C HIS A 80 21.87 64.19 37.25
N GLU A 81 23.14 63.97 37.63
CA GLU A 81 23.63 64.40 38.93
C GLU A 81 23.61 65.93 39.02
N MET A 82 24.06 66.63 37.94
CA MET A 82 24.04 68.09 37.92
C MET A 82 22.63 68.62 38.14
N LEU A 83 21.66 68.02 37.44
CA LEU A 83 20.26 68.43 37.52
C LEU A 83 19.68 68.18 38.91
N THR A 84 19.90 66.98 39.48
CA THR A 84 19.24 66.64 40.74
C THR A 84 19.87 67.44 41.87
N GLU A 85 21.20 67.64 41.82
CA GLU A 85 21.91 68.37 42.86
C GLU A 85 21.63 69.87 42.81
N ASN A 86 21.16 70.37 41.66
CA ASN A 86 20.92 71.79 41.45
C ASN A 86 19.47 71.98 41.05
N ARG A 87 18.58 71.20 41.69
CA ARG A 87 17.21 71.00 41.24
C ARG A 87 16.36 72.24 41.46
N ASP A 88 16.74 73.06 42.45
CA ASP A 88 16.00 74.24 42.83
C ASP A 88 16.28 75.40 41.88
N SER A 89 17.24 75.23 40.95
CA SER A 89 17.50 76.24 39.94
C SER A 89 16.97 75.78 38.57
N LEU A 90 16.28 74.62 38.56
CA LEU A 90 16.05 73.84 37.33
C LEU A 90 14.99 74.56 36.48
N GLU A 91 13.81 74.78 37.09
CA GLU A 91 12.77 75.58 36.49
C GLU A 91 12.96 77.04 36.86
N ASN A 92 13.41 77.84 35.89
CA ASN A 92 13.58 79.28 36.07
C ASN A 92 13.36 79.93 34.71
N PRO A 93 13.24 81.27 34.62
CA PRO A 93 12.91 81.91 33.34
C PRO A 93 13.83 81.56 32.17
N LEU A 94 15.12 81.29 32.41
CA LEU A 94 16.06 81.03 31.33
C LEU A 94 16.00 79.59 30.82
N SER A 95 15.36 78.69 31.58
CA SER A 95 15.17 77.32 31.13
C SER A 95 13.76 77.13 30.54
N ASP A 96 12.99 78.22 30.49
CA ASP A 96 11.62 78.18 30.00
C ASP A 96 11.64 78.52 28.52
N TRP A 97 11.54 77.49 27.66
CA TRP A 97 11.45 77.71 26.22
C TRP A 97 10.02 77.53 25.70
N SER A 98 9.04 77.58 26.61
CA SER A 98 7.66 77.23 26.31
C SER A 98 6.94 78.29 25.46
N THR A 99 7.43 79.55 25.44
CA THR A 99 6.80 80.59 24.64
C THR A 99 7.86 81.27 23.77
N PRO A 100 8.40 80.57 22.76
CA PRO A 100 9.45 81.13 21.90
C PRO A 100 8.91 82.15 20.89
N GLU A 101 8.69 83.38 21.37
CA GLU A 101 8.07 84.43 20.57
C GLU A 101 8.93 85.70 20.65
N LEU A 102 9.08 86.39 19.51
CA LEU A 102 9.83 87.66 19.43
C LEU A 102 9.35 88.63 20.51
N ASP A 103 8.02 88.77 20.62
CA ASP A 103 7.36 89.64 21.57
C ASP A 103 7.83 89.43 23.00
N ARG A 104 8.36 88.24 23.32
CA ARG A 104 8.67 87.92 24.70
C ARG A 104 10.18 87.85 24.93
N HIS A 105 10.97 88.16 23.89
CA HIS A 105 12.43 88.00 23.95
C HIS A 105 13.12 89.22 23.35
N SER A 106 13.78 89.99 24.22
CA SER A 106 14.81 90.90 23.76
C SER A 106 16.00 90.08 23.28
N TRP A 107 16.93 90.74 22.59
CA TRP A 107 18.15 90.10 22.17
C TRP A 107 18.86 89.43 23.35
N GLU A 108 18.97 90.13 24.47
CA GLU A 108 19.82 89.63 25.54
C GLU A 108 19.12 88.47 26.25
N GLN A 109 17.78 88.43 26.23
CA GLN A 109 17.07 87.31 26.84
C GLN A 109 17.27 86.04 26.01
N VAL A 110 17.10 86.13 24.69
CA VAL A 110 17.21 84.96 23.84
C VAL A 110 18.67 84.53 23.75
N LEU A 111 19.62 85.49 23.69
CA LEU A 111 21.03 85.15 23.67
C LEU A 111 21.39 84.37 24.94
N MET A 112 20.89 84.86 26.08
CA MET A 112 21.22 84.26 27.36
C MET A 112 20.66 82.82 27.43
N LYS A 113 19.48 82.59 26.85
CA LYS A 113 18.88 81.25 26.81
C LYS A 113 19.76 80.29 26.02
N PHE A 114 20.27 80.75 24.86
CA PHE A 114 21.17 79.91 24.07
C PHE A 114 22.50 79.69 24.79
N LYS A 115 23.01 80.71 25.49
CA LYS A 115 24.28 80.56 26.17
C LYS A 115 24.17 79.49 27.25
N VAL A 116 23.11 79.56 28.05
CA VAL A 116 22.98 78.67 29.18
C VAL A 116 22.57 77.25 28.73
N SER A 117 21.75 77.13 27.68
CA SER A 117 21.36 75.80 27.22
C SER A 117 22.54 75.09 26.55
N VAL A 118 23.36 75.83 25.79
CA VAL A 118 24.57 75.28 25.22
C VAL A 118 25.53 74.85 26.32
N MET A 119 25.80 75.72 27.31
CA MET A 119 26.80 75.45 28.34
C MET A 119 26.33 74.28 29.21
N PHE A 120 25.07 74.30 29.67
CA PHE A 120 24.69 73.34 30.67
C PHE A 120 24.17 72.04 30.05
N ALA A 121 23.28 72.10 29.06
CA ALA A 121 22.62 70.88 28.59
C ALA A 121 23.33 70.33 27.35
N TYR A 122 23.45 71.13 26.29
CA TYR A 122 23.84 70.58 24.99
C TYR A 122 25.28 70.09 25.02
N GLN A 123 26.18 70.85 25.64
CA GLN A 123 27.58 70.44 25.71
C GLN A 123 27.74 69.20 26.59
N THR A 124 27.05 69.15 27.73
CA THR A 124 27.14 67.99 28.61
C THR A 124 26.69 66.73 27.86
N TYR A 125 25.56 66.84 27.14
CA TYR A 125 24.98 65.71 26.43
C TYR A 125 25.85 65.24 25.27
N ASN A 126 26.53 66.19 24.60
CA ASN A 126 27.11 65.92 23.28
C ASN A 126 28.64 65.89 23.26
N ASP A 127 29.33 66.74 24.05
CA ASP A 127 30.78 66.86 23.92
C ASP A 127 31.50 65.57 24.32
N CYS A 128 30.87 64.81 25.22
CA CYS A 128 31.36 63.52 25.70
C CYS A 128 31.44 62.47 24.58
N MET A 129 30.83 62.72 23.40
CA MET A 129 30.79 61.67 22.39
C MET A 129 31.00 62.20 20.98
N VAL A 130 31.06 63.53 20.79
CA VAL A 130 31.01 64.08 19.44
C VAL A 130 32.21 63.61 18.59
N HIS A 131 33.42 63.58 19.19
CA HIS A 131 34.61 63.26 18.40
C HIS A 131 34.62 61.78 18.02
N GLU A 132 34.18 60.93 18.94
CA GLU A 132 34.05 59.50 18.68
C GLU A 132 32.95 59.23 17.64
N LEU A 133 31.90 60.07 17.62
CA LEU A 133 30.85 59.92 16.62
C LEU A 133 31.36 60.34 15.24
N VAL A 134 32.15 61.43 15.19
CA VAL A 134 32.76 61.85 13.92
C VAL A 134 33.65 60.73 13.37
N ASP A 135 34.43 60.10 14.28
CA ASP A 135 35.33 59.01 13.92
C ASP A 135 34.53 57.85 13.35
N TYR A 136 33.46 57.44 14.05
CA TYR A 136 32.65 56.33 13.57
C TYR A 136 32.05 56.65 12.21
N ALA A 137 31.56 57.89 12.03
CA ALA A 137 30.99 58.28 10.75
C ALA A 137 32.05 58.23 9.64
N ARG A 138 33.29 58.59 9.98
CA ARG A 138 34.39 58.52 9.01
C ARG A 138 34.66 57.08 8.60
N HIS A 139 34.69 56.17 9.58
CA HIS A 139 34.85 54.74 9.30
C HIS A 139 33.68 54.17 8.49
N TRP A 140 32.44 54.42 8.91
CA TRP A 140 31.28 53.68 8.40
C TRP A 140 30.71 54.35 7.15
N GLN A 141 30.91 55.66 7.03
CA GLN A 141 30.45 56.44 5.89
C GLN A 141 28.94 56.31 5.71
N PRO A 142 28.12 56.72 6.70
CA PRO A 142 26.67 56.72 6.51
C PRO A 142 26.28 57.67 5.38
N ASP A 143 25.25 57.29 4.64
CA ASP A 143 24.65 58.18 3.65
C ASP A 143 23.76 59.23 4.33
N LEU A 144 23.23 58.87 5.51
CA LEU A 144 22.20 59.63 6.18
C LEU A 144 22.41 59.48 7.68
N VAL A 145 22.29 60.60 8.39
CA VAL A 145 22.26 60.61 9.84
C VAL A 145 20.91 61.16 10.28
N ILE A 146 20.19 60.39 11.12
CA ILE A 146 18.96 60.87 11.71
C ILE A 146 19.22 61.10 13.18
N TRP A 147 18.97 62.34 13.64
CA TRP A 147 19.37 62.72 14.99
C TRP A 147 18.19 63.24 15.81
N ASP A 148 18.18 62.80 17.06
CA ASP A 148 17.33 63.37 18.07
C ASP A 148 17.62 64.87 18.15
N PRO A 149 16.59 65.73 18.38
CA PRO A 149 16.75 67.18 18.22
C PRO A 149 17.68 67.92 19.17
N VAL A 150 18.14 67.29 20.26
CA VAL A 150 19.17 67.89 21.09
C VAL A 150 20.51 67.15 20.96
N THR A 151 20.62 66.27 19.96
CA THR A 151 21.84 65.49 19.73
C THR A 151 22.63 66.14 18.61
N TYR A 152 23.21 67.31 18.91
CA TYR A 152 23.93 68.11 17.92
C TYR A 152 25.24 67.44 17.49
N ALA A 153 25.73 66.44 18.24
CA ALA A 153 26.84 65.62 17.77
C ALA A 153 26.53 65.01 16.41
N GLY A 154 25.24 64.68 16.20
CA GLY A 154 24.78 63.99 15.00
C GLY A 154 25.06 64.77 13.72
N PRO A 155 24.54 66.01 13.58
CA PRO A 155 24.75 66.78 12.36
C PRO A 155 26.22 67.19 12.15
N VAL A 156 26.99 67.31 13.23
CA VAL A 156 28.41 67.58 13.13
C VAL A 156 29.09 66.41 12.41
N ALA A 157 28.86 65.20 12.93
CA ALA A 157 29.38 63.98 12.32
C ALA A 157 28.93 63.84 10.86
N ALA A 158 27.65 64.14 10.58
CA ALA A 158 27.13 64.04 9.22
C ALA A 158 27.88 65.00 8.30
N ARG A 159 28.00 66.25 8.74
CA ARG A 159 28.56 67.30 7.90
C ARG A 159 30.02 66.98 7.57
N VAL A 160 30.76 66.48 8.56
CA VAL A 160 32.14 66.11 8.36
C VAL A 160 32.28 65.12 7.22
N VAL A 161 31.34 64.18 7.04
CA VAL A 161 31.47 63.16 6.00
C VAL A 161 30.55 63.43 4.82
N GLY A 162 29.88 64.58 4.79
CA GLY A 162 28.98 64.93 3.70
C GLY A 162 27.67 64.14 3.66
N ALA A 163 27.32 63.45 4.76
CA ALA A 163 26.06 62.70 4.81
C ALA A 163 24.88 63.67 4.82
N ALA A 164 23.74 63.26 4.25
CA ALA A 164 22.49 63.96 4.51
C ALA A 164 22.16 63.79 6.00
N HIS A 165 21.36 64.70 6.55
CA HIS A 165 20.97 64.55 7.94
C HIS A 165 19.65 65.29 8.20
N ALA A 166 18.88 64.74 9.15
CA ALA A 166 17.56 65.24 9.49
C ALA A 166 17.31 65.03 10.98
N ARG A 167 16.57 65.97 11.59
CA ARG A 167 16.06 65.78 12.92
C ARG A 167 14.86 64.84 12.85
N LEU A 168 14.70 64.01 13.89
CA LEU A 168 13.47 63.28 14.13
C LEU A 168 12.87 63.78 15.44
N LEU A 169 11.69 64.40 15.35
CA LEU A 169 11.10 65.18 16.45
C LEU A 169 10.13 64.34 17.27
N TRP A 170 10.37 64.35 18.59
CA TRP A 170 9.41 63.95 19.60
C TRP A 170 8.75 65.19 20.21
N CYS A 171 9.21 66.37 19.80
CA CYS A 171 8.94 67.61 20.51
C CYS A 171 8.07 68.56 19.69
N ILE A 172 7.19 69.27 20.39
CA ILE A 172 6.71 70.52 19.85
C ILE A 172 7.95 71.41 19.71
N ASP A 173 8.14 72.00 18.53
CA ASP A 173 9.45 72.39 18.05
C ASP A 173 9.86 73.78 18.57
N ILE A 174 9.91 73.88 19.89
CA ILE A 174 10.35 75.08 20.59
C ILE A 174 11.82 75.36 20.27
N TYR A 175 12.58 74.32 19.93
CA TYR A 175 14.00 74.47 19.66
C TYR A 175 14.23 75.28 18.39
N ALA A 176 13.59 74.89 17.29
CA ALA A 176 13.78 75.56 16.01
C ALA A 176 13.07 76.92 16.04
N LYS A 177 11.99 77.02 16.83
CA LYS A 177 11.26 78.27 16.92
C LYS A 177 12.07 79.29 17.73
N MET A 178 12.66 78.87 18.86
CA MET A 178 13.50 79.76 19.64
C MET A 178 14.71 80.18 18.79
N ARG A 179 15.21 79.28 17.94
CA ARG A 179 16.32 79.62 17.07
C ARG A 179 15.92 80.72 16.07
N GLU A 180 14.70 80.65 15.54
CA GLU A 180 14.21 81.66 14.63
C GLU A 180 14.15 83.03 15.34
N VAL A 181 13.64 83.06 16.57
CA VAL A 181 13.61 84.26 17.40
C VAL A 181 15.04 84.78 17.58
N PHE A 182 15.95 83.87 17.94
CA PHE A 182 17.35 84.21 18.14
C PHE A 182 17.94 84.89 16.91
N LEU A 183 17.70 84.33 15.71
CA LEU A 183 18.31 84.84 14.49
C LEU A 183 17.72 86.19 14.10
N ALA A 184 16.42 86.40 14.38
CA ALA A 184 15.78 87.68 14.11
C ALA A 184 16.41 88.79 14.98
N ARG A 185 16.67 88.49 16.25
CA ARG A 185 17.28 89.45 17.17
C ARG A 185 18.76 89.67 16.83
N LEU A 186 19.46 88.62 16.44
CA LEU A 186 20.85 88.72 16.05
C LEU A 186 21.01 89.72 14.90
N ALA A 187 20.10 89.65 13.93
CA ALA A 187 20.15 90.48 12.73
C ALA A 187 19.94 91.96 13.06
N GLU A 188 19.30 92.27 14.19
CA GLU A 188 19.09 93.63 14.65
C GLU A 188 20.32 94.23 15.34
N GLN A 189 21.37 93.44 15.61
CA GLN A 189 22.47 93.93 16.43
C GLN A 189 23.57 94.50 15.55
N PRO A 190 24.30 95.52 16.06
CA PRO A 190 25.53 95.97 15.42
C PRO A 190 26.55 94.83 15.41
N GLU A 191 27.51 94.92 14.50
CA GLU A 191 28.56 93.95 14.31
C GLU A 191 29.24 93.56 15.61
N GLU A 192 29.50 94.55 16.48
CA GLU A 192 30.28 94.33 17.70
C GLU A 192 29.50 93.49 18.70
N ARG A 193 28.16 93.57 18.64
CA ARG A 193 27.29 92.91 19.61
C ARG A 193 26.88 91.51 19.13
N ARG A 194 27.26 91.13 17.91
CA ARG A 194 26.82 89.88 17.33
C ARG A 194 27.57 88.71 17.96
N GLU A 195 26.81 87.71 18.43
CA GLU A 195 27.33 86.55 19.12
C GLU A 195 26.35 85.40 18.91
N ASP A 196 26.86 84.19 18.65
CA ASP A 196 26.03 83.02 18.42
C ASP A 196 26.66 81.83 19.13
N PRO A 197 26.15 81.47 20.34
CA PRO A 197 26.70 80.35 21.11
C PRO A 197 26.70 79.00 20.38
N MET A 198 25.71 78.82 19.48
CA MET A 198 25.56 77.59 18.74
C MET A 198 26.64 77.52 17.66
N ALA A 199 26.82 78.63 16.93
CA ALA A 199 27.88 78.74 15.92
C ALA A 199 29.26 78.63 16.57
N ASP A 200 29.48 79.27 17.73
CA ASP A 200 30.78 79.17 18.39
C ASP A 200 31.08 77.72 18.73
N TRP A 201 30.10 77.06 19.37
CA TRP A 201 30.28 75.69 19.84
C TRP A 201 30.43 74.72 18.67
N LEU A 202 29.45 74.68 17.78
CA LEU A 202 29.43 73.66 16.73
C LEU A 202 30.38 74.04 15.60
N GLY A 203 30.48 75.34 15.29
CA GLY A 203 31.43 75.84 14.32
C GLY A 203 32.86 75.60 14.76
N GLY A 204 33.12 75.77 16.06
CA GLY A 204 34.41 75.43 16.64
C GLY A 204 34.80 73.98 16.38
N ILE A 205 33.87 73.06 16.65
CA ILE A 205 34.12 71.64 16.46
C ILE A 205 34.32 71.33 14.98
N LEU A 206 33.43 71.87 14.14
CA LEU A 206 33.52 71.65 12.70
C LEU A 206 34.85 72.18 12.15
N GLY A 207 35.29 73.34 12.65
CA GLY A 207 36.55 73.97 12.27
C GLY A 207 37.75 73.06 12.48
N ARG A 208 37.82 72.40 13.64
CA ARG A 208 38.86 71.42 13.92
C ARG A 208 38.93 70.31 12.87
N TYR A 209 37.85 70.01 12.14
CA TYR A 209 37.88 68.97 11.12
C TYR A 209 37.91 69.59 9.73
N GLY A 210 38.11 70.91 9.67
CA GLY A 210 38.25 71.61 8.40
C GLY A 210 36.91 71.86 7.71
N HIS A 211 35.83 71.98 8.49
CA HIS A 211 34.53 72.28 7.92
C HIS A 211 34.00 73.58 8.49
N THR A 212 33.14 74.21 7.69
CA THR A 212 32.46 75.43 8.06
C THR A 212 31.19 75.11 8.84
N PHE A 213 30.71 76.09 9.60
CA PHE A 213 29.40 76.05 10.21
C PHE A 213 28.36 76.37 9.15
N ASP A 214 27.19 75.74 9.28
CA ASP A 214 26.02 76.07 8.49
C ASP A 214 24.81 75.94 9.43
N GLU A 215 23.78 76.77 9.20
CA GLU A 215 22.60 76.77 10.06
C GLU A 215 21.90 75.41 10.03
N GLU A 216 22.16 74.61 9.00
CA GLU A 216 21.48 73.34 8.86
C GLU A 216 21.97 72.35 9.93
N VAL A 217 23.11 72.62 10.60
CA VAL A 217 23.53 71.72 11.69
C VAL A 217 22.71 72.01 12.96
N VAL A 218 21.94 73.10 12.97
CA VAL A 218 21.12 73.45 14.12
C VAL A 218 19.70 72.88 13.98
N VAL A 219 19.17 72.81 12.73
CA VAL A 219 17.79 72.40 12.50
C VAL A 219 17.66 71.22 11.53
N GLY A 220 18.79 70.71 11.03
CA GLY A 220 18.79 69.62 10.06
C GLY A 220 18.55 70.14 8.65
N GLN A 221 18.86 69.31 7.65
CA GLN A 221 18.54 69.62 6.28
C GLN A 221 17.03 69.50 6.08
N TRP A 222 16.40 68.57 6.80
CA TRP A 222 14.96 68.53 6.93
C TRP A 222 14.62 67.97 8.32
N THR A 223 13.33 68.07 8.65
CA THR A 223 12.79 67.68 9.94
C THR A 223 11.73 66.61 9.68
N ILE A 224 11.94 65.42 10.26
CA ILE A 224 10.92 64.38 10.28
C ILE A 224 10.16 64.52 11.60
N ASP A 225 8.85 64.75 11.51
CA ASP A 225 8.10 65.28 12.63
C ASP A 225 6.94 64.34 13.00
N GLN A 226 6.96 63.85 14.24
CA GLN A 226 5.96 62.94 14.77
C GLN A 226 4.84 63.69 15.49
N ILE A 227 4.91 65.02 15.54
CA ILE A 227 3.85 65.83 16.14
C ILE A 227 2.81 66.12 15.07
N PRO A 228 1.51 65.85 15.33
CA PRO A 228 0.45 66.25 14.39
C PRO A 228 0.55 67.74 14.05
N THR A 229 0.41 68.05 12.76
CA THR A 229 0.53 69.40 12.24
C THR A 229 -0.24 70.43 13.07
N SER A 230 -1.47 70.12 13.47
CA SER A 230 -2.31 71.09 14.18
C SER A 230 -1.72 71.47 15.53
N LEU A 231 -0.83 70.65 16.11
CA LEU A 231 -0.27 70.94 17.42
C LEU A 231 1.18 71.43 17.34
N GLN A 232 1.71 71.55 16.13
CA GLN A 232 3.11 71.86 15.93
C GLN A 232 3.24 73.35 15.59
N LEU A 233 4.38 73.94 15.95
CA LEU A 233 4.68 75.33 15.64
C LEU A 233 5.06 75.45 14.16
N PRO A 234 4.43 76.37 13.39
CA PRO A 234 4.81 76.61 12.01
C PRO A 234 6.20 77.25 11.89
N LEU A 235 7.02 76.75 10.96
CA LEU A 235 8.42 77.14 10.84
C LEU A 235 8.79 77.10 9.37
N SER A 236 9.86 77.83 9.01
CA SER A 236 10.41 77.81 7.66
C SER A 236 11.53 76.79 7.57
N LEU A 237 11.17 75.53 7.46
CA LEU A 237 12.12 74.48 7.19
C LEU A 237 11.37 73.36 6.46
N ARG A 238 12.11 72.42 5.88
CA ARG A 238 11.50 71.30 5.18
C ARG A 238 11.01 70.30 6.21
N ARG A 239 9.69 70.11 6.26
CA ARG A 239 9.05 69.26 7.25
C ARG A 239 8.45 68.02 6.59
N VAL A 240 8.82 66.83 7.07
CA VAL A 240 8.25 65.57 6.64
C VAL A 240 7.45 64.99 7.80
N PRO A 241 6.11 65.12 7.78
CA PRO A 241 5.28 64.54 8.84
C PRO A 241 5.35 63.01 8.76
N VAL A 242 5.36 62.37 9.94
CA VAL A 242 5.29 60.93 10.02
C VAL A 242 4.38 60.58 11.21
N ARG A 243 3.64 59.48 11.07
CA ARG A 243 2.73 59.06 12.13
C ARG A 243 3.52 58.53 13.31
N TYR A 244 3.18 59.00 14.51
CA TYR A 244 3.73 58.42 15.72
C TYR A 244 3.15 57.01 15.91
N LEU A 245 4.05 56.04 16.09
CA LEU A 245 3.71 54.67 16.44
C LEU A 245 4.31 54.41 17.82
N PRO A 246 3.48 54.02 18.81
CA PRO A 246 3.98 53.84 20.16
C PRO A 246 5.07 52.79 20.27
N HIS A 247 6.15 53.18 20.93
CA HIS A 247 7.15 52.27 21.43
C HIS A 247 7.63 52.85 22.76
N ASN A 248 7.45 52.07 23.82
CA ASN A 248 7.71 52.51 25.17
C ASN A 248 8.69 51.53 25.79
N GLY A 249 9.52 50.90 24.95
CA GLY A 249 10.58 50.03 25.43
C GLY A 249 10.13 48.58 25.47
N PRO A 250 10.95 47.70 26.08
CA PRO A 250 10.63 46.27 26.15
C PRO A 250 9.28 46.02 26.79
N SER A 251 8.43 45.23 26.13
CA SER A 251 7.08 45.06 26.62
C SER A 251 6.61 43.61 26.45
N GLU A 252 5.76 43.21 27.40
CA GLU A 252 5.01 41.98 27.34
C GLU A 252 3.58 42.23 27.82
N ILE A 253 2.66 41.41 27.30
CA ILE A 253 1.26 41.46 27.69
C ILE A 253 1.08 40.64 28.95
N PRO A 254 0.64 41.23 30.09
CA PRO A 254 0.38 40.44 31.31
C PRO A 254 -1.06 39.89 31.25
N ASP A 255 -1.33 38.88 32.07
CA ASP A 255 -2.60 38.16 32.09
C ASP A 255 -3.75 39.08 32.51
N TRP A 256 -3.48 40.00 33.45
CA TRP A 256 -4.52 40.84 34.03
C TRP A 256 -5.06 41.88 33.04
N LEU A 257 -4.39 42.09 31.90
CA LEU A 257 -4.80 43.11 30.95
C LEU A 257 -6.19 42.82 30.37
N ARG A 258 -6.55 41.54 30.22
CA ARG A 258 -7.82 41.23 29.55
C ARG A 258 -9.00 41.64 30.44
N GLU A 259 -8.86 41.56 31.75
CA GLU A 259 -9.96 41.68 32.70
C GLU A 259 -10.53 43.10 32.70
N ALA A 260 -11.81 43.24 32.32
CA ALA A 260 -12.51 44.51 32.28
C ALA A 260 -12.86 44.99 33.69
N PRO A 261 -12.58 46.28 34.04
CA PRO A 261 -12.78 46.75 35.42
C PRO A 261 -14.18 47.19 35.82
N GLY A 262 -15.05 47.58 34.90
CA GLY A 262 -16.41 47.99 35.29
C GLY A 262 -16.47 49.38 35.97
N ARG A 263 -15.36 50.14 35.89
CA ARG A 263 -15.36 51.57 36.18
C ARG A 263 -14.48 52.31 35.16
N PRO A 264 -14.63 53.63 34.95
CA PRO A 264 -13.66 54.41 34.14
C PRO A 264 -12.22 54.14 34.57
N ARG A 265 -11.36 53.76 33.59
CA ARG A 265 -9.98 53.41 33.90
C ARG A 265 -9.11 54.68 33.80
N VAL A 266 -8.32 54.87 34.85
CA VAL A 266 -7.42 56.01 34.97
C VAL A 266 -6.00 55.42 35.12
N VAL A 267 -5.11 55.86 34.23
CA VAL A 267 -3.73 55.38 34.23
C VAL A 267 -2.84 56.54 34.64
N LEU A 268 -1.83 56.22 35.45
CA LEU A 268 -0.85 57.14 35.97
C LEU A 268 0.54 56.59 35.67
N THR A 269 1.35 57.35 34.91
CA THR A 269 2.74 56.96 34.60
C THR A 269 3.69 58.03 35.13
N SER A 270 4.90 57.62 35.53
CA SER A 270 6.01 58.53 35.75
C SER A 270 7.33 57.90 35.29
N THR A 281 8.79 68.74 46.80
CA THR A 281 8.29 70.00 46.18
C THR A 281 6.81 69.85 45.81
N PHE A 282 6.49 68.83 44.99
CA PHE A 282 5.18 68.67 44.34
C PHE A 282 4.43 67.54 45.04
N MET A 283 3.13 67.39 44.77
CA MET A 283 2.25 66.51 45.53
C MET A 283 2.81 65.09 45.53
N PRO A 284 3.15 64.51 46.72
CA PRO A 284 3.71 63.16 46.76
C PRO A 284 2.82 62.15 46.03
N VAL A 285 3.47 61.16 45.42
CA VAL A 285 2.79 60.16 44.62
C VAL A 285 1.88 59.32 45.51
N ALA A 286 2.31 59.10 46.77
CA ALA A 286 1.51 58.40 47.76
C ALA A 286 0.14 59.07 47.92
N ASP A 287 0.11 60.42 47.94
CA ASP A 287 -1.11 61.17 48.16
C ASP A 287 -1.99 61.11 46.91
N MET A 288 -1.35 61.07 45.75
CA MET A 288 -2.06 60.97 44.48
C MET A 288 -2.83 59.65 44.43
N ILE A 289 -2.15 58.58 44.81
CA ILE A 289 -2.71 57.23 44.82
C ILE A 289 -3.91 57.18 45.77
N ASN A 290 -3.77 57.77 46.96
CA ASN A 290 -4.80 57.74 48.00
C ASN A 290 -6.02 58.53 47.54
N THR A 291 -5.82 59.70 46.91
CA THR A 291 -6.93 60.45 46.36
C THR A 291 -7.69 59.64 45.31
N LEU A 292 -6.93 59.04 44.36
CA LEU A 292 -7.52 58.29 43.26
C LEU A 292 -8.19 57.02 43.81
N GLY A 293 -7.63 56.48 44.92
CA GLY A 293 -8.16 55.32 45.61
C GLY A 293 -9.58 55.53 46.15
N SER A 294 -9.95 56.78 46.42
CA SER A 294 -11.25 57.10 46.99
C SER A 294 -12.30 57.34 45.91
N MET A 295 -11.95 57.21 44.63
CA MET A 295 -12.85 57.65 43.57
C MET A 295 -13.49 56.44 42.90
N ASP A 296 -14.58 56.67 42.18
CA ASP A 296 -15.31 55.66 41.45
C ASP A 296 -14.64 55.38 40.09
N ILE A 297 -13.44 54.81 40.17
CA ILE A 297 -12.59 54.57 39.01
C ILE A 297 -11.73 53.33 39.29
N ASP A 298 -11.18 52.78 38.19
CA ASP A 298 -10.16 51.75 38.24
C ASP A 298 -8.82 52.43 37.94
N VAL A 299 -7.78 52.12 38.72
CA VAL A 299 -6.51 52.82 38.60
C VAL A 299 -5.41 51.81 38.28
N VAL A 300 -4.59 52.13 37.26
CA VAL A 300 -3.32 51.44 37.04
C VAL A 300 -2.19 52.45 37.12
N ALA A 301 -1.25 52.24 38.04
CA ALA A 301 -0.12 53.13 38.23
C ALA A 301 1.17 52.39 37.89
N ALA A 302 1.85 52.82 36.82
CA ALA A 302 3.18 52.35 36.45
C ALA A 302 4.23 53.24 37.14
N LEU A 303 4.82 52.73 38.23
CA LEU A 303 5.73 53.49 39.08
C LEU A 303 7.05 52.73 39.25
N PRO A 304 8.19 53.45 39.37
CA PRO A 304 9.50 52.81 39.54
C PRO A 304 9.68 52.05 40.86
N PRO A 305 10.81 51.32 41.06
CA PRO A 305 11.00 50.46 42.23
C PRO A 305 10.68 51.10 43.58
N GLU A 306 11.38 52.19 43.92
CA GLU A 306 11.44 52.69 45.28
C GLU A 306 10.18 53.51 45.63
N GLU A 307 9.52 54.06 44.62
CA GLU A 307 8.25 54.76 44.82
C GLU A 307 7.17 53.76 45.24
N VAL A 308 7.29 52.52 44.74
CA VAL A 308 6.39 51.43 45.11
C VAL A 308 6.36 51.30 46.63
N GLU A 309 7.53 51.32 47.27
CA GLU A 309 7.67 51.02 48.69
C GLU A 309 7.61 52.28 49.56
N ALA A 310 7.66 53.46 48.93
CA ALA A 310 7.43 54.71 49.64
C ALA A 310 5.95 54.82 50.08
N LEU A 311 5.08 54.00 49.48
CA LEU A 311 3.67 53.97 49.85
C LEU A 311 3.42 52.83 50.84
N GLU A 312 2.37 53.00 51.66
CA GLU A 312 2.01 52.03 52.68
C GLU A 312 0.91 51.11 52.16
N LYS A 313 -0.29 51.65 51.95
CA LYS A 313 -1.41 50.82 51.51
C LYS A 313 -1.71 51.09 50.03
N VAL A 314 -1.95 50.01 49.27
CA VAL A 314 -2.47 50.08 47.90
C VAL A 314 -3.99 50.05 47.97
N PRO A 315 -4.72 51.12 47.57
CA PRO A 315 -6.19 51.09 47.59
C PRO A 315 -6.75 49.90 46.79
N ALA A 316 -8.02 49.56 47.06
CA ALA A 316 -8.61 48.38 46.48
C ALA A 316 -8.81 48.55 44.98
N ASN A 317 -9.00 49.80 44.50
CA ASN A 317 -9.30 50.05 43.09
C ASN A 317 -8.03 50.18 42.23
N THR A 318 -6.86 49.97 42.84
CA THR A 318 -5.59 50.37 42.28
C THR A 318 -4.66 49.17 42.08
N ARG A 319 -4.08 49.09 40.89
CA ARG A 319 -3.00 48.16 40.61
C ARG A 319 -1.71 48.94 40.40
N ILE A 320 -0.63 48.51 41.05
CA ILE A 320 0.66 49.15 40.90
C ILE A 320 1.62 48.16 40.25
N VAL A 321 2.30 48.64 39.19
CA VAL A 321 3.20 47.82 38.38
C VAL A 321 4.45 48.65 38.08
N ASP A 322 5.56 48.00 37.72
CA ASP A 322 6.77 48.70 37.33
C ASP A 322 6.67 49.12 35.87
N PHE A 323 6.37 48.12 35.00
CA PHE A 323 6.25 48.32 33.57
C PHE A 323 4.84 47.94 33.16
N VAL A 324 4.32 48.59 32.10
CA VAL A 324 3.04 48.24 31.51
C VAL A 324 3.13 48.47 30.00
N PRO A 325 2.58 47.59 29.14
CA PRO A 325 2.49 47.86 27.71
C PRO A 325 1.41 48.91 27.47
N LEU A 326 1.84 50.17 27.48
CA LEU A 326 0.92 51.29 27.54
C LEU A 326 0.01 51.29 26.32
N HIS A 327 0.53 50.96 25.13
CA HIS A 327 -0.29 50.99 23.92
C HIS A 327 -1.40 49.93 23.98
N ALA A 328 -1.11 48.80 24.62
CA ALA A 328 -2.10 47.73 24.77
C ALA A 328 -3.09 48.08 25.88
N LEU A 329 -2.62 48.80 26.91
CA LEU A 329 -3.45 49.19 28.04
C LEU A 329 -4.45 50.30 27.72
N LEU A 330 -4.07 51.28 26.89
CA LEU A 330 -4.80 52.54 26.85
C LEU A 330 -6.09 52.48 26.04
N PRO A 331 -6.32 51.55 25.06
CA PRO A 331 -7.62 51.50 24.39
C PRO A 331 -8.77 51.43 25.41
N GLY A 332 -9.75 52.33 25.26
CA GLY A 332 -10.90 52.42 26.15
C GLY A 332 -10.64 53.08 27.51
N ALA A 333 -9.36 53.34 27.90
CA ALA A 333 -9.09 54.07 29.15
C ALA A 333 -9.68 55.47 29.08
N SER A 334 -9.96 56.05 30.26
CA SER A 334 -10.64 57.35 30.31
C SER A 334 -9.66 58.52 30.48
N VAL A 335 -8.58 58.30 31.24
CA VAL A 335 -7.62 59.35 31.56
C VAL A 335 -6.22 58.75 31.65
N LEU A 336 -5.25 59.46 31.07
CA LEU A 336 -3.84 59.24 31.38
C LEU A 336 -3.29 60.47 32.10
N ILE A 337 -2.67 60.22 33.25
CA ILE A 337 -2.03 61.25 34.05
C ILE A 337 -0.51 61.09 33.92
N HIS A 338 0.18 62.15 33.47
CA HIS A 338 1.62 62.07 33.28
C HIS A 338 2.22 63.48 33.20
N HIS A 339 3.56 63.55 33.13
CA HIS A 339 4.33 64.78 33.24
C HIS A 339 4.61 65.43 31.88
N GLY A 340 4.19 64.80 30.77
CA GLY A 340 4.25 65.42 29.45
C GLY A 340 5.33 64.86 28.53
N GLY A 341 5.97 63.76 28.95
CA GLY A 341 6.86 63.00 28.10
C GLY A 341 6.14 62.48 26.87
N PHE A 342 6.89 62.30 25.77
CA PHE A 342 6.30 62.03 24.48
C PHE A 342 5.72 60.63 24.41
N GLY A 343 6.35 59.63 25.04
CA GLY A 343 5.85 58.26 24.99
C GLY A 343 4.39 58.19 25.47
N SER A 344 4.14 58.78 26.64
CA SER A 344 2.82 58.88 27.23
C SER A 344 1.90 59.75 26.39
N TRP A 345 2.36 60.94 26.05
CA TRP A 345 1.56 61.89 25.29
C TRP A 345 1.10 61.29 23.98
N GLY A 346 2.06 60.72 23.25
CA GLY A 346 1.81 60.16 21.93
C GLY A 346 0.94 58.91 21.99
N THR A 347 1.16 58.06 23.00
CA THR A 347 0.42 56.81 23.09
C THR A 347 -1.03 57.08 23.49
N ALA A 348 -1.24 58.03 24.42
CA ALA A 348 -2.59 58.48 24.75
C ALA A 348 -3.23 59.10 23.52
N LEU A 349 -2.45 59.88 22.76
CA LEU A 349 -3.02 60.58 21.61
C LEU A 349 -3.53 59.56 20.57
N VAL A 350 -2.77 58.51 20.28
CA VAL A 350 -3.17 57.58 19.22
C VAL A 350 -4.34 56.73 19.72
N ASN A 351 -4.54 56.65 21.05
CA ASN A 351 -5.64 55.87 21.59
C ASN A 351 -6.85 56.75 21.89
N GLY A 352 -6.78 58.05 21.62
CA GLY A 352 -7.89 58.96 21.87
C GLY A 352 -8.20 59.16 23.36
N VAL A 353 -7.22 58.94 24.26
CA VAL A 353 -7.42 59.03 25.69
C VAL A 353 -7.14 60.46 26.17
N PRO A 354 -8.12 61.14 26.80
CA PRO A 354 -7.88 62.44 27.44
C PRO A 354 -6.76 62.37 28.47
N GLN A 355 -5.97 63.44 28.50
CA GLN A 355 -4.74 63.49 29.26
C GLN A 355 -4.84 64.60 30.31
N PHE A 356 -4.33 64.28 31.50
CA PHE A 356 -4.14 65.25 32.56
C PHE A 356 -2.65 65.34 32.84
N ILE A 357 -2.11 66.56 32.64
CA ILE A 357 -0.68 66.76 32.65
C ILE A 357 -0.34 67.84 33.69
N PRO A 358 -0.06 67.42 34.94
CA PRO A 358 0.53 68.31 35.94
C PRO A 358 2.04 68.35 35.77
N THR A 359 2.59 69.49 35.35
CA THR A 359 3.98 69.50 34.93
C THR A 359 4.60 70.89 35.14
N ILE A 360 5.83 71.01 34.66
CA ILE A 360 6.65 72.21 34.79
C ILE A 360 7.10 72.68 33.40
N ARG A 361 7.63 73.90 33.33
CA ARG A 361 8.15 74.44 32.09
C ARG A 361 9.57 73.95 31.86
N TYR A 362 9.66 72.65 31.56
CA TYR A 362 10.90 71.98 31.27
C TYR A 362 10.74 71.28 29.91
N ALA A 363 11.80 71.29 29.09
CA ALA A 363 11.72 70.84 27.72
C ALA A 363 10.43 71.38 27.09
N ASP A 364 9.64 70.53 26.42
CA ASP A 364 8.40 70.96 25.78
C ASP A 364 7.21 70.45 26.59
N TRP A 365 7.43 70.03 27.85
CA TRP A 365 6.38 69.40 28.63
C TRP A 365 5.16 70.31 28.78
N TRP A 366 5.43 71.61 29.02
CA TRP A 366 4.37 72.56 29.23
C TRP A 366 3.55 72.71 27.94
N ASN A 367 4.26 72.75 26.80
CA ASN A 367 3.64 72.86 25.49
C ASN A 367 2.81 71.62 25.19
N LYS A 368 3.29 70.46 25.64
CA LYS A 368 2.56 69.21 25.48
C LYS A 368 1.21 69.32 26.20
N GLY A 369 1.23 69.87 27.41
CA GLY A 369 0.01 70.11 28.18
C GLY A 369 -0.89 71.19 27.55
N THR A 370 -0.31 72.36 27.23
CA THR A 370 -1.11 73.48 26.77
C THR A 370 -1.68 73.20 25.39
N SER A 371 -0.96 72.50 24.51
CA SER A 371 -1.47 72.17 23.19
C SER A 371 -2.79 71.40 23.31
N LEU A 372 -2.85 70.41 24.21
CA LEU A 372 -4.05 69.61 24.40
C LEU A 372 -5.13 70.44 25.09
N HIS A 373 -4.74 71.24 26.10
CA HIS A 373 -5.66 72.10 26.82
C HIS A 373 -6.41 73.02 25.85
N GLU A 374 -5.66 73.73 24.98
CA GLU A 374 -6.27 74.68 24.05
C GLU A 374 -7.16 73.95 23.04
N ALA A 375 -6.85 72.70 22.72
CA ALA A 375 -7.64 71.94 21.76
C ALA A 375 -8.88 71.35 22.44
N GLY A 376 -8.94 71.41 23.76
CA GLY A 376 -10.05 70.85 24.51
C GLY A 376 -9.96 69.33 24.70
N ALA A 377 -8.77 68.75 24.49
CA ALA A 377 -8.57 67.30 24.53
C ALA A 377 -8.04 66.83 25.87
N GLY A 378 -7.55 67.75 26.70
CA GLY A 378 -7.02 67.40 28.00
C GLY A 378 -6.91 68.63 28.89
N LEU A 379 -6.26 68.45 30.04
CA LEU A 379 -6.04 69.52 31.02
C LEU A 379 -4.57 69.54 31.41
N VAL A 380 -4.02 70.77 31.49
CA VAL A 380 -2.69 70.99 32.05
C VAL A 380 -2.82 71.85 33.30
N VAL A 381 -1.93 71.61 34.26
CA VAL A 381 -1.83 72.46 35.43
C VAL A 381 -0.36 72.43 35.86
N HIS A 382 0.10 73.52 36.52
CA HIS A 382 1.45 73.51 37.06
C HIS A 382 1.53 72.52 38.20
N ALA A 383 2.60 71.74 38.25
CA ALA A 383 2.77 70.70 39.25
C ALA A 383 2.68 71.26 40.67
N SER A 384 3.12 72.51 40.87
CA SER A 384 3.15 73.12 42.18
C SER A 384 1.74 73.40 42.68
N GLU A 385 0.77 73.53 41.77
CA GLU A 385 -0.62 73.79 42.13
C GLU A 385 -1.44 72.51 42.28
N LEU A 386 -0.81 71.34 42.20
CA LEU A 386 -1.56 70.10 42.24
C LEU A 386 -1.84 69.73 43.70
N THR A 387 -3.14 69.62 44.01
CA THR A 387 -3.66 69.19 45.30
C THR A 387 -4.61 68.02 45.07
N ALA A 388 -5.02 67.37 46.17
CA ALA A 388 -6.04 66.33 46.13
C ALA A 388 -7.31 66.84 45.45
N GLU A 389 -7.68 68.10 45.73
CA GLU A 389 -8.90 68.69 45.19
C GLU A 389 -8.81 68.87 43.68
N VAL A 390 -7.66 69.39 43.21
CA VAL A 390 -7.43 69.66 41.79
C VAL A 390 -7.34 68.33 41.02
N LEU A 391 -6.61 67.37 41.58
CA LEU A 391 -6.50 66.03 41.00
C LEU A 391 -7.88 65.42 40.79
N ARG A 392 -8.67 65.37 41.86
CA ARG A 392 -10.00 64.77 41.85
C ARG A 392 -10.87 65.48 40.83
N GLU A 393 -10.89 66.81 40.87
CA GLU A 393 -11.80 67.58 40.04
C GLU A 393 -11.44 67.42 38.57
N SER A 394 -10.13 67.44 38.26
CA SER A 394 -9.65 67.34 36.89
C SER A 394 -10.01 65.97 36.30
N VAL A 395 -9.77 64.90 37.07
CA VAL A 395 -10.10 63.55 36.63
C VAL A 395 -11.60 63.43 36.36
N GLU A 396 -12.42 63.94 37.30
CA GLU A 396 -13.87 63.89 37.17
C GLU A 396 -14.29 64.57 35.87
N ARG A 397 -13.70 65.73 35.59
CA ARG A 397 -14.06 66.52 34.44
C ARG A 397 -13.73 65.76 33.15
N LEU A 398 -12.55 65.09 33.11
CA LEU A 398 -12.10 64.38 31.91
C LEU A 398 -12.94 63.12 31.66
N VAL A 399 -13.44 62.53 32.76
CA VAL A 399 -14.32 61.37 32.70
C VAL A 399 -15.73 61.80 32.25
N GLU A 400 -16.28 62.84 32.88
CA GLU A 400 -17.71 63.14 32.76
C GLU A 400 -18.00 64.02 31.55
N ASP A 401 -17.15 65.03 31.31
CA ASP A 401 -17.38 65.93 30.18
C ASP A 401 -16.87 65.27 28.90
N ALA A 402 -17.81 64.95 28.01
CA ALA A 402 -17.58 64.16 26.82
C ALA A 402 -16.81 64.95 25.76
N SER A 403 -16.71 66.28 25.92
CA SER A 403 -16.04 67.12 24.94
C SER A 403 -14.53 66.81 24.90
N TYR A 404 -13.98 66.32 26.01
CA TYR A 404 -12.59 65.92 26.09
C TYR A 404 -12.31 64.71 25.21
N ARG A 405 -13.07 63.61 25.38
CA ARG A 405 -12.97 62.44 24.53
C ARG A 405 -13.16 62.83 23.06
N GLU A 406 -14.09 63.74 22.76
CA GLU A 406 -14.38 64.09 21.38
C GLU A 406 -13.20 64.81 20.73
N ALA A 407 -12.60 65.76 21.48
CA ALA A 407 -11.43 66.49 21.02
C ALA A 407 -10.22 65.54 20.87
N ALA A 408 -10.04 64.64 21.84
CA ALA A 408 -8.97 63.63 21.78
C ALA A 408 -9.13 62.76 20.53
N GLU A 409 -10.39 62.44 20.20
CA GLU A 409 -10.70 61.57 19.08
C GLU A 409 -10.34 62.26 17.77
N ARG A 410 -10.57 63.57 17.69
CA ARG A 410 -10.19 64.33 16.51
C ARG A 410 -8.68 64.29 16.28
N LEU A 411 -7.90 64.40 17.36
CA LEU A 411 -6.44 64.36 17.27
C LEU A 411 -5.97 62.96 16.85
N ARG A 412 -6.59 61.95 17.45
CA ARG A 412 -6.36 60.57 17.05
C ARG A 412 -6.51 60.43 15.54
N GLU A 413 -7.61 60.98 14.99
CA GLU A 413 -7.89 60.86 13.57
C GLU A 413 -6.85 61.61 12.75
N GLU A 414 -6.39 62.76 13.26
CA GLU A 414 -5.35 63.51 12.56
C GLU A 414 -4.06 62.68 12.47
N ASN A 415 -3.65 62.07 13.58
CA ASN A 415 -2.47 61.21 13.59
C ASN A 415 -2.63 60.07 12.58
N GLN A 416 -3.83 59.48 12.56
CA GLN A 416 -4.12 58.30 11.75
C GLN A 416 -4.11 58.66 10.26
N ARG A 417 -4.32 59.93 9.90
CA ARG A 417 -4.23 60.34 8.50
C ARG A 417 -2.78 60.63 8.11
N THR A 418 -1.86 60.72 9.08
CA THR A 418 -0.46 60.98 8.74
C THR A 418 0.14 59.72 8.15
N PRO A 419 0.96 59.83 7.08
CA PRO A 419 1.69 58.68 6.55
C PRO A 419 2.55 58.00 7.62
N THR A 420 2.58 56.67 7.55
CA THR A 420 3.36 55.84 8.45
C THR A 420 4.85 55.95 8.13
N PRO A 421 5.73 55.52 9.05
CA PRO A 421 7.15 55.31 8.75
C PRO A 421 7.37 54.57 7.43
N HIS A 422 6.63 53.47 7.23
CA HIS A 422 6.65 52.74 5.98
C HIS A 422 6.46 53.69 4.80
N ASP A 423 5.40 54.50 4.84
CA ASP A 423 5.05 55.37 3.73
C ASP A 423 6.12 56.44 3.49
N VAL A 424 6.82 56.91 4.53
CA VAL A 424 7.76 57.99 4.33
C VAL A 424 9.16 57.47 3.96
N VAL A 425 9.38 56.16 3.96
CA VAL A 425 10.69 55.63 3.59
C VAL A 425 11.16 56.20 2.23
N PRO A 426 10.36 56.14 1.14
CA PRO A 426 10.81 56.69 -0.16
C PRO A 426 11.12 58.19 -0.14
N VAL A 427 10.36 58.96 0.66
CA VAL A 427 10.61 60.39 0.83
C VAL A 427 12.00 60.61 1.43
N ILE A 428 12.33 59.82 2.46
CA ILE A 428 13.62 59.92 3.12
C ILE A 428 14.74 59.52 2.15
N GLU A 429 14.49 58.49 1.32
CA GLU A 429 15.45 58.06 0.30
C GLU A 429 15.73 59.18 -0.69
N GLU A 430 14.67 59.85 -1.19
CA GLU A 430 14.80 60.92 -2.17
C GLU A 430 15.51 62.11 -1.56
N LEU A 431 15.16 62.48 -0.33
CA LEU A 431 15.80 63.62 0.32
C LEU A 431 17.27 63.34 0.56
N THR A 432 17.62 62.07 0.83
CA THR A 432 19.00 61.71 1.05
C THR A 432 19.81 61.84 -0.25
N ALA A 433 19.22 61.40 -1.37
CA ALA A 433 19.84 61.53 -2.68
C ALA A 433 20.06 63.00 -3.02
N GLU A 434 19.05 63.83 -2.76
CA GLU A 434 19.12 65.27 -3.02
C GLU A 434 20.22 65.95 -2.20
N HIS A 435 20.32 65.63 -0.89
CA HIS A 435 21.11 66.45 0.03
C HIS A 435 22.45 65.82 0.36
N GLY A 436 22.65 64.53 0.10
CA GLY A 436 23.85 63.88 0.59
C GLY A 436 24.97 63.96 -0.45
N ARG A 437 26.02 63.17 -0.25
CA ARG A 437 27.08 62.98 -1.22
C ARG A 437 26.50 62.62 -2.60
N SER B 19 -6.23 49.00 5.62
CA SER B 19 -6.90 48.55 6.88
C SER B 19 -5.83 48.23 7.91
N HIS B 20 -5.98 48.79 9.12
CA HIS B 20 -5.12 48.51 10.27
C HIS B 20 -5.36 47.09 10.81
N MET B 21 -4.31 46.28 10.92
CA MET B 21 -4.47 44.87 11.28
C MET B 21 -3.86 44.62 12.66
N ARG B 22 -4.41 43.59 13.34
CA ARG B 22 -3.73 42.94 14.44
C ARG B 22 -3.08 41.68 13.89
N ILE B 23 -1.77 41.57 14.10
CA ILE B 23 -1.00 40.47 13.53
C ILE B 23 -0.31 39.75 14.66
N LEU B 24 -0.57 38.45 14.73
CA LEU B 24 0.03 37.60 15.75
C LEU B 24 1.09 36.74 15.11
N PHE B 25 2.34 36.92 15.54
CA PHE B 25 3.43 36.01 15.23
C PHE B 25 3.43 34.90 16.27
N ALA B 26 3.64 33.66 15.81
CA ALA B 26 3.75 32.51 16.69
C ALA B 26 5.00 31.71 16.34
N THR B 27 5.79 31.39 17.39
CA THR B 27 6.98 30.58 17.24
C THR B 27 7.17 29.70 18.48
N VAL B 28 7.72 28.52 18.22
CA VAL B 28 8.27 27.65 19.25
C VAL B 28 9.37 28.42 19.93
N SER B 29 9.72 27.97 21.15
CA SER B 29 10.60 28.73 22.02
C SER B 29 12.07 28.50 21.67
N GLU B 30 12.46 28.82 20.44
CA GLU B 30 13.85 28.80 20.03
C GLU B 30 14.23 30.20 19.55
N LYS B 31 15.25 30.79 20.17
CA LYS B 31 15.76 32.10 19.76
C LYS B 31 16.07 32.11 18.26
N SER B 32 16.70 31.04 17.78
CA SER B 32 17.17 30.96 16.41
C SER B 32 15.99 31.09 15.43
N HIS B 33 14.84 30.47 15.76
CA HIS B 33 13.64 30.61 14.95
C HIS B 33 13.06 32.03 15.04
N LEU B 34 12.93 32.55 16.27
CA LEU B 34 12.43 33.88 16.54
C LEU B 34 13.14 34.93 15.70
N PHE B 35 14.47 34.90 15.71
CA PHE B 35 15.25 35.96 15.07
C PHE B 35 15.00 36.02 13.57
N THR B 36 14.59 34.89 12.95
CA THR B 36 14.34 34.88 11.52
C THR B 36 13.07 35.67 11.18
N MET B 37 12.23 35.94 12.18
CA MET B 37 10.92 36.53 11.96
C MET B 37 10.92 38.03 12.22
N VAL B 38 12.00 38.55 12.81
CA VAL B 38 11.99 39.89 13.38
C VAL B 38 11.87 40.95 12.31
N PRO B 39 12.63 40.91 11.19
CA PRO B 39 12.50 41.97 10.19
C PRO B 39 11.11 42.06 9.57
N LEU B 40 10.46 40.90 9.34
CA LEU B 40 9.13 40.92 8.77
C LEU B 40 8.13 41.50 9.78
N ALA B 41 8.25 41.08 11.05
CA ALA B 41 7.41 41.61 12.10
C ALA B 41 7.52 43.13 12.18
N TRP B 42 8.75 43.65 12.15
CA TRP B 42 8.95 45.09 12.21
C TRP B 42 8.49 45.80 10.94
N SER B 43 8.56 45.13 9.78
CA SER B 43 8.09 45.74 8.56
C SER B 43 6.59 46.04 8.67
N LEU B 44 5.87 45.11 9.28
CA LEU B 44 4.42 45.21 9.40
C LEU B 44 4.05 46.24 10.46
N ALA B 45 4.81 46.27 11.57
CA ALA B 45 4.62 47.28 12.60
C ALA B 45 4.87 48.67 12.04
N ALA B 46 5.88 48.80 11.16
CA ALA B 46 6.26 50.07 10.58
C ALA B 46 5.19 50.60 9.63
N ALA B 47 4.34 49.71 9.12
CA ALA B 47 3.24 50.08 8.25
C ALA B 47 1.98 50.37 9.06
N GLY B 48 2.07 50.38 10.39
CA GLY B 48 0.97 50.82 11.23
C GLY B 48 0.19 49.66 11.86
N HIS B 49 0.53 48.41 11.58
CA HIS B 49 -0.16 47.27 12.17
C HIS B 49 0.33 47.01 13.60
N GLU B 50 -0.54 46.44 14.42
CA GLU B 50 -0.18 46.00 15.76
CA GLU B 50 -0.18 46.00 15.76
C GLU B 50 0.38 44.59 15.66
N VAL B 51 1.58 44.38 16.18
CA VAL B 51 2.25 43.10 16.04
C VAL B 51 2.61 42.59 17.43
N HIS B 52 2.10 41.40 17.74
CA HIS B 52 2.44 40.70 18.97
C HIS B 52 3.07 39.37 18.60
N VAL B 53 4.05 38.98 19.42
CA VAL B 53 4.77 37.74 19.21
C VAL B 53 4.51 36.82 20.40
N ALA B 54 3.87 35.66 20.11
CA ALA B 54 3.52 34.68 21.11
C ALA B 54 4.46 33.48 21.07
N SER B 55 4.88 33.06 22.25
CA SER B 55 5.63 31.84 22.49
C SER B 55 5.50 31.46 23.96
N ASN B 56 6.12 30.34 24.33
CA ASN B 56 6.20 29.87 25.70
C ASN B 56 6.96 30.87 26.54
N PRO B 57 6.75 30.89 27.89
CA PRO B 57 7.47 31.80 28.78
C PRO B 57 9.00 31.82 28.65
N ALA B 58 9.61 30.69 28.30
CA ALA B 58 11.07 30.65 28.18
C ALA B 58 11.58 31.63 27.11
N LEU B 59 10.75 32.01 26.13
CA LEU B 59 11.21 32.89 25.06
C LEU B 59 10.92 34.37 25.34
N THR B 60 10.22 34.69 26.42
CA THR B 60 9.75 36.04 26.67
C THR B 60 10.92 37.04 26.65
N ALA B 61 12.01 36.74 27.33
CA ALA B 61 13.13 37.67 27.42
C ALA B 61 13.71 37.93 26.02
N SER B 62 13.83 36.87 25.21
CA SER B 62 14.33 37.01 23.85
C SER B 62 13.41 37.88 23.01
N ILE B 63 12.10 37.68 23.10
CA ILE B 63 11.18 38.50 22.33
C ILE B 63 11.34 39.98 22.70
N LYS B 64 11.45 40.25 24.00
CA LYS B 64 11.48 41.63 24.50
C LYS B 64 12.72 42.38 23.99
N SER B 65 13.83 41.69 23.76
CA SER B 65 15.03 42.30 23.21
C SER B 65 14.99 42.50 21.69
N THR B 66 13.88 42.13 21.02
CA THR B 66 13.70 42.39 19.59
C THR B 66 13.00 43.72 19.37
N GLY B 67 12.52 44.35 20.44
CA GLY B 67 11.70 45.54 20.33
C GLY B 67 10.20 45.22 20.23
N LEU B 68 9.87 43.94 19.99
CA LEU B 68 8.48 43.56 19.73
C LEU B 68 7.82 43.18 21.06
N THR B 69 6.50 43.37 21.10
CA THR B 69 5.69 43.01 22.25
C THR B 69 5.51 41.49 22.34
N ALA B 70 5.88 40.94 23.51
CA ALA B 70 5.80 39.52 23.79
C ALA B 70 4.45 39.17 24.42
N VAL B 71 3.92 38.01 24.03
CA VAL B 71 2.75 37.42 24.66
C VAL B 71 3.13 36.01 25.15
N PRO B 72 3.49 35.83 26.44
CA PRO B 72 3.74 34.50 26.98
C PRO B 72 2.45 33.66 26.97
N VAL B 73 2.54 32.44 26.44
CA VAL B 73 1.39 31.56 26.38
C VAL B 73 1.82 30.18 26.86
N GLY B 74 0.96 29.58 27.70
CA GLY B 74 1.12 28.21 28.14
C GLY B 74 2.32 28.04 29.06
N LYS B 75 2.91 26.84 29.01
CA LYS B 75 4.03 26.51 29.86
C LYS B 75 5.20 26.06 28.99
N ASP B 76 6.36 25.94 29.60
CA ASP B 76 7.57 25.48 28.95
C ASP B 76 7.50 23.96 28.80
N HIS B 77 8.21 23.46 27.78
CA HIS B 77 8.25 22.05 27.44
C HIS B 77 9.65 21.55 27.76
N ASN B 78 9.83 20.24 27.63
CA ASN B 78 11.05 19.56 28.05
C ASN B 78 11.79 19.00 26.85
N LEU B 79 11.61 19.58 25.66
CA LEU B 79 12.20 18.99 24.47
C LEU B 79 13.71 18.80 24.63
N HIS B 80 14.40 19.81 25.18
CA HIS B 80 15.85 19.79 25.21
C HIS B 80 16.37 18.73 26.18
N GLU B 81 15.69 18.54 27.32
CA GLU B 81 16.01 17.46 28.25
C GLU B 81 15.74 16.09 27.61
N MET B 82 14.61 15.93 26.88
CA MET B 82 14.29 14.69 26.20
CA MET B 82 14.29 14.69 26.20
C MET B 82 15.41 14.35 25.21
N LEU B 83 15.84 15.34 24.43
CA LEU B 83 16.90 15.17 23.44
C LEU B 83 18.25 14.82 24.08
N THR B 84 18.66 15.53 25.12
CA THR B 84 19.99 15.33 25.68
C THR B 84 20.03 13.99 26.43
N GLU B 85 18.92 13.65 27.12
CA GLU B 85 18.85 12.40 27.88
C GLU B 85 18.74 11.19 26.95
N ASN B 86 18.31 11.39 25.70
CA ASN B 86 18.10 10.30 24.75
C ASN B 86 18.95 10.58 23.52
N ARG B 87 20.18 11.09 23.72
CA ARG B 87 20.90 11.90 22.72
C ARG B 87 21.36 11.11 21.50
N ASP B 88 21.65 9.82 21.72
CA ASP B 88 22.37 8.99 20.75
C ASP B 88 21.43 8.49 19.66
N SER B 89 20.16 8.88 19.72
CA SER B 89 19.17 8.56 18.72
C SER B 89 18.89 9.78 17.83
N LEU B 90 19.74 10.82 17.90
CA LEU B 90 19.44 12.13 17.32
C LEU B 90 19.45 12.11 15.79
N GLU B 91 20.61 11.73 15.24
CA GLU B 91 20.76 11.54 13.80
C GLU B 91 20.48 10.07 13.49
N ASN B 92 19.31 9.80 12.92
CA ASN B 92 18.92 8.45 12.56
C ASN B 92 18.01 8.54 11.34
N PRO B 93 17.70 7.43 10.64
CA PRO B 93 16.94 7.53 9.39
C PRO B 93 15.60 8.25 9.49
N LEU B 94 14.93 8.18 10.65
CA LEU B 94 13.60 8.78 10.78
C LEU B 94 13.65 10.28 11.08
N SER B 95 14.83 10.80 11.46
CA SER B 95 15.00 12.22 11.65
C SER B 95 15.62 12.87 10.40
N ASP B 96 15.90 12.06 9.38
CA ASP B 96 16.52 12.55 8.16
C ASP B 96 15.42 12.93 7.17
N TRP B 97 15.10 14.23 7.08
CA TRP B 97 14.14 14.72 6.12
C TRP B 97 14.85 15.43 4.95
N SER B 98 16.15 15.15 4.77
CA SER B 98 16.99 15.86 3.82
C SER B 98 16.69 15.47 2.36
N THR B 99 16.08 14.30 2.11
CA THR B 99 15.76 13.88 0.75
C THR B 99 14.31 13.46 0.66
N PRO B 100 13.38 14.45 0.75
CA PRO B 100 11.94 14.15 0.72
C PRO B 100 11.44 13.84 -0.70
N GLU B 101 11.67 12.61 -1.14
CA GLU B 101 11.36 12.19 -2.50
C GLU B 101 10.54 10.89 -2.46
N LEU B 102 9.52 10.79 -3.33
CA LEU B 102 8.71 9.58 -3.47
C LEU B 102 9.59 8.34 -3.64
N ASP B 103 10.58 8.43 -4.53
CA ASP B 103 11.49 7.34 -4.83
C ASP B 103 12.19 6.79 -3.58
N ARG B 104 12.27 7.58 -2.51
CA ARG B 104 13.04 7.16 -1.36
C ARG B 104 12.13 6.81 -0.18
N HIS B 105 10.80 6.86 -0.38
CA HIS B 105 9.85 6.67 0.69
C HIS B 105 8.71 5.79 0.22
N SER B 106 8.66 4.57 0.77
CA SER B 106 7.44 3.79 0.78
C SER B 106 6.43 4.48 1.70
N TRP B 107 5.17 4.05 1.63
CA TRP B 107 4.13 4.53 2.51
C TRP B 107 4.58 4.41 3.97
N GLU B 108 5.13 3.28 4.35
CA GLU B 108 5.37 3.02 5.75
C GLU B 108 6.56 3.84 6.24
N GLN B 109 7.49 4.17 5.35
CA GLN B 109 8.64 4.99 5.74
C GLN B 109 8.18 6.43 6.01
N VAL B 110 7.38 7.00 5.11
CA VAL B 110 6.96 8.38 5.25
C VAL B 110 5.93 8.49 6.39
N LEU B 111 5.04 7.50 6.52
CA LEU B 111 4.08 7.49 7.62
C LEU B 111 4.83 7.48 8.95
N MET B 112 5.87 6.64 9.04
CA MET B 112 6.61 6.49 10.27
C MET B 112 7.30 7.82 10.64
N LYS B 113 7.81 8.54 9.63
CA LYS B 113 8.45 9.84 9.86
C LYS B 113 7.45 10.84 10.43
N PHE B 114 6.23 10.88 9.87
CA PHE B 114 5.21 11.77 10.39
C PHE B 114 4.76 11.36 11.80
N LYS B 115 4.66 10.05 12.06
CA LYS B 115 4.21 9.61 13.37
C LYS B 115 5.21 10.05 14.43
N VAL B 116 6.49 9.83 14.16
CA VAL B 116 7.49 10.09 15.17
C VAL B 116 7.76 11.59 15.32
N SER B 117 7.70 12.36 14.22
CA SER B 117 7.95 13.79 14.31
C SER B 117 6.79 14.49 15.02
N VAL B 118 5.55 14.06 14.76
CA VAL B 118 4.41 14.58 15.47
C VAL B 118 4.50 14.24 16.97
N MET B 119 4.77 12.97 17.31
CA MET B 119 4.77 12.52 18.69
CA MET B 119 4.77 12.53 18.69
C MET B 119 5.91 13.18 19.45
N PHE B 120 7.12 13.18 18.90
CA PHE B 120 8.26 13.59 19.68
C PHE B 120 8.52 15.10 19.59
N ALA B 121 8.51 15.69 18.40
CA ALA B 121 8.91 17.09 18.26
C ALA B 121 7.71 18.02 18.28
N TYR B 122 6.76 17.83 17.36
CA TYR B 122 5.74 18.85 17.12
C TYR B 122 4.81 18.98 18.32
N GLN B 123 4.42 17.85 18.92
CA GLN B 123 3.53 17.89 20.08
C GLN B 123 4.25 18.50 21.28
N THR B 124 5.50 18.12 21.51
CA THR B 124 6.27 18.68 22.62
C THR B 124 6.36 20.20 22.49
N TYR B 125 6.69 20.68 21.29
CA TYR B 125 6.87 22.10 21.02
C TYR B 125 5.58 22.88 21.15
N ASN B 126 4.45 22.27 20.78
CA ASN B 126 3.21 23.00 20.54
C ASN B 126 2.10 22.74 21.57
N ASP B 127 1.96 21.51 22.09
CA ASP B 127 0.80 21.18 22.94
C ASP B 127 0.83 21.96 24.26
N CYS B 128 2.05 22.30 24.70
CA CYS B 128 2.28 23.10 25.89
C CYS B 128 1.71 24.51 25.79
N MET B 129 1.29 24.98 24.59
CA MET B 129 0.85 26.35 24.49
C MET B 129 -0.36 26.53 23.57
N VAL B 130 -0.79 25.48 22.86
CA VAL B 130 -1.78 25.66 21.81
C VAL B 130 -3.11 26.19 22.37
N HIS B 131 -3.56 25.67 23.51
CA HIS B 131 -4.87 26.04 24.04
C HIS B 131 -4.86 27.48 24.56
N GLU B 132 -3.76 27.87 25.18
CA GLU B 132 -3.56 29.24 25.64
C GLU B 132 -3.44 30.20 24.46
N LEU B 133 -2.87 29.74 23.34
CA LEU B 133 -2.77 30.56 22.14
C LEU B 133 -4.14 30.72 21.50
N VAL B 134 -4.96 29.66 21.48
CA VAL B 134 -6.33 29.76 20.99
C VAL B 134 -7.12 30.79 21.82
N ASP B 135 -6.94 30.73 23.14
CA ASP B 135 -7.61 31.65 24.07
C ASP B 135 -7.19 33.09 23.76
N TYR B 136 -5.88 33.33 23.64
CA TYR B 136 -5.40 34.67 23.36
C TYR B 136 -5.94 35.17 22.02
N ALA B 137 -5.97 34.30 21.00
CA ALA B 137 -6.47 34.67 19.70
C ALA B 137 -7.95 35.02 19.78
N ARG B 138 -8.70 34.30 20.63
CA ARG B 138 -10.11 34.60 20.81
C ARG B 138 -10.29 35.98 21.45
N HIS B 139 -9.47 36.30 22.45
CA HIS B 139 -9.49 37.62 23.07
C HIS B 139 -9.07 38.72 22.08
N TRP B 140 -7.92 38.54 21.40
CA TRP B 140 -7.27 39.63 20.67
C TRP B 140 -7.81 39.76 19.25
N GLN B 141 -8.31 38.66 18.70
CA GLN B 141 -8.92 38.65 17.37
C GLN B 141 -7.94 39.12 16.30
N PRO B 142 -6.78 38.46 16.13
CA PRO B 142 -5.83 38.85 15.07
C PRO B 142 -6.51 38.67 13.71
N ASP B 143 -6.19 39.55 12.78
CA ASP B 143 -6.60 39.38 11.38
C ASP B 143 -5.74 38.34 10.68
N LEU B 144 -4.49 38.21 11.16
CA LEU B 144 -3.48 37.40 10.49
C LEU B 144 -2.58 36.79 11.56
N VAL B 145 -2.25 35.51 11.35
CA VAL B 145 -1.23 34.83 12.14
C VAL B 145 -0.09 34.43 11.22
N ILE B 146 1.14 34.85 11.57
CA ILE B 146 2.32 34.40 10.84
C ILE B 146 3.09 33.46 11.76
N TRP B 147 3.34 32.23 11.27
CA TRP B 147 3.88 31.19 12.12
C TRP B 147 5.17 30.59 11.57
N ASP B 148 6.09 30.36 12.48
CA ASP B 148 7.27 29.58 12.21
C ASP B 148 6.82 28.20 11.74
N PRO B 149 7.54 27.57 10.77
CA PRO B 149 7.05 26.36 10.10
C PRO B 149 6.85 25.10 10.93
N VAL B 150 7.38 25.05 12.16
CA VAL B 150 7.06 23.92 13.06
C VAL B 150 6.16 24.35 14.22
N THR B 151 5.59 25.56 14.13
CA THR B 151 4.74 26.09 15.18
C THR B 151 3.28 25.93 14.78
N TYR B 152 2.82 24.68 14.78
CA TYR B 152 1.48 24.31 14.32
C TYR B 152 0.40 24.84 15.26
N ALA B 153 0.75 25.25 16.49
CA ALA B 153 -0.20 25.95 17.36
C ALA B 153 -0.76 27.19 16.66
N GLY B 154 0.08 27.82 15.83
CA GLY B 154 -0.26 29.06 15.17
C GLY B 154 -1.47 28.93 14.24
N PRO B 155 -1.43 28.07 13.22
CA PRO B 155 -2.58 27.92 12.31
C PRO B 155 -3.83 27.38 12.97
N VAL B 156 -3.69 26.61 14.05
CA VAL B 156 -4.84 26.14 14.81
C VAL B 156 -5.56 27.34 15.41
N ALA B 157 -4.81 28.18 16.14
CA ALA B 157 -5.35 29.39 16.74
C ALA B 157 -5.96 30.30 15.67
N ALA B 158 -5.30 30.44 14.52
CA ALA B 158 -5.83 31.28 13.45
C ALA B 158 -7.17 30.74 12.98
N ARG B 159 -7.21 29.44 12.70
CA ARG B 159 -8.39 28.83 12.10
C ARG B 159 -9.59 28.96 13.05
N VAL B 160 -9.34 28.76 14.34
CA VAL B 160 -10.39 28.89 15.35
C VAL B 160 -11.04 30.27 15.27
N VAL B 161 -10.30 31.34 14.98
CA VAL B 161 -10.87 32.68 14.95
C VAL B 161 -11.07 33.20 13.53
N GLY B 162 -10.85 32.36 12.52
CA GLY B 162 -11.04 32.75 11.13
C GLY B 162 -9.96 33.69 10.58
N ALA B 163 -8.83 33.83 11.30
CA ALA B 163 -7.75 34.68 10.82
C ALA B 163 -7.11 34.05 9.57
N ALA B 164 -6.59 34.90 8.69
CA ALA B 164 -5.66 34.42 7.67
C ALA B 164 -4.38 33.95 8.37
N HIS B 165 -3.61 33.06 7.73
CA HIS B 165 -2.38 32.61 8.33
C HIS B 165 -1.41 32.12 7.26
N ALA B 166 -0.11 32.31 7.54
CA ALA B 166 0.96 31.98 6.60
C ALA B 166 2.19 31.50 7.37
N ARG B 167 2.91 30.56 6.81
CA ARG B 167 4.22 30.17 7.30
C ARG B 167 5.24 31.24 6.90
N LEU B 168 6.23 31.48 7.76
CA LEU B 168 7.41 32.26 7.41
C LEU B 168 8.63 31.35 7.52
N LEU B 169 9.30 31.13 6.38
CA LEU B 169 10.31 30.08 6.25
C LEU B 169 11.72 30.60 6.45
N TRP B 170 12.47 29.96 7.33
CA TRP B 170 13.92 30.02 7.47
C TRP B 170 14.55 28.80 6.79
N CYS B 171 13.71 27.88 6.31
CA CYS B 171 14.14 26.53 5.96
C CYS B 171 13.99 26.29 4.46
N ILE B 172 14.95 25.53 3.92
CA ILE B 172 14.65 24.75 2.73
C ILE B 172 13.49 23.84 3.09
N ASP B 173 12.43 23.85 2.26
CA ASP B 173 11.09 23.45 2.68
C ASP B 173 10.90 21.94 2.60
N ILE B 174 11.73 21.23 3.37
CA ILE B 174 11.64 19.79 3.51
C ILE B 174 10.33 19.38 4.18
N TYR B 175 9.75 20.29 4.97
CA TYR B 175 8.54 19.99 5.71
C TYR B 175 7.36 19.86 4.76
N ALA B 176 7.15 20.85 3.90
CA ALA B 176 6.03 20.82 2.97
C ALA B 176 6.28 19.76 1.88
N LYS B 177 7.54 19.54 1.54
CA LYS B 177 7.85 18.57 0.52
C LYS B 177 7.64 17.14 1.04
N MET B 178 8.08 16.85 2.28
CA MET B 178 7.82 15.56 2.88
C MET B 178 6.31 15.35 3.03
N ARG B 179 5.56 16.43 3.30
CA ARG B 179 4.11 16.31 3.38
C ARG B 179 3.51 15.92 2.03
N GLU B 180 4.04 16.47 0.94
CA GLU B 180 3.59 16.13 -0.40
C GLU B 180 3.80 14.64 -0.67
N VAL B 181 5.00 14.13 -0.32
CA VAL B 181 5.32 12.72 -0.44
C VAL B 181 4.32 11.90 0.36
N PHE B 182 4.10 12.33 1.62
CA PHE B 182 3.18 11.66 2.50
C PHE B 182 1.80 11.54 1.87
N LEU B 183 1.27 12.65 1.32
CA LEU B 183 -0.09 12.65 0.79
C LEU B 183 -0.21 11.80 -0.49
N ALA B 184 0.86 11.75 -1.29
CA ALA B 184 0.88 10.92 -2.49
C ALA B 184 0.77 9.44 -2.11
N ARG B 185 1.52 9.03 -1.06
CA ARG B 185 1.49 7.66 -0.60
C ARG B 185 0.18 7.33 0.09
N LEU B 186 -0.36 8.29 0.85
CA LEU B 186 -1.64 8.09 1.52
C LEU B 186 -2.73 7.73 0.49
N ALA B 187 -2.73 8.45 -0.63
CA ALA B 187 -3.74 8.28 -1.68
C ALA B 187 -3.67 6.90 -2.32
N GLU B 188 -2.51 6.23 -2.26
CA GLU B 188 -2.34 4.89 -2.78
C GLU B 188 -2.87 3.80 -1.84
N GLN B 189 -3.26 4.13 -0.61
CA GLN B 189 -3.59 3.10 0.37
C GLN B 189 -5.09 2.80 0.34
N PRO B 190 -5.47 1.54 0.62
CA PRO B 190 -6.88 1.20 0.85
C PRO B 190 -7.39 1.96 2.07
N GLU B 191 -8.71 2.16 2.13
CA GLU B 191 -9.40 2.92 3.15
C GLU B 191 -8.96 2.51 4.56
N GLU B 192 -8.80 1.20 4.80
CA GLU B 192 -8.55 0.69 6.14
C GLU B 192 -7.14 1.04 6.59
N ARG B 193 -6.22 1.22 5.63
CA ARG B 193 -4.81 1.44 5.92
C ARG B 193 -4.48 2.94 5.96
N ARG B 194 -5.48 3.80 5.69
CA ARG B 194 -5.27 5.24 5.63
C ARG B 194 -5.13 5.78 7.05
N GLU B 195 -4.08 6.57 7.27
CA GLU B 195 -3.78 7.17 8.55
C GLU B 195 -3.03 8.49 8.30
N ASP B 196 -3.36 9.52 9.08
CA ASP B 196 -2.68 10.81 8.96
C ASP B 196 -2.44 11.39 10.36
N PRO B 197 -1.21 11.22 10.91
CA PRO B 197 -0.86 11.72 12.24
C PRO B 197 -1.08 13.23 12.44
N MET B 198 -0.91 13.99 11.34
CA MET B 198 -1.03 15.44 11.39
C MET B 198 -2.51 15.83 11.49
N ALA B 199 -3.35 15.18 10.66
CA ALA B 199 -4.79 15.36 10.74
C ALA B 199 -5.35 14.90 12.08
N ASP B 200 -4.89 13.76 12.61
CA ASP B 200 -5.39 13.28 13.88
C ASP B 200 -5.07 14.32 14.97
N TRP B 201 -3.81 14.76 15.01
CA TRP B 201 -3.35 15.67 16.04
C TRP B 201 -4.05 17.02 15.92
N LEU B 202 -3.92 17.68 14.77
CA LEU B 202 -4.39 19.04 14.65
C LEU B 202 -5.91 19.07 14.47
N GLY B 203 -6.45 18.07 13.75
CA GLY B 203 -7.89 17.91 13.60
C GLY B 203 -8.57 17.63 14.94
N GLY B 204 -7.91 16.83 15.77
CA GLY B 204 -8.36 16.59 17.13
C GLY B 204 -8.51 17.89 17.93
N ILE B 205 -7.49 18.73 17.89
CA ILE B 205 -7.51 19.99 18.62
C ILE B 205 -8.57 20.92 18.02
N LEU B 206 -8.63 21.01 16.70
CA LEU B 206 -9.62 21.86 16.05
C LEU B 206 -11.04 21.40 16.38
N GLY B 207 -11.24 20.08 16.43
CA GLY B 207 -12.51 19.46 16.79
C GLY B 207 -13.03 19.91 18.15
N ARG B 208 -12.16 19.93 19.17
CA ARG B 208 -12.48 20.45 20.49
C ARG B 208 -13.07 21.85 20.45
N TYR B 209 -12.71 22.67 19.44
CA TYR B 209 -13.19 24.04 19.35
C TYR B 209 -14.27 24.17 18.30
N GLY B 210 -14.75 23.02 17.79
CA GLY B 210 -15.85 22.99 16.85
C GLY B 210 -15.41 23.35 15.44
N HIS B 211 -14.16 23.09 15.06
CA HIS B 211 -13.69 23.37 13.71
C HIS B 211 -13.19 22.09 13.07
N THR B 212 -13.20 22.10 11.74
CA THR B 212 -12.72 20.98 10.95
C THR B 212 -11.23 21.11 10.67
N PHE B 213 -10.60 19.99 10.31
CA PHE B 213 -9.26 19.99 9.78
C PHE B 213 -9.28 20.44 8.33
N ASP B 214 -8.23 21.17 7.92
CA ASP B 214 -7.96 21.49 6.54
C ASP B 214 -6.45 21.42 6.35
N GLU B 215 -6.02 21.01 5.14
CA GLU B 215 -4.60 20.82 4.86
C GLU B 215 -3.85 22.15 5.02
N GLU B 216 -4.56 23.28 4.95
CA GLU B 216 -3.90 24.57 5.02
C GLU B 216 -3.34 24.81 6.43
N VAL B 217 -3.75 24.04 7.45
CA VAL B 217 -3.15 24.21 8.78
C VAL B 217 -1.77 23.53 8.83
N VAL B 218 -1.43 22.74 7.81
CA VAL B 218 -0.14 22.06 7.77
C VAL B 218 0.90 22.90 6.99
N VAL B 219 0.46 23.65 5.96
CA VAL B 219 1.39 24.38 5.10
C VAL B 219 1.06 25.88 5.00
N GLY B 220 0.01 26.33 5.71
CA GLY B 220 -0.43 27.71 5.68
C GLY B 220 -1.31 27.97 4.46
N GLN B 221 -2.04 29.10 4.49
CA GLN B 221 -2.80 29.55 3.35
C GLN B 221 -1.83 30.05 2.28
N TRP B 222 -0.71 30.62 2.71
CA TRP B 222 0.41 30.90 1.85
C TRP B 222 1.69 30.79 2.68
N THR B 223 2.81 30.79 1.95
CA THR B 223 4.14 30.60 2.49
C THR B 223 4.95 31.85 2.14
N ILE B 224 5.43 32.55 3.17
CA ILE B 224 6.37 33.64 3.01
C ILE B 224 7.77 33.06 3.15
N ASP B 225 8.59 33.19 2.09
CA ASP B 225 9.79 32.36 1.98
C ASP B 225 11.04 33.23 1.86
N GLN B 226 11.98 33.07 2.79
CA GLN B 226 13.23 33.80 2.84
C GLN B 226 14.34 33.08 2.09
N ILE B 227 14.06 31.88 1.56
CA ILE B 227 15.05 31.12 0.81
C ILE B 227 14.97 31.54 -0.65
N PRO B 228 16.10 31.95 -1.28
CA PRO B 228 16.10 32.22 -2.72
C PRO B 228 15.53 31.05 -3.51
N THR B 229 14.68 31.36 -4.49
CA THR B 229 14.02 30.35 -5.30
C THR B 229 14.96 29.26 -5.81
N SER B 230 16.16 29.63 -6.28
CA SER B 230 17.05 28.66 -6.91
C SER B 230 17.53 27.62 -5.90
N LEU B 231 17.44 27.90 -4.59
CA LEU B 231 17.92 26.96 -3.57
C LEU B 231 16.76 26.25 -2.86
N GLN B 232 15.53 26.58 -3.24
CA GLN B 232 14.36 26.09 -2.54
C GLN B 232 13.76 24.92 -3.32
N LEU B 233 13.06 24.03 -2.61
CA LEU B 233 12.33 22.92 -3.22
C LEU B 233 11.08 23.44 -3.90
N PRO B 234 10.83 23.04 -5.16
CA PRO B 234 9.58 23.38 -5.85
C PRO B 234 8.38 22.66 -5.25
N LEU B 235 7.27 23.39 -5.07
CA LEU B 235 6.10 22.91 -4.35
C LEU B 235 4.88 23.58 -4.94
N SER B 236 3.71 22.94 -4.78
CA SER B 236 2.44 23.50 -5.22
C SER B 236 1.78 24.20 -4.06
N LEU B 237 2.20 25.42 -3.80
CA LEU B 237 1.53 26.23 -2.80
C LEU B 237 1.70 27.69 -3.16
N ARG B 238 0.93 28.58 -2.52
CA ARG B 238 1.06 30.01 -2.78
C ARG B 238 2.30 30.51 -2.05
N ARG B 239 3.30 30.96 -2.83
CA ARG B 239 4.59 31.36 -2.29
C ARG B 239 4.77 32.86 -2.47
N VAL B 240 5.08 33.56 -1.36
CA VAL B 240 5.49 34.95 -1.40
C VAL B 240 6.96 35.02 -1.02
N PRO B 241 7.90 35.16 -1.98
CA PRO B 241 9.31 35.33 -1.65
C PRO B 241 9.51 36.67 -0.96
N VAL B 242 10.44 36.67 0.02
CA VAL B 242 10.85 37.91 0.66
C VAL B 242 12.36 37.82 0.87
N ARG B 243 13.03 38.97 0.80
CA ARG B 243 14.46 39.03 0.99
C ARG B 243 14.83 38.75 2.44
N TYR B 244 15.81 37.86 2.65
CA TYR B 244 16.40 37.69 3.97
C TYR B 244 17.19 38.94 4.34
N LEU B 245 16.87 39.50 5.53
CA LEU B 245 17.61 40.58 6.14
C LEU B 245 18.18 40.02 7.43
N PRO B 246 19.50 40.09 7.66
CA PRO B 246 20.11 39.49 8.86
C PRO B 246 19.53 40.06 10.14
N HIS B 247 19.11 39.17 11.04
CA HIS B 247 18.91 39.52 12.43
C HIS B 247 19.37 38.34 13.25
N ASN B 248 20.40 38.58 14.09
CA ASN B 248 21.03 37.49 14.82
C ASN B 248 20.92 37.77 16.31
N GLY B 249 19.92 38.55 16.69
CA GLY B 249 19.69 38.87 18.08
C GLY B 249 20.36 40.18 18.47
N PRO B 250 20.43 40.46 19.79
CA PRO B 250 21.00 41.71 20.28
C PRO B 250 22.43 41.89 19.81
N SER B 251 22.74 43.07 19.25
CA SER B 251 24.06 43.29 18.70
C SER B 251 24.57 44.70 18.99
N GLU B 252 25.90 44.78 19.17
CA GLU B 252 26.65 46.02 19.19
C GLU B 252 27.93 45.87 18.39
N ILE B 253 28.40 47.00 17.85
CA ILE B 253 29.65 47.06 17.11
C ILE B 253 30.78 47.21 18.10
N PRO B 254 31.76 46.27 18.16
CA PRO B 254 32.91 46.41 19.05
C PRO B 254 34.00 47.28 18.39
N ASP B 255 34.93 47.76 19.23
CA ASP B 255 35.96 48.72 18.84
C ASP B 255 36.90 48.10 17.79
N TRP B 256 37.21 46.80 17.96
CA TRP B 256 38.22 46.13 17.17
C TRP B 256 37.79 45.92 15.72
N LEU B 257 36.50 46.11 15.42
CA LEU B 257 35.96 45.85 14.08
C LEU B 257 36.58 46.78 13.03
N ARG B 258 37.05 47.97 13.43
CA ARG B 258 37.71 48.92 12.55
C ARG B 258 38.86 48.30 11.73
N GLU B 259 39.64 47.39 12.32
CA GLU B 259 40.85 46.85 11.71
C GLU B 259 40.53 46.04 10.45
N ALA B 260 41.06 46.50 9.30
CA ALA B 260 41.17 45.68 8.10
C ALA B 260 42.26 44.62 8.27
N PRO B 261 42.02 43.33 7.93
CA PRO B 261 43.00 42.28 8.18
C PRO B 261 44.19 42.12 7.22
N GLY B 262 44.09 42.56 5.96
CA GLY B 262 45.22 42.50 5.07
C GLY B 262 45.51 41.11 4.49
N ARG B 263 44.88 40.04 5.02
CA ARG B 263 44.96 38.69 4.44
C ARG B 263 43.64 37.94 4.66
N PRO B 264 43.32 36.86 3.91
CA PRO B 264 41.96 36.29 3.89
C PRO B 264 41.39 36.03 5.27
N ARG B 265 40.21 36.60 5.54
CA ARG B 265 39.56 36.44 6.84
C ARG B 265 38.64 35.21 6.80
N VAL B 266 38.81 34.36 7.81
CA VAL B 266 38.02 33.16 7.99
C VAL B 266 37.29 33.26 9.32
N VAL B 267 35.95 33.11 9.27
CA VAL B 267 35.13 33.18 10.46
C VAL B 267 34.59 31.78 10.76
N LEU B 268 34.56 31.46 12.06
CA LEU B 268 34.09 30.18 12.57
C LEU B 268 33.06 30.45 13.66
N THR B 269 31.83 29.93 13.50
CA THR B 269 30.81 29.95 14.54
C THR B 269 30.45 28.53 14.94
N SER B 270 30.10 28.34 16.23
CA SER B 270 30.00 27.02 16.85
C SER B 270 31.15 26.11 16.41
N PHE B 282 32.22 15.62 17.18
CA PHE B 282 32.87 16.18 15.98
C PHE B 282 34.37 16.24 16.27
N MET B 283 35.19 16.60 15.25
CA MET B 283 36.53 17.12 15.45
C MET B 283 36.53 18.22 16.53
N PRO B 284 37.26 18.04 17.67
CA PRO B 284 37.25 19.03 18.74
C PRO B 284 37.56 20.44 18.23
N VAL B 285 36.92 21.43 18.86
CA VAL B 285 37.04 22.82 18.44
C VAL B 285 38.48 23.28 18.65
N ALA B 286 39.13 22.78 19.70
CA ALA B 286 40.53 23.07 19.96
C ALA B 286 41.40 22.72 18.76
N ASP B 287 41.12 21.58 18.11
CA ASP B 287 41.91 21.12 16.98
C ASP B 287 41.63 21.97 15.74
N MET B 288 40.38 22.44 15.62
CA MET B 288 39.99 23.29 14.52
C MET B 288 40.76 24.60 14.58
N ILE B 289 40.82 25.19 15.78
CA ILE B 289 41.51 26.44 16.01
C ILE B 289 42.99 26.30 15.65
N ASN B 290 43.61 25.19 16.10
CA ASN B 290 45.03 24.95 15.90
C ASN B 290 45.34 24.76 14.41
N THR B 291 44.49 24.03 13.69
CA THR B 291 44.66 23.88 12.25
C THR B 291 44.60 25.24 11.56
N LEU B 292 43.56 26.03 11.88
CA LEU B 292 43.35 27.32 11.23
C LEU B 292 44.46 28.29 11.64
N GLY B 293 44.99 28.12 12.86
CA GLY B 293 46.11 28.90 13.38
C GLY B 293 47.38 28.77 12.55
N SER B 294 47.55 27.64 11.86
CA SER B 294 48.76 27.37 11.09
C SER B 294 48.64 27.86 9.64
N MET B 295 47.52 28.51 9.28
CA MET B 295 47.23 28.77 7.88
C MET B 295 47.47 30.25 7.59
N ASP B 296 47.55 30.59 6.29
CA ASP B 296 47.83 31.95 5.86
C ASP B 296 46.54 32.77 5.81
N ILE B 297 45.93 32.97 6.99
CA ILE B 297 44.62 33.57 7.12
C ILE B 297 44.53 34.31 8.46
N ASP B 298 43.55 35.21 8.54
CA ASP B 298 43.13 35.84 9.79
C ASP B 298 41.85 35.15 10.24
N VAL B 299 41.75 34.82 11.53
CA VAL B 299 40.66 33.99 12.03
C VAL B 299 39.90 34.76 13.12
N VAL B 300 38.57 34.76 13.02
CA VAL B 300 37.69 35.20 14.10
C VAL B 300 36.77 34.04 14.47
N ALA B 301 36.81 33.61 15.74
CA ALA B 301 36.01 32.50 16.20
C ALA B 301 35.03 32.99 17.26
N ALA B 302 33.72 32.93 16.94
CA ALA B 302 32.65 33.23 17.89
C ALA B 302 32.24 31.93 18.58
N LEU B 303 32.69 31.76 19.84
CA LEU B 303 32.51 30.53 20.59
C LEU B 303 31.88 30.82 21.96
N PRO B 304 31.03 29.91 22.50
CA PRO B 304 30.41 30.09 23.82
C PRO B 304 31.39 30.09 24.99
N PRO B 305 30.93 30.38 26.23
CA PRO B 305 31.82 30.55 27.38
C PRO B 305 32.86 29.45 27.58
N GLU B 306 32.40 28.21 27.78
CA GLU B 306 33.23 27.14 28.32
C GLU B 306 34.13 26.54 27.24
N GLU B 307 33.73 26.65 25.97
CA GLU B 307 34.58 26.23 24.86
C GLU B 307 35.81 27.12 24.76
N VAL B 308 35.65 28.40 25.14
CA VAL B 308 36.76 29.36 25.19
C VAL B 308 37.89 28.77 26.04
N GLU B 309 37.55 28.22 27.21
CA GLU B 309 38.54 27.81 28.20
C GLU B 309 38.91 26.33 28.06
N ALA B 310 38.18 25.59 27.22
CA ALA B 310 38.56 24.23 26.86
C ALA B 310 39.84 24.23 26.01
N LEU B 311 40.19 25.39 25.43
CA LEU B 311 41.41 25.52 24.64
C LEU B 311 42.52 26.10 25.52
N GLU B 312 43.77 25.80 25.15
CA GLU B 312 44.95 26.28 25.86
C GLU B 312 45.48 27.54 25.20
N LYS B 313 46.06 27.41 24.00
CA LYS B 313 46.71 28.53 23.34
C LYS B 313 45.83 29.07 22.20
N VAL B 314 45.74 30.40 22.15
CA VAL B 314 45.10 31.11 21.04
C VAL B 314 46.18 31.44 20.02
N PRO B 315 46.17 30.88 18.79
CA PRO B 315 47.19 31.22 17.78
C PRO B 315 47.26 32.72 17.53
N ALA B 316 48.39 33.15 16.95
CA ALA B 316 48.67 34.56 16.70
C ALA B 316 47.65 35.15 15.72
N ASN B 317 47.13 34.33 14.77
CA ASN B 317 46.27 34.85 13.72
C ASN B 317 44.80 34.88 14.13
N THR B 318 44.50 34.55 15.40
CA THR B 318 43.14 34.20 15.80
C THR B 318 42.64 35.13 16.90
N ARG B 319 41.41 35.66 16.71
CA ARG B 319 40.68 36.38 17.75
C ARG B 319 39.49 35.52 18.17
N ILE B 320 39.28 35.37 19.49
CA ILE B 320 38.17 34.59 20.01
C ILE B 320 37.23 35.51 20.77
N VAL B 321 35.92 35.42 20.49
CA VAL B 321 34.90 36.28 21.07
C VAL B 321 33.68 35.43 21.41
N ASP B 322 32.83 35.92 22.31
CA ASP B 322 31.59 35.23 22.66
C ASP B 322 30.51 35.59 21.66
N PHE B 323 30.31 36.90 21.49
CA PHE B 323 29.33 37.46 20.57
C PHE B 323 30.05 38.27 19.51
N VAL B 324 29.49 38.25 18.28
CA VAL B 324 29.97 39.12 17.22
C VAL B 324 28.76 39.54 16.38
N PRO B 325 28.64 40.83 15.99
CA PRO B 325 27.63 41.25 15.02
C PRO B 325 28.03 40.73 13.64
N LEU B 326 27.50 39.55 13.32
CA LEU B 326 27.94 38.78 12.18
C LEU B 326 27.76 39.60 10.90
N HIS B 327 26.66 40.36 10.77
CA HIS B 327 26.40 41.11 9.54
C HIS B 327 27.43 42.20 9.34
N ALA B 328 27.93 42.78 10.45
CA ALA B 328 28.96 43.80 10.39
C ALA B 328 30.35 43.16 10.17
N LEU B 329 30.53 41.94 10.67
CA LEU B 329 31.81 41.25 10.54
C LEU B 329 32.06 40.66 9.15
N LEU B 330 31.02 40.17 8.46
CA LEU B 330 31.24 39.28 7.32
C LEU B 330 31.58 40.03 6.02
N PRO B 331 31.27 41.34 5.82
CA PRO B 331 31.74 42.02 4.62
C PRO B 331 33.24 41.84 4.41
N GLY B 332 33.61 41.40 3.20
CA GLY B 332 35.00 41.19 2.85
C GLY B 332 35.59 39.87 3.34
N ALA B 333 34.92 39.15 4.26
CA ALA B 333 35.44 37.87 4.72
C ALA B 333 35.51 36.87 3.57
N SER B 334 36.38 35.87 3.69
CA SER B 334 36.63 34.92 2.62
C SER B 334 35.86 33.61 2.83
N VAL B 335 35.72 33.18 4.10
CA VAL B 335 35.06 31.93 4.42
C VAL B 335 34.30 32.08 5.74
N LEU B 336 33.07 31.54 5.79
CA LEU B 336 32.38 31.27 7.03
C LEU B 336 32.26 29.76 7.20
N ILE B 337 32.70 29.27 8.37
CA ILE B 337 32.58 27.87 8.76
C ILE B 337 31.49 27.75 9.82
N HIS B 338 30.48 26.92 9.57
CA HIS B 338 29.37 26.78 10.51
C HIS B 338 28.59 25.49 10.23
N HIS B 339 27.60 25.20 11.09
CA HIS B 339 26.86 23.94 11.14
C HIS B 339 25.59 23.98 10.28
N GLY B 340 25.22 25.12 9.69
CA GLY B 340 24.15 25.20 8.70
C GLY B 340 22.88 25.90 9.20
N GLY B 341 22.94 26.49 10.40
CA GLY B 341 21.87 27.32 10.91
C GLY B 341 21.62 28.53 10.01
N PHE B 342 20.37 29.03 10.02
CA PHE B 342 19.92 29.99 9.03
C PHE B 342 20.58 31.36 9.23
N GLY B 343 20.80 31.76 10.49
CA GLY B 343 21.41 33.05 10.76
C GLY B 343 22.78 33.20 10.10
N SER B 344 23.62 32.18 10.28
CA SER B 344 24.94 32.09 9.67
C SER B 344 24.83 31.98 8.15
N TRP B 345 24.01 31.02 7.70
CA TRP B 345 23.86 30.74 6.28
C TRP B 345 23.40 31.99 5.55
N GLY B 346 22.35 32.62 6.08
CA GLY B 346 21.75 33.77 5.45
C GLY B 346 22.67 35.00 5.48
N THR B 347 23.37 35.19 6.59
CA THR B 347 24.21 36.37 6.74
C THR B 347 25.44 36.27 5.84
N ALA B 348 26.03 35.06 5.73
CA ALA B 348 27.10 34.80 4.78
C ALA B 348 26.56 35.00 3.36
N LEU B 349 25.33 34.53 3.09
CA LEU B 349 24.77 34.62 1.76
C LEU B 349 24.65 36.07 1.31
N VAL B 350 24.15 36.95 2.19
CA VAL B 350 23.89 38.33 1.77
C VAL B 350 25.21 39.07 1.64
N ASN B 351 26.29 38.55 2.26
CA ASN B 351 27.59 39.19 2.15
C ASN B 351 28.43 38.53 1.04
N GLY B 352 27.89 37.53 0.32
CA GLY B 352 28.61 36.86 -0.75
C GLY B 352 29.81 36.04 -0.27
N VAL B 353 29.80 35.59 0.99
CA VAL B 353 30.92 34.86 1.57
C VAL B 353 30.74 33.36 1.34
N PRO B 354 31.71 32.68 0.68
CA PRO B 354 31.71 31.22 0.57
C PRO B 354 31.65 30.54 1.94
N GLN B 355 30.90 29.44 1.98
CA GLN B 355 30.59 28.79 3.25
C GLN B 355 31.16 27.37 3.21
N PHE B 356 31.72 26.97 4.36
CA PHE B 356 32.12 25.60 4.60
C PHE B 356 31.29 25.08 5.76
N ILE B 357 30.49 24.04 5.47
CA ILE B 357 29.47 23.56 6.38
C ILE B 357 29.72 22.09 6.66
N PRO B 358 30.48 21.78 7.73
CA PRO B 358 30.55 20.41 8.27
C PRO B 358 29.36 20.18 9.20
N THR B 359 28.43 19.31 8.81
CA THR B 359 27.19 19.20 9.55
C THR B 359 26.60 17.79 9.43
N ILE B 360 25.37 17.65 9.95
CA ILE B 360 24.65 16.40 10.04
C ILE B 360 23.28 16.56 9.37
N ARG B 361 22.58 15.44 9.18
CA ARG B 361 21.24 15.45 8.61
C ARG B 361 20.22 15.73 9.70
N TYR B 362 20.27 16.95 10.22
CA TYR B 362 19.35 17.43 11.23
C TYR B 362 18.66 18.70 10.70
N ALA B 363 17.34 18.81 10.96
CA ALA B 363 16.51 19.83 10.34
C ALA B 363 16.89 19.93 8.85
N ASP B 364 17.14 21.16 8.34
CA ASP B 364 17.49 21.35 6.95
C ASP B 364 18.97 21.66 6.80
N TRP B 365 19.77 21.38 7.84
CA TRP B 365 21.18 21.78 7.81
C TRP B 365 21.92 21.16 6.62
N TRP B 366 21.63 19.90 6.35
CA TRP B 366 22.28 19.18 5.28
C TRP B 366 21.92 19.81 3.93
N ASN B 367 20.64 20.17 3.78
CA ASN B 367 20.15 20.83 2.57
C ASN B 367 20.77 22.21 2.41
N LYS B 368 21.01 22.88 3.54
CA LYS B 368 21.65 24.19 3.53
C LYS B 368 23.05 24.04 2.93
N GLY B 369 23.77 22.99 3.35
CA GLY B 369 25.09 22.68 2.82
C GLY B 369 25.05 22.24 1.35
N THR B 370 24.19 21.26 1.03
CA THR B 370 24.19 20.68 -0.31
C THR B 370 23.70 21.70 -1.33
N SER B 371 22.74 22.56 -0.98
CA SER B 371 22.26 23.58 -1.90
C SER B 371 23.42 24.46 -2.38
N LEU B 372 24.28 24.89 -1.46
CA LEU B 372 25.43 25.74 -1.80
C LEU B 372 26.47 24.93 -2.58
N HIS B 373 26.72 23.69 -2.14
CA HIS B 373 27.67 22.80 -2.80
C HIS B 373 27.30 22.62 -4.27
N GLU B 374 26.06 22.26 -4.57
CA GLU B 374 25.62 22.04 -5.95
C GLU B 374 25.71 23.32 -6.76
N ALA B 375 25.53 24.49 -6.13
CA ALA B 375 25.60 25.76 -6.84
C ALA B 375 27.05 26.20 -7.05
N GLY B 376 27.99 25.51 -6.39
CA GLY B 376 29.40 25.85 -6.50
C GLY B 376 29.81 27.04 -5.64
N ALA B 377 28.97 27.40 -4.65
CA ALA B 377 29.20 28.59 -3.83
C ALA B 377 29.87 28.23 -2.50
N GLY B 378 29.87 26.95 -2.14
CA GLY B 378 30.48 26.52 -0.89
C GLY B 378 30.69 25.02 -0.89
N LEU B 379 31.09 24.49 0.28
CA LEU B 379 31.38 23.08 0.45
C LEU B 379 30.65 22.56 1.69
N VAL B 380 30.04 21.38 1.55
CA VAL B 380 29.45 20.65 2.67
C VAL B 380 30.21 19.33 2.84
N VAL B 381 30.34 18.91 4.09
CA VAL B 381 30.88 17.60 4.42
C VAL B 381 30.18 17.11 5.68
N HIS B 382 30.05 15.79 5.84
CA HIS B 382 29.50 15.26 7.07
C HIS B 382 30.47 15.54 8.22
N ALA B 383 29.93 15.99 9.35
CA ALA B 383 30.73 16.40 10.49
C ALA B 383 31.67 15.27 10.95
N SER B 384 31.22 14.02 10.79
CA SER B 384 31.98 12.86 11.24
C SER B 384 33.25 12.69 10.42
N GLU B 385 33.27 13.20 9.19
CA GLU B 385 34.42 13.08 8.31
C GLU B 385 35.37 14.27 8.40
N LEU B 386 35.15 15.19 9.35
CA LEU B 386 35.99 16.37 9.40
C LEU B 386 37.28 16.05 10.16
N THR B 387 38.41 16.26 9.47
CA THR B 387 39.76 16.13 10.01
C THR B 387 40.52 17.43 9.76
N ALA B 388 41.72 17.55 10.37
CA ALA B 388 42.60 18.68 10.11
C ALA B 388 42.89 18.83 8.63
N GLU B 389 43.05 17.69 7.93
CA GLU B 389 43.39 17.67 6.51
C GLU B 389 42.23 18.21 5.66
N VAL B 390 41.01 17.76 5.98
CA VAL B 390 39.81 18.16 5.25
C VAL B 390 39.51 19.63 5.51
N LEU B 391 39.60 20.06 6.78
CA LEU B 391 39.41 21.45 7.17
C LEU B 391 40.34 22.35 6.37
N ARG B 392 41.64 22.05 6.41
CA ARG B 392 42.67 22.83 5.75
C ARG B 392 42.40 22.88 4.24
N GLU B 393 42.15 21.71 3.64
CA GLU B 393 42.02 21.63 2.19
C GLU B 393 40.79 22.39 1.71
N SER B 394 39.69 22.26 2.46
CA SER B 394 38.42 22.89 2.09
C SER B 394 38.55 24.41 2.15
N VAL B 395 39.13 24.91 3.25
CA VAL B 395 39.33 26.35 3.42
C VAL B 395 40.22 26.88 2.29
N GLU B 396 41.34 26.18 2.02
CA GLU B 396 42.25 26.60 0.96
C GLU B 396 41.51 26.72 -0.36
N ARG B 397 40.67 25.74 -0.66
CA ARG B 397 39.96 25.69 -1.92
C ARG B 397 38.98 26.87 -2.03
N LEU B 398 38.28 27.21 -0.93
CA LEU B 398 37.30 28.29 -0.93
C LEU B 398 37.99 29.65 -1.03
N VAL B 399 39.21 29.74 -0.48
CA VAL B 399 40.04 30.95 -0.58
C VAL B 399 40.62 31.09 -2.00
N GLU B 400 41.22 30.03 -2.53
CA GLU B 400 42.06 30.11 -3.72
C GLU B 400 41.24 30.02 -5.00
N ASP B 401 40.28 29.10 -5.05
CA ASP B 401 39.47 28.91 -6.24
C ASP B 401 38.37 29.99 -6.28
N ALA B 402 38.48 30.88 -7.26
CA ALA B 402 37.65 32.09 -7.34
C ALA B 402 36.22 31.77 -7.77
N SER B 403 35.98 30.53 -8.25
CA SER B 403 34.66 30.14 -8.71
C SER B 403 33.66 30.08 -7.54
N TYR B 404 34.16 29.86 -6.32
CA TYR B 404 33.35 29.85 -5.12
C TYR B 404 32.82 31.26 -4.82
N ARG B 405 33.70 32.25 -4.72
CA ARG B 405 33.27 33.64 -4.55
C ARG B 405 32.31 34.07 -5.65
N GLU B 406 32.55 33.63 -6.90
CA GLU B 406 31.71 34.07 -8.01
C GLU B 406 30.30 33.49 -7.88
N ALA B 407 30.20 32.21 -7.52
CA ALA B 407 28.92 31.55 -7.32
C ALA B 407 28.20 32.14 -6.10
N ALA B 408 28.93 32.42 -5.01
CA ALA B 408 28.38 33.07 -3.83
C ALA B 408 27.80 34.45 -4.19
N GLU B 409 28.50 35.14 -5.09
CA GLU B 409 28.12 36.49 -5.48
C GLU B 409 26.82 36.43 -6.28
N ARG B 410 26.65 35.39 -7.11
CA ARG B 410 25.41 35.22 -7.86
C ARG B 410 24.23 35.01 -6.91
N LEU B 411 24.42 34.25 -5.82
CA LEU B 411 23.37 34.01 -4.84
C LEU B 411 23.05 35.29 -4.07
N ARG B 412 24.09 36.04 -3.71
CA ARG B 412 23.91 37.34 -3.12
C ARG B 412 22.99 38.18 -4.00
N GLU B 413 23.25 38.20 -5.31
CA GLU B 413 22.49 39.02 -6.24
C GLU B 413 21.07 38.50 -6.36
N GLU B 414 20.87 37.18 -6.27
CA GLU B 414 19.54 36.61 -6.32
C GLU B 414 18.73 37.10 -5.13
N ASN B 415 19.30 37.04 -3.92
CA ASN B 415 18.64 37.52 -2.71
C ASN B 415 18.30 39.01 -2.87
N GLN B 416 19.23 39.78 -3.43
CA GLN B 416 19.11 41.22 -3.54
C GLN B 416 18.04 41.60 -4.56
N ARG B 417 17.68 40.71 -5.49
CA ARG B 417 16.58 40.97 -6.41
C ARG B 417 15.24 40.62 -5.77
N THR B 418 15.23 39.91 -4.64
CA THR B 418 13.97 39.56 -4.00
C THR B 418 13.41 40.81 -3.31
N PRO B 419 12.10 41.08 -3.41
CA PRO B 419 11.47 42.17 -2.68
C PRO B 419 11.74 42.09 -1.17
N THR B 420 11.97 43.25 -0.56
CA THR B 420 12.19 43.38 0.86
C THR B 420 10.89 43.16 1.64
N PRO B 421 10.98 42.92 2.96
CA PRO B 421 9.81 42.96 3.85
C PRO B 421 8.92 44.16 3.60
N HIS B 422 9.54 45.36 3.49
CA HIS B 422 8.82 46.57 3.15
C HIS B 422 7.97 46.36 1.91
N ASP B 423 8.58 45.85 0.83
CA ASP B 423 7.90 45.69 -0.45
C ASP B 423 6.77 44.66 -0.36
N VAL B 424 6.87 43.63 0.48
CA VAL B 424 5.83 42.61 0.50
C VAL B 424 4.71 42.95 1.48
N VAL B 425 4.82 44.03 2.24
CA VAL B 425 3.76 44.41 3.17
C VAL B 425 2.40 44.45 2.46
N PRO B 426 2.23 45.19 1.33
CA PRO B 426 0.93 45.25 0.65
C PRO B 426 0.41 43.90 0.15
N VAL B 427 1.32 43.02 -0.27
CA VAL B 427 0.97 41.67 -0.69
C VAL B 427 0.35 40.91 0.48
N ILE B 428 0.96 41.02 1.66
CA ILE B 428 0.47 40.36 2.86
C ILE B 428 -0.89 40.93 3.25
N GLU B 429 -1.07 42.25 3.10
CA GLU B 429 -2.34 42.91 3.38
C GLU B 429 -3.44 42.36 2.45
N GLU B 430 -3.15 42.25 1.15
CA GLU B 430 -4.13 41.77 0.17
C GLU B 430 -4.46 40.31 0.43
N LEU B 431 -3.46 39.48 0.71
CA LEU B 431 -3.69 38.08 0.97
C LEU B 431 -4.53 37.89 2.23
N THR B 432 -4.32 38.78 3.22
CA THR B 432 -5.08 38.69 4.46
C THR B 432 -6.56 39.02 4.19
N ALA B 433 -6.81 40.05 3.38
CA ALA B 433 -8.16 40.43 2.98
C ALA B 433 -8.85 39.28 2.25
N GLU B 434 -8.12 38.65 1.32
CA GLU B 434 -8.65 37.54 0.54
C GLU B 434 -8.99 36.33 1.41
N HIS B 435 -8.12 35.95 2.36
CA HIS B 435 -8.22 34.65 3.01
C HIS B 435 -8.80 34.75 4.42
N GLY B 436 -8.84 35.93 5.01
CA GLY B 436 -9.26 36.04 6.40
C GLY B 436 -10.76 36.27 6.48
N ARG B 437 -11.23 36.63 7.68
CA ARG B 437 -12.58 37.09 7.92
C ARG B 437 -12.96 38.20 6.91
N SER C 19 -18.44 -23.98 38.73
CA SER C 19 -19.41 -23.06 38.09
C SER C 19 -18.92 -22.68 36.68
N HIS C 20 -19.77 -22.86 35.67
CA HIS C 20 -19.36 -22.93 34.27
C HIS C 20 -19.08 -21.54 33.72
N MET C 21 -17.89 -21.31 33.16
CA MET C 21 -17.48 -19.98 32.72
C MET C 21 -17.36 -19.94 31.20
N ARG C 22 -17.54 -18.73 30.66
CA ARG C 22 -17.07 -18.39 29.33
C ARG C 22 -15.76 -17.64 29.49
N ILE C 23 -14.71 -18.15 28.82
CA ILE C 23 -13.37 -17.62 28.97
C ILE C 23 -12.86 -17.21 27.59
N LEU C 24 -12.49 -15.95 27.48
CA LEU C 24 -11.96 -15.41 26.23
C LEU C 24 -10.46 -15.22 26.37
N PHE C 25 -9.70 -15.94 25.54
CA PHE C 25 -8.27 -15.70 25.38
C PHE C 25 -8.09 -14.64 24.29
N ALA C 26 -7.17 -13.71 24.53
CA ALA C 26 -6.83 -12.69 23.56
C ALA C 26 -5.32 -12.62 23.38
N THR C 27 -4.91 -12.63 22.10
CA THR C 27 -3.52 -12.49 21.74
C THR C 27 -3.39 -11.70 20.43
N VAL C 28 -2.30 -10.96 20.36
CA VAL C 28 -1.81 -10.36 19.14
C VAL C 28 -1.53 -11.50 18.17
N SER C 29 -1.46 -11.16 16.88
CA SER C 29 -1.42 -12.17 15.83
C SER C 29 0.02 -12.67 15.64
N GLU C 30 0.62 -13.25 16.68
CA GLU C 30 1.89 -13.95 16.57
C GLU C 30 1.69 -15.41 17.02
N LYS C 31 2.01 -16.36 16.15
CA LYS C 31 1.92 -17.78 16.46
C LYS C 31 2.71 -18.09 17.74
N SER C 32 3.90 -17.50 17.86
CA SER C 32 4.79 -17.79 18.96
C SER C 32 4.13 -17.42 20.30
N HIS C 33 3.38 -16.31 20.33
CA HIS C 33 2.64 -15.92 21.54
C HIS C 33 1.46 -16.88 21.78
N LEU C 34 0.68 -17.14 20.72
CA LEU C 34 -0.46 -18.04 20.80
C LEU C 34 -0.09 -19.39 21.42
N PHE C 35 1.01 -20.00 20.94
CA PHE C 35 1.36 -21.35 21.36
C PHE C 35 1.66 -21.41 22.87
N THR C 36 2.10 -20.31 23.47
CA THR C 36 2.41 -20.30 24.90
C THR C 36 1.13 -20.40 25.74
N MET C 37 -0.04 -20.12 25.13
CA MET C 37 -1.29 -20.02 25.85
C MET C 37 -2.10 -21.31 25.75
N VAL C 38 -1.69 -22.24 24.88
CA VAL C 38 -2.57 -23.33 24.46
C VAL C 38 -2.79 -24.31 25.62
N PRO C 39 -1.77 -24.75 26.37
CA PRO C 39 -2.01 -25.67 27.48
C PRO C 39 -2.97 -25.14 28.53
N LEU C 40 -2.86 -23.84 28.86
CA LEU C 40 -3.73 -23.28 29.88
C LEU C 40 -5.17 -23.21 29.34
N ALA C 41 -5.32 -22.79 28.08
CA ALA C 41 -6.63 -22.75 27.44
C ALA C 41 -7.28 -24.13 27.48
N TRP C 42 -6.53 -25.17 27.12
CA TRP C 42 -7.07 -26.52 27.13
C TRP C 42 -7.35 -27.03 28.55
N SER C 43 -6.56 -26.60 29.53
CA SER C 43 -6.80 -27.01 30.91
C SER C 43 -8.19 -26.53 31.35
N LEU C 44 -8.55 -25.32 30.92
CA LEU C 44 -9.79 -24.70 31.33
C LEU C 44 -10.96 -25.35 30.59
N ALA C 45 -10.76 -25.64 29.29
CA ALA C 45 -11.75 -26.33 28.50
C ALA C 45 -12.02 -27.72 29.08
N ALA C 46 -10.96 -28.39 29.56
CA ALA C 46 -11.05 -29.75 30.10
C ALA C 46 -11.83 -29.77 31.41
N ALA C 47 -11.90 -28.61 32.09
CA ALA C 47 -12.66 -28.48 33.33
C ALA C 47 -14.11 -28.06 33.03
N GLY C 48 -14.50 -28.00 31.76
CA GLY C 48 -15.89 -27.79 31.39
C GLY C 48 -16.21 -26.36 30.98
N HIS C 49 -15.23 -25.46 31.01
CA HIS C 49 -15.45 -24.07 30.61
C HIS C 49 -15.42 -23.96 29.08
N GLU C 50 -16.14 -22.96 28.57
CA GLU C 50 -16.11 -22.63 27.15
C GLU C 50 -14.96 -21.67 26.90
N VAL C 51 -14.09 -22.01 25.96
CA VAL C 51 -12.88 -21.25 25.75
C VAL C 51 -12.83 -20.84 24.28
N HIS C 52 -12.80 -19.52 24.05
CA HIS C 52 -12.63 -18.97 22.72
C HIS C 52 -11.36 -18.15 22.69
N VAL C 53 -10.66 -18.23 21.56
CA VAL C 53 -9.41 -17.51 21.37
C VAL C 53 -9.61 -16.47 20.27
N ALA C 54 -9.46 -15.19 20.65
CA ALA C 54 -9.63 -14.06 19.74
C ALA C 54 -8.27 -13.49 19.33
N SER C 55 -8.16 -13.23 18.03
CA SER C 55 -7.06 -12.47 17.45
C SER C 55 -7.50 -11.93 16.09
N ASN C 56 -6.59 -11.21 15.41
CA ASN C 56 -6.79 -10.71 14.07
C ASN C 56 -6.97 -11.89 13.11
N PRO C 57 -7.62 -11.69 11.94
CA PRO C 57 -7.78 -12.75 10.93
C PRO C 57 -6.52 -13.50 10.54
N ALA C 58 -5.36 -12.82 10.53
CA ALA C 58 -4.12 -13.49 10.13
C ALA C 58 -3.80 -14.70 11.04
N LEU C 59 -4.30 -14.73 12.29
CA LEU C 59 -3.96 -15.82 13.20
C LEU C 59 -4.99 -16.97 13.17
N THR C 60 -6.10 -16.81 12.44
CA THR C 60 -7.20 -17.75 12.50
C THR C 60 -6.73 -19.18 12.21
N ALA C 61 -5.94 -19.39 11.16
CA ALA C 61 -5.51 -20.73 10.80
C ALA C 61 -4.68 -21.35 11.93
N SER C 62 -3.79 -20.55 12.54
CA SER C 62 -2.98 -21.03 13.64
C SER C 62 -3.84 -21.42 14.84
N ILE C 63 -4.84 -20.62 15.18
CA ILE C 63 -5.70 -20.95 16.32
C ILE C 63 -6.40 -22.29 16.05
N LYS C 64 -6.89 -22.48 14.82
CA LYS C 64 -7.69 -23.64 14.48
C LYS C 64 -6.90 -24.93 14.61
N SER C 65 -5.58 -24.88 14.36
CA SER C 65 -4.71 -26.04 14.51
C SER C 65 -4.28 -26.32 15.95
N THR C 66 -4.76 -25.53 16.92
CA THR C 66 -4.52 -25.80 18.33
C THR C 66 -5.64 -26.65 18.94
N GLY C 67 -6.71 -26.86 18.17
CA GLY C 67 -7.91 -27.52 18.68
C GLY C 67 -8.92 -26.53 19.26
N LEU C 68 -8.49 -25.29 19.48
CA LEU C 68 -9.31 -24.31 20.17
C LEU C 68 -10.15 -23.53 19.15
N THR C 69 -11.31 -23.06 19.61
CA THR C 69 -12.21 -22.28 18.77
C THR C 69 -11.69 -20.86 18.59
N ALA C 70 -11.56 -20.46 17.32
CA ALA C 70 -11.07 -19.14 16.94
C ALA C 70 -12.23 -18.14 16.81
N VAL C 71 -11.96 -16.90 17.23
CA VAL C 71 -12.84 -15.77 16.99
C VAL C 71 -12.03 -14.69 16.27
N PRO C 72 -12.10 -14.59 14.93
CA PRO C 72 -11.42 -13.51 14.21
C PRO C 72 -12.06 -12.15 14.57
N VAL C 73 -11.22 -11.18 14.93
CA VAL C 73 -11.71 -9.85 15.27
C VAL C 73 -10.88 -8.81 14.54
N GLY C 74 -11.58 -7.82 13.99
CA GLY C 74 -10.94 -6.65 13.41
C GLY C 74 -10.22 -6.98 12.12
N LYS C 75 -9.15 -6.23 11.84
CA LYS C 75 -8.40 -6.38 10.61
C LYS C 75 -6.94 -6.61 10.98
N ASP C 76 -6.17 -7.02 9.96
CA ASP C 76 -4.74 -7.27 10.12
C ASP C 76 -4.00 -5.94 10.14
N HIS C 77 -2.83 -5.96 10.79
CA HIS C 77 -2.03 -4.77 10.99
C HIS C 77 -0.76 -4.94 10.16
N ASN C 78 0.02 -3.86 10.10
CA ASN C 78 1.19 -3.78 9.24
C ASN C 78 2.46 -3.75 10.05
N LEU C 79 2.48 -4.30 11.27
CA LEU C 79 3.66 -4.16 12.11
C LEU C 79 4.90 -4.70 11.40
N HIS C 80 4.80 -5.84 10.72
CA HIS C 80 5.97 -6.50 10.17
C HIS C 80 6.53 -5.71 8.98
N GLU C 81 5.65 -5.12 8.15
CA GLU C 81 6.06 -4.24 7.08
C GLU C 81 6.70 -2.97 7.66
N MET C 82 6.13 -2.38 8.71
CA MET C 82 6.69 -1.18 9.36
C MET C 82 8.10 -1.48 9.85
N LEU C 83 8.30 -2.65 10.48
CA LEU C 83 9.60 -3.06 11.00
C LEU C 83 10.62 -3.27 9.88
N THR C 84 10.24 -4.00 8.82
CA THR C 84 11.21 -4.35 7.80
C THR C 84 11.54 -3.10 6.96
N GLU C 85 10.54 -2.24 6.70
CA GLU C 85 10.74 -1.03 5.92
C GLU C 85 11.53 0.03 6.70
N ASN C 86 11.57 -0.07 8.03
CA ASN C 86 12.22 0.90 8.89
C ASN C 86 13.23 0.16 9.75
N ARG C 87 13.93 -0.79 9.12
CA ARG C 87 14.78 -1.77 9.77
C ARG C 87 16.08 -1.09 10.19
N ASP C 88 16.82 -1.66 11.16
CA ASP C 88 18.09 -1.12 11.62
C ASP C 88 17.90 0.10 12.52
N SER C 89 16.64 0.40 12.87
CA SER C 89 16.31 1.11 14.09
C SER C 89 15.83 0.11 15.16
N LEU C 90 15.99 -1.20 14.91
CA LEU C 90 15.32 -2.25 15.67
C LEU C 90 15.91 -2.36 17.08
N GLU C 91 17.22 -2.65 17.14
CA GLU C 91 17.94 -2.71 18.41
C GLU C 91 18.53 -1.32 18.68
N ASN C 92 17.93 -0.56 19.60
CA ASN C 92 18.40 0.76 19.94
C ASN C 92 18.05 1.00 21.40
N PRO C 93 18.58 2.05 22.07
CA PRO C 93 18.34 2.22 23.50
C PRO C 93 16.87 2.22 23.93
N LEU C 94 15.96 2.72 23.08
CA LEU C 94 14.57 2.86 23.47
C LEU C 94 13.78 1.56 23.30
N SER C 95 14.35 0.56 22.60
CA SER C 95 13.73 -0.75 22.49
C SER C 95 14.36 -1.72 23.49
N ASP C 96 15.32 -1.24 24.29
CA ASP C 96 15.99 -2.08 25.26
C ASP C 96 15.26 -1.99 26.59
N TRP C 97 14.42 -2.99 26.88
CA TRP C 97 13.73 -3.05 28.16
C TRP C 97 14.38 -4.12 29.07
N SER C 98 15.62 -4.52 28.75
CA SER C 98 16.28 -5.62 29.43
C SER C 98 16.73 -5.26 30.84
N THR C 99 16.89 -3.96 31.17
CA THR C 99 17.30 -3.56 32.51
C THR C 99 16.35 -2.51 33.06
N PRO C 100 15.10 -2.90 33.38
CA PRO C 100 14.10 -1.97 33.89
C PRO C 100 14.31 -1.59 35.36
N GLU C 101 15.24 -0.66 35.58
CA GLU C 101 15.66 -0.25 36.92
C GLU C 101 15.59 1.27 37.03
N LEU C 102 15.12 1.76 38.19
CA LEU C 102 15.11 3.19 38.52
C LEU C 102 16.47 3.82 38.23
N ASP C 103 17.54 3.17 38.72
CA ASP C 103 18.90 3.63 38.57
C ASP C 103 19.28 3.92 37.13
N ARG C 104 18.58 3.30 36.16
CA ARG C 104 19.01 3.40 34.78
C ARG C 104 18.03 4.25 33.97
N HIS C 105 17.00 4.82 34.63
CA HIS C 105 15.95 5.54 33.94
C HIS C 105 15.61 6.83 34.69
N SER C 106 15.95 7.96 34.07
CA SER C 106 15.33 9.23 34.41
C SER C 106 13.88 9.18 33.98
N TRP C 107 13.09 10.16 34.46
CA TRP C 107 11.71 10.29 34.04
C TRP C 107 11.61 10.32 32.51
N GLU C 108 12.46 11.11 31.86
CA GLU C 108 12.26 11.35 30.44
C GLU C 108 12.68 10.10 29.65
N GLN C 109 13.61 9.30 30.17
CA GLN C 109 14.01 8.07 29.49
C GLN C 109 12.86 7.04 29.54
N VAL C 110 12.26 6.84 30.72
CA VAL C 110 11.22 5.84 30.86
C VAL C 110 9.95 6.33 30.16
N LEU C 111 9.65 7.64 30.25
CA LEU C 111 8.49 8.18 29.57
C LEU C 111 8.65 7.96 28.05
N MET C 112 9.84 8.20 27.54
CA MET C 112 10.10 8.08 26.11
C MET C 112 9.90 6.62 25.66
N LYS C 113 10.31 5.66 26.50
CA LYS C 113 10.13 4.24 26.19
C LYS C 113 8.65 3.89 26.07
N PHE C 114 7.84 4.39 27.01
CA PHE C 114 6.41 4.15 26.95
C PHE C 114 5.76 4.85 25.76
N LYS C 115 6.22 6.07 25.43
CA LYS C 115 5.62 6.80 24.32
C LYS C 115 5.85 6.04 23.02
N VAL C 116 7.09 5.58 22.82
CA VAL C 116 7.44 4.97 21.55
C VAL C 116 6.88 3.54 21.46
N SER C 117 6.83 2.80 22.57
CA SER C 117 6.32 1.43 22.53
C SER C 117 4.80 1.44 22.33
N VAL C 118 4.10 2.40 22.96
CA VAL C 118 2.67 2.55 22.73
C VAL C 118 2.40 2.94 21.27
N MET C 119 3.11 3.96 20.75
CA MET C 119 2.83 4.49 19.42
CA MET C 119 2.82 4.48 19.42
C MET C 119 3.17 3.44 18.37
N PHE C 120 4.35 2.80 18.49
CA PHE C 120 4.79 1.97 17.40
C PHE C 120 4.30 0.52 17.53
N ALA C 121 4.42 -0.10 18.70
CA ALA C 121 4.15 -1.52 18.82
C ALA C 121 2.72 -1.77 19.31
N TYR C 122 2.36 -1.23 20.47
CA TYR C 122 1.15 -1.66 21.16
C TYR C 122 -0.09 -1.22 20.38
N GLN C 123 -0.08 0.01 19.85
CA GLN C 123 -1.21 0.50 19.08
C GLN C 123 -1.35 -0.28 17.78
N THR C 124 -0.24 -0.53 17.09
CA THR C 124 -0.29 -1.28 15.84
C THR C 124 -0.91 -2.66 16.07
N TYR C 125 -0.43 -3.34 17.13
CA TYR C 125 -0.87 -4.70 17.46
C TYR C 125 -2.35 -4.75 17.85
N ASN C 126 -2.84 -3.70 18.53
CA ASN C 126 -4.10 -3.77 19.26
C ASN C 126 -5.24 -2.92 18.66
N ASP C 127 -4.94 -1.73 18.11
CA ASP C 127 -6.00 -0.81 17.70
C ASP C 127 -6.81 -1.38 16.53
N CYS C 128 -6.17 -2.23 15.73
CA CYS C 128 -6.77 -2.92 14.60
C CYS C 128 -7.89 -3.87 15.02
N MET C 129 -8.02 -4.19 16.32
CA MET C 129 -8.99 -5.20 16.71
C MET C 129 -9.73 -4.85 18.00
N VAL C 130 -9.34 -3.79 18.70
CA VAL C 130 -9.84 -3.56 20.06
C VAL C 130 -11.35 -3.34 20.05
N HIS C 131 -11.89 -2.59 19.08
CA HIS C 131 -13.31 -2.24 19.08
C HIS C 131 -14.15 -3.47 18.76
N GLU C 132 -13.67 -4.30 17.82
CA GLU C 132 -14.32 -5.55 17.47
C GLU C 132 -14.25 -6.54 18.64
N LEU C 133 -13.17 -6.50 19.44
CA LEU C 133 -13.05 -7.36 20.59
C LEU C 133 -14.02 -6.93 21.68
N VAL C 134 -14.17 -5.61 21.89
CA VAL C 134 -15.15 -5.09 22.84
C VAL C 134 -16.55 -5.55 22.44
N ASP C 135 -16.85 -5.46 21.14
CA ASP C 135 -18.14 -5.87 20.59
C ASP C 135 -18.39 -7.35 20.87
N TYR C 136 -17.40 -8.19 20.55
CA TYR C 136 -17.55 -9.62 20.79
C TYR C 136 -17.77 -9.90 22.28
N ALA C 137 -17.01 -9.22 23.14
CA ALA C 137 -17.16 -9.40 24.58
C ALA C 137 -18.56 -9.00 25.04
N ARG C 138 -19.12 -7.94 24.43
CA ARG C 138 -20.47 -7.49 24.75
C ARG C 138 -21.49 -8.56 24.36
N HIS C 139 -21.35 -9.15 23.17
CA HIS C 139 -22.20 -10.24 22.73
C HIS C 139 -22.05 -11.48 23.63
N TRP C 140 -20.81 -11.94 23.88
CA TRP C 140 -20.56 -13.26 24.43
C TRP C 140 -20.56 -13.23 25.96
N GLN C 141 -20.22 -12.07 26.53
CA GLN C 141 -20.22 -11.86 27.97
C GLN C 141 -19.30 -12.86 28.66
N PRO C 142 -17.98 -12.88 28.34
CA PRO C 142 -17.05 -13.76 29.06
C PRO C 142 -17.03 -13.39 30.54
N ASP C 143 -16.86 -14.39 31.39
CA ASP C 143 -16.62 -14.17 32.81
C ASP C 143 -15.18 -13.74 33.06
N LEU C 144 -14.28 -14.17 32.15
CA LEU C 144 -12.85 -14.03 32.34
C LEU C 144 -12.19 -13.83 30.98
N VAL C 145 -11.24 -12.89 30.92
CA VAL C 145 -10.38 -12.72 29.77
C VAL C 145 -8.94 -13.00 30.18
N ILE C 146 -8.27 -13.92 29.47
CA ILE C 146 -6.86 -14.15 29.69
C ILE C 146 -6.11 -13.61 28.49
N TRP C 147 -5.16 -12.70 28.73
CA TRP C 147 -4.51 -11.98 27.65
C TRP C 147 -3.00 -12.14 27.66
N ASP C 148 -2.46 -12.32 26.46
CA ASP C 148 -1.04 -12.20 26.23
C ASP C 148 -0.58 -10.82 26.70
N PRO C 149 0.64 -10.70 27.28
CA PRO C 149 1.05 -9.48 27.97
C PRO C 149 1.20 -8.20 27.15
N VAL C 150 1.22 -8.29 25.80
CA VAL C 150 1.19 -7.08 24.98
C VAL C 150 -0.15 -6.92 24.26
N THR C 151 -1.16 -7.70 24.66
CA THR C 151 -2.47 -7.67 24.02
C THR C 151 -3.42 -6.85 24.88
N TYR C 152 -3.19 -5.53 24.92
CA TYR C 152 -3.94 -4.62 25.77
C TYR C 152 -5.39 -4.48 25.33
N ALA C 153 -5.73 -4.89 24.10
CA ALA C 153 -7.12 -4.96 23.68
C ALA C 153 -7.93 -5.85 24.63
N GLY C 154 -7.26 -6.88 25.18
CA GLY C 154 -7.89 -7.86 26.03
C GLY C 154 -8.49 -7.26 27.30
N PRO C 155 -7.69 -6.60 28.16
CA PRO C 155 -8.21 -6.01 29.39
C PRO C 155 -9.21 -4.87 29.16
N VAL C 156 -9.09 -4.17 28.01
CA VAL C 156 -10.05 -3.15 27.66
C VAL C 156 -11.42 -3.80 27.48
N ALA C 157 -11.48 -4.82 26.62
CA ALA C 157 -12.71 -5.57 26.38
C ALA C 157 -13.26 -6.17 27.68
N ALA C 158 -12.39 -6.70 28.54
CA ALA C 158 -12.84 -7.28 29.80
C ALA C 158 -13.50 -6.20 30.65
N ARG C 159 -12.81 -5.07 30.81
CA ARG C 159 -13.26 -4.02 31.71
C ARG C 159 -14.61 -3.48 31.26
N VAL C 160 -14.78 -3.30 29.94
CA VAL C 160 -16.03 -2.82 29.41
C VAL C 160 -17.20 -3.71 29.85
N VAL C 161 -17.00 -5.04 29.95
CA VAL C 161 -18.11 -5.93 30.31
C VAL C 161 -18.01 -6.42 31.76
N GLY C 162 -17.05 -5.88 32.53
CA GLY C 162 -16.90 -6.25 33.93
C GLY C 162 -16.32 -7.65 34.15
N ALA C 163 -15.73 -8.26 33.11
CA ALA C 163 -15.10 -9.57 33.24
C ALA C 163 -13.85 -9.45 34.11
N ALA C 164 -13.52 -10.52 34.85
CA ALA C 164 -12.20 -10.64 35.43
C ALA C 164 -11.18 -10.76 34.29
N HIS C 165 -9.91 -10.41 34.55
CA HIS C 165 -8.91 -10.57 33.51
C HIS C 165 -7.52 -10.70 34.12
N ALA C 166 -6.66 -11.45 33.43
CA ALA C 166 -5.31 -11.76 33.89
C ALA C 166 -4.37 -11.87 32.70
N ARG C 167 -3.12 -11.45 32.90
CA ARG C 167 -2.07 -11.72 31.93
C ARG C 167 -1.64 -13.17 32.05
N LEU C 168 -1.25 -13.77 30.93
CA LEU C 168 -0.55 -15.05 30.91
C LEU C 168 0.83 -14.84 30.30
N LEU C 169 1.88 -15.07 31.11
CA LEU C 169 3.24 -14.65 30.80
C LEU C 169 4.05 -15.77 30.18
N TRP C 170 4.66 -15.45 29.03
CA TRP C 170 5.76 -16.18 28.42
C TRP C 170 7.08 -15.47 28.72
N CYS C 171 7.00 -14.31 29.38
CA CYS C 171 8.11 -13.38 29.46
C CYS C 171 8.64 -13.25 30.88
N ILE C 172 9.96 -13.09 30.99
CA ILE C 172 10.51 -12.41 32.16
C ILE C 172 9.91 -11.00 32.15
N ASP C 173 9.32 -10.57 33.27
CA ASP C 173 8.28 -9.55 33.27
C ASP C 173 8.86 -8.13 33.26
N ILE C 174 9.64 -7.84 32.21
CA ILE C 174 10.22 -6.54 31.98
C ILE C 174 9.13 -5.50 31.75
N TYR C 175 7.96 -5.94 31.28
CA TYR C 175 6.86 -5.04 30.98
C TYR C 175 6.31 -4.43 32.26
N ALA C 176 5.94 -5.27 33.23
CA ALA C 176 5.36 -4.79 34.48
C ALA C 176 6.44 -4.10 35.33
N LYS C 177 7.69 -4.52 35.18
CA LYS C 177 8.77 -3.93 35.94
C LYS C 177 9.09 -2.52 35.40
N MET C 178 9.15 -2.37 34.07
CA MET C 178 9.35 -1.06 33.47
C MET C 178 8.18 -0.15 33.84
N ARG C 179 6.97 -0.71 33.93
CA ARG C 179 5.81 0.09 34.34
C ARG C 179 5.97 0.60 35.78
N GLU C 180 6.50 -0.24 36.67
CA GLU C 180 6.75 0.15 38.04
C GLU C 180 7.74 1.33 38.09
N VAL C 181 8.83 1.24 37.32
CA VAL C 181 9.82 2.30 37.19
C VAL C 181 9.12 3.57 36.69
N PHE C 182 8.31 3.42 35.64
CA PHE C 182 7.57 4.53 35.07
C PHE C 182 6.73 5.22 36.13
N LEU C 183 5.97 4.46 36.93
CA LEU C 183 5.06 5.04 37.91
C LEU C 183 5.82 5.72 39.05
N ALA C 184 6.98 5.19 39.43
CA ALA C 184 7.81 5.79 40.45
C ALA C 184 8.30 7.18 39.98
N ARG C 185 8.72 7.28 38.71
CA ARG C 185 9.20 8.53 38.15
C ARG C 185 8.05 9.51 37.93
N LEU C 186 6.90 9.00 37.51
CA LEU C 186 5.72 9.83 37.32
C LEU C 186 5.36 10.55 38.62
N ALA C 187 5.43 9.83 39.75
CA ALA C 187 5.06 10.35 41.06
C ALA C 187 5.99 11.48 41.51
N GLU C 188 7.22 11.52 40.98
CA GLU C 188 8.18 12.57 41.29
C GLU C 188 7.93 13.86 40.50
N GLN C 189 7.01 13.87 39.53
CA GLN C 189 6.88 15.01 38.63
C GLN C 189 5.81 15.95 39.17
N PRO C 190 5.96 17.28 38.92
CA PRO C 190 4.90 18.24 39.19
C PRO C 190 3.70 17.91 38.33
N GLU C 191 2.51 18.35 38.77
CA GLU C 191 1.25 18.06 38.13
C GLU C 191 1.27 18.37 36.63
N GLU C 192 1.90 19.49 36.24
CA GLU C 192 1.89 19.98 34.88
C GLU C 192 2.70 19.07 33.96
N ARG C 193 3.71 18.38 34.53
CA ARG C 193 4.65 17.58 33.77
C ARG C 193 4.22 16.11 33.73
N ARG C 194 3.10 15.77 34.40
CA ARG C 194 2.65 14.40 34.51
C ARG C 194 2.01 13.99 33.18
N GLU C 195 2.44 12.83 32.67
CA GLU C 195 2.00 12.31 31.39
C GLU C 195 2.08 10.79 31.44
N ASP C 196 1.06 10.11 30.91
CA ASP C 196 1.03 8.65 30.93
C ASP C 196 0.47 8.16 29.59
N PRO C 197 1.36 7.75 28.65
CA PRO C 197 0.94 7.27 27.33
C PRO C 197 -0.03 6.09 27.36
N MET C 198 0.11 5.24 28.39
CA MET C 198 -0.71 4.05 28.53
C MET C 198 -2.12 4.44 28.96
N ALA C 199 -2.20 5.33 29.96
CA ALA C 199 -3.47 5.88 30.41
C ALA C 199 -4.17 6.68 29.31
N ASP C 200 -3.42 7.49 28.55
CA ASP C 200 -4.03 8.27 27.47
C ASP C 200 -4.65 7.32 26.45
N TRP C 201 -3.86 6.31 26.03
CA TRP C 201 -4.29 5.38 25.00
C TRP C 201 -5.46 4.53 25.49
N LEU C 202 -5.26 3.80 26.58
CA LEU C 202 -6.26 2.81 26.99
C LEU C 202 -7.44 3.50 27.69
N GLY C 203 -7.13 4.56 28.47
CA GLY C 203 -8.17 5.39 29.08
C GLY C 203 -9.05 6.07 28.04
N GLY C 204 -8.42 6.54 26.96
CA GLY C 204 -9.15 7.11 25.83
C GLY C 204 -10.17 6.13 25.27
N ILE C 205 -9.73 4.89 25.01
CA ILE C 205 -10.62 3.88 24.45
C ILE C 205 -11.71 3.53 25.45
N LEU C 206 -11.34 3.33 26.72
CA LEU C 206 -12.31 3.00 27.74
C LEU C 206 -13.35 4.11 27.90
N GLY C 207 -12.90 5.37 27.81
CA GLY C 207 -13.75 6.54 27.88
C GLY C 207 -14.87 6.52 26.84
N ARG C 208 -14.53 6.19 25.59
CA ARG C 208 -15.51 6.07 24.53
C ARG C 208 -16.64 5.07 24.87
N TYR C 209 -16.38 4.09 25.77
CA TYR C 209 -17.41 3.12 26.14
C TYR C 209 -17.96 3.45 27.53
N GLY C 210 -17.60 4.61 28.06
CA GLY C 210 -18.13 5.08 29.32
C GLY C 210 -17.45 4.43 30.54
N HIS C 211 -16.20 4.01 30.39
CA HIS C 211 -15.47 3.43 31.51
C HIS C 211 -14.23 4.26 31.80
N THR C 212 -13.78 4.15 33.06
CA THR C 212 -12.58 4.81 33.52
C THR C 212 -11.35 3.94 33.28
N PHE C 213 -10.19 4.56 33.30
CA PHE C 213 -8.92 3.85 33.29
C PHE C 213 -8.64 3.36 34.70
N ASP C 214 -8.00 2.18 34.79
CA ASP C 214 -7.46 1.66 36.03
C ASP C 214 -6.13 0.98 35.69
N GLU C 215 -5.18 1.01 36.62
CA GLU C 215 -3.85 0.47 36.39
C GLU C 215 -3.93 -1.03 36.09
N GLU C 216 -5.02 -1.68 36.48
CA GLU C 216 -5.12 -3.12 36.32
C GLU C 216 -5.28 -3.46 34.84
N VAL C 217 -5.61 -2.50 33.95
CA VAL C 217 -5.66 -2.80 32.52
C VAL C 217 -4.26 -2.87 31.94
N VAL C 218 -3.25 -2.43 32.70
CA VAL C 218 -1.87 -2.47 32.23
C VAL C 218 -1.16 -3.77 32.67
N VAL C 219 -1.50 -4.29 33.85
CA VAL C 219 -0.81 -5.46 34.40
C VAL C 219 -1.76 -6.63 34.72
N GLY C 220 -3.06 -6.46 34.47
CA GLY C 220 -4.06 -7.47 34.80
C GLY C 220 -4.46 -7.38 36.26
N GLN C 221 -5.61 -8.00 36.60
CA GLN C 221 -6.03 -8.12 37.99
C GLN C 221 -5.11 -9.11 38.70
N TRP C 222 -4.66 -10.12 37.96
CA TRP C 222 -3.57 -10.97 38.40
C TRP C 222 -2.79 -11.42 37.18
N THR C 223 -1.63 -12.04 37.45
CA THR C 223 -0.66 -12.48 36.48
C THR C 223 -0.49 -13.99 36.65
N ILE C 224 -0.80 -14.73 35.58
CA ILE C 224 -0.51 -16.16 35.52
C ILE C 224 0.85 -16.32 34.84
N ASP C 225 1.81 -16.92 35.53
CA ASP C 225 3.21 -16.78 35.16
C ASP C 225 3.85 -18.15 34.92
N GLN C 226 4.36 -18.37 33.71
CA GLN C 226 4.99 -19.61 33.31
C GLN C 226 6.50 -19.57 33.54
N ILE C 227 7.03 -18.44 34.04
CA ILE C 227 8.45 -18.33 34.33
C ILE C 227 8.70 -18.83 35.75
N PRO C 228 9.65 -19.77 35.97
CA PRO C 228 9.99 -20.18 37.33
C PRO C 228 10.36 -18.97 38.20
N THR C 229 9.84 -18.94 39.43
CA THR C 229 10.02 -17.84 40.36
C THR C 229 11.48 -17.36 40.44
N SER C 230 12.44 -18.29 40.49
CA SER C 230 13.82 -17.92 40.69
C SER C 230 14.37 -17.10 39.51
N LEU C 231 13.74 -17.17 38.34
CA LEU C 231 14.25 -16.47 37.16
C LEU C 231 13.38 -15.24 36.83
N GLN C 232 12.34 -14.98 37.63
CA GLN C 232 11.38 -13.93 37.33
C GLN C 232 11.72 -12.70 38.17
N LEU C 233 11.37 -11.52 37.65
CA LEU C 233 11.55 -10.26 38.36
C LEU C 233 10.50 -10.14 39.46
N PRO C 234 10.93 -9.81 40.71
CA PRO C 234 9.98 -9.56 41.79
C PRO C 234 9.18 -8.29 41.57
N LEU C 235 7.87 -8.34 41.85
CA LEU C 235 6.92 -7.30 41.52
C LEU C 235 5.81 -7.35 42.56
N SER C 236 5.12 -6.22 42.74
CA SER C 236 3.97 -6.11 43.62
C SER C 236 2.71 -6.28 42.80
N LEU C 237 2.37 -7.53 42.51
CA LEU C 237 1.08 -7.83 41.89
C LEU C 237 0.69 -9.24 42.31
N ARG C 238 -0.56 -9.62 42.08
CA ARG C 238 -1.02 -10.95 42.42
C ARG C 238 -0.51 -11.91 41.35
N ARG C 239 0.36 -12.84 41.76
CA ARG C 239 1.02 -13.75 40.85
C ARG C 239 0.52 -15.18 41.10
N VAL C 240 0.06 -15.84 40.04
CA VAL C 240 -0.27 -17.27 40.05
C VAL C 240 0.74 -18.00 39.19
N PRO C 241 1.76 -18.66 39.79
CA PRO C 241 2.71 -19.45 39.01
C PRO C 241 2.00 -20.67 38.43
N VAL C 242 2.38 -21.03 37.21
CA VAL C 242 1.89 -22.23 36.56
C VAL C 242 3.07 -22.87 35.83
N ARG C 243 3.07 -24.20 35.76
CA ARG C 243 4.14 -24.92 35.09
C ARG C 243 4.06 -24.71 33.58
N TYR C 244 5.20 -24.39 32.96
CA TYR C 244 5.31 -24.39 31.53
C TYR C 244 5.21 -25.83 31.01
N LEU C 245 4.28 -26.05 30.06
CA LEU C 245 4.16 -27.29 29.33
C LEU C 245 4.42 -26.96 27.87
N PRO C 246 5.39 -27.64 27.22
CA PRO C 246 5.75 -27.30 25.84
C PRO C 246 4.56 -27.42 24.88
N HIS C 247 4.32 -26.35 24.11
CA HIS C 247 3.52 -26.45 22.92
C HIS C 247 4.17 -25.57 21.86
N ASN C 248 4.59 -26.19 20.76
CA ASN C 248 5.38 -25.51 19.76
C ASN C 248 4.63 -25.57 18.42
N GLY C 249 3.32 -25.72 18.49
CA GLY C 249 2.48 -25.77 17.31
C GLY C 249 2.24 -27.20 16.85
N PRO C 250 1.62 -27.36 15.66
CA PRO C 250 1.34 -28.68 15.11
C PRO C 250 2.59 -29.55 15.02
N SER C 251 2.51 -30.77 15.53
CA SER C 251 3.70 -31.62 15.60
C SER C 251 3.37 -33.08 15.25
N GLU C 252 4.36 -33.77 14.67
CA GLU C 252 4.36 -35.23 14.54
C GLU C 252 5.74 -35.78 14.84
N ILE C 253 5.78 -37.03 15.30
CA ILE C 253 7.00 -37.75 15.57
C ILE C 253 7.51 -38.37 14.27
N PRO C 254 8.72 -38.02 13.79
CA PRO C 254 9.29 -38.64 12.59
C PRO C 254 10.01 -39.95 12.95
N ASP C 255 10.24 -40.79 11.92
CA ASP C 255 10.82 -42.12 12.07
C ASP C 255 12.22 -42.07 12.69
N TRP C 256 13.01 -41.08 12.27
CA TRP C 256 14.44 -41.01 12.60
C TRP C 256 14.66 -40.69 14.09
N LEU C 257 13.62 -40.24 14.79
CA LEU C 257 13.76 -39.80 16.16
C LEU C 257 14.13 -40.96 17.09
N ARG C 258 13.77 -42.20 16.72
CA ARG C 258 14.06 -43.39 17.51
C ARG C 258 15.55 -43.54 17.84
N GLU C 259 16.44 -43.15 16.91
CA GLU C 259 17.87 -43.37 17.04
C GLU C 259 18.44 -42.58 18.22
N ALA C 260 18.95 -43.26 19.25
CA ALA C 260 19.77 -42.63 20.29
C ALA C 260 21.17 -42.38 19.72
N PRO C 261 21.77 -41.17 19.88
CA PRO C 261 22.96 -40.83 19.11
C PRO C 261 24.32 -41.32 19.63
N GLY C 262 24.47 -41.58 20.93
CA GLY C 262 25.71 -42.14 21.44
C GLY C 262 26.84 -41.11 21.58
N ARG C 263 26.69 -39.91 20.98
CA ARG C 263 27.61 -38.80 21.17
C ARG C 263 26.85 -37.47 21.23
N PRO C 264 27.40 -36.43 21.88
CA PRO C 264 26.59 -35.31 22.34
C PRO C 264 25.74 -34.69 21.24
N ARG C 265 24.42 -34.59 21.47
CA ARG C 265 23.51 -34.03 20.50
C ARG C 265 23.36 -32.53 20.75
N VAL C 266 23.52 -31.75 19.68
CA VAL C 266 23.42 -30.31 19.71
C VAL C 266 22.31 -29.91 18.74
N VAL C 267 21.33 -29.16 19.24
CA VAL C 267 20.19 -28.73 18.45
C VAL C 267 20.29 -27.23 18.24
N LEU C 268 19.95 -26.80 17.02
CA LEU C 268 19.97 -25.41 16.62
C LEU C 268 18.62 -25.06 15.99
N THR C 269 17.91 -24.08 16.58
CA THR C 269 16.62 -23.63 16.07
C THR C 269 16.70 -22.14 15.72
N SER C 270 15.95 -21.72 14.69
CA SER C 270 15.71 -20.32 14.40
C SER C 270 14.29 -20.11 13.87
N PHE C 282 25.08 -10.53 11.58
CA PHE C 282 25.32 -11.59 12.59
C PHE C 282 25.73 -12.86 11.85
N MET C 283 26.39 -13.79 12.56
CA MET C 283 27.13 -14.88 11.91
C MET C 283 26.19 -15.68 11.02
N PRO C 284 26.44 -15.77 9.69
CA PRO C 284 25.55 -16.52 8.79
C PRO C 284 25.32 -17.95 9.28
N VAL C 285 24.11 -18.45 9.05
CA VAL C 285 23.70 -19.76 9.52
C VAL C 285 24.55 -20.84 8.83
N ALA C 286 24.90 -20.59 7.57
CA ALA C 286 25.77 -21.49 6.81
C ALA C 286 27.09 -21.71 7.56
N ASP C 287 27.66 -20.64 8.15
CA ASP C 287 28.93 -20.73 8.85
C ASP C 287 28.77 -21.47 10.17
N MET C 288 27.60 -21.30 10.80
CA MET C 288 27.30 -21.97 12.06
C MET C 288 27.27 -23.47 11.84
N ILE C 289 26.59 -23.89 10.76
CA ILE C 289 26.46 -25.30 10.41
C ILE C 289 27.84 -25.91 10.16
N ASN C 290 28.69 -25.19 9.42
CA ASN C 290 30.01 -25.69 9.03
C ASN C 290 30.91 -25.81 10.26
N THR C 291 30.84 -24.85 11.18
CA THR C 291 31.60 -24.95 12.42
C THR C 291 31.16 -26.18 13.22
N LEU C 292 29.84 -26.35 13.39
CA LEU C 292 29.30 -27.44 14.17
C LEU C 292 29.57 -28.77 13.47
N GLY C 293 29.62 -28.74 12.13
CA GLY C 293 29.94 -29.90 11.30
C GLY C 293 31.33 -30.48 11.58
N SER C 294 32.27 -29.64 12.06
CA SER C 294 33.64 -30.06 12.30
C SER C 294 33.83 -30.61 13.73
N MET C 295 32.77 -30.67 14.53
CA MET C 295 32.93 -30.94 15.95
C MET C 295 32.49 -32.38 16.24
N ASP C 296 32.88 -32.89 17.41
CA ASP C 296 32.60 -34.27 17.80
C ASP C 296 31.21 -34.34 18.45
N ILE C 297 30.18 -34.09 17.62
CA ILE C 297 28.81 -33.96 18.07
C ILE C 297 27.88 -34.41 16.95
N ASP C 298 26.63 -34.70 17.34
CA ASP C 298 25.52 -34.91 16.41
C ASP C 298 24.69 -33.63 16.38
N VAL C 299 24.33 -33.16 15.19
CA VAL C 299 23.67 -31.88 15.04
C VAL C 299 22.30 -32.09 14.39
N VAL C 300 21.26 -31.47 14.99
CA VAL C 300 19.97 -31.33 14.34
C VAL C 300 19.66 -29.85 14.22
N ALA C 301 19.43 -29.38 12.99
CA ALA C 301 19.12 -27.98 12.74
C ALA C 301 17.71 -27.87 12.17
N ALA C 302 16.81 -27.23 12.93
CA ALA C 302 15.47 -26.89 12.48
C ALA C 302 15.50 -25.50 11.86
N LEU C 303 15.49 -25.43 10.52
CA LEU C 303 15.67 -24.19 9.78
C LEU C 303 14.53 -24.00 8.77
N PRO C 304 14.08 -22.75 8.52
CA PRO C 304 13.00 -22.49 7.55
C PRO C 304 13.36 -22.82 6.10
N PRO C 305 12.40 -22.73 5.15
CA PRO C 305 12.64 -23.15 3.76
C PRO C 305 13.92 -22.63 3.10
N GLU C 306 14.07 -21.30 3.02
CA GLU C 306 15.06 -20.68 2.14
C GLU C 306 16.44 -20.70 2.76
N GLU C 307 16.52 -20.77 4.10
CA GLU C 307 17.80 -20.93 4.78
C GLU C 307 18.40 -22.30 4.48
N VAL C 308 17.53 -23.30 4.28
CA VAL C 308 17.95 -24.64 3.88
C VAL C 308 18.83 -24.55 2.64
N GLU C 309 18.41 -23.76 1.64
CA GLU C 309 19.04 -23.72 0.34
C GLU C 309 20.09 -22.63 0.24
N ALA C 310 20.17 -21.75 1.24
CA ALA C 310 21.26 -20.78 1.35
C ALA C 310 22.58 -21.49 1.67
N LEU C 311 22.51 -22.74 2.14
CA LEU C 311 23.70 -23.54 2.41
C LEU C 311 23.99 -24.44 1.21
N GLU C 312 25.26 -24.83 1.06
CA GLU C 312 25.69 -25.71 -0.02
C GLU C 312 25.75 -27.15 0.47
N LYS C 313 26.71 -27.46 1.34
CA LYS C 313 26.91 -28.84 1.80
C LYS C 313 26.40 -29.02 3.23
N VAL C 314 25.70 -30.14 3.45
CA VAL C 314 25.28 -30.57 4.78
C VAL C 314 26.37 -31.48 5.37
N PRO C 315 27.08 -31.09 6.45
CA PRO C 315 28.09 -31.97 7.04
C PRO C 315 27.55 -33.34 7.40
N ALA C 316 28.46 -34.30 7.57
CA ALA C 316 28.11 -35.69 7.81
C ALA C 316 27.37 -35.84 9.14
N ASN C 317 27.67 -34.99 10.14
CA ASN C 317 27.13 -35.16 11.49
C ASN C 317 25.79 -34.44 11.66
N THR C 318 25.25 -33.86 10.58
CA THR C 318 24.19 -32.86 10.66
C THR C 318 22.94 -33.34 9.91
N ARG C 319 21.80 -33.25 10.59
CA ARG C 319 20.49 -33.42 9.96
C ARG C 319 19.78 -32.07 9.93
N ILE C 320 19.22 -31.71 8.78
CA ILE C 320 18.49 -30.47 8.62
C ILE C 320 17.02 -30.79 8.33
N VAL C 321 16.12 -30.12 9.07
CA VAL C 321 14.68 -30.33 8.98
C VAL C 321 14.00 -28.96 9.02
N ASP C 322 12.74 -28.88 8.56
CA ASP C 322 11.97 -27.65 8.66
C ASP C 322 11.33 -27.57 10.04
N PHE C 323 10.59 -28.64 10.38
CA PHE C 323 9.88 -28.75 11.65
C PHE C 323 10.43 -29.95 12.40
N VAL C 324 10.44 -29.84 13.73
CA VAL C 324 10.83 -30.94 14.60
C VAL C 324 9.99 -30.82 15.87
N PRO C 325 9.44 -31.93 16.41
CA PRO C 325 8.77 -31.90 17.71
C PRO C 325 9.82 -31.75 18.81
N LEU C 326 10.06 -30.49 19.17
CA LEU C 326 11.19 -30.12 20.01
C LEU C 326 11.12 -30.85 21.34
N HIS C 327 9.91 -31.00 21.94
CA HIS C 327 9.80 -31.64 23.24
C HIS C 327 10.19 -33.11 23.17
N ALA C 328 9.92 -33.76 22.02
CA ALA C 328 10.29 -35.15 21.81
C ALA C 328 11.77 -35.27 21.47
N LEU C 329 12.32 -34.25 20.80
CA LEU C 329 13.72 -34.25 20.39
C LEU C 329 14.70 -33.98 21.55
N LEU C 330 14.35 -33.12 22.50
CA LEU C 330 15.35 -32.56 23.40
C LEU C 330 15.74 -33.50 24.55
N PRO C 331 14.95 -34.52 24.98
CA PRO C 331 15.43 -35.44 26.00
C PRO C 331 16.80 -36.01 25.63
N GLY C 332 17.74 -35.92 26.57
CA GLY C 332 19.09 -36.42 26.39
C GLY C 332 20.01 -35.52 25.56
N ALA C 333 19.48 -34.49 24.86
CA ALA C 333 20.33 -33.57 24.11
C ALA C 333 21.27 -32.84 25.06
N SER C 334 22.40 -32.36 24.52
CA SER C 334 23.44 -31.74 25.33
C SER C 334 23.34 -30.21 25.30
N VAL C 335 22.96 -29.63 24.15
CA VAL C 335 22.91 -28.19 23.96
C VAL C 335 21.73 -27.85 23.04
N LEU C 336 21.00 -26.79 23.39
CA LEU C 336 20.12 -26.11 22.44
C LEU C 336 20.67 -24.71 22.19
N ILE C 337 20.83 -24.38 20.90
CA ILE C 337 21.28 -23.07 20.45
C ILE C 337 20.07 -22.35 19.85
N HIS C 338 19.75 -21.16 20.38
CA HIS C 338 18.60 -20.42 19.90
C HIS C 338 18.70 -18.96 20.32
N HIS C 339 17.75 -18.15 19.84
CA HIS C 339 17.75 -16.70 19.95
C HIS C 339 17.03 -16.21 21.20
N GLY C 340 16.41 -17.09 22.00
CA GLY C 340 15.85 -16.73 23.30
C GLY C 340 14.32 -16.70 23.35
N GLY C 341 13.68 -17.14 22.25
CA GLY C 341 12.24 -17.35 22.21
C GLY C 341 11.79 -18.33 23.28
N PHE C 342 10.54 -18.18 23.76
CA PHE C 342 10.07 -18.89 24.93
C PHE C 342 9.87 -20.38 24.63
N GLY C 343 9.40 -20.71 23.42
CA GLY C 343 9.18 -22.10 23.05
C GLY C 343 10.43 -22.95 23.21
N SER C 344 11.54 -22.45 22.65
CA SER C 344 12.85 -23.06 22.76
C SER C 344 13.35 -23.04 24.21
N TRP C 345 13.32 -21.86 24.82
CA TRP C 345 13.82 -21.67 26.17
C TRP C 345 13.12 -22.60 27.14
N GLY C 346 11.79 -22.60 27.06
CA GLY C 346 10.97 -23.38 27.98
C GLY C 346 11.10 -24.88 27.73
N THR C 347 11.19 -25.28 26.47
CA THR C 347 11.25 -26.70 26.15
C THR C 347 12.62 -27.28 26.55
N ALA C 348 13.69 -26.51 26.32
CA ALA C 348 15.01 -26.89 26.82
C ALA C 348 14.99 -26.93 28.34
N LEU C 349 14.32 -25.96 28.96
CA LEU C 349 14.29 -25.89 30.42
C LEU C 349 13.67 -27.14 31.01
N VAL C 350 12.52 -27.59 30.46
CA VAL C 350 11.82 -28.72 31.06
C VAL C 350 12.58 -30.02 30.78
N ASN C 351 13.48 -30.00 29.79
CA ASN C 351 14.27 -31.18 29.48
C ASN C 351 15.64 -31.12 30.14
N GLY C 352 15.95 -30.06 30.91
CA GLY C 352 17.23 -29.93 31.59
C GLY C 352 18.40 -29.75 30.61
N VAL C 353 18.17 -29.24 29.41
CA VAL C 353 19.19 -29.09 28.40
C VAL C 353 19.85 -27.72 28.52
N PRO C 354 21.19 -27.65 28.73
CA PRO C 354 21.93 -26.38 28.69
C PRO C 354 21.70 -25.65 27.37
N GLN C 355 21.59 -24.32 27.50
CA GLN C 355 21.23 -23.48 26.37
C GLN C 355 22.39 -22.53 26.07
N PHE C 356 22.63 -22.35 24.77
CA PHE C 356 23.51 -21.31 24.27
C PHE C 356 22.67 -20.33 23.46
N ILE C 357 22.64 -19.08 23.93
CA ILE C 357 21.73 -18.08 23.42
C ILE C 357 22.54 -16.88 22.92
N PRO C 358 22.91 -16.88 21.62
CA PRO C 358 23.42 -15.68 20.96
C PRO C 358 22.26 -14.82 20.49
N THR C 359 22.08 -13.64 21.10
CA THR C 359 20.86 -12.88 20.85
C THR C 359 21.12 -11.39 21.03
N ILE C 360 20.02 -10.63 20.95
CA ILE C 360 20.02 -9.17 21.02
C ILE C 360 19.08 -8.73 22.14
N ARG C 361 19.14 -7.42 22.48
CA ARG C 361 18.27 -6.87 23.50
C ARG C 361 16.92 -6.51 22.87
N TYR C 362 16.19 -7.54 22.48
CA TYR C 362 14.87 -7.43 21.91
C TYR C 362 13.90 -8.26 22.75
N ALA C 363 12.69 -7.74 22.96
CA ALA C 363 11.76 -8.31 23.92
C ALA C 363 12.53 -8.68 25.19
N ASP C 364 12.31 -9.92 25.69
CA ASP C 364 12.98 -10.38 26.90
C ASP C 364 14.07 -11.38 26.55
N TRP C 365 14.48 -11.43 25.28
CA TRP C 365 15.43 -12.44 24.84
C TRP C 365 16.73 -12.36 25.62
N TRP C 366 17.21 -11.14 25.87
CA TRP C 366 18.46 -10.94 26.57
C TRP C 366 18.33 -11.45 28.01
N ASN C 367 17.19 -11.17 28.63
CA ASN C 367 16.91 -11.60 29.99
C ASN C 367 16.80 -13.12 30.06
N LYS C 368 16.27 -13.73 28.99
CA LYS C 368 16.16 -15.18 28.90
C LYS C 368 17.56 -15.78 28.94
N GLY C 369 18.49 -15.16 28.19
CA GLY C 369 19.89 -15.58 28.19
C GLY C 369 20.58 -15.31 29.52
N THR C 370 20.47 -14.08 30.05
CA THR C 370 21.22 -13.70 31.23
C THR C 370 20.71 -14.47 32.45
N SER C 371 19.39 -14.73 32.54
CA SER C 371 18.84 -15.47 33.67
C SER C 371 19.52 -16.84 33.78
N LEU C 372 19.69 -17.54 32.65
CA LEU C 372 20.33 -18.86 32.65
C LEU C 372 21.84 -18.72 32.92
N HIS C 373 22.47 -17.72 32.31
CA HIS C 373 23.89 -17.45 32.52
C HIS C 373 24.20 -17.26 34.01
N GLU C 374 23.46 -16.37 34.70
CA GLU C 374 23.68 -16.11 36.11
C GLU C 374 23.44 -17.36 36.95
N ALA C 375 22.53 -18.24 36.52
CA ALA C 375 22.22 -19.45 37.27
C ALA C 375 23.27 -20.53 37.00
N GLY C 376 24.12 -20.31 35.99
CA GLY C 376 25.13 -21.29 35.60
C GLY C 376 24.57 -22.45 34.76
N ALA C 377 23.38 -22.26 34.18
CA ALA C 377 22.68 -23.32 33.44
C ALA C 377 22.92 -23.21 31.93
N GLY C 378 23.41 -22.06 31.47
CA GLY C 378 23.72 -21.88 30.06
C GLY C 378 24.61 -20.67 29.84
N LEU C 379 24.76 -20.28 28.57
CA LEU C 379 25.60 -19.16 28.17
C LEU C 379 24.83 -18.24 27.25
N VAL C 380 24.94 -16.94 27.49
CA VAL C 380 24.43 -15.90 26.59
C VAL C 380 25.61 -15.10 26.03
N VAL C 381 25.47 -14.66 24.79
CA VAL C 381 26.42 -13.76 24.17
C VAL C 381 25.65 -12.88 23.20
N HIS C 382 26.14 -11.65 22.96
CA HIS C 382 25.50 -10.80 21.97
C HIS C 382 25.73 -11.40 20.58
N ALA C 383 24.68 -11.41 19.75
CA ALA C 383 24.73 -12.03 18.45
C ALA C 383 25.86 -11.45 17.58
N SER C 384 26.17 -10.16 17.78
CA SER C 384 27.17 -9.47 17.00
C SER C 384 28.57 -10.00 17.30
N GLU C 385 28.77 -10.59 18.49
CA GLU C 385 30.05 -11.12 18.89
C GLU C 385 30.21 -12.61 18.55
N LEU C 386 29.25 -13.20 17.84
CA LEU C 386 29.33 -14.62 17.58
C LEU C 386 30.25 -14.88 16.37
N THR C 387 31.29 -15.67 16.62
CA THR C 387 32.24 -16.13 15.62
C THR C 387 32.32 -17.66 15.70
N ALA C 388 32.99 -18.27 14.71
CA ALA C 388 33.25 -19.70 14.71
C ALA C 388 33.95 -20.12 16.00
N GLU C 389 34.89 -19.28 16.49
CA GLU C 389 35.68 -19.57 17.66
C GLU C 389 34.79 -19.59 18.93
N VAL C 390 33.92 -18.58 19.04
CA VAL C 390 33.05 -18.42 20.19
C VAL C 390 32.00 -19.55 20.20
N LEU C 391 31.41 -19.82 19.02
CA LEU C 391 30.45 -20.91 18.86
C LEU C 391 31.05 -22.24 19.34
N ARG C 392 32.22 -22.59 18.79
CA ARG C 392 32.89 -23.83 19.11
C ARG C 392 33.19 -23.91 20.61
N GLU C 393 33.78 -22.84 21.15
CA GLU C 393 34.24 -22.86 22.54
C GLU C 393 33.05 -22.97 23.49
N SER C 394 31.97 -22.23 23.19
CA SER C 394 30.78 -22.21 24.03
C SER C 394 30.13 -23.60 24.08
N VAL C 395 29.96 -24.21 22.90
CA VAL C 395 29.37 -25.54 22.81
C VAL C 395 30.22 -26.55 23.58
N GLU C 396 31.54 -26.50 23.38
CA GLU C 396 32.45 -27.42 24.07
C GLU C 396 32.27 -27.29 25.58
N ARG C 397 32.17 -26.05 26.07
CA ARG C 397 32.07 -25.80 27.50
C ARG C 397 30.76 -26.36 28.06
N LEU C 398 29.65 -26.21 27.31
CA LEU C 398 28.34 -26.67 27.76
C LEU C 398 28.25 -28.20 27.73
N VAL C 399 29.00 -28.82 26.81
CA VAL C 399 29.10 -30.27 26.73
C VAL C 399 29.99 -30.82 27.84
N GLU C 400 31.19 -30.23 28.04
CA GLU C 400 32.23 -30.83 28.86
C GLU C 400 32.04 -30.49 30.34
N ASP C 401 31.73 -29.23 30.64
CA ASP C 401 31.61 -28.78 32.02
C ASP C 401 30.23 -29.19 32.55
N ALA C 402 30.23 -30.11 33.52
CA ALA C 402 29.04 -30.76 34.04
C ALA C 402 28.20 -29.82 34.89
N SER C 403 28.77 -28.67 35.29
CA SER C 403 28.07 -27.73 36.15
C SER C 403 26.87 -27.10 35.43
N TYR C 404 26.94 -27.04 34.09
CA TYR C 404 25.85 -26.53 33.27
C TYR C 404 24.64 -27.47 33.33
N ARG C 405 24.83 -28.76 33.03
CA ARG C 405 23.77 -29.74 33.16
C ARG C 405 23.20 -29.75 34.58
N GLU C 406 24.04 -29.60 35.60
CA GLU C 406 23.58 -29.68 36.98
C GLU C 406 22.68 -28.50 37.32
N ALA C 407 23.08 -27.29 36.88
CA ALA C 407 22.29 -26.09 37.09
C ALA C 407 20.98 -26.16 36.30
N ALA C 408 21.04 -26.64 35.04
CA ALA C 408 19.86 -26.84 34.22
C ALA C 408 18.89 -27.80 34.89
N GLU C 409 19.43 -28.83 35.55
CA GLU C 409 18.63 -29.86 36.18
C GLU C 409 17.88 -29.27 37.37
N ARG C 410 18.53 -28.36 38.10
CA ARG C 410 17.87 -27.70 39.22
C ARG C 410 16.69 -26.86 38.74
N LEU C 411 16.83 -26.18 37.60
CA LEU C 411 15.76 -25.36 37.03
C LEU C 411 14.61 -26.25 36.54
N ARG C 412 14.98 -27.37 35.89
CA ARG C 412 14.01 -28.37 35.50
C ARG C 412 13.17 -28.76 36.71
N GLU C 413 13.82 -29.04 37.84
CA GLU C 413 13.12 -29.49 39.03
C GLU C 413 12.25 -28.38 39.59
N GLU C 414 12.70 -27.12 39.49
CA GLU C 414 11.90 -26.00 39.97
C GLU C 414 10.60 -25.91 39.16
N ASN C 415 10.70 -26.00 37.82
CA ASN C 415 9.53 -25.99 36.96
C ASN C 415 8.58 -27.14 37.35
N GLN C 416 9.17 -28.31 37.59
CA GLN C 416 8.40 -29.54 37.82
C GLN C 416 7.70 -29.47 39.18
N ARG C 417 8.16 -28.62 40.11
CA ARG C 417 7.44 -28.45 41.37
C ARG C 417 6.31 -27.43 41.22
N THR C 418 6.28 -26.66 40.12
CA THR C 418 5.22 -25.67 39.96
C THR C 418 3.92 -26.40 39.61
N PRO C 419 2.78 -25.97 40.19
CA PRO C 419 1.48 -26.54 39.83
C PRO C 419 1.23 -26.45 38.32
N THR C 420 0.63 -27.52 37.78
CA THR C 420 0.27 -27.61 36.37
C THR C 420 -0.92 -26.71 36.09
N PRO C 421 -1.19 -26.42 34.79
CA PRO C 421 -2.45 -25.81 34.38
C PRO C 421 -3.67 -26.45 35.04
N HIS C 422 -3.71 -27.80 35.02
CA HIS C 422 -4.74 -28.55 35.71
C HIS C 422 -4.90 -28.07 37.15
N ASP C 423 -3.79 -28.02 37.89
CA ASP C 423 -3.81 -27.67 39.31
C ASP C 423 -4.26 -26.23 39.54
N VAL C 424 -3.97 -25.31 38.61
CA VAL C 424 -4.32 -23.91 38.88
C VAL C 424 -5.73 -23.58 38.41
N VAL C 425 -6.43 -24.51 37.75
CA VAL C 425 -7.80 -24.23 37.31
C VAL C 425 -8.66 -23.70 38.45
N PRO C 426 -8.74 -24.37 39.64
CA PRO C 426 -9.57 -23.86 40.74
C PRO C 426 -9.16 -22.48 41.25
N VAL C 427 -7.86 -22.19 41.25
CA VAL C 427 -7.35 -20.87 41.63
C VAL C 427 -7.90 -19.81 40.69
N ILE C 428 -7.86 -20.10 39.39
CA ILE C 428 -8.36 -19.16 38.38
C ILE C 428 -9.88 -18.99 38.54
N GLU C 429 -10.60 -20.07 38.86
CA GLU C 429 -12.05 -20.00 39.11
C GLU C 429 -12.34 -19.08 40.30
N GLU C 430 -11.61 -19.25 41.41
CA GLU C 430 -11.83 -18.44 42.61
C GLU C 430 -11.50 -16.98 42.34
N LEU C 431 -10.38 -16.71 41.65
CA LEU C 431 -9.99 -15.35 41.37
C LEU C 431 -11.01 -14.68 40.44
N THR C 432 -11.61 -15.47 39.54
CA THR C 432 -12.62 -14.92 38.64
C THR C 432 -13.88 -14.52 39.42
N ALA C 433 -14.29 -15.37 40.37
CA ALA C 433 -15.44 -15.09 41.23
C ALA C 433 -15.18 -13.83 42.05
N GLU C 434 -13.96 -13.71 42.61
CA GLU C 434 -13.59 -12.57 43.42
C GLU C 434 -13.58 -11.28 42.61
N HIS C 435 -13.04 -11.27 41.38
CA HIS C 435 -12.71 -10.04 40.69
C HIS C 435 -13.72 -9.70 39.61
N GLY C 436 -14.54 -10.66 39.18
CA GLY C 436 -15.41 -10.43 38.04
C GLY C 436 -16.75 -9.87 38.50
N ARG C 437 -17.72 -9.90 37.58
CA ARG C 437 -19.11 -9.57 37.87
C ARG C 437 -19.60 -10.37 39.09
N SER D 19 4.91 -40.28 38.81
CA SER D 19 3.46 -40.01 38.54
C SER D 19 3.23 -39.36 37.18
N HIS D 20 4.29 -38.81 36.54
CA HIS D 20 4.26 -38.35 35.16
C HIS D 20 4.17 -39.52 34.19
N MET D 21 3.15 -39.53 33.30
CA MET D 21 2.89 -40.67 32.44
C MET D 21 3.18 -40.31 30.99
N ARG D 22 3.53 -41.35 30.22
CA ARG D 22 3.41 -41.33 28.78
C ARG D 22 2.12 -42.04 28.41
N ILE D 23 1.26 -41.33 27.66
CA ILE D 23 -0.07 -41.82 27.34
C ILE D 23 -0.21 -41.85 25.83
N LEU D 24 -0.49 -43.05 25.31
CA LEU D 24 -0.69 -43.22 23.88
C LEU D 24 -2.18 -43.40 23.60
N PHE D 25 -2.74 -42.45 22.83
CA PHE D 25 -4.08 -42.58 22.29
C PHE D 25 -3.98 -43.32 20.96
N ALA D 26 -4.91 -44.25 20.73
CA ALA D 26 -4.97 -44.99 19.47
C ALA D 26 -6.39 -44.96 18.92
N THR D 27 -6.49 -44.61 17.63
CA THR D 27 -7.76 -44.59 16.94
C THR D 27 -7.56 -45.01 15.47
N VAL D 28 -8.59 -45.68 14.96
CA VAL D 28 -8.76 -45.92 13.55
C VAL D 28 -8.84 -44.55 12.87
N SER D 29 -8.59 -44.55 11.57
CA SER D 29 -8.40 -43.31 10.82
C SER D 29 -9.74 -42.69 10.44
N GLU D 30 -10.58 -42.37 11.43
CA GLU D 30 -11.79 -41.62 11.23
C GLU D 30 -11.73 -40.34 12.04
N LYS D 31 -11.86 -39.19 11.37
CA LYS D 31 -11.90 -37.90 12.05
C LYS D 31 -12.98 -37.90 13.14
N SER D 32 -14.15 -38.47 12.82
CA SER D 32 -15.29 -38.44 13.72
C SER D 32 -14.95 -39.14 15.04
N HIS D 33 -14.21 -40.26 14.98
CA HIS D 33 -13.75 -40.95 16.17
C HIS D 33 -12.69 -40.14 16.90
N LEU D 34 -11.68 -39.65 16.17
CA LEU D 34 -10.60 -38.84 16.73
C LEU D 34 -11.14 -37.69 17.56
N PHE D 35 -12.10 -36.93 17.02
CA PHE D 35 -12.59 -35.72 17.67
C PHE D 35 -13.23 -36.02 19.02
N THR D 36 -13.77 -37.24 19.20
CA THR D 36 -14.40 -37.59 20.46
C THR D 36 -13.37 -37.74 21.58
N MET D 37 -12.08 -37.90 21.22
CA MET D 37 -11.04 -38.24 22.18
C MET D 37 -10.26 -36.99 22.59
N VAL D 38 -10.47 -35.86 21.90
CA VAL D 38 -9.58 -34.72 22.01
C VAL D 38 -9.65 -34.09 23.40
N PRO D 39 -10.85 -33.82 23.97
CA PRO D 39 -10.89 -33.20 25.30
C PRO D 39 -10.21 -34.04 26.38
N LEU D 40 -10.36 -35.37 26.34
CA LEU D 40 -9.72 -36.20 27.35
C LEU D 40 -8.21 -36.17 27.18
N ALA D 41 -7.75 -36.28 25.93
CA ALA D 41 -6.33 -36.21 25.63
C ALA D 41 -5.74 -34.90 26.17
N TRP D 42 -6.42 -33.77 25.92
CA TRP D 42 -5.92 -32.48 26.39
C TRP D 42 -6.03 -32.35 27.91
N SER D 43 -7.02 -33.01 28.54
CA SER D 43 -7.13 -32.96 30.00
C SER D 43 -5.86 -33.58 30.61
N LEU D 44 -5.38 -34.66 29.99
CA LEU D 44 -4.24 -35.39 30.52
C LEU D 44 -2.95 -34.62 30.25
N ALA D 45 -2.85 -34.02 29.06
CA ALA D 45 -1.71 -33.18 28.71
C ALA D 45 -1.63 -31.99 29.66
N ALA D 46 -2.79 -31.42 30.02
CA ALA D 46 -2.85 -30.24 30.88
C ALA D 46 -2.41 -30.58 32.31
N ALA D 47 -2.48 -31.86 32.68
CA ALA D 47 -2.03 -32.32 33.99
C ALA D 47 -0.55 -32.71 33.95
N GLY D 48 0.13 -32.47 32.83
CA GLY D 48 1.57 -32.63 32.76
C GLY D 48 2.01 -33.92 32.09
N HIS D 49 1.08 -34.78 31.66
CA HIS D 49 1.44 -36.04 31.01
C HIS D 49 1.78 -35.79 29.55
N GLU D 50 2.63 -36.67 28.99
CA GLU D 50 2.95 -36.64 27.58
C GLU D 50 1.90 -37.46 26.84
N VAL D 51 1.28 -36.86 25.82
CA VAL D 51 0.17 -37.49 25.13
C VAL D 51 0.49 -37.52 23.64
N HIS D 52 0.56 -38.73 23.09
CA HIS D 52 0.73 -38.93 21.67
C HIS D 52 -0.48 -39.67 21.12
N VAL D 53 -0.89 -39.29 19.92
CA VAL D 53 -2.04 -39.87 19.26
C VAL D 53 -1.58 -40.60 18.00
N ALA D 54 -1.80 -41.93 17.99
CA ALA D 54 -1.39 -42.78 16.89
C ALA D 54 -2.59 -43.19 16.03
N SER D 55 -2.39 -43.10 14.72
CA SER D 55 -3.30 -43.64 13.73
C SER D 55 -2.54 -43.82 12.41
N ASN D 56 -3.25 -44.35 11.39
CA ASN D 56 -2.74 -44.49 10.03
C ASN D 56 -2.37 -43.11 9.48
N PRO D 57 -1.47 -43.03 8.47
CA PRO D 57 -1.10 -41.78 7.82
C PRO D 57 -2.25 -40.89 7.35
N ALA D 58 -3.37 -41.48 6.93
CA ALA D 58 -4.50 -40.69 6.46
C ALA D 58 -5.02 -39.73 7.54
N LEU D 59 -4.81 -40.05 8.84
CA LEU D 59 -5.35 -39.21 9.91
C LEU D 59 -4.35 -38.15 10.40
N THR D 60 -3.12 -38.17 9.91
CA THR D 60 -2.06 -37.34 10.48
C THR D 60 -2.45 -35.86 10.49
N ALA D 61 -2.97 -35.36 9.36
CA ALA D 61 -3.30 -33.94 9.27
C ALA D 61 -4.40 -33.60 10.27
N SER D 62 -5.39 -34.48 10.43
CA SER D 62 -6.47 -34.26 11.39
C SER D 62 -5.94 -34.21 12.81
N ILE D 63 -5.03 -35.12 13.18
CA ILE D 63 -4.49 -35.12 14.52
C ILE D 63 -3.77 -33.81 14.79
N LYS D 64 -2.99 -33.33 13.81
CA LYS D 64 -2.17 -32.16 13.98
C LYS D 64 -3.00 -30.89 14.21
N SER D 65 -4.22 -30.84 13.66
CA SER D 65 -5.11 -29.71 13.88
C SER D 65 -5.87 -29.77 15.22
N THR D 66 -5.63 -30.82 16.04
CA THR D 66 -6.20 -30.89 17.38
C THR D 66 -5.28 -30.27 18.41
N GLY D 67 -4.05 -29.92 18.00
CA GLY D 67 -3.04 -29.44 18.93
C GLY D 67 -2.17 -30.58 19.47
N LEU D 68 -2.61 -31.84 19.27
CA LEU D 68 -1.95 -32.98 19.87
C LEU D 68 -0.89 -33.52 18.91
N THR D 69 0.14 -34.16 19.49
CA THR D 69 1.22 -34.73 18.72
C THR D 69 0.79 -36.03 18.06
N ALA D 70 0.97 -36.09 16.73
CA ALA D 70 0.60 -37.23 15.91
C ALA D 70 1.77 -38.21 15.79
N VAL D 71 1.43 -39.51 15.83
CA VAL D 71 2.37 -40.57 15.50
C VAL D 71 1.78 -41.41 14.37
N PRO D 72 2.17 -41.16 13.10
CA PRO D 72 1.72 -42.00 11.98
C PRO D 72 2.25 -43.43 12.14
N VAL D 73 1.36 -44.43 12.01
CA VAL D 73 1.77 -45.82 12.11
C VAL D 73 1.16 -46.59 10.94
N GLY D 74 1.97 -47.46 10.34
CA GLY D 74 1.51 -48.41 9.34
C GLY D 74 1.08 -47.74 8.04
N LYS D 75 0.12 -48.34 7.36
CA LYS D 75 -0.32 -47.86 6.06
C LYS D 75 -1.84 -47.67 6.13
N ASP D 76 -2.39 -47.00 5.11
CA ASP D 76 -3.81 -46.75 4.98
C ASP D 76 -4.50 -48.01 4.46
N HIS D 77 -5.79 -48.13 4.76
CA HIS D 77 -6.64 -49.26 4.42
C HIS D 77 -7.68 -48.79 3.41
N ASN D 78 -8.48 -49.72 2.88
CA ASN D 78 -9.42 -49.43 1.80
C ASN D 78 -10.87 -49.60 2.28
N LEU D 79 -11.11 -49.45 3.60
CA LEU D 79 -12.44 -49.75 4.11
C LEU D 79 -13.51 -48.95 3.37
N HIS D 80 -13.26 -47.67 3.08
CA HIS D 80 -14.31 -46.81 2.52
C HIS D 80 -14.68 -47.21 1.10
N GLU D 81 -13.68 -47.62 0.29
CA GLU D 81 -13.95 -48.14 -1.05
C GLU D 81 -14.74 -49.46 -0.96
N MET D 82 -14.34 -50.35 -0.03
CA MET D 82 -15.03 -51.62 0.15
C MET D 82 -16.50 -51.38 0.50
N LEU D 83 -16.76 -50.42 1.42
CA LEU D 83 -18.10 -50.09 1.87
C LEU D 83 -18.93 -49.49 0.75
N THR D 84 -18.38 -48.52 0.00
CA THR D 84 -19.18 -47.81 -0.99
C THR D 84 -19.46 -48.75 -2.17
N GLU D 85 -18.47 -49.57 -2.55
CA GLU D 85 -18.63 -50.51 -3.66
C GLU D 85 -19.56 -51.66 -3.32
N ASN D 86 -19.78 -51.93 -2.03
CA ASN D 86 -20.61 -53.04 -1.57
C ASN D 86 -21.73 -52.50 -0.69
N ARG D 87 -22.26 -51.34 -1.09
CA ARG D 87 -23.08 -50.49 -0.24
C ARG D 87 -24.46 -51.10 0.02
N ASP D 88 -24.93 -51.93 -0.93
CA ASP D 88 -26.25 -52.54 -0.86
C ASP D 88 -26.25 -53.72 0.10
N SER D 89 -25.09 -54.13 0.61
CA SER D 89 -25.01 -55.18 1.61
C SER D 89 -24.74 -54.59 3.00
N LEU D 90 -24.74 -53.24 3.09
CA LEU D 90 -24.22 -52.50 4.24
C LEU D 90 -25.16 -52.69 5.45
N GLU D 91 -26.43 -52.31 5.28
CA GLU D 91 -27.41 -52.48 6.32
C GLU D 91 -28.12 -53.82 6.10
N ASN D 92 -27.78 -54.81 6.93
CA ASN D 92 -28.36 -56.14 6.83
C ASN D 92 -28.37 -56.72 8.24
N PRO D 93 -29.07 -57.85 8.50
CA PRO D 93 -29.21 -58.35 9.87
C PRO D 93 -27.88 -58.57 10.61
N LEU D 94 -26.80 -58.94 9.91
CA LEU D 94 -25.54 -59.27 10.57
C LEU D 94 -24.71 -58.02 10.91
N SER D 95 -25.08 -56.86 10.34
CA SER D 95 -24.43 -55.61 10.69
C SER D 95 -25.26 -54.83 11.71
N ASP D 96 -26.39 -55.41 12.12
CA ASP D 96 -27.29 -54.77 13.07
C ASP D 96 -26.93 -55.22 14.47
N TRP D 97 -26.21 -54.36 15.20
CA TRP D 97 -25.87 -54.65 16.60
C TRP D 97 -26.74 -53.84 17.56
N SER D 98 -27.86 -53.32 17.06
CA SER D 98 -28.69 -52.36 17.79
C SER D 98 -29.47 -53.01 18.94
N THR D 99 -29.69 -54.33 18.91
CA THR D 99 -30.42 -54.99 20.00
C THR D 99 -29.61 -56.20 20.49
N PRO D 100 -28.47 -55.95 21.17
CA PRO D 100 -27.60 -57.03 21.65
C PRO D 100 -28.16 -57.74 22.88
N GLU D 101 -29.10 -58.66 22.64
CA GLU D 101 -29.82 -59.36 23.70
C GLU D 101 -29.73 -60.87 23.45
N LEU D 102 -29.54 -61.66 24.52
CA LEU D 102 -29.58 -63.11 24.46
C LEU D 102 -30.82 -63.60 23.73
N ASP D 103 -31.98 -63.05 24.10
CA ASP D 103 -33.27 -63.39 23.51
C ASP D 103 -33.29 -63.27 21.99
N ARG D 104 -32.39 -62.48 21.41
CA ARG D 104 -32.45 -62.25 19.97
C ARG D 104 -31.29 -62.92 19.25
N HIS D 105 -30.46 -63.68 19.98
CA HIS D 105 -29.24 -64.24 19.40
C HIS D 105 -29.07 -65.69 19.86
N SER D 106 -29.23 -66.61 18.92
CA SER D 106 -28.69 -67.95 19.08
C SER D 106 -27.16 -67.85 19.03
N TRP D 107 -26.49 -68.93 19.42
CA TRP D 107 -25.05 -69.02 19.30
C TRP D 107 -24.59 -68.68 17.88
N GLU D 108 -25.25 -69.26 16.88
CA GLU D 108 -24.71 -69.15 15.55
C GLU D 108 -24.95 -67.74 15.00
N GLN D 109 -26.00 -67.04 15.48
CA GLN D 109 -26.24 -65.68 15.04
C GLN D 109 -25.17 -64.73 15.60
N VAL D 110 -24.86 -64.85 16.90
CA VAL D 110 -23.91 -63.95 17.53
C VAL D 110 -22.50 -64.30 17.05
N LEU D 111 -22.19 -65.61 16.87
CA LEU D 111 -20.90 -66.01 16.35
C LEU D 111 -20.71 -65.41 14.96
N MET D 112 -21.75 -65.49 14.12
CA MET D 112 -21.66 -65.02 12.75
C MET D 112 -21.41 -63.50 12.72
N LYS D 113 -22.02 -62.77 13.67
CA LYS D 113 -21.81 -61.32 13.77
C LYS D 113 -20.36 -61.00 14.07
N PHE D 114 -19.77 -61.73 15.01
CA PHE D 114 -18.36 -61.53 15.35
C PHE D 114 -17.45 -61.94 14.19
N LYS D 115 -17.79 -63.02 13.47
CA LYS D 115 -16.94 -63.47 12.38
C LYS D 115 -16.90 -62.40 11.30
N VAL D 116 -18.06 -61.86 10.94
CA VAL D 116 -18.13 -60.92 9.82
C VAL D 116 -17.58 -59.54 10.23
N SER D 117 -17.81 -59.11 11.47
CA SER D 117 -17.32 -57.81 11.90
C SER D 117 -15.78 -57.83 12.03
N VAL D 118 -15.22 -58.95 12.54
CA VAL D 118 -13.78 -59.12 12.59
C VAL D 118 -13.19 -59.12 11.17
N MET D 119 -13.75 -59.93 10.27
CA MET D 119 -13.17 -60.11 8.94
C MET D 119 -13.30 -58.81 8.15
N PHE D 120 -14.47 -58.16 8.17
CA PHE D 120 -14.66 -57.06 7.25
C PHE D 120 -14.21 -55.73 7.85
N ALA D 121 -14.61 -55.41 9.10
CA ALA D 121 -14.37 -54.08 9.63
C ALA D 121 -13.10 -54.04 10.47
N TYR D 122 -13.02 -54.88 11.52
CA TYR D 122 -11.99 -54.69 12.54
C TYR D 122 -10.60 -54.97 11.96
N GLN D 123 -10.46 -56.02 11.15
CA GLN D 123 -9.17 -56.35 10.56
C GLN D 123 -8.74 -55.28 9.57
N THR D 124 -9.67 -54.82 8.71
CA THR D 124 -9.34 -53.78 7.75
C THR D 124 -8.83 -52.52 8.46
N TYR D 125 -9.55 -52.11 9.52
CA TYR D 125 -9.22 -50.91 10.27
C TYR D 125 -7.87 -51.01 10.99
N ASN D 126 -7.55 -52.22 11.50
CA ASN D 126 -6.50 -52.38 12.49
C ASN D 126 -5.22 -53.09 11.97
N ASP D 127 -5.36 -54.09 11.09
CA ASP D 127 -4.21 -54.94 10.73
C ASP D 127 -3.16 -54.13 9.96
N CYS D 128 -3.61 -53.10 9.25
CA CYS D 128 -2.75 -52.18 8.51
C CYS D 128 -1.77 -51.40 9.42
N MET D 129 -1.96 -51.42 10.75
CA MET D 129 -1.13 -50.58 11.60
C MET D 129 -0.72 -51.25 12.89
N VAL D 130 -1.25 -52.44 13.19
CA VAL D 130 -1.06 -53.02 14.51
C VAL D 130 0.41 -53.29 14.82
N HIS D 131 1.18 -53.79 13.84
CA HIS D 131 2.57 -54.18 14.10
C HIS D 131 3.43 -52.94 14.32
N GLU D 132 3.17 -51.89 13.54
CA GLU D 132 3.87 -50.61 13.68
C GLU D 132 3.49 -49.95 15.01
N LEU D 133 2.26 -50.15 15.48
CA LEU D 133 1.85 -49.60 16.77
C LEU D 133 2.53 -50.35 17.91
N VAL D 134 2.65 -51.68 17.79
CA VAL D 134 3.37 -52.46 18.79
C VAL D 134 4.82 -51.98 18.88
N ASP D 135 5.43 -51.74 17.71
CA ASP D 135 6.81 -51.27 17.60
C ASP D 135 6.95 -49.93 18.30
N TYR D 136 6.05 -48.98 18.00
CA TYR D 136 6.12 -47.67 18.62
C TYR D 136 5.97 -47.79 20.12
N ALA D 137 5.04 -48.63 20.58
CA ALA D 137 4.83 -48.81 22.02
C ALA D 137 6.09 -49.39 22.68
N ARG D 138 6.79 -50.27 21.96
CA ARG D 138 8.03 -50.85 22.47
C ARG D 138 9.09 -49.77 22.62
N HIS D 139 9.23 -48.90 21.62
CA HIS D 139 10.15 -47.77 21.69
C HIS D 139 9.77 -46.79 22.81
N TRP D 140 8.50 -46.36 22.87
CA TRP D 140 8.13 -45.20 23.68
C TRP D 140 7.76 -45.63 25.11
N GLN D 141 7.31 -46.87 25.27
CA GLN D 141 6.96 -47.43 26.56
C GLN D 141 5.89 -46.59 27.25
N PRO D 142 4.68 -46.43 26.65
CA PRO D 142 3.59 -45.74 27.33
C PRO D 142 3.21 -46.47 28.61
N ASP D 143 2.83 -45.71 29.63
CA ASP D 143 2.27 -46.28 30.84
C ASP D 143 0.81 -46.69 30.64
N LEU D 144 0.15 -46.00 29.69
CA LEU D 144 -1.28 -46.11 29.50
C LEU D 144 -1.58 -45.94 28.01
N VAL D 145 -2.48 -46.80 27.51
CA VAL D 145 -3.02 -46.66 26.16
C VAL D 145 -4.53 -46.44 26.28
N ILE D 146 -5.02 -45.33 25.67
CA ILE D 146 -6.44 -45.09 25.61
C ILE D 146 -6.88 -45.27 24.17
N TRP D 147 -7.84 -46.19 23.96
CA TRP D 147 -8.19 -46.61 22.61
C TRP D 147 -9.67 -46.39 22.30
N ASP D 148 -9.90 -45.90 21.09
CA ASP D 148 -11.22 -45.87 20.51
C ASP D 148 -11.76 -47.31 20.50
N PRO D 149 -13.07 -47.52 20.75
CA PRO D 149 -13.59 -48.87 21.00
C PRO D 149 -13.55 -49.89 19.85
N VAL D 150 -13.26 -49.47 18.61
CA VAL D 150 -13.02 -50.42 17.54
C VAL D 150 -11.55 -50.45 17.11
N THR D 151 -10.67 -49.83 17.91
CA THR D 151 -9.25 -49.77 17.60
C THR D 151 -8.51 -50.81 18.42
N TYR D 152 -8.73 -52.08 18.06
CA TYR D 152 -8.19 -53.22 18.81
C TYR D 152 -6.66 -53.31 18.69
N ALA D 153 -6.06 -52.62 17.71
CA ALA D 153 -4.60 -52.50 17.67
C ALA D 153 -4.06 -51.92 18.98
N GLY D 154 -4.86 -51.03 19.58
CA GLY D 154 -4.46 -50.33 20.80
C GLY D 154 -4.18 -51.25 21.97
N PRO D 155 -5.15 -52.06 22.42
CA PRO D 155 -4.93 -52.95 23.57
C PRO D 155 -3.88 -54.03 23.29
N VAL D 156 -3.71 -54.42 22.03
CA VAL D 156 -2.67 -55.37 21.65
C VAL D 156 -1.31 -54.74 21.98
N ALA D 157 -1.07 -53.54 21.43
CA ALA D 157 0.17 -52.80 21.70
C ALA D 157 0.38 -52.59 23.20
N ALA D 158 -0.68 -52.25 23.93
CA ALA D 158 -0.57 -52.03 25.37
C ALA D 158 -0.11 -53.31 26.07
N ARG D 159 -0.78 -54.42 25.75
CA ARG D 159 -0.56 -55.67 26.44
C ARG D 159 0.88 -56.15 26.19
N VAL D 160 1.35 -56.00 24.94
CA VAL D 160 2.71 -56.38 24.61
C VAL D 160 3.71 -55.68 25.53
N VAL D 161 3.48 -54.42 25.93
CA VAL D 161 4.46 -53.70 26.74
C VAL D 161 4.00 -53.58 28.21
N GLY D 162 2.91 -54.25 28.57
CA GLY D 162 2.42 -54.22 29.95
C GLY D 162 1.77 -52.90 30.37
N ALA D 163 1.43 -52.03 29.41
CA ALA D 163 0.77 -50.77 29.72
C ALA D 163 -0.65 -51.04 30.23
N ALA D 164 -1.15 -50.18 31.12
CA ALA D 164 -2.58 -50.16 31.39
C ALA D 164 -3.31 -49.69 30.12
N HIS D 165 -4.59 -50.05 29.96
CA HIS D 165 -5.31 -49.60 28.79
C HIS D 165 -6.82 -49.58 29.08
N ALA D 166 -7.50 -48.63 28.41
CA ALA D 166 -8.91 -48.40 28.61
C ALA D 166 -9.54 -47.94 27.30
N ARG D 167 -10.80 -48.34 27.09
CA ARG D 167 -11.60 -47.80 26.00
C ARG D 167 -12.06 -46.40 26.40
N LEU D 168 -12.15 -45.52 25.40
CA LEU D 168 -12.87 -44.26 25.54
C LEU D 168 -14.06 -44.27 24.58
N LEU D 169 -15.27 -44.21 25.15
CA LEU D 169 -16.51 -44.49 24.43
C LEU D 169 -17.17 -43.21 23.91
N TRP D 170 -17.46 -43.22 22.60
CA TRP D 170 -18.38 -42.32 21.94
C TRP D 170 -19.73 -43.02 21.74
N CYS D 171 -19.80 -44.31 22.11
CA CYS D 171 -20.88 -45.18 21.66
C CYS D 171 -21.73 -45.65 22.83
N ILE D 172 -23.04 -45.77 22.57
CA ILE D 172 -23.84 -46.67 23.37
C ILE D 172 -23.24 -48.05 23.16
N ASP D 173 -22.95 -48.77 24.25
CA ASP D 173 -21.92 -49.80 24.26
C ASP D 173 -22.47 -51.14 23.78
N ILE D 174 -22.94 -51.14 22.53
CA ILE D 174 -23.43 -52.33 21.86
C ILE D 174 -22.29 -53.32 21.67
N TYR D 175 -21.04 -52.82 21.60
CA TYR D 175 -19.90 -53.67 21.35
C TYR D 175 -19.64 -54.59 22.55
N ALA D 176 -19.56 -54.03 23.76
CA ALA D 176 -19.29 -54.81 24.94
C ALA D 176 -20.53 -55.64 25.32
N LYS D 177 -21.70 -55.13 24.99
CA LYS D 177 -22.93 -55.84 25.30
C LYS D 177 -23.09 -57.05 24.38
N MET D 178 -22.82 -56.89 23.08
CA MET D 178 -22.85 -58.00 22.16
C MET D 178 -21.78 -59.03 22.55
N ARG D 179 -20.64 -58.56 23.07
CA ARG D 179 -19.61 -59.48 23.52
C ARG D 179 -20.10 -60.30 24.71
N GLU D 180 -20.84 -59.68 25.62
CA GLU D 180 -21.40 -60.39 26.77
C GLU D 180 -22.35 -61.50 26.29
N VAL D 181 -23.23 -61.18 25.31
CA VAL D 181 -24.14 -62.14 24.71
C VAL D 181 -23.32 -63.27 24.09
N PHE D 182 -22.28 -62.91 23.32
CA PHE D 182 -21.40 -63.87 22.69
C PHE D 182 -20.82 -64.83 23.71
N LEU D 183 -20.30 -64.32 24.83
CA LEU D 183 -19.62 -65.17 25.81
C LEU D 183 -20.61 -66.08 26.54
N ALA D 184 -21.85 -65.60 26.75
CA ALA D 184 -22.88 -66.41 27.38
C ALA D 184 -23.22 -67.62 26.48
N ARG D 185 -23.33 -67.38 25.16
CA ARG D 185 -23.65 -68.43 24.21
C ARG D 185 -22.46 -69.37 24.01
N LEU D 186 -21.23 -68.82 24.02
CA LEU D 186 -20.03 -69.63 23.90
C LEU D 186 -19.98 -70.67 25.03
N ALA D 187 -20.32 -70.25 26.24
CA ALA D 187 -20.27 -71.10 27.43
C ALA D 187 -21.26 -72.26 27.34
N GLU D 188 -22.34 -72.11 26.56
CA GLU D 188 -23.34 -73.15 26.36
C GLU D 188 -22.90 -74.20 25.34
N GLN D 189 -21.79 -74.00 24.64
CA GLN D 189 -21.42 -74.89 23.55
C GLN D 189 -20.50 -76.00 24.07
N PRO D 190 -20.56 -77.20 23.45
CA PRO D 190 -19.57 -78.24 23.69
C PRO D 190 -18.20 -77.74 23.26
N GLU D 191 -17.16 -78.34 23.84
CA GLU D 191 -15.78 -77.96 23.60
C GLU D 191 -15.44 -77.90 22.10
N GLU D 192 -15.97 -78.86 21.33
CA GLU D 192 -15.62 -79.00 19.92
C GLU D 192 -16.20 -77.84 19.11
N ARG D 193 -17.32 -77.28 19.57
CA ARG D 193 -18.05 -76.25 18.84
C ARG D 193 -17.62 -74.84 19.26
N ARG D 194 -16.73 -74.74 20.24
CA ARG D 194 -16.31 -73.45 20.77
C ARG D 194 -15.37 -72.77 19.79
N GLU D 195 -15.68 -71.51 19.49
CA GLU D 195 -14.96 -70.72 18.50
C GLU D 195 -15.07 -69.25 18.90
N ASP D 196 -13.97 -68.50 18.82
CA ASP D 196 -13.97 -67.09 19.20
C ASP D 196 -13.14 -66.31 18.20
N PRO D 197 -13.79 -65.64 17.21
CA PRO D 197 -13.09 -64.88 16.17
C PRO D 197 -12.17 -63.78 16.71
N MET D 198 -12.55 -63.22 17.86
CA MET D 198 -11.82 -62.13 18.48
C MET D 198 -10.54 -62.68 19.11
N ALA D 199 -10.67 -63.80 19.84
CA ALA D 199 -9.54 -64.50 20.42
C ALA D 199 -8.59 -65.02 19.32
N ASP D 200 -9.13 -65.58 18.24
CA ASP D 200 -8.28 -66.08 17.16
C ASP D 200 -7.46 -64.94 16.58
N TRP D 201 -8.13 -63.83 16.27
CA TRP D 201 -7.49 -62.70 15.63
C TRP D 201 -6.48 -62.04 16.56
N LEU D 202 -6.93 -61.60 17.73
CA LEU D 202 -6.08 -60.80 18.60
C LEU D 202 -5.10 -61.69 19.36
N GLY D 203 -5.55 -62.89 19.75
CA GLY D 203 -4.69 -63.89 20.38
C GLY D 203 -3.57 -64.34 19.43
N GLY D 204 -3.92 -64.49 18.14
CA GLY D 204 -2.94 -64.80 17.11
C GLY D 204 -1.83 -63.75 17.07
N ILE D 205 -2.20 -62.48 17.03
CA ILE D 205 -1.24 -61.39 16.97
C ILE D 205 -0.41 -61.36 18.26
N LEU D 206 -1.08 -61.46 19.40
CA LEU D 206 -0.39 -61.43 20.70
C LEU D 206 0.60 -62.60 20.79
N GLY D 207 0.21 -63.77 20.29
CA GLY D 207 1.05 -64.96 20.26
C GLY D 207 2.38 -64.72 19.55
N ARG D 208 2.35 -64.09 18.37
CA ARG D 208 3.55 -63.74 17.63
C ARG D 208 4.52 -62.90 18.47
N TYR D 209 4.05 -62.16 19.50
CA TYR D 209 4.93 -61.35 20.33
C TYR D 209 5.16 -62.03 21.68
N GLY D 210 4.72 -63.29 21.80
CA GLY D 210 4.96 -64.07 22.99
C GLY D 210 4.00 -63.72 24.13
N HIS D 211 2.78 -63.24 23.81
CA HIS D 211 1.81 -62.93 24.84
C HIS D 211 0.56 -63.76 24.62
N THR D 212 -0.17 -63.95 25.72
CA THR D 212 -1.44 -64.64 25.74
C THR D 212 -2.59 -63.67 25.45
N PHE D 213 -3.72 -64.23 25.04
CA PHE D 213 -4.96 -63.50 24.93
C PHE D 213 -5.57 -63.35 26.32
N ASP D 214 -6.24 -62.22 26.55
CA ASP D 214 -7.09 -62.01 27.71
C ASP D 214 -8.30 -61.22 27.25
N GLU D 215 -9.46 -61.45 27.89
CA GLU D 215 -10.70 -60.80 27.50
C GLU D 215 -10.58 -59.28 27.62
N GLU D 216 -9.62 -58.79 28.41
CA GLU D 216 -9.51 -57.37 28.65
C GLU D 216 -9.00 -56.67 27.38
N VAL D 217 -8.46 -57.39 26.38
CA VAL D 217 -8.07 -56.73 25.14
C VAL D 217 -9.30 -56.46 24.26
N VAL D 218 -10.46 -57.02 24.64
CA VAL D 218 -11.68 -56.82 23.89
C VAL D 218 -12.50 -55.65 24.45
N VAL D 219 -12.46 -55.44 25.78
CA VAL D 219 -13.29 -54.43 26.42
C VAL D 219 -12.47 -53.42 27.25
N GLY D 220 -11.14 -53.58 27.28
CA GLY D 220 -10.27 -52.73 28.08
C GLY D 220 -10.23 -53.20 29.53
N GLN D 221 -9.21 -52.73 30.27
CA GLN D 221 -9.15 -52.98 31.71
C GLN D 221 -10.23 -52.15 32.40
N TRP D 222 -10.51 -50.97 31.84
CA TRP D 222 -11.69 -50.22 32.22
C TRP D 222 -12.18 -49.43 30.99
N THR D 223 -13.38 -48.86 31.15
CA THR D 223 -14.07 -48.13 30.12
C THR D 223 -14.31 -46.71 30.62
N ILE D 224 -13.77 -45.72 29.90
CA ILE D 224 -14.08 -44.32 30.14
C ILE D 224 -15.22 -43.94 29.21
N ASP D 225 -16.35 -43.51 29.78
CA ASP D 225 -17.61 -43.50 29.06
C ASP D 225 -18.19 -42.08 29.02
N GLN D 226 -18.36 -41.55 27.81
CA GLN D 226 -18.90 -40.21 27.58
C GLN D 226 -20.42 -40.25 27.38
N ILE D 227 -21.04 -41.43 27.44
CA ILE D 227 -22.49 -41.53 27.36
C ILE D 227 -23.08 -41.37 28.77
N PRO D 228 -24.06 -40.47 28.98
CA PRO D 228 -24.77 -40.40 30.26
C PRO D 228 -25.32 -41.76 30.66
N THR D 229 -25.14 -42.10 31.95
CA THR D 229 -25.53 -43.38 32.51
C THR D 229 -26.94 -43.82 32.09
N SER D 230 -27.92 -42.91 32.12
CA SER D 230 -29.30 -43.28 31.87
C SER D 230 -29.50 -43.75 30.44
N LEU D 231 -28.58 -43.40 29.52
CA LEU D 231 -28.75 -43.78 28.11
C LEU D 231 -27.81 -44.93 27.72
N GLN D 232 -27.01 -45.42 28.66
CA GLN D 232 -25.98 -46.40 28.38
C GLN D 232 -26.49 -47.79 28.80
N LEU D 233 -26.01 -48.83 28.12
CA LEU D 233 -26.35 -50.21 28.44
C LEU D 233 -25.57 -50.63 29.69
N PRO D 234 -26.26 -51.19 30.71
CA PRO D 234 -25.58 -51.70 31.91
C PRO D 234 -24.74 -52.94 31.62
N LEU D 235 -23.53 -53.00 32.16
CA LEU D 235 -22.53 -54.00 31.82
C LEU D 235 -21.70 -54.32 33.05
N SER D 236 -21.08 -55.50 33.07
CA SER D 236 -20.16 -55.88 34.15
C SER D 236 -18.75 -55.57 33.72
N LEU D 237 -18.36 -54.31 33.83
CA LEU D 237 -16.97 -53.92 33.62
C LEU D 237 -16.75 -52.65 34.45
N ARG D 238 -15.48 -52.27 34.63
CA ARG D 238 -15.18 -51.06 35.39
C ARG D 238 -15.44 -49.86 34.49
N ARG D 239 -16.44 -49.06 34.87
CA ARG D 239 -16.89 -47.93 34.07
C ARG D 239 -16.55 -46.62 34.80
N VAL D 240 -15.84 -45.73 34.10
CA VAL D 240 -15.51 -44.41 34.60
C VAL D 240 -16.28 -43.41 33.75
N PRO D 241 -17.40 -42.85 34.26
CA PRO D 241 -18.16 -41.85 33.52
C PRO D 241 -17.34 -40.57 33.41
N VAL D 242 -17.44 -39.93 32.25
CA VAL D 242 -16.83 -38.62 32.05
C VAL D 242 -17.81 -37.78 31.25
N ARG D 243 -17.82 -36.48 31.53
CA ARG D 243 -18.71 -35.56 30.83
C ARG D 243 -18.25 -35.39 29.39
N TYR D 244 -19.19 -35.50 28.45
CA TYR D 244 -18.92 -35.15 27.06
C TYR D 244 -18.74 -33.63 26.96
N LEU D 245 -17.62 -33.23 26.35
CA LEU D 245 -17.34 -31.84 26.00
C LEU D 245 -17.23 -31.78 24.50
N PRO D 246 -18.02 -30.95 23.81
CA PRO D 246 -18.02 -30.92 22.35
C PRO D 246 -16.64 -30.61 21.76
N HIS D 247 -16.22 -31.45 20.82
CA HIS D 247 -15.16 -31.09 19.90
C HIS D 247 -15.53 -31.65 18.54
N ASN D 248 -15.67 -30.78 17.55
CA ASN D 248 -16.18 -31.15 16.24
C ASN D 248 -15.14 -30.77 15.19
N GLY D 249 -13.88 -30.70 15.60
CA GLY D 249 -12.80 -30.39 14.68
C GLY D 249 -12.48 -28.90 14.66
N PRO D 250 -11.64 -28.46 13.71
CA PRO D 250 -11.27 -27.06 13.58
C PRO D 250 -12.50 -26.16 13.47
N SER D 251 -12.57 -25.11 14.29
CA SER D 251 -13.76 -24.28 14.31
C SER D 251 -13.42 -22.81 14.53
N GLU D 252 -14.26 -21.95 13.92
CA GLU D 252 -14.22 -20.51 14.12
C GLU D 252 -15.64 -19.97 14.18
N ILE D 253 -15.81 -18.87 14.91
CA ILE D 253 -17.09 -18.20 15.05
C ILE D 253 -17.27 -17.25 13.87
N PRO D 254 -18.32 -17.42 13.03
CA PRO D 254 -18.57 -16.50 11.92
C PRO D 254 -19.37 -15.29 12.41
N ASP D 255 -19.36 -14.21 11.59
CA ASP D 255 -19.98 -12.94 11.94
C ASP D 255 -21.49 -13.08 12.13
N TRP D 256 -22.13 -13.89 11.28
CA TRP D 256 -23.58 -14.00 11.25
C TRP D 256 -24.17 -14.66 12.50
N LEU D 257 -23.33 -15.32 13.30
CA LEU D 257 -23.80 -16.09 14.44
C LEU D 257 -24.39 -15.16 15.52
N ARG D 258 -23.96 -13.89 15.57
CA ARG D 258 -24.43 -12.93 16.57
C ARG D 258 -25.96 -12.78 16.54
N GLU D 259 -26.57 -12.86 15.34
CA GLU D 259 -27.99 -12.58 15.16
C GLU D 259 -28.84 -13.61 15.89
N ALA D 260 -29.64 -13.16 16.88
CA ALA D 260 -30.68 -13.97 17.50
C ALA D 260 -31.88 -14.06 16.54
N PRO D 261 -32.44 -15.26 16.27
CA PRO D 261 -33.33 -15.43 15.12
C PRO D 261 -34.80 -15.04 15.29
N GLY D 262 -35.35 -15.03 16.52
CA GLY D 262 -36.69 -14.53 16.72
C GLY D 262 -37.78 -15.54 16.33
N ARG D 263 -37.44 -16.61 15.60
CA ARG D 263 -38.33 -17.72 15.32
C ARG D 263 -37.53 -19.03 15.32
N PRO D 264 -38.19 -20.20 15.57
CA PRO D 264 -37.47 -21.43 15.92
C PRO D 264 -36.36 -21.78 14.93
N ARG D 265 -35.14 -21.97 15.45
CA ARG D 265 -34.00 -22.31 14.60
C ARG D 265 -33.87 -23.83 14.52
N VAL D 266 -33.76 -24.31 13.28
CA VAL D 266 -33.66 -25.73 12.98
C VAL D 266 -32.34 -25.94 12.24
N VAL D 267 -31.51 -26.85 12.75
CA VAL D 267 -30.19 -27.10 12.17
C VAL D 267 -30.21 -28.51 11.58
N LEU D 268 -29.57 -28.64 10.42
CA LEU D 268 -29.44 -29.89 9.69
C LEU D 268 -27.95 -30.11 9.37
N THR D 269 -27.38 -31.23 9.86
CA THR D 269 -25.99 -31.58 9.61
C THR D 269 -25.94 -32.93 8.90
N SER D 270 -24.93 -33.10 8.03
CA SER D 270 -24.50 -34.41 7.57
C SER D 270 -22.97 -34.49 7.51
N PHE D 282 -32.73 -42.86 0.37
CA PHE D 282 -33.04 -41.89 1.46
C PHE D 282 -33.53 -40.60 0.78
N MET D 283 -34.38 -39.85 1.49
CA MET D 283 -34.99 -38.65 0.96
C MET D 283 -33.89 -37.68 0.53
N PRO D 284 -33.80 -37.26 -0.76
CA PRO D 284 -32.74 -36.36 -1.20
C PRO D 284 -32.67 -35.10 -0.36
N VAL D 285 -31.45 -34.59 -0.16
CA VAL D 285 -31.21 -33.46 0.72
C VAL D 285 -31.88 -32.21 0.14
N ALA D 286 -31.91 -32.12 -1.19
CA ALA D 286 -32.60 -31.04 -1.88
C ALA D 286 -34.06 -30.95 -1.44
N ASP D 287 -34.72 -32.10 -1.28
CA ASP D 287 -36.13 -32.15 -0.92
C ASP D 287 -36.32 -31.78 0.55
N MET D 288 -35.34 -32.15 1.37
CA MET D 288 -35.35 -31.82 2.80
C MET D 288 -35.32 -30.30 2.98
N ILE D 289 -34.41 -29.65 2.23
CA ILE D 289 -34.23 -28.21 2.27
C ILE D 289 -35.54 -27.52 1.88
N ASN D 290 -36.16 -28.00 0.79
CA ASN D 290 -37.35 -27.38 0.23
C ASN D 290 -38.52 -27.53 1.20
N THR D 291 -38.66 -28.70 1.83
CA THR D 291 -39.69 -28.87 2.85
C THR D 291 -39.50 -27.90 4.02
N LEU D 292 -38.27 -27.83 4.53
CA LEU D 292 -37.95 -26.98 5.67
C LEU D 292 -38.09 -25.50 5.28
N GLY D 293 -37.82 -25.21 4.00
CA GLY D 293 -37.97 -23.88 3.42
C GLY D 293 -39.40 -23.33 3.49
N SER D 294 -40.40 -24.22 3.53
CA SER D 294 -41.80 -23.84 3.52
C SER D 294 -42.34 -23.65 4.94
N MET D 295 -41.50 -23.81 5.97
CA MET D 295 -42.00 -23.87 7.35
C MET D 295 -41.68 -22.56 8.06
N ASP D 296 -42.35 -22.34 9.20
CA ASP D 296 -42.22 -21.10 9.97
C ASP D 296 -41.02 -21.23 10.91
N ILE D 297 -39.82 -21.31 10.32
CA ILE D 297 -38.59 -21.60 11.05
C ILE D 297 -37.42 -20.93 10.32
N ASP D 298 -36.32 -20.77 11.06
CA ASP D 298 -35.03 -20.38 10.50
C ASP D 298 -34.19 -21.65 10.38
N VAL D 299 -33.53 -21.84 9.22
CA VAL D 299 -32.83 -23.08 8.94
C VAL D 299 -31.36 -22.78 8.70
N VAL D 300 -30.48 -23.56 9.34
CA VAL D 300 -29.05 -23.58 9.03
C VAL D 300 -28.69 -25.01 8.62
N ALA D 301 -28.16 -25.17 7.41
CA ALA D 301 -27.77 -26.48 6.90
C ALA D 301 -26.25 -26.50 6.68
N ALA D 302 -25.54 -27.31 7.47
CA ALA D 302 -24.11 -27.58 7.29
C ALA D 302 -23.94 -28.78 6.37
N LEU D 303 -23.61 -28.51 5.09
CA LEU D 303 -23.55 -29.53 4.05
C LEU D 303 -22.20 -29.50 3.34
N PRO D 304 -21.67 -30.66 2.90
CA PRO D 304 -20.38 -30.72 2.19
C PRO D 304 -20.38 -30.02 0.83
N PRO D 305 -19.21 -29.91 0.15
CA PRO D 305 -19.10 -29.15 -1.10
C PRO D 305 -20.17 -29.41 -2.16
N GLU D 306 -20.27 -30.68 -2.61
CA GLU D 306 -20.98 -31.01 -3.84
C GLU D 306 -22.49 -31.09 -3.60
N GLU D 307 -22.90 -31.35 -2.35
CA GLU D 307 -24.31 -31.33 -1.99
C GLU D 307 -24.85 -29.91 -2.07
N VAL D 308 -23.98 -28.92 -1.79
CA VAL D 308 -24.33 -27.51 -1.90
C VAL D 308 -24.87 -27.24 -3.30
N GLU D 309 -24.18 -27.76 -4.33
CA GLU D 309 -24.44 -27.40 -5.72
C GLU D 309 -25.41 -28.39 -6.37
N ALA D 310 -25.71 -29.51 -5.69
CA ALA D 310 -26.76 -30.42 -6.13
C ALA D 310 -28.14 -29.77 -5.99
N LEU D 311 -28.23 -28.70 -5.19
CA LEU D 311 -29.47 -27.97 -5.02
C LEU D 311 -29.49 -26.76 -5.95
N GLU D 312 -30.70 -26.34 -6.34
CA GLU D 312 -30.90 -25.21 -7.23
C GLU D 312 -31.16 -23.93 -6.43
N LYS D 313 -32.32 -23.86 -5.78
CA LYS D 313 -32.72 -22.65 -5.06
C LYS D 313 -32.57 -22.85 -3.55
N VAL D 314 -32.00 -21.83 -2.90
CA VAL D 314 -31.90 -21.78 -1.44
C VAL D 314 -33.12 -21.02 -0.93
N PRO D 315 -34.06 -21.64 -0.17
CA PRO D 315 -35.21 -20.90 0.36
C PRO D 315 -34.78 -19.67 1.18
N ALA D 316 -35.73 -18.74 1.36
CA ALA D 316 -35.45 -17.48 2.00
C ALA D 316 -35.06 -17.69 3.48
N ASN D 317 -35.60 -18.74 4.12
CA ASN D 317 -35.40 -18.94 5.55
C ASN D 317 -34.13 -19.73 5.85
N THR D 318 -33.34 -20.07 4.83
CA THR D 318 -32.31 -21.08 4.92
C THR D 318 -30.93 -20.49 4.63
N ARG D 319 -29.98 -20.76 5.53
CA ARG D 319 -28.58 -20.47 5.30
C ARG D 319 -27.84 -21.80 5.12
N ILE D 320 -26.99 -21.87 4.09
CA ILE D 320 -26.22 -23.06 3.81
C ILE D 320 -24.74 -22.74 3.97
N VAL D 321 -24.03 -23.60 4.71
CA VAL D 321 -22.62 -23.42 5.06
C VAL D 321 -21.92 -24.77 4.94
N ASP D 322 -20.59 -24.77 4.79
CA ASP D 322 -19.82 -26.01 4.77
C ASP D 322 -19.55 -26.45 6.21
N PHE D 323 -18.98 -25.53 6.99
CA PHE D 323 -18.61 -25.77 8.38
C PHE D 323 -19.39 -24.80 9.25
N VAL D 324 -19.74 -25.25 10.46
CA VAL D 324 -20.36 -24.40 11.46
C VAL D 324 -19.86 -24.86 12.83
N PRO D 325 -19.49 -23.94 13.75
CA PRO D 325 -19.12 -24.31 15.11
C PRO D 325 -20.38 -24.71 15.87
N LEU D 326 -20.66 -26.01 15.84
CA LEU D 326 -21.94 -26.53 16.26
C LEU D 326 -22.21 -26.17 17.71
N HIS D 327 -21.19 -26.21 18.59
CA HIS D 327 -21.42 -25.92 20.01
C HIS D 327 -21.81 -24.45 20.22
N ALA D 328 -21.28 -23.56 19.37
CA ALA D 328 -21.63 -22.15 19.44
C ALA D 328 -22.98 -21.88 18.77
N LEU D 329 -23.34 -22.68 17.76
CA LEU D 329 -24.58 -22.52 17.04
C LEU D 329 -25.80 -23.02 17.81
N LEU D 330 -25.67 -24.10 18.58
CA LEU D 330 -26.85 -24.83 19.05
C LEU D 330 -27.51 -24.20 20.26
N PRO D 331 -26.87 -23.35 21.11
CA PRO D 331 -27.61 -22.68 22.18
C PRO D 331 -28.86 -21.97 21.65
N GLY D 332 -30.01 -22.26 22.26
CA GLY D 332 -31.28 -21.66 21.87
C GLY D 332 -31.93 -22.27 20.61
N ALA D 333 -31.20 -23.12 19.84
CA ALA D 333 -31.80 -23.79 18.70
C ALA D 333 -32.93 -24.70 19.16
N SER D 334 -33.87 -24.98 18.25
CA SER D 334 -35.06 -25.75 18.59
C SER D 334 -34.92 -27.23 18.21
N VAL D 335 -34.25 -27.50 17.09
CA VAL D 335 -34.12 -28.86 16.56
C VAL D 335 -32.76 -29.02 15.91
N LEU D 336 -32.12 -30.17 16.15
CA LEU D 336 -31.02 -30.64 15.30
C LEU D 336 -31.46 -31.91 14.59
N ILE D 337 -31.28 -31.90 13.26
CA ILE D 337 -31.56 -33.03 12.40
C ILE D 337 -30.22 -33.64 11.97
N HIS D 338 -30.02 -34.93 12.24
CA HIS D 338 -28.76 -35.59 11.89
C HIS D 338 -28.92 -37.10 11.88
N HIS D 339 -27.85 -37.81 11.46
CA HIS D 339 -27.86 -39.24 11.20
C HIS D 339 -27.46 -40.07 12.43
N GLY D 340 -27.08 -39.43 13.54
CA GLY D 340 -26.85 -40.13 14.80
C GLY D 340 -25.38 -40.23 15.21
N GLY D 341 -24.49 -39.56 14.46
CA GLY D 341 -23.10 -39.40 14.85
C GLY D 341 -22.96 -38.73 16.21
N PHE D 342 -21.87 -39.05 16.93
CA PHE D 342 -21.73 -38.66 18.32
C PHE D 342 -21.49 -37.15 18.47
N GLY D 343 -20.77 -36.53 17.54
CA GLY D 343 -20.50 -35.12 17.59
C GLY D 343 -21.78 -34.29 17.65
N SER D 344 -22.68 -34.60 16.72
CA SER D 344 -24.00 -33.98 16.66
C SER D 344 -24.85 -34.34 17.89
N TRP D 345 -24.94 -35.64 18.18
CA TRP D 345 -25.75 -36.14 19.27
C TRP D 345 -25.34 -35.51 20.58
N GLY D 346 -24.02 -35.54 20.85
CA GLY D 346 -23.50 -35.05 22.11
C GLY D 346 -23.60 -33.53 22.22
N THR D 347 -23.37 -32.82 21.11
CA THR D 347 -23.38 -31.36 21.15
C THR D 347 -24.81 -30.85 21.33
N ALA D 348 -25.79 -31.50 20.67
CA ALA D 348 -27.19 -31.19 20.90
C ALA D 348 -27.54 -31.52 22.34
N LEU D 349 -27.04 -32.64 22.86
CA LEU D 349 -27.38 -33.06 24.20
C LEU D 349 -26.94 -32.02 25.24
N VAL D 350 -25.70 -31.49 25.10
CA VAL D 350 -25.19 -30.59 26.11
C VAL D 350 -25.88 -29.24 25.99
N ASN D 351 -26.50 -28.95 24.83
CA ASN D 351 -27.21 -27.70 24.65
C ASN D 351 -28.71 -27.87 24.91
N GLY D 352 -29.17 -29.07 25.30
CA GLY D 352 -30.58 -29.30 25.56
C GLY D 352 -31.47 -29.20 24.32
N VAL D 353 -30.91 -29.41 23.12
CA VAL D 353 -31.65 -29.26 21.87
C VAL D 353 -32.29 -30.60 21.48
N PRO D 354 -33.63 -30.66 21.32
CA PRO D 354 -34.30 -31.83 20.76
C PRO D 354 -33.74 -32.24 19.41
N GLN D 355 -33.66 -33.55 19.20
CA GLN D 355 -32.99 -34.12 18.04
C GLN D 355 -34.00 -34.92 17.24
N PHE D 356 -33.90 -34.78 15.92
CA PHE D 356 -34.61 -35.62 14.98
C PHE D 356 -33.58 -36.40 14.18
N ILE D 357 -33.65 -37.74 14.29
CA ILE D 357 -32.60 -38.62 13.78
C ILE D 357 -33.22 -39.61 12.80
N PRO D 358 -33.25 -39.27 11.50
CA PRO D 358 -33.56 -40.24 10.45
C PRO D 358 -32.29 -41.01 10.07
N THR D 359 -32.25 -42.31 10.39
CA THR D 359 -31.00 -43.04 10.26
C THR D 359 -31.26 -44.52 9.99
N ILE D 360 -30.16 -45.29 10.02
CA ILE D 360 -30.15 -46.71 9.72
C ILE D 360 -29.51 -47.46 10.90
N ARG D 361 -29.62 -48.79 10.89
CA ARG D 361 -29.03 -49.62 11.93
C ARG D 361 -27.56 -49.89 11.61
N TYR D 362 -26.78 -48.81 11.67
CA TYR D 362 -25.34 -48.86 11.44
C TYR D 362 -24.63 -48.29 12.67
N ALA D 363 -23.51 -48.91 13.06
CA ALA D 363 -22.86 -48.61 14.32
C ALA D 363 -23.92 -48.53 15.41
N ASP D 364 -23.88 -47.47 16.24
CA ASP D 364 -24.86 -47.29 17.31
C ASP D 364 -25.84 -46.18 16.93
N TRP D 365 -25.91 -45.81 15.65
CA TRP D 365 -26.74 -44.67 15.25
C TRP D 365 -28.20 -44.89 15.63
N TRP D 366 -28.69 -46.12 15.43
CA TRP D 366 -30.08 -46.42 15.73
C TRP D 366 -30.32 -46.30 17.24
N ASN D 367 -29.37 -46.77 18.04
CA ASN D 367 -29.43 -46.68 19.49
C ASN D 367 -29.39 -45.23 19.95
N LYS D 368 -28.63 -44.40 19.22
CA LYS D 368 -28.54 -42.98 19.52
C LYS D 368 -29.92 -42.36 19.36
N GLY D 369 -30.62 -42.72 18.28
CA GLY D 369 -31.99 -42.29 18.04
C GLY D 369 -32.99 -42.85 19.05
N THR D 370 -32.97 -44.18 19.26
CA THR D 370 -33.98 -44.81 20.10
C THR D 370 -33.80 -44.41 21.56
N SER D 371 -32.55 -44.23 22.02
CA SER D 371 -32.32 -43.81 23.40
C SER D 371 -33.03 -42.50 23.69
N LEU D 372 -32.94 -41.53 22.76
CA LEU D 372 -33.57 -40.23 22.93
C LEU D 372 -35.10 -40.37 22.80
N HIS D 373 -35.54 -41.16 21.82
CA HIS D 373 -36.96 -41.40 21.59
C HIS D 373 -37.63 -41.93 22.86
N GLU D 374 -37.06 -43.00 23.46
CA GLU D 374 -37.63 -43.60 24.67
C GLU D 374 -37.63 -42.60 25.82
N ALA D 375 -36.65 -41.69 25.87
CA ALA D 375 -36.57 -40.73 26.95
C ALA D 375 -37.52 -39.55 26.72
N GLY D 376 -38.10 -39.47 25.52
CA GLY D 376 -38.99 -38.38 25.15
C GLY D 376 -38.25 -37.09 24.81
N ALA D 377 -36.94 -37.16 24.51
CA ALA D 377 -36.12 -35.99 24.26
C ALA D 377 -35.96 -35.71 22.76
N GLY D 378 -36.31 -36.69 21.92
CA GLY D 378 -36.23 -36.50 20.48
C GLY D 378 -37.01 -37.59 19.76
N LEU D 379 -36.85 -37.65 18.43
CA LEU D 379 -37.56 -38.59 17.58
C LEU D 379 -36.56 -39.28 16.64
N VAL D 380 -36.73 -40.60 16.49
CA VAL D 380 -35.98 -41.38 15.51
C VAL D 380 -36.96 -41.96 14.49
N VAL D 381 -36.50 -42.08 13.24
CA VAL D 381 -37.25 -42.77 12.21
C VAL D 381 -36.22 -43.41 11.27
N HIS D 382 -36.61 -44.52 10.62
CA HIS D 382 -35.72 -45.12 9.63
C HIS D 382 -35.62 -44.19 8.43
N ALA D 383 -34.40 -44.01 7.92
CA ALA D 383 -34.12 -43.07 6.85
C ALA D 383 -34.99 -43.37 5.62
N SER D 384 -35.29 -44.66 5.39
CA SER D 384 -36.03 -45.08 4.21
C SER D 384 -37.49 -44.61 4.30
N GLU D 385 -38.00 -44.37 5.51
CA GLU D 385 -39.37 -43.93 5.72
C GLU D 385 -39.50 -42.41 5.76
N LEU D 386 -38.41 -41.67 5.49
CA LEU D 386 -38.47 -40.22 5.62
C LEU D 386 -39.10 -39.63 4.35
N THR D 387 -40.19 -38.88 4.56
CA THR D 387 -40.88 -38.15 3.52
C THR D 387 -41.01 -36.68 3.96
N ALA D 388 -41.45 -35.83 3.02
CA ALA D 388 -41.73 -34.43 3.33
C ALA D 388 -42.74 -34.33 4.48
N GLU D 389 -43.73 -35.22 4.50
CA GLU D 389 -44.79 -35.20 5.51
C GLU D 389 -44.21 -35.52 6.90
N VAL D 390 -43.38 -36.57 6.96
CA VAL D 390 -42.78 -37.03 8.21
C VAL D 390 -41.81 -35.97 8.73
N LEU D 391 -40.96 -35.44 7.83
CA LEU D 391 -40.01 -34.39 8.18
C LEU D 391 -40.74 -33.21 8.81
N ARG D 392 -41.76 -32.68 8.11
CA ARG D 392 -42.51 -31.52 8.55
C ARG D 392 -43.17 -31.80 9.90
N GLU D 393 -43.84 -32.95 10.00
CA GLU D 393 -44.62 -33.24 11.19
C GLU D 393 -43.71 -33.42 12.41
N SER D 394 -42.58 -34.10 12.21
CA SER D 394 -41.62 -34.37 13.28
C SER D 394 -41.03 -33.06 13.81
N VAL D 395 -40.60 -32.20 12.89
CA VAL D 395 -40.03 -30.91 13.26
C VAL D 395 -41.06 -30.08 14.04
N GLU D 396 -42.30 -30.02 13.52
CA GLU D 396 -43.36 -29.26 14.19
C GLU D 396 -43.54 -29.76 15.61
N ARG D 397 -43.54 -31.08 15.79
CA ARG D 397 -43.78 -31.68 17.08
C ARG D 397 -42.65 -31.34 18.06
N LEU D 398 -41.39 -31.34 17.58
CA LEU D 398 -40.23 -31.07 18.43
C LEU D 398 -40.17 -29.59 18.80
N VAL D 399 -40.67 -28.72 17.90
CA VAL D 399 -40.78 -27.29 18.17
C VAL D 399 -41.92 -27.01 19.15
N GLU D 400 -43.12 -27.57 18.90
CA GLU D 400 -44.33 -27.13 19.57
C GLU D 400 -44.53 -27.84 20.90
N ASP D 401 -44.30 -29.16 20.93
CA ASP D 401 -44.50 -29.95 22.13
C ASP D 401 -43.31 -29.75 23.06
N ALA D 402 -43.58 -29.10 24.21
CA ALA D 402 -42.55 -28.64 25.13
C ALA D 402 -41.95 -29.80 25.93
N SER D 403 -42.58 -30.99 25.87
CA SER D 403 -42.10 -32.15 26.62
C SER D 403 -40.75 -32.63 26.07
N TYR D 404 -40.50 -32.36 24.78
CA TYR D 404 -39.22 -32.69 24.15
C TYR D 404 -38.09 -31.85 24.73
N ARG D 405 -38.23 -30.51 24.71
CA ARG D 405 -37.25 -29.63 25.35
C ARG D 405 -37.04 -30.00 26.82
N GLU D 406 -38.11 -30.36 27.53
CA GLU D 406 -38.00 -30.65 28.95
C GLU D 406 -37.19 -31.92 29.19
N ALA D 407 -37.44 -32.95 28.39
CA ALA D 407 -36.70 -34.21 28.48
C ALA D 407 -35.23 -34.00 28.06
N ALA D 408 -35.00 -33.21 27.00
CA ALA D 408 -33.65 -32.86 26.58
C ALA D 408 -32.89 -32.12 27.68
N GLU D 409 -33.62 -31.27 28.41
CA GLU D 409 -33.04 -30.46 29.46
C GLU D 409 -32.61 -31.35 30.62
N ARG D 410 -33.39 -32.38 30.91
CA ARG D 410 -33.03 -33.33 31.96
C ARG D 410 -31.74 -34.07 31.61
N LEU D 411 -31.56 -34.43 30.34
CA LEU D 411 -30.35 -35.12 29.89
C LEU D 411 -29.16 -34.17 29.95
N ARG D 412 -29.37 -32.93 29.52
CA ARG D 412 -28.36 -31.89 29.66
C ARG D 412 -27.88 -31.83 31.10
N GLU D 413 -28.81 -31.83 32.06
CA GLU D 413 -28.47 -31.72 33.48
C GLU D 413 -27.73 -32.98 33.94
N GLU D 414 -28.11 -34.14 33.41
CA GLU D 414 -27.43 -35.38 33.76
C GLU D 414 -25.98 -35.32 33.31
N ASN D 415 -25.73 -34.89 32.07
CA ASN D 415 -24.38 -34.72 31.55
C ASN D 415 -23.58 -33.76 32.45
N GLN D 416 -24.23 -32.66 32.84
CA GLN D 416 -23.60 -31.58 33.57
C GLN D 416 -23.24 -32.03 34.99
N ARG D 417 -23.91 -33.06 35.52
CA ARG D 417 -23.53 -33.59 36.82
C ARG D 417 -22.38 -34.60 36.70
N THR D 418 -22.06 -35.05 35.48
CA THR D 418 -20.97 -36.01 35.33
C THR D 418 -19.64 -35.27 35.52
N PRO D 419 -18.67 -35.87 36.24
CA PRO D 419 -17.32 -35.32 36.33
C PRO D 419 -16.70 -35.04 34.97
N THR D 420 -16.00 -33.91 34.87
CA THR D 420 -15.31 -33.49 33.67
C THR D 420 -14.06 -34.33 33.46
N PRO D 421 -13.49 -34.30 32.23
CA PRO D 421 -12.14 -34.82 31.99
C PRO D 421 -11.13 -34.40 33.07
N HIS D 422 -11.13 -33.11 33.41
CA HIS D 422 -10.31 -32.60 34.50
C HIS D 422 -10.50 -33.44 35.76
N ASP D 423 -11.75 -33.63 36.18
CA ASP D 423 -12.06 -34.34 37.41
C ASP D 423 -11.65 -35.82 37.35
N VAL D 424 -11.67 -36.45 36.17
CA VAL D 424 -11.36 -37.88 36.13
C VAL D 424 -9.88 -38.13 35.92
N VAL D 425 -9.06 -37.09 35.71
CA VAL D 425 -7.62 -37.29 35.55
C VAL D 425 -7.05 -38.13 36.70
N PRO D 426 -7.26 -37.79 38.00
CA PRO D 426 -6.71 -38.58 39.09
C PRO D 426 -7.19 -40.04 39.14
N VAL D 427 -8.46 -40.27 38.76
CA VAL D 427 -9.01 -41.62 38.66
C VAL D 427 -8.22 -42.43 37.62
N ILE D 428 -7.94 -41.81 36.47
CA ILE D 428 -7.18 -42.47 35.41
C ILE D 428 -5.75 -42.75 35.87
N GLU D 429 -5.15 -41.81 36.62
CA GLU D 429 -3.81 -41.99 37.19
C GLU D 429 -3.79 -43.20 38.12
N GLU D 430 -4.77 -43.30 39.03
CA GLU D 430 -4.83 -44.39 40.00
C GLU D 430 -5.07 -45.72 39.29
N LEU D 431 -5.98 -45.75 38.33
CA LEU D 431 -6.26 -46.98 37.60
C LEU D 431 -5.04 -47.44 36.82
N THR D 432 -4.25 -46.49 36.32
CA THR D 432 -3.04 -46.84 35.58
C THR D 432 -2.00 -47.45 36.51
N ALA D 433 -1.85 -46.89 37.71
CA ALA D 433 -0.95 -47.42 38.72
C ALA D 433 -1.36 -48.84 39.10
N GLU D 434 -2.67 -49.05 39.31
CA GLU D 434 -3.21 -50.33 39.70
C GLU D 434 -3.00 -51.38 38.62
N HIS D 435 -3.23 -51.05 37.34
CA HIS D 435 -3.35 -52.07 36.29
C HIS D 435 -2.09 -52.15 35.43
N GLY D 436 -1.22 -51.15 35.46
CA GLY D 436 -0.10 -51.13 34.54
C GLY D 436 1.12 -51.83 35.13
N ARG D 437 2.27 -51.62 34.49
CA ARG D 437 3.55 -52.05 35.02
C ARG D 437 3.74 -51.57 36.47
N SER E 19 -2.95 -98.76 -16.98
CA SER E 19 -2.73 -99.58 -15.76
C SER E 19 -3.56 -99.06 -14.56
N HIS E 20 -3.45 -99.84 -13.48
CA HIS E 20 -4.38 -99.81 -12.35
C HIS E 20 -4.15 -98.59 -11.45
N MET E 21 -5.19 -97.80 -11.22
CA MET E 21 -5.06 -96.55 -10.47
C MET E 21 -5.79 -96.67 -9.13
N ARG E 22 -5.32 -95.90 -8.16
CA ARG E 22 -6.09 -95.57 -6.97
C ARG E 22 -6.69 -94.19 -7.16
N ILE E 23 -8.02 -94.11 -7.04
CA ILE E 23 -8.74 -92.88 -7.34
C ILE E 23 -9.54 -92.51 -6.10
N LEU E 24 -9.28 -91.30 -5.60
CA LEU E 24 -9.96 -90.79 -4.42
C LEU E 24 -10.97 -89.73 -4.86
N PHE E 25 -12.25 -90.00 -4.62
CA PHE E 25 -13.30 -88.99 -4.76
C PHE E 25 -13.40 -88.25 -3.44
N ALA E 26 -13.55 -86.91 -3.52
CA ALA E 26 -13.75 -86.07 -2.35
C ALA E 26 -14.95 -85.15 -2.55
N THR E 27 -15.83 -85.15 -1.55
CA THR E 27 -17.00 -84.30 -1.57
C THR E 27 -17.33 -83.84 -0.15
N VAL E 28 -17.84 -82.61 -0.10
CA VAL E 28 -18.49 -82.08 1.08
C VAL E 28 -19.67 -82.98 1.40
N SER E 29 -20.13 -82.90 2.66
CA SER E 29 -21.09 -83.86 3.19
C SER E 29 -22.52 -83.50 2.78
N GLU E 30 -22.77 -83.43 1.47
CA GLU E 30 -24.13 -83.26 0.95
C GLU E 30 -24.47 -84.44 0.06
N LYS E 31 -25.54 -85.16 0.38
CA LYS E 31 -26.03 -86.27 -0.42
C LYS E 31 -26.21 -85.85 -1.87
N SER E 32 -26.77 -84.65 -2.07
CA SER E 32 -27.11 -84.16 -3.40
C SER E 32 -25.85 -84.05 -4.26
N HIS E 33 -24.73 -83.59 -3.67
CA HIS E 33 -23.46 -83.52 -4.36
C HIS E 33 -22.90 -84.92 -4.62
N LEU E 34 -22.89 -85.77 -3.59
CA LEU E 34 -22.41 -87.14 -3.69
C LEU E 34 -23.05 -87.88 -4.86
N PHE E 35 -24.38 -87.80 -4.97
CA PHE E 35 -25.10 -88.59 -5.96
C PHE E 35 -24.70 -88.20 -7.38
N THR E 36 -24.24 -86.97 -7.60
CA THR E 36 -23.83 -86.54 -8.94
C THR E 36 -22.54 -87.23 -9.37
N MET E 37 -21.80 -87.80 -8.41
CA MET E 37 -20.47 -88.33 -8.68
C MET E 37 -20.49 -89.85 -8.87
N VAL E 38 -21.62 -90.49 -8.56
CA VAL E 38 -21.67 -91.93 -8.40
C VAL E 38 -21.43 -92.65 -9.73
N PRO E 39 -22.10 -92.26 -10.85
CA PRO E 39 -21.86 -92.95 -12.12
C PRO E 39 -20.41 -92.89 -12.57
N LEU E 40 -19.74 -91.74 -12.39
CA LEU E 40 -18.35 -91.64 -12.83
C LEU E 40 -17.46 -92.52 -11.96
N ALA E 41 -17.70 -92.49 -10.63
CA ALA E 41 -16.98 -93.32 -9.70
C ALA E 41 -17.11 -94.80 -10.10
N TRP E 42 -18.32 -95.25 -10.39
CA TRP E 42 -18.55 -96.64 -10.79
C TRP E 42 -17.95 -96.96 -12.16
N SER E 43 -17.92 -95.97 -13.07
CA SER E 43 -17.32 -96.21 -14.37
C SER E 43 -15.84 -96.57 -14.21
N LEU E 44 -15.18 -95.89 -13.26
CA LEU E 44 -13.76 -96.07 -13.06
C LEU E 44 -13.49 -97.38 -12.33
N ALA E 45 -14.34 -97.71 -11.36
CA ALA E 45 -14.26 -98.98 -10.66
C ALA E 45 -14.46 -100.14 -11.63
N ALA E 46 -15.39 -99.97 -12.59
CA ALA E 46 -15.71 -101.01 -13.56
C ALA E 46 -14.56 -101.25 -14.53
N ALA E 47 -13.66 -100.26 -14.67
CA ALA E 47 -12.48 -100.38 -15.50
C ALA E 47 -11.30 -100.93 -14.71
N GLY E 48 -11.53 -101.36 -13.46
CA GLY E 48 -10.50 -102.06 -12.71
C GLY E 48 -9.78 -101.18 -11.68
N HIS E 49 -10.10 -99.89 -11.61
CA HIS E 49 -9.45 -98.98 -10.67
C HIS E 49 -10.07 -99.14 -9.29
N GLU E 50 -9.27 -98.83 -8.27
CA GLU E 50 -9.75 -98.79 -6.89
C GLU E 50 -10.30 -97.40 -6.61
N VAL E 51 -11.54 -97.32 -6.15
CA VAL E 51 -12.21 -96.05 -5.98
C VAL E 51 -12.69 -95.95 -4.55
N HIS E 52 -12.21 -94.91 -3.86
CA HIS E 52 -12.66 -94.61 -2.50
C HIS E 52 -13.27 -93.22 -2.51
N VAL E 53 -14.32 -93.06 -1.71
CA VAL E 53 -15.04 -91.80 -1.61
C VAL E 53 -14.87 -91.27 -0.19
N ALA E 54 -14.23 -90.10 -0.08
CA ALA E 54 -13.97 -89.47 1.21
C ALA E 54 -14.91 -88.29 1.45
N SER E 55 -15.45 -88.23 2.67
CA SER E 55 -16.20 -87.10 3.18
C SER E 55 -16.22 -87.18 4.71
N ASN E 56 -16.86 -86.18 5.34
CA ASN E 56 -17.08 -86.13 6.77
C ASN E 56 -17.92 -87.33 7.20
N PRO E 57 -17.84 -87.76 8.49
CA PRO E 57 -18.68 -88.84 9.01
C PRO E 57 -20.18 -88.76 8.72
N ALA E 58 -20.74 -87.55 8.65
CA ALA E 58 -22.16 -87.39 8.39
C ALA E 58 -22.57 -88.03 7.07
N LEU E 59 -21.66 -88.17 6.09
CA LEU E 59 -22.01 -88.69 4.78
C LEU E 59 -21.78 -90.21 4.66
N THR E 60 -21.21 -90.84 5.68
CA THR E 60 -20.77 -92.22 5.58
C THR E 60 -21.91 -93.13 5.13
N ALA E 61 -23.08 -93.01 5.75
CA ALA E 61 -24.18 -93.91 5.44
C ALA E 61 -24.60 -93.73 3.98
N SER E 62 -24.65 -92.48 3.51
CA SER E 62 -25.02 -92.19 2.13
C SER E 62 -24.03 -92.81 1.16
N ILE E 63 -22.72 -92.69 1.45
CA ILE E 63 -21.73 -93.26 0.55
C ILE E 63 -21.92 -94.77 0.44
N LYS E 64 -22.17 -95.43 1.58
CA LYS E 64 -22.25 -96.87 1.65
C LYS E 64 -23.43 -97.41 0.84
N SER E 65 -24.51 -96.64 0.72
CA SER E 65 -25.66 -97.03 -0.08
C SER E 65 -25.48 -96.77 -1.59
N THR E 66 -24.32 -96.25 -2.01
CA THR E 66 -24.01 -96.09 -3.42
C THR E 66 -23.28 -97.32 -3.98
N GLY E 67 -22.91 -98.24 -3.10
CA GLY E 67 -22.07 -99.38 -3.46
C GLY E 67 -20.58 -99.08 -3.34
N LEU E 68 -20.21 -97.80 -3.17
CA LEU E 68 -18.83 -97.38 -3.18
C LEU E 68 -18.26 -97.43 -1.76
N THR E 69 -16.95 -97.66 -1.66
CA THR E 69 -16.25 -97.69 -0.40
C THR E 69 -16.07 -96.27 0.18
N ALA E 70 -16.54 -96.10 1.41
CA ALA E 70 -16.49 -94.83 2.11
C ALA E 70 -15.19 -94.73 2.93
N VAL E 71 -14.61 -93.53 2.96
CA VAL E 71 -13.51 -93.19 3.85
C VAL E 71 -13.92 -91.98 4.68
N PRO E 72 -14.41 -92.17 5.93
CA PRO E 72 -14.74 -91.04 6.80
C PRO E 72 -13.47 -90.26 7.17
N VAL E 73 -13.50 -88.94 7.01
CA VAL E 73 -12.37 -88.10 7.35
C VAL E 73 -12.85 -86.92 8.19
N GLY E 74 -12.09 -86.62 9.24
CA GLY E 74 -12.28 -85.42 10.05
C GLY E 74 -13.58 -85.48 10.85
N LYS E 75 -14.16 -84.31 11.10
CA LYS E 75 -15.37 -84.20 11.91
C LYS E 75 -16.42 -83.45 11.10
N ASP E 76 -17.66 -83.50 11.62
CA ASP E 76 -18.79 -82.84 11.02
C ASP E 76 -18.76 -81.34 11.33
N HIS E 77 -19.38 -80.56 10.46
CA HIS E 77 -19.39 -79.11 10.53
C HIS E 77 -20.82 -78.67 10.82
N ASN E 78 -21.03 -77.36 11.05
CA ASN E 78 -22.32 -76.82 11.47
C ASN E 78 -22.92 -75.92 10.39
N LEU E 79 -22.57 -76.15 9.11
CA LEU E 79 -23.01 -75.23 8.07
C LEU E 79 -24.52 -75.12 8.06
N HIS E 80 -25.26 -76.23 8.24
CA HIS E 80 -26.70 -76.19 8.10
C HIS E 80 -27.38 -75.40 9.21
N GLU E 81 -26.87 -75.50 10.44
CA GLU E 81 -27.37 -74.69 11.55
C GLU E 81 -27.05 -73.20 11.29
N MET E 82 -25.82 -72.90 10.82
CA MET E 82 -25.43 -71.53 10.52
C MET E 82 -26.37 -70.94 9.48
N LEU E 83 -26.67 -71.70 8.42
CA LEU E 83 -27.53 -71.26 7.33
C LEU E 83 -28.96 -71.04 7.79
N THR E 84 -29.54 -71.99 8.54
CA THR E 84 -30.94 -71.89 8.91
C THR E 84 -31.12 -70.78 9.95
N GLU E 85 -30.17 -70.65 10.87
CA GLU E 85 -30.24 -69.62 11.92
C GLU E 85 -29.99 -68.22 11.36
N ASN E 86 -29.35 -68.10 10.18
CA ASN E 86 -28.99 -66.84 9.58
C ASN E 86 -29.61 -66.78 8.19
N ARG E 87 -30.85 -67.27 8.09
CA ARG E 87 -31.51 -67.53 6.83
C ARG E 87 -31.92 -66.22 6.15
N ASP E 88 -32.10 -65.15 6.93
CA ASP E 88 -32.49 -63.85 6.42
C ASP E 88 -31.32 -63.10 5.79
N SER E 89 -30.12 -63.65 5.89
CA SER E 89 -28.97 -63.07 5.20
C SER E 89 -28.60 -63.91 3.98
N LEU E 90 -29.43 -64.92 3.65
CA LEU E 90 -29.04 -66.02 2.77
C LEU E 90 -28.96 -65.53 1.33
N GLU E 91 -30.08 -65.03 0.81
CA GLU E 91 -30.11 -64.49 -0.55
C GLU E 91 -29.85 -62.98 -0.47
N ASN E 92 -28.64 -62.56 -0.84
CA ASN E 92 -28.26 -61.17 -0.81
C ASN E 92 -27.24 -60.96 -1.92
N PRO E 93 -26.89 -59.71 -2.30
CA PRO E 93 -26.01 -59.48 -3.44
C PRO E 93 -24.67 -60.23 -3.40
N LEU E 94 -24.10 -60.47 -2.22
CA LEU E 94 -22.78 -61.11 -2.12
C LEU E 94 -22.86 -62.63 -2.23
N SER E 95 -24.06 -63.21 -2.12
CA SER E 95 -24.24 -64.64 -2.33
C SER E 95 -24.75 -64.92 -3.75
N ASP E 96 -24.93 -63.85 -4.55
CA ASP E 96 -25.45 -63.99 -5.90
C ASP E 96 -24.26 -64.13 -6.85
N TRP E 97 -23.97 -65.37 -7.28
CA TRP E 97 -22.92 -65.62 -8.26
C TRP E 97 -23.52 -65.93 -9.63
N SER E 98 -24.80 -65.57 -9.84
CA SER E 98 -25.55 -65.95 -11.03
C SER E 98 -25.12 -65.17 -12.28
N THR E 99 -24.48 -64.00 -12.13
CA THR E 99 -24.02 -63.22 -13.27
C THR E 99 -22.55 -62.86 -13.10
N PRO E 100 -21.65 -63.86 -13.20
CA PRO E 100 -20.22 -63.62 -13.02
C PRO E 100 -19.57 -62.95 -14.23
N GLU E 101 -19.74 -61.62 -14.32
CA GLU E 101 -19.29 -60.85 -15.47
C GLU E 101 -18.48 -59.64 -14.98
N LEU E 102 -17.38 -59.33 -15.69
CA LEU E 102 -16.54 -58.17 -15.41
C LEU E 102 -17.39 -56.91 -15.28
N ASP E 103 -18.30 -56.71 -16.25
CA ASP E 103 -19.20 -55.57 -16.32
C ASP E 103 -19.96 -55.33 -15.02
N ARG E 104 -20.14 -56.38 -14.20
CA ARG E 104 -21.01 -56.26 -13.05
C ARG E 104 -20.21 -56.30 -11.76
N HIS E 105 -18.87 -56.36 -11.85
CA HIS E 105 -18.01 -56.53 -10.69
C HIS E 105 -16.82 -55.59 -10.76
N SER E 106 -16.79 -54.61 -9.87
CA SER E 106 -15.56 -53.92 -9.52
C SER E 106 -14.66 -54.90 -8.77
N TRP E 107 -13.40 -54.53 -8.61
CA TRP E 107 -12.46 -55.30 -7.80
C TRP E 107 -13.04 -55.59 -6.42
N GLU E 108 -13.59 -54.57 -5.78
CA GLU E 108 -13.93 -54.74 -4.37
C GLU E 108 -15.20 -55.58 -4.25
N GLN E 109 -16.07 -55.57 -5.28
CA GLN E 109 -17.25 -56.42 -5.24
C GLN E 109 -16.87 -57.90 -5.37
N VAL E 110 -16.00 -58.23 -6.33
CA VAL E 110 -15.62 -59.62 -6.56
C VAL E 110 -14.72 -60.10 -5.42
N LEU E 111 -13.82 -59.23 -4.91
CA LEU E 111 -12.98 -59.59 -3.77
C LEU E 111 -13.87 -59.92 -2.58
N MET E 112 -14.89 -59.10 -2.34
CA MET E 112 -15.76 -59.28 -1.19
C MET E 112 -16.52 -60.61 -1.31
N LYS E 113 -16.91 -60.99 -2.52
CA LYS E 113 -17.60 -62.25 -2.76
C LYS E 113 -16.70 -63.44 -2.38
N PHE E 114 -15.44 -63.38 -2.79
CA PHE E 114 -14.49 -64.43 -2.43
C PHE E 114 -14.21 -64.45 -0.95
N LYS E 115 -14.12 -63.26 -0.31
CA LYS E 115 -13.81 -63.23 1.11
C LYS E 115 -14.93 -63.90 1.89
N VAL E 116 -16.17 -63.56 1.56
CA VAL E 116 -17.30 -64.05 2.34
C VAL E 116 -17.59 -65.52 2.03
N SER E 117 -17.41 -65.95 0.78
CA SER E 117 -17.68 -67.34 0.43
C SER E 117 -16.62 -68.26 1.04
N VAL E 118 -15.34 -67.81 1.06
CA VAL E 118 -14.28 -68.55 1.73
C VAL E 118 -14.57 -68.63 3.23
N MET E 119 -14.88 -67.50 3.89
CA MET E 119 -15.03 -67.47 5.34
C MET E 119 -16.27 -68.27 5.74
N PHE E 120 -17.40 -68.08 5.05
CA PHE E 120 -18.61 -68.68 5.56
C PHE E 120 -18.83 -70.11 5.03
N ALA E 121 -18.67 -70.35 3.72
CA ALA E 121 -19.07 -71.62 3.16
C ALA E 121 -17.88 -72.56 3.03
N TYR E 122 -16.83 -72.14 2.31
CA TYR E 122 -15.80 -73.06 1.88
C TYR E 122 -15.01 -73.58 3.09
N GLN E 123 -14.69 -72.68 4.03
CA GLN E 123 -13.92 -73.09 5.20
C GLN E 123 -14.75 -74.01 6.09
N THR E 124 -16.03 -73.69 6.29
CA THR E 124 -16.89 -74.52 7.11
C THR E 124 -16.96 -75.94 6.54
N TYR E 125 -17.15 -76.04 5.21
CA TYR E 125 -17.31 -77.31 4.52
C TYR E 125 -16.03 -78.14 4.55
N ASN E 126 -14.87 -77.47 4.49
CA ASN E 126 -13.61 -78.13 4.15
C ASN E 126 -12.61 -78.23 5.32
N ASP E 127 -12.54 -77.21 6.20
CA ASP E 127 -11.46 -77.17 7.19
C ASP E 127 -11.61 -78.29 8.22
N CYS E 128 -12.86 -78.72 8.44
CA CYS E 128 -13.20 -79.81 9.34
C CYS E 128 -12.60 -81.16 8.89
N MET E 129 -12.07 -81.26 7.65
CA MET E 129 -11.63 -82.57 7.18
C MET E 129 -10.33 -82.51 6.36
N VAL E 130 -9.83 -81.30 6.06
CA VAL E 130 -8.76 -81.19 5.09
C VAL E 130 -7.48 -81.92 5.57
N HIS E 131 -7.14 -81.80 6.87
CA HIS E 131 -5.89 -82.38 7.36
C HIS E 131 -5.97 -83.90 7.39
N GLU E 132 -7.13 -84.43 7.77
CA GLU E 132 -7.38 -85.85 7.77
C GLU E 132 -7.39 -86.40 6.33
N LEU E 133 -7.85 -85.59 5.37
CA LEU E 133 -7.83 -86.01 3.98
C LEU E 133 -6.41 -86.03 3.43
N VAL E 134 -5.59 -85.04 3.81
CA VAL E 134 -4.19 -85.03 3.42
C VAL E 134 -3.49 -86.27 3.96
N ASP E 135 -3.78 -86.62 5.22
CA ASP E 135 -3.22 -87.78 5.88
C ASP E 135 -3.58 -89.04 5.11
N TYR E 136 -4.87 -89.20 4.81
CA TYR E 136 -5.32 -90.39 4.09
C TYR E 136 -4.64 -90.47 2.73
N ALA E 137 -4.54 -89.33 2.03
CA ALA E 137 -3.90 -89.31 0.73
C ALA E 137 -2.43 -89.72 0.82
N ARG E 138 -1.77 -89.30 1.92
CA ARG E 138 -0.38 -89.67 2.15
C ARG E 138 -0.24 -91.17 2.34
N HIS E 139 -1.13 -91.77 3.14
CA HIS E 139 -1.17 -93.21 3.33
C HIS E 139 -1.48 -93.96 2.02
N TRP E 140 -2.55 -93.56 1.33
CA TRP E 140 -3.14 -94.38 0.27
C TRP E 140 -2.47 -94.09 -1.08
N GLN E 141 -1.94 -92.89 -1.24
CA GLN E 141 -1.22 -92.48 -2.43
C GLN E 141 -2.09 -92.61 -3.68
N PRO E 142 -3.25 -91.91 -3.75
CA PRO E 142 -4.05 -91.93 -4.96
C PRO E 142 -3.25 -91.36 -6.13
N ASP E 143 -3.48 -91.93 -7.31
CA ASP E 143 -2.94 -91.37 -8.54
C ASP E 143 -3.75 -90.15 -8.97
N LEU E 144 -5.02 -90.12 -8.58
CA LEU E 144 -6.00 -89.16 -9.07
C LEU E 144 -6.99 -88.86 -7.96
N VAL E 145 -7.30 -87.56 -7.81
CA VAL E 145 -8.36 -87.11 -6.92
C VAL E 145 -9.42 -86.41 -7.77
N ILE E 146 -10.67 -86.87 -7.66
CA ILE E 146 -11.77 -86.22 -8.35
C ILE E 146 -12.64 -85.55 -7.28
N TRP E 147 -12.82 -84.23 -7.41
CA TRP E 147 -13.43 -83.47 -6.33
C TRP E 147 -14.66 -82.71 -6.81
N ASP E 148 -15.68 -82.74 -5.96
CA ASP E 148 -16.83 -81.87 -6.09
C ASP E 148 -16.32 -80.42 -6.09
N PRO E 149 -16.93 -79.52 -6.88
CA PRO E 149 -16.36 -78.20 -7.13
C PRO E 149 -16.26 -77.22 -5.95
N VAL E 150 -16.90 -77.51 -4.81
CA VAL E 150 -16.67 -76.70 -3.61
C VAL E 150 -15.89 -77.48 -2.55
N THR E 151 -15.30 -78.63 -2.93
CA THR E 151 -14.57 -79.46 -2.00
C THR E 151 -13.07 -79.22 -2.18
N TYR E 152 -12.62 -78.03 -1.77
CA TYR E 152 -11.25 -77.59 -1.99
C TYR E 152 -10.25 -78.41 -1.15
N ALA E 153 -10.71 -79.12 -0.11
CA ALA E 153 -9.86 -80.07 0.59
C ALA E 153 -9.24 -81.08 -0.39
N GLY E 154 -10.01 -81.41 -1.44
CA GLY E 154 -9.61 -82.43 -2.41
C GLY E 154 -8.31 -82.09 -3.14
N PRO E 155 -8.25 -80.95 -3.87
CA PRO E 155 -7.03 -80.56 -4.58
C PRO E 155 -5.83 -80.29 -3.67
N VAL E 156 -6.09 -79.87 -2.43
CA VAL E 156 -5.02 -79.67 -1.45
C VAL E 156 -4.35 -81.03 -1.18
N ALA E 157 -5.17 -82.03 -0.81
CA ALA E 157 -4.68 -83.38 -0.57
C ALA E 157 -3.97 -83.95 -1.80
N ALA E 158 -4.52 -83.70 -3.00
CA ALA E 158 -3.90 -84.18 -4.22
C ALA E 158 -2.51 -83.57 -4.39
N ARG E 159 -2.45 -82.25 -4.25
CA ARG E 159 -1.22 -81.52 -4.52
C ARG E 159 -0.12 -81.97 -3.56
N VAL E 160 -0.48 -82.17 -2.28
CA VAL E 160 0.48 -82.62 -1.30
C VAL E 160 1.15 -83.92 -1.75
N VAL E 161 0.44 -84.84 -2.42
CA VAL E 161 1.02 -86.13 -2.79
C VAL E 161 1.34 -86.18 -4.28
N GLY E 162 1.20 -85.06 -5.00
CA GLY E 162 1.50 -85.02 -6.42
C GLY E 162 0.48 -85.74 -7.32
N ALA E 163 -0.71 -86.07 -6.78
CA ALA E 163 -1.75 -86.74 -7.57
C ALA E 163 -2.28 -85.77 -8.64
N ALA E 164 -2.71 -86.32 -9.77
CA ALA E 164 -3.56 -85.56 -10.68
C ALA E 164 -4.88 -85.27 -9.98
N HIS E 165 -5.58 -84.21 -10.41
CA HIS E 165 -6.87 -83.91 -9.81
C HIS E 165 -7.71 -83.09 -10.78
N ALA E 166 -9.03 -83.32 -10.69
CA ALA E 166 -10.00 -82.71 -11.58
C ALA E 166 -11.29 -82.47 -10.82
N ARG E 167 -11.97 -81.37 -11.18
CA ARG E 167 -13.31 -81.13 -10.70
C ARG E 167 -14.27 -82.03 -11.48
N LEU E 168 -15.33 -82.49 -10.81
CA LEU E 168 -16.48 -83.08 -11.47
C LEU E 168 -17.70 -82.20 -11.22
N LEU E 169 -18.25 -81.64 -12.30
CA LEU E 169 -19.21 -80.55 -12.21
C LEU E 169 -20.65 -81.06 -12.30
N TRP E 170 -21.45 -80.66 -11.30
CA TRP E 170 -22.90 -80.69 -11.33
C TRP E 170 -23.45 -79.31 -11.69
N CYS E 171 -22.55 -78.32 -11.82
CA CYS E 171 -22.94 -76.91 -11.83
C CYS E 171 -22.65 -76.26 -13.17
N ILE E 172 -23.55 -75.35 -13.57
CA ILE E 172 -23.15 -74.31 -14.49
C ILE E 172 -22.04 -73.54 -13.78
N ASP E 173 -20.91 -73.35 -14.48
CA ASP E 173 -19.63 -73.15 -13.82
C ASP E 173 -19.41 -71.67 -13.42
N ILE E 174 -20.31 -71.17 -12.59
CA ILE E 174 -20.24 -69.82 -12.05
C ILE E 174 -19.00 -69.68 -11.17
N TYR E 175 -18.52 -70.80 -10.60
CA TYR E 175 -17.39 -70.77 -9.68
C TYR E 175 -16.11 -70.40 -10.44
N ALA E 176 -15.82 -71.11 -11.54
CA ALA E 176 -14.61 -70.86 -12.30
C ALA E 176 -14.75 -69.55 -13.08
N LYS E 177 -15.97 -69.19 -13.44
CA LYS E 177 -16.19 -67.95 -14.17
C LYS E 177 -16.01 -66.75 -13.24
N MET E 178 -16.55 -66.80 -12.02
CA MET E 178 -16.34 -65.75 -11.04
C MET E 178 -14.86 -65.65 -10.70
N ARG E 179 -14.15 -66.78 -10.69
CA ARG E 179 -12.72 -66.76 -10.43
C ARG E 179 -11.98 -66.02 -11.55
N GLU E 180 -12.40 -66.23 -12.79
CA GLU E 180 -11.79 -65.54 -13.92
C GLU E 180 -11.98 -64.03 -13.77
N VAL E 181 -13.20 -63.60 -13.40
CA VAL E 181 -13.49 -62.19 -13.15
C VAL E 181 -12.57 -61.68 -12.03
N PHE E 182 -12.48 -62.45 -10.94
CA PHE E 182 -11.63 -62.10 -9.82
C PHE E 182 -10.19 -61.87 -10.28
N LEU E 183 -9.63 -62.78 -11.09
CA LEU E 183 -8.23 -62.69 -11.48
C LEU E 183 -7.98 -61.53 -12.44
N ALA E 184 -8.98 -61.20 -13.29
CA ALA E 184 -8.87 -60.06 -14.18
C ALA E 184 -8.78 -58.76 -13.36
N ARG E 185 -9.60 -58.64 -12.32
CA ARG E 185 -9.62 -57.46 -11.46
C ARG E 185 -8.37 -57.40 -10.60
N LEU E 186 -7.91 -58.55 -10.11
CA LEU E 186 -6.70 -58.62 -9.30
C LEU E 186 -5.52 -58.04 -10.07
N ALA E 187 -5.42 -58.39 -11.37
CA ALA E 187 -4.32 -57.97 -12.22
C ALA E 187 -4.30 -56.46 -12.43
N GLU E 188 -5.45 -55.79 -12.27
CA GLU E 188 -5.56 -54.34 -12.40
C GLU E 188 -5.11 -53.59 -11.15
N GLN E 189 -4.84 -54.29 -10.04
CA GLN E 189 -4.56 -53.61 -8.79
C GLN E 189 -3.06 -53.41 -8.62
N PRO E 190 -2.64 -52.32 -7.94
CA PRO E 190 -1.25 -52.16 -7.52
C PRO E 190 -0.89 -53.29 -6.55
N GLU E 191 0.41 -53.57 -6.46
CA GLU E 191 0.97 -54.62 -5.62
C GLU E 191 0.42 -54.58 -4.19
N GLU E 192 0.28 -53.38 -3.62
CA GLU E 192 -0.09 -53.22 -2.21
C GLU E 192 -1.54 -53.63 -1.99
N ARG E 193 -2.37 -53.49 -3.04
CA ARG E 193 -3.81 -53.71 -2.94
C ARG E 193 -4.18 -55.14 -3.32
N ARG E 194 -3.18 -55.95 -3.75
CA ARG E 194 -3.44 -57.30 -4.21
C ARG E 194 -3.71 -58.21 -3.02
N GLU E 195 -4.80 -58.95 -3.12
CA GLU E 195 -5.28 -59.82 -2.04
C GLU E 195 -6.06 -60.97 -2.68
N ASP E 196 -5.84 -62.19 -2.20
CA ASP E 196 -6.50 -63.37 -2.76
C ASP E 196 -6.90 -64.29 -1.61
N PRO E 197 -8.18 -64.24 -1.18
CA PRO E 197 -8.67 -65.07 -0.06
C PRO E 197 -8.49 -66.58 -0.29
N MET E 198 -8.53 -67.00 -1.55
CA MET E 198 -8.41 -68.41 -1.92
C MET E 198 -6.94 -68.84 -1.75
N ALA E 199 -6.02 -68.02 -2.26
CA ALA E 199 -4.59 -68.25 -2.09
C ALA E 199 -4.19 -68.18 -0.60
N ASP E 200 -4.72 -67.23 0.17
CA ASP E 200 -4.40 -67.14 1.59
C ASP E 200 -4.82 -68.42 2.29
N TRP E 201 -6.07 -68.83 2.06
CA TRP E 201 -6.64 -69.98 2.73
C TRP E 201 -5.93 -71.27 2.31
N LEU E 202 -5.93 -71.56 1.00
CA LEU E 202 -5.46 -72.84 0.54
C LEU E 202 -3.92 -72.86 0.50
N GLY E 203 -3.31 -71.73 0.15
CA GLY E 203 -1.87 -71.57 0.20
C GLY E 203 -1.32 -71.70 1.62
N GLY E 204 -2.07 -71.16 2.59
CA GLY E 204 -1.75 -71.33 3.99
C GLY E 204 -1.66 -72.81 4.38
N ILE E 205 -2.70 -73.57 4.00
CA ILE E 205 -2.75 -74.99 4.32
C ILE E 205 -1.62 -75.74 3.59
N LEU E 206 -1.45 -75.44 2.30
CA LEU E 206 -0.43 -76.10 1.51
C LEU E 206 0.97 -75.80 2.08
N GLY E 207 1.18 -74.56 2.54
CA GLY E 207 2.44 -74.13 3.16
C GLY E 207 2.81 -74.98 4.36
N ARG E 208 1.86 -75.27 5.25
CA ARG E 208 2.08 -76.14 6.38
C ARG E 208 2.62 -77.52 5.97
N TYR E 209 2.36 -77.99 4.74
CA TYR E 209 2.86 -79.29 4.29
C TYR E 209 4.04 -79.10 3.34
N GLY E 210 4.54 -77.88 3.23
CA GLY E 210 5.72 -77.60 2.43
C GLY E 210 5.42 -77.49 0.95
N HIS E 211 4.19 -77.12 0.57
CA HIS E 211 3.85 -76.96 -0.83
C HIS E 211 3.40 -75.52 -1.09
N THR E 212 3.56 -75.12 -2.35
CA THR E 212 3.14 -73.81 -2.82
C THR E 212 1.67 -73.85 -3.26
N PHE E 213 1.07 -72.66 -3.35
CA PHE E 213 -0.23 -72.50 -3.98
C PHE E 213 -0.05 -72.50 -5.49
N ASP E 214 -1.05 -73.04 -6.20
CA ASP E 214 -1.16 -72.88 -7.64
C ASP E 214 -2.64 -72.71 -7.97
N GLU E 215 -2.93 -71.97 -9.04
CA GLU E 215 -4.30 -71.69 -9.43
C GLU E 215 -5.07 -72.98 -9.73
N GLU E 216 -4.35 -74.07 -10.02
CA GLU E 216 -5.01 -75.29 -10.40
C GLU E 216 -5.71 -75.92 -9.19
N VAL E 217 -5.40 -75.49 -7.96
CA VAL E 217 -6.14 -76.02 -6.81
C VAL E 217 -7.50 -75.36 -6.70
N VAL E 218 -7.75 -74.31 -7.48
CA VAL E 218 -9.02 -73.60 -7.45
C VAL E 218 -9.97 -74.15 -8.53
N VAL E 219 -9.44 -74.58 -9.69
CA VAL E 219 -10.26 -75.01 -10.80
C VAL E 219 -9.95 -76.43 -11.28
N GLY E 220 -8.98 -77.10 -10.63
CA GLY E 220 -8.53 -78.41 -11.04
C GLY E 220 -7.55 -78.33 -12.21
N GLN E 221 -6.82 -79.43 -12.45
CA GLN E 221 -5.95 -79.54 -13.62
C GLN E 221 -6.81 -79.68 -14.86
N TRP E 222 -7.96 -80.34 -14.71
CA TRP E 222 -9.00 -80.30 -15.73
C TRP E 222 -10.35 -80.41 -15.03
N THR E 223 -11.40 -80.16 -15.82
CA THR E 223 -12.78 -80.14 -15.37
C THR E 223 -13.54 -81.22 -16.16
N ILE E 224 -14.11 -82.18 -15.41
CA ILE E 224 -15.03 -83.15 -16.00
C ILE E 224 -16.45 -82.60 -15.80
N ASP E 225 -17.16 -82.39 -16.91
CA ASP E 225 -18.34 -81.54 -16.88
C ASP E 225 -19.56 -82.31 -17.37
N GLN E 226 -20.58 -82.40 -16.51
CA GLN E 226 -21.83 -83.10 -16.78
C GLN E 226 -22.88 -82.15 -17.34
N ILE E 227 -22.55 -80.86 -17.51
CA ILE E 227 -23.46 -79.90 -18.11
C ILE E 227 -23.27 -79.95 -19.63
N PRO E 228 -24.35 -80.12 -20.43
CA PRO E 228 -24.25 -80.02 -21.88
C PRO E 228 -23.59 -78.70 -22.30
N THR E 229 -22.67 -78.79 -23.26
CA THR E 229 -21.88 -77.65 -23.73
C THR E 229 -22.72 -76.41 -23.99
N SER E 230 -23.89 -76.57 -24.64
CA SER E 230 -24.67 -75.41 -25.04
C SER E 230 -25.20 -74.64 -23.82
N LEU E 231 -25.26 -75.26 -22.64
CA LEU E 231 -25.80 -74.61 -21.46
C LEU E 231 -24.70 -74.19 -20.48
N GLN E 232 -23.44 -74.45 -20.83
CA GLN E 232 -22.34 -74.22 -19.92
C GLN E 232 -21.64 -72.91 -20.29
N LEU E 233 -21.04 -72.24 -19.30
CA LEU E 233 -20.28 -71.03 -19.52
C LEU E 233 -18.93 -71.38 -20.16
N PRO E 234 -18.55 -70.71 -21.27
CA PRO E 234 -17.23 -70.89 -21.86
C PRO E 234 -16.13 -70.33 -20.96
N LEU E 235 -15.02 -71.09 -20.85
CA LEU E 235 -13.95 -70.80 -19.90
C LEU E 235 -12.63 -71.21 -20.54
N SER E 236 -11.52 -70.66 -20.03
CA SER E 236 -10.18 -71.10 -20.39
C SER E 236 -9.69 -72.14 -19.40
N LEU E 237 -10.15 -73.37 -19.56
CA LEU E 237 -9.58 -74.47 -18.80
C LEU E 237 -9.79 -75.75 -19.62
N ARG E 238 -9.11 -76.83 -19.24
CA ARG E 238 -9.26 -78.09 -19.95
C ARG E 238 -10.58 -78.74 -19.51
N ARG E 239 -11.51 -78.85 -20.46
CA ARG E 239 -12.85 -79.34 -20.19
C ARG E 239 -13.06 -80.71 -20.85
N VAL E 240 -13.46 -81.71 -20.06
CA VAL E 240 -13.80 -83.03 -20.54
C VAL E 240 -15.30 -83.22 -20.32
N PRO E 241 -16.12 -83.09 -21.38
CA PRO E 241 -17.55 -83.32 -21.26
C PRO E 241 -17.83 -84.80 -20.98
N VAL E 242 -18.82 -85.06 -20.13
CA VAL E 242 -19.30 -86.40 -19.88
C VAL E 242 -20.83 -86.33 -19.80
N ARG E 243 -21.49 -87.40 -20.26
CA ARG E 243 -22.94 -87.46 -20.21
C ARG E 243 -23.43 -87.60 -18.77
N TYR E 244 -24.42 -86.78 -18.41
CA TYR E 244 -25.11 -86.97 -17.15
C TYR E 244 -25.93 -88.26 -17.21
N LEU E 245 -25.74 -89.14 -16.22
CA LEU E 245 -26.54 -90.32 -16.01
C LEU E 245 -27.23 -90.16 -14.66
N PRO E 246 -28.57 -90.22 -14.58
CA PRO E 246 -29.27 -89.98 -13.34
C PRO E 246 -28.86 -90.94 -12.23
N HIS E 247 -28.51 -90.38 -11.07
CA HIS E 247 -28.47 -91.13 -9.83
C HIS E 247 -29.01 -90.23 -8.74
N ASN E 248 -30.10 -90.66 -8.10
CA ASN E 248 -30.81 -89.82 -7.15
C ASN E 248 -30.87 -90.55 -5.81
N GLY E 249 -29.91 -91.44 -5.59
CA GLY E 249 -29.79 -92.15 -4.34
C GLY E 249 -30.49 -93.51 -4.42
N PRO E 250 -30.69 -94.18 -3.27
CA PRO E 250 -31.36 -95.48 -3.22
C PRO E 250 -32.73 -95.43 -3.86
N SER E 251 -33.00 -96.36 -4.78
CA SER E 251 -34.25 -96.31 -5.51
C SER E 251 -34.81 -97.73 -5.73
N GLU E 252 -36.16 -97.81 -5.72
CA GLU E 252 -36.89 -98.99 -6.14
C GLU E 252 -38.09 -98.58 -6.97
N ILE E 253 -38.50 -99.48 -7.87
CA ILE E 253 -39.66 -99.27 -8.72
C ILE E 253 -40.91 -99.71 -7.95
N PRO E 254 -41.89 -98.81 -7.69
CA PRO E 254 -43.14 -99.18 -7.03
C PRO E 254 -44.14 -99.74 -8.04
N ASP E 255 -45.17 -100.45 -7.51
CA ASP E 255 -46.19 -101.11 -8.33
C ASP E 255 -46.97 -100.12 -9.19
N TRP E 256 -47.27 -98.93 -8.63
CA TRP E 256 -48.16 -97.98 -9.28
C TRP E 256 -47.53 -97.33 -10.51
N LEU E 257 -46.22 -97.48 -10.68
CA LEU E 257 -45.50 -96.79 -11.75
C LEU E 257 -45.91 -97.36 -13.11
N ARG E 258 -46.36 -98.62 -13.17
CA ARG E 258 -46.73 -99.27 -14.43
C ARG E 258 -47.83 -98.49 -15.17
N GLU E 259 -48.77 -97.89 -14.42
CA GLU E 259 -49.94 -97.24 -15.00
C GLU E 259 -49.53 -96.01 -15.82
N ALA E 260 -49.71 -96.01 -17.14
CA ALA E 260 -49.47 -94.82 -17.95
C ALA E 260 -50.69 -93.92 -17.83
N PRO E 261 -50.55 -92.58 -17.59
CA PRO E 261 -51.73 -91.73 -17.39
C PRO E 261 -52.39 -91.22 -18.69
N GLY E 262 -53.71 -91.18 -18.71
CA GLY E 262 -54.43 -90.68 -19.87
C GLY E 262 -54.31 -89.17 -20.11
N ARG E 263 -53.67 -88.44 -19.17
CA ARG E 263 -53.66 -86.99 -19.20
C ARG E 263 -52.33 -86.45 -18.64
N PRO E 264 -51.93 -85.20 -19.00
CA PRO E 264 -50.57 -84.72 -18.75
C PRO E 264 -50.12 -84.93 -17.30
N ARG E 265 -48.96 -85.58 -17.12
CA ARG E 265 -48.42 -85.81 -15.80
C ARG E 265 -47.49 -84.65 -15.41
N VAL E 266 -47.71 -84.12 -14.21
CA VAL E 266 -46.93 -83.04 -13.65
C VAL E 266 -46.30 -83.53 -12.35
N VAL E 267 -44.97 -83.41 -12.26
CA VAL E 267 -44.23 -83.87 -11.09
C VAL E 267 -43.69 -82.65 -10.35
N LEU E 268 -43.75 -82.71 -9.02
CA LEU E 268 -43.28 -81.68 -8.13
C LEU E 268 -42.33 -82.31 -7.10
N THR E 269 -41.08 -81.85 -7.06
CA THR E 269 -40.08 -82.33 -6.11
C THR E 269 -39.61 -81.17 -5.25
N SER E 270 -39.25 -81.47 -3.98
CA SER E 270 -39.07 -80.48 -2.93
C SER E 270 -40.12 -79.37 -3.01
N PHE E 282 -41.95 -68.18 0.68
CA PHE E 282 -42.43 -68.50 -0.70
C PHE E 282 -43.81 -69.14 -0.56
N MET E 283 -44.50 -69.31 -1.68
CA MET E 283 -45.84 -69.88 -1.72
C MET E 283 -45.86 -71.23 -1.00
N PRO E 284 -46.66 -71.40 0.08
CA PRO E 284 -46.71 -72.68 0.80
C PRO E 284 -46.99 -73.85 -0.13
N VAL E 285 -46.40 -75.01 0.20
CA VAL E 285 -46.49 -76.20 -0.62
C VAL E 285 -47.95 -76.68 -0.63
N ALA E 286 -48.65 -76.50 0.49
CA ALA E 286 -50.06 -76.82 0.58
C ALA E 286 -50.86 -76.13 -0.52
N ASP E 287 -50.54 -74.85 -0.79
CA ASP E 287 -51.25 -74.05 -1.77
C ASP E 287 -50.90 -74.49 -3.19
N MET E 288 -49.65 -74.93 -3.37
CA MET E 288 -49.19 -75.43 -4.65
C MET E 288 -49.98 -76.68 -5.03
N ILE E 289 -50.12 -77.59 -4.06
CA ILE E 289 -50.84 -78.84 -4.25
C ILE E 289 -52.29 -78.57 -4.64
N ASN E 290 -52.93 -77.62 -3.92
CA ASN E 290 -54.34 -77.29 -4.11
C ASN E 290 -54.55 -76.67 -5.49
N THR E 291 -53.65 -75.79 -5.92
CA THR E 291 -53.73 -75.23 -7.27
C THR E 291 -53.64 -76.33 -8.32
N LEU E 292 -52.64 -77.21 -8.18
CA LEU E 292 -52.39 -78.26 -9.16
C LEU E 292 -53.55 -79.27 -9.12
N GLY E 293 -54.16 -79.43 -7.93
CA GLY E 293 -55.31 -80.29 -7.73
C GLY E 293 -56.54 -79.88 -8.55
N SER E 294 -56.64 -78.59 -8.91
CA SER E 294 -57.79 -78.08 -9.64
C SER E 294 -57.58 -78.15 -11.15
N MET E 295 -56.46 -78.70 -11.62
CA MET E 295 -56.10 -78.58 -13.03
C MET E 295 -56.33 -79.92 -13.72
N ASP E 296 -56.34 -79.89 -15.06
CA ASP E 296 -56.64 -81.06 -15.86
C ASP E 296 -55.37 -81.87 -16.11
N ILE E 297 -54.80 -82.41 -15.01
CA ILE E 297 -53.50 -83.05 -15.00
C ILE E 297 -53.49 -84.14 -13.94
N ASP E 298 -52.51 -85.05 -14.08
CA ASP E 298 -52.16 -86.03 -13.06
C ASP E 298 -50.92 -85.51 -12.34
N VAL E 299 -50.92 -85.56 -11.00
CA VAL E 299 -49.87 -84.93 -10.22
C VAL E 299 -49.19 -86.00 -9.35
N VAL E 300 -47.85 -86.01 -9.37
CA VAL E 300 -47.07 -86.78 -8.42
C VAL E 300 -46.17 -85.80 -7.65
N ALA E 301 -46.32 -85.77 -6.32
CA ALA E 301 -45.54 -84.87 -5.48
C ALA E 301 -44.65 -85.70 -4.55
N ALA E 302 -43.33 -85.61 -4.76
CA ALA E 302 -42.33 -86.21 -3.87
C ALA E 302 -41.95 -85.20 -2.80
N LEU E 303 -42.50 -85.37 -1.59
CA LEU E 303 -42.36 -84.41 -0.51
C LEU E 303 -41.85 -85.12 0.75
N PRO E 304 -41.01 -84.43 1.57
CA PRO E 304 -40.49 -85.01 2.81
C PRO E 304 -41.56 -85.29 3.88
N PRO E 305 -41.20 -85.93 5.02
CA PRO E 305 -42.18 -86.34 6.02
C PRO E 305 -43.17 -85.25 6.46
N GLU E 306 -42.67 -84.12 6.97
CA GLU E 306 -43.46 -83.17 7.73
C GLU E 306 -44.31 -82.29 6.80
N GLU E 307 -43.86 -82.11 5.56
CA GLU E 307 -44.61 -81.37 4.57
C GLU E 307 -45.87 -82.15 4.18
N VAL E 308 -45.77 -83.49 4.23
CA VAL E 308 -46.90 -84.37 3.97
C VAL E 308 -48.06 -83.98 4.89
N GLU E 309 -47.77 -83.76 6.19
CA GLU E 309 -48.80 -83.57 7.19
C GLU E 309 -49.13 -82.09 7.41
N ALA E 310 -48.32 -81.18 6.82
CA ALA E 310 -48.65 -79.76 6.80
C ALA E 310 -49.87 -79.50 5.92
N LEU E 311 -50.23 -80.46 5.06
CA LEU E 311 -51.40 -80.36 4.19
C LEU E 311 -52.58 -81.10 4.84
N GLU E 312 -53.80 -80.69 4.47
CA GLU E 312 -55.03 -81.30 4.99
C GLU E 312 -55.53 -82.36 4.01
N LYS E 313 -56.02 -81.91 2.83
CA LYS E 313 -56.65 -82.80 1.88
C LYS E 313 -55.72 -83.03 0.68
N VAL E 314 -55.65 -84.29 0.23
CA VAL E 314 -54.96 -84.67 -0.99
C VAL E 314 -55.96 -84.62 -2.15
N PRO E 315 -55.82 -83.72 -3.14
CA PRO E 315 -56.75 -83.70 -4.27
C PRO E 315 -56.82 -85.05 -4.98
N ALA E 316 -57.90 -85.25 -5.75
CA ALA E 316 -58.19 -86.52 -6.38
C ALA E 316 -57.12 -86.87 -7.42
N ASN E 317 -56.52 -85.85 -8.07
CA ASN E 317 -55.61 -86.07 -9.18
C ASN E 317 -54.16 -86.25 -8.71
N THR E 318 -53.93 -86.27 -7.39
CA THR E 318 -52.61 -86.11 -6.82
C THR E 318 -52.20 -87.34 -6.01
N ARG E 319 -51.00 -87.87 -6.31
CA ARG E 319 -50.36 -88.87 -5.49
C ARG E 319 -49.18 -88.23 -4.76
N ILE E 320 -49.09 -88.48 -3.45
CA ILE E 320 -48.02 -87.94 -2.63
C ILE E 320 -47.16 -89.09 -2.12
N VAL E 321 -45.84 -88.96 -2.29
CA VAL E 321 -44.88 -89.98 -1.93
C VAL E 321 -43.69 -89.30 -1.24
N ASP E 322 -42.90 -90.05 -0.46
CA ASP E 322 -41.68 -89.53 0.13
C ASP E 322 -40.55 -89.60 -0.89
N PHE E 323 -40.35 -90.82 -1.41
CA PHE E 323 -39.31 -91.12 -2.37
C PHE E 323 -39.96 -91.60 -3.66
N VAL E 324 -39.33 -91.31 -4.80
CA VAL E 324 -39.76 -91.79 -6.10
C VAL E 324 -38.52 -91.97 -6.96
N PRO E 325 -38.41 -93.07 -7.74
CA PRO E 325 -37.32 -93.22 -8.70
C PRO E 325 -37.55 -92.29 -9.88
N LEU E 326 -36.97 -91.09 -9.77
CA LEU E 326 -37.30 -89.99 -10.65
C LEU E 326 -37.02 -90.37 -12.11
N HIS E 327 -35.92 -91.10 -12.37
CA HIS E 327 -35.57 -91.45 -13.74
C HIS E 327 -36.60 -92.41 -14.34
N ALA E 328 -37.20 -93.26 -13.51
CA ALA E 328 -38.23 -94.18 -13.97
C ALA E 328 -39.58 -93.46 -14.08
N LEU E 329 -39.80 -92.45 -13.25
CA LEU E 329 -41.06 -91.70 -13.24
C LEU E 329 -41.17 -90.71 -14.42
N LEU E 330 -40.08 -90.09 -14.85
CA LEU E 330 -40.19 -88.91 -15.70
C LEU E 330 -40.44 -89.23 -17.17
N PRO E 331 -40.13 -90.43 -17.73
CA PRO E 331 -40.51 -90.72 -19.11
C PRO E 331 -42.00 -90.46 -19.36
N GLY E 332 -42.30 -89.67 -20.39
CA GLY E 332 -43.68 -89.34 -20.74
C GLY E 332 -44.30 -88.24 -19.89
N ALA E 333 -43.71 -87.86 -18.74
CA ALA E 333 -44.24 -86.75 -17.95
C ALA E 333 -44.15 -85.45 -18.75
N SER E 334 -45.01 -84.48 -18.41
CA SER E 334 -45.14 -83.26 -19.18
C SER E 334 -44.36 -82.09 -18.55
N VAL E 335 -44.31 -82.06 -17.20
CA VAL E 335 -43.65 -80.97 -16.47
C VAL E 335 -43.00 -81.52 -15.22
N LEU E 336 -41.78 -81.05 -14.92
CA LEU E 336 -41.20 -81.17 -13.60
C LEU E 336 -41.06 -79.78 -12.99
N ILE E 337 -41.59 -79.64 -11.76
CA ILE E 337 -41.49 -78.43 -10.97
C ILE E 337 -40.48 -78.66 -9.85
N HIS E 338 -39.44 -77.81 -9.78
CA HIS E 338 -38.41 -77.97 -8.76
C HIS E 338 -37.61 -76.68 -8.59
N HIS E 339 -36.70 -76.68 -7.60
CA HIS E 339 -35.96 -75.50 -7.15
C HIS E 339 -34.62 -75.33 -7.88
N GLY E 340 -34.23 -76.26 -8.75
CA GLY E 340 -33.07 -76.08 -9.63
C GLY E 340 -31.86 -76.93 -9.25
N GLY E 341 -32.04 -77.85 -8.29
CA GLY E 341 -31.06 -78.88 -7.98
C GLY E 341 -30.72 -79.74 -9.20
N PHE E 342 -29.49 -80.26 -9.23
CA PHE E 342 -28.97 -80.91 -10.42
C PHE E 342 -29.65 -82.26 -10.68
N GLY E 343 -29.97 -83.00 -9.61
CA GLY E 343 -30.62 -84.30 -9.75
C GLY E 343 -31.92 -84.21 -10.54
N SER E 344 -32.76 -83.25 -10.14
CA SER E 344 -34.02 -82.95 -10.82
C SER E 344 -33.77 -82.40 -12.22
N TRP E 345 -32.92 -81.38 -12.31
CA TRP E 345 -32.64 -80.71 -13.57
C TRP E 345 -32.13 -81.71 -14.59
N GLY E 346 -31.13 -82.49 -14.19
CA GLY E 346 -30.48 -83.43 -15.08
C GLY E 346 -31.39 -84.58 -15.47
N THR E 347 -32.20 -85.07 -14.53
CA THR E 347 -33.06 -86.22 -14.79
C THR E 347 -34.20 -85.80 -15.72
N ALA E 348 -34.76 -84.60 -15.52
CA ALA E 348 -35.74 -84.06 -16.45
C ALA E 348 -35.10 -83.85 -17.81
N LEU E 349 -33.85 -83.37 -17.83
CA LEU E 349 -33.18 -83.09 -19.08
C LEU E 349 -33.03 -84.37 -19.91
N VAL E 350 -32.60 -85.48 -19.29
CA VAL E 350 -32.33 -86.69 -20.06
C VAL E 350 -33.66 -87.32 -20.49
N ASN E 351 -34.77 -86.96 -19.85
CA ASN E 351 -36.08 -87.49 -20.22
C ASN E 351 -36.83 -86.53 -21.15
N GLY E 352 -36.22 -85.40 -21.51
CA GLY E 352 -36.87 -84.43 -22.39
C GLY E 352 -38.08 -83.74 -21.78
N VAL E 353 -38.17 -83.68 -20.44
CA VAL E 353 -39.32 -83.11 -19.76
C VAL E 353 -39.12 -81.61 -19.53
N PRO E 354 -40.02 -80.75 -20.04
CA PRO E 354 -40.00 -79.32 -19.70
C PRO E 354 -40.05 -79.08 -18.20
N GLN E 355 -39.30 -78.06 -17.77
CA GLN E 355 -39.10 -77.79 -16.36
C GLN E 355 -39.65 -76.40 -16.03
N PHE E 356 -40.30 -76.33 -14.87
CA PHE E 356 -40.68 -75.07 -14.26
C PHE E 356 -39.93 -74.93 -12.95
N ILE E 357 -39.11 -73.87 -12.87
CA ILE E 357 -38.16 -73.69 -11.79
C ILE E 357 -38.43 -72.36 -11.11
N PRO E 358 -39.27 -72.36 -10.05
CA PRO E 358 -39.38 -71.21 -9.15
C PRO E 358 -38.28 -71.28 -8.09
N THR E 359 -37.32 -70.35 -8.14
CA THR E 359 -36.14 -70.49 -7.31
C THR E 359 -35.55 -69.13 -6.97
N ILE E 360 -34.38 -69.18 -6.32
CA ILE E 360 -33.65 -68.02 -5.83
C ILE E 360 -32.24 -68.02 -6.42
N ARG E 361 -31.53 -66.91 -6.25
CA ARG E 361 -30.15 -66.81 -6.72
C ARG E 361 -29.21 -67.39 -5.67
N TYR E 362 -29.30 -68.71 -5.52
CA TYR E 362 -28.48 -69.47 -4.60
C TYR E 362 -27.77 -70.56 -5.41
N ALA E 363 -26.49 -70.81 -5.09
CA ALA E 363 -25.65 -71.68 -5.91
C ALA E 363 -25.88 -71.32 -7.38
N ASP E 364 -26.10 -72.33 -8.24
CA ASP E 364 -26.31 -72.09 -9.66
C ASP E 364 -27.79 -72.30 -10.03
N TRP E 365 -28.67 -72.31 -9.01
CA TRP E 365 -30.06 -72.64 -9.25
C TRP E 365 -30.69 -71.70 -10.27
N TRP E 366 -30.37 -70.40 -10.17
CA TRP E 366 -30.94 -69.40 -11.04
C TRP E 366 -30.47 -69.65 -12.48
N ASN E 367 -29.19 -69.98 -12.63
CA ASN E 367 -28.59 -70.28 -13.92
C ASN E 367 -29.19 -71.55 -14.52
N LYS E 368 -29.54 -72.51 -13.65
CA LYS E 368 -30.19 -73.73 -14.09
C LYS E 368 -31.53 -73.38 -14.73
N GLY E 369 -32.28 -72.47 -14.08
CA GLY E 369 -33.55 -71.97 -14.61
C GLY E 369 -33.37 -71.14 -15.88
N THR E 370 -32.48 -70.15 -15.85
CA THR E 370 -32.35 -69.22 -16.96
C THR E 370 -31.79 -69.92 -18.19
N SER E 371 -30.87 -70.88 -18.01
CA SER E 371 -30.31 -71.61 -19.14
C SER E 371 -31.43 -72.27 -19.95
N LEU E 372 -32.38 -72.92 -19.26
CA LEU E 372 -33.49 -73.59 -19.93
C LEU E 372 -34.46 -72.56 -20.53
N HIS E 373 -34.74 -71.49 -19.77
CA HIS E 373 -35.61 -70.42 -20.22
C HIS E 373 -35.12 -69.85 -21.55
N GLU E 374 -33.84 -69.45 -21.63
CA GLU E 374 -33.27 -68.88 -22.85
C GLU E 374 -33.32 -69.88 -24.00
N ALA E 375 -33.21 -71.18 -23.71
CA ALA E 375 -33.22 -72.19 -24.76
C ALA E 375 -34.65 -72.51 -25.21
N GLY E 376 -35.65 -72.00 -24.46
CA GLY E 376 -37.04 -72.25 -24.76
C GLY E 376 -37.54 -73.62 -24.30
N ALA E 377 -36.78 -74.28 -23.40
CA ALA E 377 -37.08 -75.63 -22.95
C ALA E 377 -37.84 -75.67 -21.64
N GLY E 378 -37.88 -74.54 -20.93
CA GLY E 378 -38.61 -74.46 -19.66
C GLY E 378 -38.81 -73.01 -19.24
N LEU E 379 -39.29 -72.82 -18.01
CA LEU E 379 -39.59 -71.51 -17.46
C LEU E 379 -38.97 -71.37 -16.08
N VAL E 380 -38.36 -70.20 -15.83
CA VAL E 380 -37.86 -69.83 -14.50
C VAL E 380 -38.63 -68.63 -14.00
N VAL E 381 -38.85 -68.57 -12.69
CA VAL E 381 -39.39 -67.40 -12.05
C VAL E 381 -38.80 -67.31 -10.64
N HIS E 382 -38.69 -66.09 -10.08
CA HIS E 382 -38.23 -65.95 -8.72
C HIS E 382 -39.28 -66.54 -7.78
N ALA E 383 -38.84 -67.30 -6.78
CA ALA E 383 -39.73 -67.99 -5.86
C ALA E 383 -40.69 -67.02 -5.16
N SER E 384 -40.23 -65.78 -4.93
CA SER E 384 -41.01 -64.79 -4.20
C SER E 384 -42.20 -64.33 -5.04
N GLU E 385 -42.11 -64.46 -6.38
CA GLU E 385 -43.18 -64.05 -7.28
C GLU E 385 -44.15 -65.20 -7.61
N LEU E 386 -44.00 -66.35 -6.95
CA LEU E 386 -44.85 -67.48 -7.31
C LEU E 386 -46.18 -67.36 -6.58
N THR E 387 -47.26 -67.32 -7.38
CA THR E 387 -48.63 -67.33 -6.92
C THR E 387 -49.39 -68.48 -7.58
N ALA E 388 -50.61 -68.74 -7.12
CA ALA E 388 -51.48 -69.73 -7.73
C ALA E 388 -51.66 -69.43 -9.22
N GLU E 389 -51.78 -68.14 -9.57
CA GLU E 389 -52.00 -67.73 -10.95
C GLU E 389 -50.79 -68.04 -11.83
N VAL E 390 -49.60 -67.72 -11.32
CA VAL E 390 -48.35 -67.91 -12.05
C VAL E 390 -48.08 -69.42 -12.20
N LEU E 391 -48.26 -70.18 -11.11
CA LEU E 391 -48.11 -71.62 -11.12
C LEU E 391 -48.99 -72.25 -12.21
N ARG E 392 -50.29 -71.94 -12.16
CA ARG E 392 -51.27 -72.49 -13.09
C ARG E 392 -50.89 -72.13 -14.52
N GLU E 393 -50.59 -70.84 -14.76
CA GLU E 393 -50.37 -70.34 -16.10
C GLU E 393 -49.10 -70.96 -16.69
N SER E 394 -48.04 -71.07 -15.87
CA SER E 394 -46.76 -71.60 -16.30
C SER E 394 -46.91 -73.08 -16.69
N VAL E 395 -47.57 -73.86 -15.84
CA VAL E 395 -47.79 -75.27 -16.11
C VAL E 395 -48.59 -75.44 -17.40
N GLU E 396 -49.67 -74.66 -17.55
CA GLU E 396 -50.51 -74.72 -18.74
C GLU E 396 -49.66 -74.48 -19.98
N ARG E 397 -48.78 -73.47 -19.92
CA ARG E 397 -47.98 -73.07 -21.05
C ARG E 397 -47.01 -74.20 -21.44
N LEU E 398 -46.41 -74.87 -20.44
CA LEU E 398 -45.43 -75.92 -20.69
C LEU E 398 -46.11 -77.18 -21.23
N VAL E 399 -47.37 -77.40 -20.82
CA VAL E 399 -48.18 -78.51 -21.33
C VAL E 399 -48.64 -78.21 -22.76
N GLU E 400 -49.21 -77.01 -23.01
CA GLU E 400 -49.96 -76.73 -24.23
C GLU E 400 -49.04 -76.29 -25.36
N ASP E 401 -48.07 -75.42 -25.07
CA ASP E 401 -47.16 -74.93 -26.09
C ASP E 401 -46.09 -75.99 -26.35
N ALA E 402 -46.12 -76.56 -27.57
CA ALA E 402 -45.30 -77.71 -27.94
C ALA E 402 -43.84 -77.32 -28.14
N SER E 403 -43.54 -76.01 -28.23
CA SER E 403 -42.19 -75.53 -28.46
C SER E 403 -41.27 -75.86 -27.27
N TYR E 404 -41.87 -75.99 -26.08
CA TYR E 404 -41.14 -76.35 -24.86
C TYR E 404 -40.65 -77.79 -24.96
N ARG E 405 -41.55 -78.75 -25.20
CA ARG E 405 -41.15 -80.14 -25.41
C ARG E 405 -40.11 -80.26 -26.52
N GLU E 406 -40.25 -79.48 -27.60
CA GLU E 406 -39.33 -79.61 -28.73
C GLU E 406 -37.93 -79.15 -28.35
N ALA E 407 -37.85 -78.03 -27.62
CA ALA E 407 -36.57 -77.50 -27.14
C ALA E 407 -35.95 -78.46 -26.11
N ALA E 408 -36.76 -79.00 -25.19
CA ALA E 408 -36.32 -79.98 -24.21
C ALA E 408 -35.74 -81.22 -24.90
N GLU E 409 -36.37 -81.60 -26.02
CA GLU E 409 -35.99 -82.79 -26.75
C GLU E 409 -34.63 -82.57 -27.41
N ARG E 410 -34.38 -81.35 -27.90
CA ARG E 410 -33.09 -81.03 -28.47
C ARG E 410 -31.97 -81.15 -27.43
N LEU E 411 -32.24 -80.72 -26.18
CA LEU E 411 -31.25 -80.80 -25.11
C LEU E 411 -31.01 -82.26 -24.73
N ARG E 412 -32.10 -83.03 -24.66
CA ARG E 412 -32.00 -84.47 -24.43
C ARG E 412 -31.04 -85.07 -25.44
N GLU E 413 -31.20 -84.72 -26.73
CA GLU E 413 -30.37 -85.30 -27.78
C GLU E 413 -28.93 -84.83 -27.64
N GLU E 414 -28.73 -83.59 -27.20
CA GLU E 414 -27.38 -83.07 -26.99
C GLU E 414 -26.67 -83.88 -25.91
N ASN E 415 -27.35 -84.13 -24.78
CA ASN E 415 -26.81 -84.95 -23.70
C ASN E 415 -26.46 -86.34 -24.22
N GLN E 416 -27.35 -86.90 -25.03
CA GLN E 416 -27.23 -88.27 -25.51
C GLN E 416 -26.07 -88.39 -26.50
N ARG E 417 -25.63 -87.29 -27.13
CA ARG E 417 -24.45 -87.33 -27.98
C ARG E 417 -23.16 -87.18 -27.17
N THR E 418 -23.25 -86.78 -25.90
CA THR E 418 -22.05 -86.63 -25.10
C THR E 418 -21.53 -88.02 -24.73
N PRO E 419 -20.19 -88.25 -24.78
CA PRO E 419 -19.61 -89.49 -24.33
C PRO E 419 -20.01 -89.84 -22.90
N THR E 420 -20.27 -91.13 -22.68
CA THR E 420 -20.65 -91.66 -21.38
C THR E 420 -19.44 -91.68 -20.45
N PRO E 421 -19.67 -91.83 -19.14
CA PRO E 421 -18.58 -92.17 -18.20
C PRO E 421 -17.67 -93.27 -18.71
N HIS E 422 -18.27 -94.36 -19.21
CA HIS E 422 -17.52 -95.44 -19.84
C HIS E 422 -16.54 -94.88 -20.88
N ASP E 423 -17.05 -94.07 -21.81
CA ASP E 423 -16.24 -93.56 -22.91
C ASP E 423 -15.13 -92.64 -22.43
N VAL E 424 -15.32 -91.90 -21.32
CA VAL E 424 -14.30 -90.95 -20.91
C VAL E 424 -13.27 -91.59 -19.98
N VAL E 425 -13.46 -92.85 -19.58
CA VAL E 425 -12.47 -93.51 -18.73
C VAL E 425 -11.06 -93.39 -19.32
N PRO E 426 -10.79 -93.76 -20.59
CA PRO E 426 -9.44 -93.66 -21.14
C PRO E 426 -8.86 -92.23 -21.17
N VAL E 427 -9.73 -91.24 -21.40
CA VAL E 427 -9.35 -89.84 -21.37
C VAL E 427 -8.83 -89.48 -19.97
N ILE E 428 -9.56 -89.91 -18.94
CA ILE E 428 -9.19 -89.65 -17.56
C ILE E 428 -7.87 -90.37 -17.22
N GLU E 429 -7.68 -91.58 -17.75
CA GLU E 429 -6.44 -92.34 -17.54
C GLU E 429 -5.25 -91.56 -18.14
N GLU E 430 -5.41 -91.08 -19.38
CA GLU E 430 -4.34 -90.36 -20.08
C GLU E 430 -4.03 -89.05 -19.38
N LEU E 431 -5.07 -88.31 -18.98
CA LEU E 431 -4.87 -87.04 -18.31
C LEU E 431 -4.19 -87.25 -16.96
N THR E 432 -4.48 -88.37 -16.30
CA THR E 432 -3.84 -88.68 -15.02
C THR E 432 -2.35 -88.93 -15.21
N ALA E 433 -1.99 -89.68 -16.25
CA ALA E 433 -0.60 -89.95 -16.58
C ALA E 433 0.13 -88.64 -16.87
N GLU E 434 -0.51 -87.77 -17.67
CA GLU E 434 0.07 -86.50 -18.10
C GLU E 434 0.30 -85.57 -16.90
N HIS E 435 -0.67 -85.47 -15.98
CA HIS E 435 -0.68 -84.36 -15.02
C HIS E 435 -0.31 -84.85 -13.63
N GLY E 436 -0.24 -86.16 -13.39
CA GLY E 436 0.14 -86.67 -12.10
C GLY E 436 1.65 -86.78 -11.98
N ARG E 437 2.07 -87.53 -10.95
CA ARG E 437 3.46 -87.92 -10.74
C ARG E 437 4.06 -88.48 -12.05
N SER F 19 10.44 21.63 -11.60
CA SER F 19 9.21 22.44 -11.48
C SER F 19 8.60 22.61 -12.87
N HIS F 20 7.28 22.37 -12.98
CA HIS F 20 6.48 22.71 -14.16
C HIS F 20 6.33 24.23 -14.33
N MET F 21 6.69 24.75 -15.51
CA MET F 21 6.71 26.19 -15.72
C MET F 21 5.61 26.60 -16.69
N ARG F 22 5.14 27.84 -16.53
CA ARG F 22 4.39 28.54 -17.56
C ARG F 22 5.36 29.47 -18.28
N ILE F 23 5.44 29.28 -19.61
CA ILE F 23 6.42 30.00 -20.42
C ILE F 23 5.66 30.75 -21.51
N LEU F 24 5.84 32.06 -21.52
CA LEU F 24 5.21 32.90 -22.53
C LEU F 24 6.27 33.34 -23.55
N PHE F 25 6.08 32.93 -24.80
CA PHE F 25 6.85 33.44 -25.92
C PHE F 25 6.16 34.70 -26.45
N ALA F 26 6.97 35.72 -26.74
CA ALA F 26 6.47 36.99 -27.26
C ALA F 26 7.26 37.36 -28.51
N THR F 27 6.53 37.65 -29.58
CA THR F 27 7.12 38.08 -30.83
C THR F 27 6.21 39.11 -31.50
N VAL F 28 6.87 40.04 -32.18
CA VAL F 28 6.25 40.93 -33.13
C VAL F 28 5.64 40.06 -34.21
N SER F 29 4.68 40.64 -34.94
CA SER F 29 3.87 39.91 -35.88
C SER F 29 4.62 39.72 -37.20
N GLU F 30 5.77 39.04 -37.16
CA GLU F 30 6.45 38.60 -38.37
C GLU F 30 6.58 37.08 -38.35
N LYS F 31 6.07 36.42 -39.38
CA LYS F 31 6.18 34.97 -39.52
C LYS F 31 7.64 34.54 -39.45
N SER F 32 8.52 35.31 -40.11
CA SER F 32 9.92 34.96 -40.22
C SER F 32 10.56 34.93 -38.83
N HIS F 33 10.19 35.86 -37.95
CA HIS F 33 10.67 35.86 -36.57
C HIS F 33 10.07 34.69 -35.77
N LEU F 34 8.74 34.51 -35.86
CA LEU F 34 8.04 33.43 -35.20
C LEU F 34 8.70 32.08 -35.46
N PHE F 35 8.99 31.78 -36.73
CA PHE F 35 9.46 30.46 -37.12
C PHE F 35 10.81 30.14 -36.47
N THR F 36 11.61 31.17 -36.15
CA THR F 36 12.91 30.93 -35.52
C THR F 36 12.76 30.46 -34.09
N MET F 37 11.57 30.64 -33.49
CA MET F 37 11.35 30.38 -32.07
C MET F 37 10.69 29.01 -31.87
N VAL F 38 10.22 28.37 -32.94
CA VAL F 38 9.31 27.25 -32.83
C VAL F 38 10.01 26.04 -32.20
N PRO F 39 11.23 25.64 -32.65
CA PRO F 39 11.88 24.47 -32.05
C PRO F 39 12.17 24.64 -30.56
N LEU F 40 12.56 25.85 -30.11
CA LEU F 40 12.82 26.04 -28.69
C LEU F 40 11.51 25.94 -27.90
N ALA F 41 10.45 26.58 -28.41
CA ALA F 41 9.15 26.50 -27.79
C ALA F 41 8.71 25.04 -27.63
N TRP F 42 8.84 24.23 -28.69
CA TRP F 42 8.45 22.83 -28.64
C TRP F 42 9.39 22.01 -27.74
N SER F 43 10.67 22.39 -27.62
CA SER F 43 11.57 21.69 -26.73
C SER F 43 11.06 21.79 -25.28
N LEU F 44 10.55 22.98 -24.94
CA LEU F 44 10.11 23.27 -23.59
C LEU F 44 8.78 22.59 -23.33
N ALA F 45 7.88 22.60 -24.33
CA ALA F 45 6.59 21.93 -24.23
C ALA F 45 6.81 20.43 -24.06
N ALA F 46 7.81 19.87 -24.76
CA ALA F 46 8.10 18.45 -24.72
C ALA F 46 8.64 18.01 -23.35
N ALA F 47 9.19 18.97 -22.59
CA ALA F 47 9.68 18.71 -21.25
C ALA F 47 8.57 18.92 -20.21
N GLY F 48 7.34 19.19 -20.65
CA GLY F 48 6.19 19.23 -19.77
C GLY F 48 5.77 20.63 -19.37
N HIS F 49 6.46 21.67 -19.87
CA HIS F 49 6.08 23.04 -19.56
C HIS F 49 4.91 23.47 -20.45
N GLU F 50 4.14 24.43 -19.93
CA GLU F 50 3.05 25.03 -20.69
C GLU F 50 3.62 26.21 -21.45
N VAL F 51 3.40 26.22 -22.77
CA VAL F 51 4.02 27.20 -23.63
C VAL F 51 2.92 27.91 -24.43
N HIS F 52 2.83 29.23 -24.24
CA HIS F 52 1.90 30.04 -25.00
C HIS F 52 2.70 31.08 -25.79
N VAL F 53 2.23 31.35 -27.00
CA VAL F 53 2.90 32.27 -27.91
C VAL F 53 1.98 33.46 -28.16
N ALA F 54 2.44 34.64 -27.73
CA ALA F 54 1.66 35.86 -27.81
C ALA F 54 2.19 36.77 -28.92
N SER F 55 1.26 37.28 -29.73
CA SER F 55 1.54 38.32 -30.71
C SER F 55 0.21 39.02 -31.06
N ASN F 56 0.29 40.02 -31.94
CA ASN F 56 -0.84 40.73 -32.48
C ASN F 56 -1.74 39.75 -33.24
N PRO F 57 -3.06 40.06 -33.40
CA PRO F 57 -3.97 39.21 -34.17
C PRO F 57 -3.50 38.80 -35.56
N ALA F 58 -2.75 39.65 -36.25
CA ALA F 58 -2.27 39.32 -37.60
C ALA F 58 -1.44 38.03 -37.61
N LEU F 59 -0.80 37.65 -36.48
CA LEU F 59 0.06 36.47 -36.47
C LEU F 59 -0.66 35.20 -36.01
N THR F 60 -1.91 35.31 -35.57
CA THR F 60 -2.60 34.19 -34.94
C THR F 60 -2.61 32.95 -35.83
N ALA F 61 -2.94 33.09 -37.10
CA ALA F 61 -3.02 31.93 -37.99
C ALA F 61 -1.65 31.26 -38.13
N SER F 62 -0.60 32.07 -38.24
CA SER F 62 0.76 31.53 -38.32
C SER F 62 1.13 30.75 -37.04
N ILE F 63 0.80 31.29 -35.87
CA ILE F 63 1.12 30.62 -34.63
C ILE F 63 0.43 29.25 -34.60
N LYS F 64 -0.85 29.22 -35.01
CA LYS F 64 -1.66 28.03 -34.90
C LYS F 64 -1.14 26.89 -35.78
N SER F 65 -0.49 27.22 -36.90
CA SER F 65 0.08 26.21 -37.76
C SER F 65 1.47 25.74 -37.32
N THR F 66 1.98 26.24 -36.18
CA THR F 66 3.20 25.74 -35.57
C THR F 66 2.92 24.60 -34.59
N GLY F 67 1.64 24.36 -34.29
CA GLY F 67 1.26 23.40 -33.27
C GLY F 67 1.15 24.03 -31.88
N LEU F 68 1.65 25.26 -31.73
CA LEU F 68 1.72 25.91 -30.44
C LEU F 68 0.44 26.72 -30.21
N THR F 69 0.10 26.91 -28.94
CA THR F 69 -1.06 27.67 -28.52
C THR F 69 -0.82 29.17 -28.68
N ALA F 70 -1.72 29.82 -29.43
CA ALA F 70 -1.66 31.25 -29.68
C ALA F 70 -2.44 32.03 -28.63
N VAL F 71 -1.90 33.19 -28.22
CA VAL F 71 -2.59 34.16 -27.41
C VAL F 71 -2.59 35.50 -28.14
N PRO F 72 -3.67 35.85 -28.88
CA PRO F 72 -3.77 37.16 -29.53
C PRO F 72 -3.81 38.29 -28.49
N VAL F 73 -2.97 39.31 -28.67
CA VAL F 73 -2.94 40.44 -27.76
C VAL F 73 -2.94 41.73 -28.57
N GLY F 74 -3.72 42.70 -28.10
CA GLY F 74 -3.75 44.05 -28.63
C GLY F 74 -4.32 44.08 -30.04
N LYS F 75 -3.86 45.06 -30.82
CA LYS F 75 -4.33 45.24 -32.18
C LYS F 75 -3.14 45.24 -33.14
N ASP F 76 -3.44 45.17 -34.43
CA ASP F 76 -2.46 45.18 -35.49
C ASP F 76 -1.96 46.60 -35.71
N HIS F 77 -0.73 46.69 -36.22
CA HIS F 77 -0.01 47.93 -36.45
C HIS F 77 0.12 48.09 -37.97
N ASN F 78 0.64 49.25 -38.39
CA ASN F 78 0.71 49.60 -39.79
C ASN F 78 2.15 49.69 -40.28
N LEU F 79 3.08 48.96 -39.66
CA LEU F 79 4.49 49.16 -40.01
C LEU F 79 4.73 48.93 -41.51
N HIS F 80 4.11 47.87 -42.08
CA HIS F 80 4.40 47.48 -43.44
C HIS F 80 3.82 48.50 -44.44
N GLU F 81 2.64 49.05 -44.14
CA GLU F 81 2.05 50.11 -44.96
C GLU F 81 2.92 51.37 -44.87
N MET F 82 3.40 51.74 -43.68
CA MET F 82 4.28 52.90 -43.49
C MET F 82 5.52 52.73 -44.37
N LEU F 83 6.13 51.54 -44.34
CA LEU F 83 7.34 51.26 -45.10
C LEU F 83 7.09 51.31 -46.61
N THR F 84 6.03 50.69 -47.10
CA THR F 84 5.80 50.60 -48.53
C THR F 84 5.38 51.97 -49.07
N GLU F 85 4.56 52.71 -48.31
CA GLU F 85 4.09 54.03 -48.71
C GLU F 85 5.19 55.09 -48.63
N ASN F 86 6.26 54.83 -47.87
CA ASN F 86 7.34 55.78 -47.67
C ASN F 86 8.64 55.08 -48.05
N ARG F 87 8.58 54.35 -49.17
CA ARG F 87 9.60 53.38 -49.56
C ARG F 87 10.85 54.10 -50.04
N ASP F 88 12.04 53.45 -49.94
CA ASP F 88 13.27 54.02 -50.43
C ASP F 88 13.83 55.06 -49.46
N SER F 89 13.23 55.14 -48.26
CA SER F 89 13.94 55.61 -47.08
C SER F 89 14.38 54.42 -46.20
N LEU F 90 14.25 53.19 -46.74
CA LEU F 90 14.45 51.94 -46.01
C LEU F 90 15.93 51.77 -45.64
N GLU F 91 16.79 51.74 -46.67
CA GLU F 91 18.21 51.72 -46.48
C GLU F 91 18.74 53.15 -46.46
N ASN F 92 19.10 53.63 -45.27
CA ASN F 92 19.66 54.96 -45.09
C ASN F 92 20.63 54.88 -43.91
N PRO F 93 21.49 55.90 -43.66
CA PRO F 93 22.50 55.79 -42.62
C PRO F 93 21.99 55.42 -41.23
N LEU F 94 20.77 55.84 -40.88
CA LEU F 94 20.24 55.64 -39.53
C LEU F 94 19.62 54.25 -39.38
N SER F 95 19.39 53.53 -40.47
CA SER F 95 18.90 52.16 -40.42
C SER F 95 20.08 51.18 -40.59
N ASP F 96 21.30 51.71 -40.72
CA ASP F 96 22.47 50.88 -40.90
C ASP F 96 23.07 50.57 -39.54
N TRP F 97 22.76 49.38 -38.99
CA TRP F 97 23.32 48.94 -37.73
C TRP F 97 24.40 47.87 -37.97
N SER F 98 24.92 47.79 -39.19
CA SER F 98 25.81 46.72 -39.62
C SER F 98 27.22 46.83 -39.02
N THR F 99 27.64 48.01 -38.59
CA THR F 99 28.96 48.19 -37.99
C THR F 99 28.82 48.92 -36.65
N PRO F 100 28.25 48.24 -35.63
CA PRO F 100 28.06 48.86 -34.31
C PRO F 100 29.36 48.97 -33.52
N GLU F 101 30.15 50.01 -33.85
CA GLU F 101 31.48 50.22 -33.28
C GLU F 101 31.58 51.66 -32.81
N LEU F 102 32.24 51.88 -31.68
CA LEU F 102 32.57 53.21 -31.16
C LEU F 102 33.22 54.06 -32.24
N ASP F 103 34.20 53.50 -32.96
CA ASP F 103 34.92 54.20 -34.01
C ASP F 103 34.01 54.73 -35.11
N ARG F 104 32.79 54.21 -35.23
CA ARG F 104 31.92 54.65 -36.30
C ARG F 104 30.76 55.47 -35.80
N HIS F 105 30.72 55.75 -34.48
CA HIS F 105 29.58 56.41 -33.87
C HIS F 105 30.03 57.46 -32.88
N SER F 106 29.78 58.72 -33.21
CA SER F 106 29.73 59.78 -32.20
C SER F 106 28.49 59.55 -31.34
N TRP F 107 28.41 60.26 -30.22
CA TRP F 107 27.25 60.24 -29.36
C TRP F 107 25.99 60.54 -30.16
N GLU F 108 26.05 61.59 -31.01
CA GLU F 108 24.86 62.05 -31.68
C GLU F 108 24.39 61.06 -32.71
N GLN F 109 25.34 60.31 -33.32
CA GLN F 109 24.98 59.33 -34.34
C GLN F 109 24.27 58.15 -33.69
N VAL F 110 24.81 57.63 -32.58
CA VAL F 110 24.22 56.47 -31.94
C VAL F 110 22.91 56.86 -31.25
N LEU F 111 22.86 58.06 -30.66
CA LEU F 111 21.63 58.54 -30.05
C LEU F 111 20.54 58.64 -31.11
N MET F 112 20.88 59.17 -32.27
CA MET F 112 19.91 59.38 -33.33
C MET F 112 19.38 58.04 -33.83
N LYS F 113 20.24 57.01 -33.89
CA LYS F 113 19.81 55.67 -34.30
C LYS F 113 18.78 55.10 -33.32
N PHE F 114 19.04 55.25 -32.01
CA PHE F 114 18.09 54.80 -31.01
C PHE F 114 16.80 55.62 -31.06
N LYS F 115 16.89 56.94 -31.29
CA LYS F 115 15.69 57.76 -31.32
C LYS F 115 14.77 57.31 -32.45
N VAL F 116 15.35 57.11 -33.64
CA VAL F 116 14.53 56.83 -34.80
C VAL F 116 14.05 55.37 -34.78
N SER F 117 14.86 54.43 -34.29
CA SER F 117 14.45 53.04 -34.27
C SER F 117 13.35 52.83 -33.22
N VAL F 118 13.45 53.51 -32.07
CA VAL F 118 12.41 53.46 -31.07
C VAL F 118 11.12 54.07 -31.62
N MET F 119 11.18 55.28 -32.22
CA MET F 119 9.99 55.98 -32.65
C MET F 119 9.33 55.21 -33.80
N PHE F 120 10.11 54.78 -34.79
CA PHE F 120 9.47 54.29 -36.00
C PHE F 120 9.22 52.79 -35.92
N ALA F 121 10.20 51.97 -35.51
CA ALA F 121 10.04 50.53 -35.60
C ALA F 121 9.54 49.93 -34.28
N TYR F 122 10.25 50.17 -33.18
CA TYR F 122 10.00 49.43 -31.95
C TYR F 122 8.64 49.81 -31.36
N GLN F 123 8.29 51.10 -31.38
CA GLN F 123 7.02 51.54 -30.85
C GLN F 123 5.87 51.01 -31.72
N THR F 124 6.00 51.09 -33.03
CA THR F 124 4.97 50.59 -33.93
C THR F 124 4.71 49.10 -33.68
N TYR F 125 5.80 48.32 -33.59
CA TYR F 125 5.72 46.87 -33.41
C TYR F 125 5.11 46.49 -32.05
N ASN F 126 5.40 47.29 -31.02
CA ASN F 126 5.18 46.88 -29.64
C ASN F 126 4.04 47.62 -28.91
N ASP F 127 3.85 48.91 -29.17
CA ASP F 127 2.91 49.71 -28.35
C ASP F 127 1.46 49.25 -28.57
N CYS F 128 1.19 48.71 -29.77
CA CYS F 128 -0.09 48.15 -30.14
C CYS F 128 -0.48 46.94 -29.29
N MET F 129 0.44 46.36 -28.50
CA MET F 129 0.11 45.14 -27.77
C MET F 129 0.68 45.09 -26.37
N VAL F 130 1.51 46.06 -25.98
CA VAL F 130 2.26 45.94 -24.74
C VAL F 130 1.34 45.87 -23.52
N HIS F 131 0.28 46.69 -23.48
CA HIS F 131 -0.58 46.75 -22.30
C HIS F 131 -1.40 45.47 -22.17
N GLU F 132 -1.87 44.95 -23.31
CA GLU F 132 -2.60 43.70 -23.35
C GLU F 132 -1.68 42.52 -22.98
N LEU F 133 -0.39 42.61 -23.31
CA LEU F 133 0.56 41.57 -22.94
C LEU F 133 0.83 41.61 -21.44
N VAL F 134 0.95 42.82 -20.87
CA VAL F 134 1.12 42.96 -19.43
C VAL F 134 -0.09 42.35 -18.70
N ASP F 135 -1.29 42.62 -19.23
CA ASP F 135 -2.54 42.13 -18.66
CA ASP F 135 -2.54 42.13 -18.66
C ASP F 135 -2.54 40.61 -18.68
N TYR F 136 -2.22 40.02 -19.84
CA TYR F 136 -2.19 38.58 -19.95
C TYR F 136 -1.19 37.97 -18.97
N ALA F 137 -0.01 38.59 -18.86
CA ALA F 137 1.01 38.11 -17.95
C ALA F 137 0.52 38.17 -16.50
N ARG F 138 -0.24 39.21 -16.18
CA ARG F 138 -0.81 39.35 -14.84
C ARG F 138 -1.80 38.22 -14.54
N HIS F 139 -2.66 37.91 -15.51
CA HIS F 139 -3.59 36.79 -15.40
C HIS F 139 -2.85 35.44 -15.30
N TRP F 140 -1.91 35.18 -16.22
CA TRP F 140 -1.38 33.83 -16.42
C TRP F 140 -0.18 33.57 -15.51
N GLN F 141 0.51 34.62 -15.13
CA GLN F 141 1.67 34.56 -14.22
C GLN F 141 2.73 33.61 -14.78
N PRO F 142 3.29 33.88 -15.98
CA PRO F 142 4.37 33.05 -16.50
C PRO F 142 5.56 33.13 -15.55
N ASP F 143 6.29 32.02 -15.45
CA ASP F 143 7.56 32.01 -14.74
C ASP F 143 8.66 32.65 -15.59
N LEU F 144 8.50 32.56 -16.91
CA LEU F 144 9.53 32.91 -17.88
C LEU F 144 8.86 33.49 -19.12
N VAL F 145 9.45 34.58 -19.62
CA VAL F 145 9.10 35.11 -20.93
C VAL F 145 10.31 34.99 -21.84
N ILE F 146 10.12 34.37 -23.01
CA ILE F 146 11.16 34.33 -24.03
C ILE F 146 10.71 35.22 -25.18
N TRP F 147 11.54 36.23 -25.50
CA TRP F 147 11.13 37.26 -26.44
C TRP F 147 12.08 37.36 -27.63
N ASP F 148 11.47 37.53 -28.80
CA ASP F 148 12.17 37.91 -30.00
C ASP F 148 12.90 39.23 -29.71
N PRO F 149 14.11 39.44 -30.26
CA PRO F 149 14.97 40.56 -29.84
C PRO F 149 14.47 41.99 -30.10
N VAL F 150 13.43 42.17 -30.94
CA VAL F 150 12.83 43.49 -31.10
C VAL F 150 11.44 43.56 -30.48
N THR F 151 11.08 42.54 -29.67
CA THR F 151 9.76 42.49 -29.05
C THR F 151 9.89 42.94 -27.60
N TYR F 152 10.12 44.24 -27.42
CA TYR F 152 10.37 44.83 -26.11
C TYR F 152 9.12 44.81 -25.22
N ALA F 153 7.93 44.60 -25.80
CA ALA F 153 6.74 44.36 -25.00
C ALA F 153 6.96 43.19 -24.04
N GLY F 154 7.76 42.21 -24.49
CA GLY F 154 8.00 40.98 -23.76
C GLY F 154 8.64 41.20 -22.40
N PRO F 155 9.84 41.81 -22.34
CA PRO F 155 10.50 42.06 -21.06
C PRO F 155 9.73 43.03 -20.14
N VAL F 156 8.95 43.93 -20.72
CA VAL F 156 8.13 44.83 -19.93
C VAL F 156 7.09 43.99 -19.17
N ALA F 157 6.34 43.16 -19.90
CA ALA F 157 5.37 42.26 -19.31
C ALA F 157 6.00 41.34 -18.26
N ALA F 158 7.20 40.81 -18.55
CA ALA F 158 7.88 39.94 -17.62
C ALA F 158 8.18 40.70 -16.33
N ARG F 159 8.77 41.88 -16.47
CA ARG F 159 9.25 42.63 -15.33
C ARG F 159 8.07 43.01 -14.42
N VAL F 160 6.95 43.41 -15.02
CA VAL F 160 5.77 43.75 -14.25
C VAL F 160 5.36 42.61 -13.33
N VAL F 161 5.50 41.33 -13.76
CA VAL F 161 5.05 40.21 -12.94
C VAL F 161 6.23 39.47 -12.27
N GLY F 162 7.44 40.02 -12.40
CA GLY F 162 8.63 39.41 -11.81
C GLY F 162 9.10 38.13 -12.51
N ALA F 163 8.61 37.84 -13.71
CA ALA F 163 9.07 36.67 -14.46
C ALA F 163 10.53 36.84 -14.86
N ALA F 164 11.25 35.72 -14.96
CA ALA F 164 12.51 35.71 -15.67
C ALA F 164 12.23 35.99 -17.15
N HIS F 165 13.23 36.50 -17.87
CA HIS F 165 13.05 36.73 -19.30
C HIS F 165 14.40 36.72 -20.01
N ALA F 166 14.35 36.27 -21.26
CA ALA F 166 15.55 36.10 -22.09
C ALA F 166 15.18 36.38 -23.54
N ARG F 167 16.13 36.96 -24.28
CA ARG F 167 16.01 37.09 -25.72
C ARG F 167 16.33 35.73 -26.34
N LEU F 168 15.64 35.43 -27.45
CA LEU F 168 16.01 34.33 -28.32
C LEU F 168 16.41 34.93 -29.69
N LEU F 169 17.70 34.74 -30.06
CA LEU F 169 18.30 35.43 -31.18
C LEU F 169 18.26 34.62 -32.47
N TRP F 170 17.73 35.28 -33.52
CA TRP F 170 17.89 34.88 -34.92
C TRP F 170 18.99 35.72 -35.56
N CYS F 171 19.53 36.69 -34.82
CA CYS F 171 20.31 37.77 -35.37
C CYS F 171 21.76 37.71 -34.90
N ILE F 172 22.67 38.06 -35.81
CA ILE F 172 23.96 38.57 -35.35
C ILE F 172 23.64 39.82 -34.54
N ASP F 173 24.20 39.91 -33.32
CA ASP F 173 23.59 40.70 -32.25
C ASP F 173 24.03 42.18 -32.33
N ILE F 174 23.70 42.80 -33.46
CA ILE F 174 23.94 44.21 -33.69
C ILE F 174 23.13 45.06 -32.71
N TYR F 175 22.02 44.52 -32.21
CA TYR F 175 21.15 45.26 -31.31
C TYR F 175 21.85 45.49 -29.96
N ALA F 176 22.35 44.43 -29.34
CA ALA F 176 22.99 44.54 -28.05
C ALA F 176 24.36 45.21 -28.20
N LYS F 177 24.99 45.04 -29.35
CA LYS F 177 26.29 45.66 -29.57
C LYS F 177 26.13 47.17 -29.78
N MET F 178 25.12 47.60 -30.56
CA MET F 178 24.84 49.02 -30.72
C MET F 178 24.45 49.61 -29.36
N ARG F 179 23.76 48.85 -28.53
CA ARG F 179 23.40 49.34 -27.20
C ARG F 179 24.66 49.57 -26.35
N GLU F 180 25.65 48.67 -26.45
CA GLU F 180 26.91 48.83 -25.74
C GLU F 180 27.60 50.13 -26.18
N VAL F 181 27.63 50.39 -27.49
CA VAL F 181 28.19 51.61 -28.05
C VAL F 181 27.43 52.81 -27.48
N PHE F 182 26.09 52.73 -27.51
CA PHE F 182 25.24 53.78 -27.00
C PHE F 182 25.60 54.10 -25.54
N LEU F 183 25.74 53.08 -24.69
CA LEU F 183 25.97 53.31 -23.26
C LEU F 183 27.38 53.87 -23.01
N ALA F 184 28.35 53.49 -23.82
CA ALA F 184 29.71 54.02 -23.70
C ALA F 184 29.71 55.52 -24.02
N ARG F 185 28.97 55.92 -25.07
CA ARG F 185 28.88 57.32 -25.47
C ARG F 185 28.06 58.12 -24.47
N LEU F 186 26.99 57.52 -23.95
CA LEU F 186 26.17 58.17 -22.94
C LEU F 186 27.00 58.56 -21.73
N ALA F 187 27.90 57.67 -21.29
CA ALA F 187 28.72 57.86 -20.12
C ALA F 187 29.73 59.01 -20.31
N GLU F 188 30.06 59.36 -21.56
CA GLU F 188 30.95 60.46 -21.86
C GLU F 188 30.25 61.83 -21.83
N GLN F 189 28.92 61.85 -21.69
CA GLN F 189 28.18 63.10 -21.81
C GLN F 189 28.02 63.70 -20.42
N PRO F 190 27.94 65.05 -20.32
CA PRO F 190 27.54 65.71 -19.07
C PRO F 190 26.11 65.30 -18.73
N GLU F 191 25.78 65.38 -17.44
CA GLU F 191 24.49 64.99 -16.91
C GLU F 191 23.32 65.61 -17.70
N GLU F 192 23.45 66.88 -18.10
CA GLU F 192 22.36 67.62 -18.73
C GLU F 192 22.08 67.08 -20.13
N ARG F 193 23.11 66.53 -20.78
CA ARG F 193 23.04 66.09 -22.16
C ARG F 193 22.68 64.60 -22.26
N ARG F 194 22.55 63.94 -21.11
CA ARG F 194 22.26 62.51 -21.07
C ARG F 194 20.80 62.30 -21.41
N GLU F 195 20.57 61.38 -22.37
CA GLU F 195 19.26 61.09 -22.90
C GLU F 195 19.27 59.63 -23.33
N ASP F 196 18.18 58.89 -23.03
CA ASP F 196 18.08 57.49 -23.38
C ASP F 196 16.68 57.20 -23.88
N PRO F 197 16.48 57.15 -25.22
CA PRO F 197 15.16 56.90 -25.82
C PRO F 197 14.52 55.58 -25.37
N MET F 198 15.36 54.59 -25.08
CA MET F 198 14.91 53.25 -24.70
C MET F 198 14.38 53.30 -23.25
N ALA F 199 15.15 53.94 -22.37
CA ALA F 199 14.73 54.18 -20.99
C ALA F 199 13.47 55.04 -20.93
N ASP F 200 13.38 56.11 -21.73
CA ASP F 200 12.19 56.96 -21.72
C ASP F 200 10.97 56.13 -22.12
N TRP F 201 11.09 55.39 -23.22
CA TRP F 201 9.98 54.61 -23.74
C TRP F 201 9.59 53.49 -22.77
N LEU F 202 10.53 52.60 -22.45
CA LEU F 202 10.20 51.41 -21.71
C LEU F 202 10.05 51.73 -20.22
N GLY F 203 10.88 52.65 -19.71
CA GLY F 203 10.75 53.15 -18.35
C GLY F 203 9.42 53.86 -18.13
N GLY F 204 8.98 54.63 -19.13
CA GLY F 204 7.67 55.25 -19.10
C GLY F 204 6.55 54.24 -18.92
N ILE F 205 6.58 53.16 -19.73
CA ILE F 205 5.55 52.14 -19.64
C ILE F 205 5.62 51.42 -18.29
N LEU F 206 6.84 51.06 -17.87
CA LEU F 206 7.03 50.36 -16.62
C LEU F 206 6.56 51.22 -15.44
N GLY F 207 6.82 52.53 -15.51
CA GLY F 207 6.40 53.51 -14.52
C GLY F 207 4.89 53.49 -14.29
N ARG F 208 4.10 53.46 -15.36
CA ARG F 208 2.65 53.37 -15.27
C ARG F 208 2.20 52.14 -14.46
N TYR F 209 3.01 51.07 -14.36
CA TYR F 209 2.63 49.90 -13.59
C TYR F 209 3.40 49.86 -12.27
N GLY F 210 4.09 50.94 -11.95
CA GLY F 210 4.80 51.06 -10.69
C GLY F 210 6.14 50.32 -10.67
N HIS F 211 6.77 50.16 -11.83
CA HIS F 211 8.08 49.49 -11.88
C HIS F 211 9.11 50.44 -12.45
N THR F 212 10.36 50.16 -12.08
CA THR F 212 11.51 50.92 -12.54
C THR F 212 12.04 50.32 -13.85
N PHE F 213 12.80 51.14 -14.58
CA PHE F 213 13.54 50.67 -15.72
C PHE F 213 14.81 49.99 -15.23
N ASP F 214 15.24 48.95 -15.95
CA ASP F 214 16.55 48.34 -15.77
C ASP F 214 17.06 47.96 -17.15
N GLU F 215 18.39 47.97 -17.31
CA GLU F 215 19.01 47.71 -18.58
C GLU F 215 18.66 46.30 -19.09
N GLU F 216 18.26 45.41 -18.18
CA GLU F 216 17.98 44.05 -18.57
C GLU F 216 16.71 43.97 -19.40
N VAL F 217 15.87 45.01 -19.44
CA VAL F 217 14.69 44.96 -20.31
C VAL F 217 15.10 45.26 -21.76
N VAL F 218 16.34 45.71 -21.97
CA VAL F 218 16.82 46.01 -23.32
C VAL F 218 17.54 44.79 -23.91
N VAL F 219 18.25 43.99 -23.08
CA VAL F 219 19.04 42.86 -23.58
C VAL F 219 18.66 41.52 -22.97
N GLY F 220 17.65 41.51 -22.08
CA GLY F 220 17.25 40.31 -21.39
C GLY F 220 18.15 40.02 -20.19
N GLN F 221 17.67 39.13 -19.31
CA GLN F 221 18.50 38.67 -18.19
C GLN F 221 19.57 37.73 -18.74
N TRP F 222 19.21 36.98 -19.78
CA TRP F 222 20.19 36.27 -20.57
C TRP F 222 19.71 36.21 -22.00
N THR F 223 20.62 35.76 -22.88
CA THR F 223 20.43 35.69 -24.32
C THR F 223 20.60 34.24 -24.74
N ILE F 224 19.53 33.66 -25.31
CA ILE F 224 19.61 32.35 -25.93
C ILE F 224 19.90 32.56 -27.42
N ASP F 225 21.02 32.03 -27.90
CA ASP F 225 21.60 32.49 -29.16
C ASP F 225 21.75 31.33 -30.13
N GLN F 226 21.07 31.45 -31.29
CA GLN F 226 21.08 30.45 -32.33
C GLN F 226 22.18 30.72 -33.36
N ILE F 227 22.95 31.79 -33.19
CA ILE F 227 24.08 32.07 -34.08
C ILE F 227 25.31 31.33 -33.55
N PRO F 228 26.02 30.55 -34.40
CA PRO F 228 27.30 29.94 -33.98
C PRO F 228 28.26 30.98 -33.46
N THR F 229 28.91 30.66 -32.35
CA THR F 229 29.82 31.56 -31.65
C THR F 229 30.81 32.27 -32.58
N SER F 230 31.38 31.53 -33.55
CA SER F 230 32.42 32.12 -34.40
C SER F 230 31.87 33.23 -35.28
N LEU F 231 30.55 33.29 -35.49
CA LEU F 231 29.96 34.29 -36.37
C LEU F 231 29.25 35.39 -35.57
N GLN F 232 29.26 35.29 -34.24
CA GLN F 232 28.48 36.18 -33.39
C GLN F 232 29.41 37.26 -32.83
N LEU F 233 28.86 38.45 -32.56
CA LEU F 233 29.60 39.53 -31.92
C LEU F 233 29.80 39.22 -30.43
N PRO F 234 31.04 39.34 -29.92
CA PRO F 234 31.33 39.19 -28.49
C PRO F 234 30.75 40.36 -27.68
N LEU F 235 30.13 40.04 -26.54
CA LEU F 235 29.37 40.96 -25.72
C LEU F 235 29.53 40.55 -24.26
N SER F 236 29.32 41.49 -23.34
CA SER F 236 29.25 41.22 -21.91
C SER F 236 27.79 41.01 -21.51
N LEU F 237 27.29 39.82 -21.77
CA LEU F 237 26.00 39.42 -21.25
C LEU F 237 26.04 37.91 -21.12
N ARG F 238 25.06 37.36 -20.40
CA ARG F 238 24.97 35.93 -20.22
C ARG F 238 24.39 35.34 -21.49
N ARG F 239 25.22 34.53 -22.17
CA ARG F 239 24.88 33.94 -23.45
C ARG F 239 24.72 32.44 -23.28
N VAL F 240 23.58 31.90 -23.72
CA VAL F 240 23.32 30.48 -23.74
C VAL F 240 23.21 30.08 -25.23
N PRO F 241 24.28 29.47 -25.79
CA PRO F 241 24.23 29.02 -27.18
C PRO F 241 23.25 27.86 -27.32
N VAL F 242 22.53 27.85 -28.43
CA VAL F 242 21.66 26.75 -28.77
C VAL F 242 21.80 26.48 -30.27
N ARG F 243 21.67 25.19 -30.65
CA ARG F 243 21.77 24.81 -32.04
C ARG F 243 20.55 25.30 -32.83
N TYR F 244 20.80 25.93 -33.98
CA TYR F 244 19.72 26.26 -34.91
C TYR F 244 19.16 24.96 -35.51
N LEU F 245 17.84 24.79 -35.42
CA LEU F 245 17.12 23.70 -36.06
C LEU F 245 16.15 24.32 -37.05
N PRO F 246 16.21 23.97 -38.36
CA PRO F 246 15.37 24.62 -39.35
C PRO F 246 13.88 24.48 -39.06
N HIS F 247 13.18 25.61 -39.09
CA HIS F 247 11.73 25.60 -39.22
C HIS F 247 11.38 26.79 -40.10
N ASN F 248 10.72 26.51 -41.23
CA ASN F 248 10.45 27.52 -42.25
C ASN F 248 8.95 27.58 -42.48
N GLY F 249 8.17 27.19 -41.48
CA GLY F 249 6.73 27.25 -41.57
C GLY F 249 6.11 25.96 -42.09
N PRO F 250 4.82 25.97 -42.45
CA PRO F 250 4.13 24.79 -42.95
C PRO F 250 4.84 24.18 -44.15
N SER F 251 5.15 22.88 -44.11
CA SER F 251 5.94 22.29 -45.16
C SER F 251 5.47 20.87 -45.47
N GLU F 252 5.60 20.49 -46.76
CA GLU F 252 5.38 19.13 -47.22
C GLU F 252 6.42 18.77 -48.26
N ILE F 253 6.78 17.49 -48.31
CA ILE F 253 7.73 16.97 -49.27
C ILE F 253 6.98 16.67 -50.58
N PRO F 254 7.34 17.32 -51.71
CA PRO F 254 6.72 17.02 -53.01
C PRO F 254 7.39 15.81 -53.66
N ASP F 255 6.72 15.23 -54.66
CA ASP F 255 7.14 13.99 -55.31
C ASP F 255 8.45 14.15 -56.05
N TRP F 256 8.66 15.32 -56.67
CA TRP F 256 9.83 15.56 -57.51
C TRP F 256 11.14 15.63 -56.72
N LEU F 257 11.05 15.78 -55.39
CA LEU F 257 12.23 15.99 -54.56
C LEU F 257 13.11 14.74 -54.53
N ARG F 258 12.55 13.55 -54.78
CA ARG F 258 13.28 12.29 -54.76
C ARG F 258 14.47 12.31 -55.74
N GLU F 259 14.31 12.99 -56.90
CA GLU F 259 15.31 12.97 -57.96
C GLU F 259 16.62 13.63 -57.51
N ALA F 260 17.71 12.85 -57.45
CA ALA F 260 19.05 13.39 -57.22
C ALA F 260 19.57 14.00 -58.52
N PRO F 261 20.12 15.24 -58.52
CA PRO F 261 20.30 15.99 -59.77
C PRO F 261 21.59 15.70 -60.55
N GLY F 262 21.45 15.64 -61.87
CA GLY F 262 22.58 15.33 -62.74
C GLY F 262 23.62 16.46 -62.86
N ARG F 263 23.37 17.61 -62.22
CA ARG F 263 24.21 18.79 -62.33
C ARG F 263 24.13 19.58 -61.02
N PRO F 264 25.10 20.49 -60.70
CA PRO F 264 25.03 21.29 -59.48
C PRO F 264 23.67 21.98 -59.30
N ARG F 265 23.04 21.77 -58.14
CA ARG F 265 21.73 22.35 -57.86
C ARG F 265 21.91 23.72 -57.21
N VAL F 266 21.20 24.71 -57.77
CA VAL F 266 21.24 26.08 -57.32
C VAL F 266 19.82 26.46 -56.93
N VAL F 267 19.67 26.92 -55.68
CA VAL F 267 18.37 27.29 -55.16
C VAL F 267 18.35 28.80 -54.98
N LEU F 268 17.21 29.39 -55.36
CA LEU F 268 16.96 30.81 -55.21
C LEU F 268 15.65 31.00 -54.43
N THR F 269 15.71 31.70 -53.28
CA THR F 269 14.54 32.02 -52.47
C THR F 269 14.42 33.53 -52.40
N SER F 270 13.23 34.07 -52.68
CA SER F 270 13.07 35.52 -52.74
C SER F 270 12.05 35.98 -51.70
N GLY F 271 10.81 36.23 -52.12
CA GLY F 271 9.79 36.93 -51.33
C GLY F 271 9.52 38.31 -51.90
N VAL F 272 8.31 38.84 -51.68
CA VAL F 272 7.98 40.20 -52.11
C VAL F 272 8.53 41.19 -51.08
N SER F 273 8.49 40.80 -49.80
CA SER F 273 9.03 41.56 -48.69
C SER F 273 10.55 41.56 -48.81
N ALA F 274 11.13 40.37 -49.06
CA ALA F 274 12.55 40.20 -49.33
C ALA F 274 13.04 41.13 -50.44
N ARG F 275 12.40 41.07 -51.63
CA ARG F 275 12.91 41.68 -52.86
C ARG F 275 12.32 43.09 -53.09
N ALA F 276 11.25 43.48 -52.36
CA ALA F 276 10.71 44.83 -52.45
C ALA F 276 11.40 45.76 -51.44
N ALA F 277 12.03 45.18 -50.40
CA ALA F 277 12.89 45.90 -49.46
C ALA F 277 14.17 46.40 -50.14
N LEU F 278 14.73 45.55 -51.03
CA LEU F 278 15.86 45.86 -51.91
C LEU F 278 15.48 47.00 -52.87
N GLY F 279 14.17 47.16 -53.11
CA GLY F 279 13.61 48.28 -53.86
C GLY F 279 13.21 47.87 -55.28
N GLY F 280 12.70 48.84 -56.04
CA GLY F 280 12.31 48.63 -57.44
C GLY F 280 13.53 48.41 -58.35
N THR F 281 14.66 49.05 -57.98
CA THR F 281 15.88 49.07 -58.78
C THR F 281 16.83 47.93 -58.39
N PHE F 282 16.31 46.83 -57.82
CA PHE F 282 17.09 45.61 -57.67
C PHE F 282 16.89 44.79 -58.95
N MET F 283 17.87 43.95 -59.32
CA MET F 283 17.81 43.17 -60.54
C MET F 283 16.52 42.35 -60.57
N PRO F 284 15.61 42.53 -61.57
CA PRO F 284 14.35 41.80 -61.59
C PRO F 284 14.57 40.29 -61.52
N VAL F 285 13.65 39.59 -60.86
CA VAL F 285 13.76 38.17 -60.63
C VAL F 285 13.69 37.43 -61.97
N ALA F 286 12.91 37.97 -62.91
CA ALA F 286 12.84 37.43 -64.27
C ALA F 286 14.23 37.36 -64.90
N ASP F 287 15.06 38.38 -64.69
CA ASP F 287 16.40 38.45 -65.28
C ASP F 287 17.33 37.46 -64.60
N MET F 288 17.12 37.27 -63.29
CA MET F 288 17.90 36.33 -62.51
C MET F 288 17.68 34.92 -63.04
N ILE F 289 16.40 34.58 -63.28
CA ILE F 289 16.00 33.28 -63.78
C ILE F 289 16.65 33.02 -65.14
N ASN F 290 16.60 34.03 -66.03
CA ASN F 290 17.11 33.89 -67.39
C ASN F 290 18.62 33.70 -67.38
N THR F 291 19.33 34.44 -66.52
CA THR F 291 20.76 34.23 -66.38
C THR F 291 21.08 32.81 -65.92
N LEU F 292 20.39 32.36 -64.85
CA LEU F 292 20.63 31.05 -64.26
C LEU F 292 20.23 29.96 -65.25
N GLY F 293 19.22 30.26 -66.09
CA GLY F 293 18.75 29.37 -67.15
C GLY F 293 19.82 29.03 -68.19
N SER F 294 20.80 29.91 -68.37
CA SER F 294 21.84 29.73 -69.37
C SER F 294 23.06 28.99 -68.80
N MET F 295 23.00 28.55 -67.54
CA MET F 295 24.19 28.04 -66.87
C MET F 295 24.12 26.53 -66.76
N ASP F 296 25.27 25.89 -66.49
CA ASP F 296 25.38 24.44 -66.46
C ASP F 296 24.98 23.92 -65.07
N ILE F 297 23.71 24.13 -64.70
CA ILE F 297 23.21 23.87 -63.36
C ILE F 297 21.74 23.48 -63.46
N ASP F 298 21.24 22.89 -62.36
CA ASP F 298 19.82 22.68 -62.13
C ASP F 298 19.34 23.74 -61.15
N VAL F 299 18.19 24.37 -61.44
CA VAL F 299 17.74 25.52 -60.68
C VAL F 299 16.37 25.22 -60.08
N VAL F 300 16.20 25.52 -58.78
CA VAL F 300 14.90 25.54 -58.14
C VAL F 300 14.70 26.93 -57.56
N ALA F 301 13.63 27.62 -58.01
CA ALA F 301 13.31 28.95 -57.54
C ALA F 301 11.99 28.93 -56.80
N ALA F 302 12.04 29.21 -55.48
CA ALA F 302 10.86 29.42 -54.65
C ALA F 302 10.48 30.90 -54.68
N LEU F 303 9.42 31.22 -55.45
CA LEU F 303 9.00 32.59 -55.70
C LEU F 303 7.51 32.74 -55.38
N PRO F 304 7.06 33.94 -54.92
CA PRO F 304 5.65 34.17 -54.56
C PRO F 304 4.67 34.09 -55.75
N PRO F 305 3.34 34.16 -55.51
CA PRO F 305 2.35 33.98 -56.58
C PRO F 305 2.59 34.78 -57.85
N GLU F 306 2.62 36.12 -57.72
CA GLU F 306 2.50 37.02 -58.87
C GLU F 306 3.83 37.16 -59.60
N GLU F 307 4.95 36.91 -58.90
CA GLU F 307 6.26 36.90 -59.53
C GLU F 307 6.37 35.72 -60.50
N VAL F 308 5.67 34.61 -60.17
CA VAL F 308 5.60 33.44 -61.04
C VAL F 308 5.16 33.88 -62.44
N GLU F 309 4.10 34.70 -62.50
CA GLU F 309 3.47 35.05 -63.78
C GLU F 309 4.02 36.32 -64.38
N ALA F 310 4.85 37.06 -63.63
CA ALA F 310 5.58 38.19 -64.18
C ALA F 310 6.66 37.73 -65.17
N LEU F 311 7.00 36.43 -65.13
CA LEU F 311 7.97 35.86 -66.06
C LEU F 311 7.22 35.21 -67.22
N GLU F 312 7.89 35.15 -68.38
CA GLU F 312 7.32 34.60 -69.59
C GLU F 312 7.73 33.15 -69.76
N LYS F 313 9.03 32.90 -70.02
CA LYS F 313 9.50 31.55 -70.27
C LYS F 313 10.27 31.04 -69.05
N VAL F 314 9.98 29.78 -68.69
CA VAL F 314 10.73 29.04 -67.67
C VAL F 314 11.84 28.27 -68.38
N PRO F 315 13.15 28.58 -68.16
CA PRO F 315 14.21 27.83 -68.82
C PRO F 315 14.11 26.32 -68.55
N ALA F 316 14.79 25.54 -69.40
CA ALA F 316 14.70 24.09 -69.36
C ALA F 316 15.28 23.56 -68.05
N ASN F 317 16.28 24.25 -67.48
CA ASN F 317 17.00 23.73 -66.31
C ASN F 317 16.32 24.14 -64.99
N THR F 318 15.16 24.80 -65.06
CA THR F 318 14.61 25.55 -63.95
C THR F 318 13.23 25.01 -63.56
N ARG F 319 13.04 24.77 -62.26
CA ARG F 319 11.74 24.52 -61.69
C ARG F 319 11.34 25.69 -60.81
N ILE F 320 10.11 26.18 -61.00
CA ILE F 320 9.59 27.28 -60.20
C ILE F 320 8.44 26.78 -59.34
N VAL F 321 8.49 27.10 -58.04
CA VAL F 321 7.53 26.64 -57.05
C VAL F 321 7.18 27.82 -56.13
N ASP F 322 6.04 27.75 -55.43
CA ASP F 322 5.68 28.77 -54.46
C ASP F 322 6.37 28.47 -53.14
N PHE F 323 6.16 27.23 -52.66
CA PHE F 323 6.71 26.75 -51.40
C PHE F 323 7.63 25.58 -51.69
N VAL F 324 8.70 25.46 -50.90
CA VAL F 324 9.58 24.32 -50.96
C VAL F 324 10.08 24.02 -49.55
N PRO F 325 10.11 22.76 -49.09
CA PRO F 325 10.66 22.41 -47.78
C PRO F 325 12.19 22.52 -47.85
N LEU F 326 12.68 23.69 -47.48
CA LEU F 326 14.05 24.08 -47.74
C LEU F 326 15.01 23.09 -47.07
N HIS F 327 14.70 22.61 -45.85
CA HIS F 327 15.62 21.72 -45.15
C HIS F 327 15.73 20.38 -45.89
N ALA F 328 14.66 19.95 -46.53
CA ALA F 328 14.66 18.71 -47.30
C ALA F 328 15.31 18.94 -48.67
N LEU F 329 15.18 20.15 -49.23
CA LEU F 329 15.72 20.47 -50.54
C LEU F 329 17.25 20.69 -50.53
N LEU F 330 17.81 21.25 -49.46
CA LEU F 330 19.17 21.77 -49.52
C LEU F 330 20.25 20.70 -49.37
N PRO F 331 20.03 19.49 -48.81
CA PRO F 331 21.08 18.47 -48.80
C PRO F 331 21.60 18.22 -50.22
N GLY F 332 22.93 18.28 -50.37
CA GLY F 332 23.58 18.07 -51.66
C GLY F 332 23.51 19.26 -52.62
N ALA F 333 22.67 20.28 -52.36
CA ALA F 333 22.62 21.47 -53.21
C ALA F 333 23.96 22.17 -53.15
N SER F 334 24.27 22.95 -54.20
CA SER F 334 25.59 23.57 -54.34
C SER F 334 25.57 25.03 -53.89
N VAL F 335 24.46 25.74 -54.12
CA VAL F 335 24.36 27.17 -53.83
C VAL F 335 22.93 27.50 -53.39
N LEU F 336 22.82 28.33 -52.35
CA LEU F 336 21.57 29.02 -52.05
C LEU F 336 21.80 30.51 -52.26
N ILE F 337 20.89 31.12 -53.05
CA ILE F 337 20.86 32.54 -53.28
C ILE F 337 19.69 33.13 -52.51
N HIS F 338 19.96 34.12 -51.64
CA HIS F 338 18.91 34.72 -50.84
C HIS F 338 19.35 36.08 -50.30
N HIS F 339 18.43 36.77 -49.61
CA HIS F 339 18.58 38.16 -49.17
C HIS F 339 19.14 38.28 -47.74
N GLY F 340 19.34 37.14 -47.05
CA GLY F 340 20.03 37.15 -45.76
C GLY F 340 19.12 36.89 -44.56
N GLY F 341 17.86 36.55 -44.82
CA GLY F 341 16.94 36.10 -43.79
C GLY F 341 17.47 34.86 -43.07
N PHE F 342 17.08 34.70 -41.79
CA PHE F 342 17.69 33.68 -40.94
C PHE F 342 17.26 32.27 -41.35
N GLY F 343 16.02 32.11 -41.80
CA GLY F 343 15.52 30.80 -42.21
C GLY F 343 16.38 30.18 -43.31
N SER F 344 16.63 30.99 -44.36
CA SER F 344 17.51 30.62 -45.46
C SER F 344 18.95 30.43 -44.99
N TRP F 345 19.47 31.44 -44.28
CA TRP F 345 20.85 31.44 -43.83
C TRP F 345 21.14 30.23 -42.98
N GLY F 346 20.27 30.00 -41.98
CA GLY F 346 20.48 28.92 -41.04
C GLY F 346 20.27 27.55 -41.68
N THR F 347 19.30 27.43 -42.58
CA THR F 347 19.01 26.13 -43.19
C THR F 347 20.14 25.75 -44.17
N ALA F 348 20.67 26.73 -44.92
CA ALA F 348 21.85 26.50 -45.75
C ALA F 348 23.02 26.14 -44.86
N LEU F 349 23.16 26.84 -43.72
CA LEU F 349 24.30 26.61 -42.85
C LEU F 349 24.30 25.17 -42.33
N VAL F 350 23.15 24.65 -41.90
CA VAL F 350 23.14 23.32 -41.30
C VAL F 350 23.31 22.27 -42.39
N ASN F 351 23.09 22.63 -43.65
CA ASN F 351 23.27 21.69 -44.75
C ASN F 351 24.64 21.86 -45.41
N GLY F 352 25.48 22.77 -44.92
CA GLY F 352 26.79 22.98 -45.50
C GLY F 352 26.77 23.55 -46.92
N VAL F 353 25.70 24.27 -47.29
CA VAL F 353 25.53 24.81 -48.63
C VAL F 353 26.10 26.22 -48.70
N PRO F 354 27.10 26.49 -49.60
CA PRO F 354 27.56 27.85 -49.88
C PRO F 354 26.43 28.78 -50.26
N GLN F 355 26.53 30.01 -49.77
CA GLN F 355 25.46 30.99 -49.89
C GLN F 355 25.97 32.18 -50.69
N PHE F 356 25.10 32.67 -51.56
CA PHE F 356 25.30 33.92 -52.26
C PHE F 356 24.19 34.86 -51.85
N ILE F 357 24.60 35.99 -51.22
CA ILE F 357 23.67 36.88 -50.55
C ILE F 357 23.82 38.28 -51.15
N PRO F 358 23.03 38.61 -52.18
CA PRO F 358 22.88 39.97 -52.64
C PRO F 358 21.83 40.68 -51.79
N THR F 359 22.27 41.67 -51.00
CA THR F 359 21.37 42.24 -50.01
C THR F 359 21.75 43.68 -49.71
N ILE F 360 21.06 44.24 -48.70
CA ILE F 360 21.22 45.63 -48.29
C ILE F 360 21.55 45.68 -46.79
N ARG F 361 21.94 46.86 -46.30
CA ARG F 361 22.21 47.05 -44.88
C ARG F 361 20.91 47.31 -44.13
N TYR F 362 20.09 46.27 -44.05
CA TYR F 362 18.82 46.28 -43.35
C TYR F 362 18.83 45.14 -42.34
N ALA F 363 18.29 45.39 -41.14
CA ALA F 363 18.42 44.47 -40.02
C ALA F 363 19.85 43.96 -39.96
N ASP F 364 20.05 42.64 -39.85
CA ASP F 364 21.39 42.07 -39.78
C ASP F 364 21.76 41.39 -41.10
N TRP F 365 21.01 41.68 -42.17
CA TRP F 365 21.19 40.96 -43.42
C TRP F 365 22.62 41.08 -43.94
N TRP F 366 23.18 42.29 -43.84
CA TRP F 366 24.52 42.55 -44.35
C TRP F 366 25.53 41.76 -43.54
N ASN F 367 25.33 41.70 -42.21
CA ASN F 367 26.19 40.95 -41.30
C ASN F 367 26.10 39.46 -41.59
N LYS F 368 24.90 39.01 -41.96
CA LYS F 368 24.69 37.61 -42.32
C LYS F 368 25.56 37.28 -43.53
N GLY F 369 25.59 38.17 -44.52
CA GLY F 369 26.44 38.03 -45.70
C GLY F 369 27.92 38.15 -45.39
N THR F 370 28.32 39.20 -44.67
CA THR F 370 29.74 39.45 -44.44
C THR F 370 30.34 38.40 -43.53
N SER F 371 29.58 37.90 -42.54
CA SER F 371 30.10 36.86 -41.65
C SER F 371 30.53 35.63 -42.47
N LEU F 372 29.70 35.22 -43.45
CA LEU F 372 30.02 34.07 -44.28
C LEU F 372 31.17 34.40 -45.24
N HIS F 373 31.14 35.60 -45.81
CA HIS F 373 32.18 36.06 -46.72
C HIS F 373 33.55 35.99 -46.04
N GLU F 374 33.69 36.57 -44.84
CA GLU F 374 34.95 36.57 -44.11
C GLU F 374 35.38 35.16 -43.76
N ALA F 375 34.43 34.25 -43.52
CA ALA F 375 34.76 32.87 -43.17
C ALA F 375 35.12 32.05 -44.42
N GLY F 376 34.89 32.62 -45.61
CA GLY F 376 35.17 31.94 -46.87
C GLY F 376 34.10 30.94 -47.26
N ALA F 377 32.91 30.99 -46.62
CA ALA F 377 31.86 30.01 -46.83
C ALA F 377 30.83 30.47 -47.85
N GLY F 378 30.82 31.76 -48.18
CA GLY F 378 29.93 32.29 -49.19
C GLY F 378 30.38 33.64 -49.69
N LEU F 379 29.49 34.31 -50.42
CA LEU F 379 29.75 35.60 -51.02
C LEU F 379 28.58 36.55 -50.74
N VAL F 380 28.91 37.79 -50.38
CA VAL F 380 27.93 38.85 -50.21
C VAL F 380 28.24 39.94 -51.23
N VAL F 381 27.18 40.58 -51.73
CA VAL F 381 27.31 41.73 -52.60
C VAL F 381 26.12 42.64 -52.34
N HIS F 382 26.30 43.94 -52.53
CA HIS F 382 25.18 44.85 -52.43
C HIS F 382 24.20 44.59 -53.55
N ALA F 383 22.89 44.54 -53.21
CA ALA F 383 21.86 44.20 -54.17
C ALA F 383 21.87 45.15 -55.37
N SER F 384 22.28 46.41 -55.16
CA SER F 384 22.27 47.42 -56.21
C SER F 384 23.33 47.10 -57.26
N GLU F 385 24.36 46.36 -56.89
CA GLU F 385 25.44 45.98 -57.80
C GLU F 385 25.18 44.66 -58.51
N LEU F 386 24.01 44.03 -58.32
CA LEU F 386 23.79 42.73 -58.90
C LEU F 386 23.35 42.88 -60.37
N THR F 387 24.13 42.25 -61.24
CA THR F 387 23.90 42.15 -62.67
C THR F 387 23.98 40.68 -63.06
N ALA F 388 23.59 40.39 -64.31
CA ALA F 388 23.75 39.08 -64.90
C ALA F 388 25.18 38.57 -64.77
N GLU F 389 26.15 39.45 -64.97
CA GLU F 389 27.57 39.10 -64.96
C GLU F 389 28.01 38.69 -63.55
N VAL F 390 27.58 39.48 -62.54
CA VAL F 390 27.94 39.25 -61.15
C VAL F 390 27.26 37.96 -60.66
N LEU F 391 25.98 37.81 -60.98
CA LEU F 391 25.21 36.61 -60.63
C LEU F 391 25.92 35.35 -61.15
N ARG F 392 26.21 35.35 -62.45
CA ARG F 392 26.84 34.22 -63.10
C ARG F 392 28.19 33.93 -62.49
N GLU F 393 29.03 34.97 -62.34
CA GLU F 393 30.39 34.78 -61.85
C GLU F 393 30.39 34.21 -60.42
N SER F 394 29.51 34.78 -59.58
CA SER F 394 29.45 34.41 -58.18
C SER F 394 29.01 32.95 -58.03
N VAL F 395 27.96 32.57 -58.75
CA VAL F 395 27.46 31.20 -58.71
C VAL F 395 28.54 30.23 -59.18
N GLU F 396 29.20 30.56 -60.31
CA GLU F 396 30.26 29.71 -60.83
C GLU F 396 31.33 29.49 -59.78
N ARG F 397 31.71 30.57 -59.09
CA ARG F 397 32.78 30.53 -58.10
C ARG F 397 32.39 29.61 -56.93
N LEU F 398 31.12 29.69 -56.48
CA LEU F 398 30.68 28.90 -55.32
C LEU F 398 30.51 27.42 -55.70
N VAL F 399 30.22 27.17 -56.99
CA VAL F 399 30.19 25.80 -57.53
C VAL F 399 31.61 25.24 -57.68
N GLU F 400 32.51 26.00 -58.31
CA GLU F 400 33.78 25.47 -58.79
C GLU F 400 34.86 25.49 -57.72
N ASP F 401 34.95 26.59 -56.98
CA ASP F 401 35.99 26.74 -55.97
C ASP F 401 35.54 25.97 -54.71
N ALA F 402 36.29 24.90 -54.39
CA ALA F 402 35.93 23.96 -53.37
C ALA F 402 36.13 24.53 -51.96
N SER F 403 36.84 25.67 -51.85
CA SER F 403 37.12 26.27 -50.55
C SER F 403 35.83 26.78 -49.89
N TYR F 404 34.83 27.13 -50.71
CA TYR F 404 33.53 27.57 -50.23
C TYR F 404 32.79 26.43 -49.52
N ARG F 405 32.62 25.29 -50.20
CA ARG F 405 32.02 24.10 -49.58
C ARG F 405 32.78 23.70 -48.32
N GLU F 406 34.10 23.81 -48.33
CA GLU F 406 34.89 23.35 -47.20
C GLU F 406 34.65 24.24 -45.97
N ALA F 407 34.61 25.57 -46.21
CA ALA F 407 34.35 26.53 -45.15
C ALA F 407 32.91 26.38 -44.64
N ALA F 408 31.95 26.19 -45.54
CA ALA F 408 30.56 25.93 -45.18
C ALA F 408 30.44 24.69 -44.30
N GLU F 409 31.24 23.68 -44.62
CA GLU F 409 31.20 22.41 -43.91
C GLU F 409 31.72 22.59 -42.48
N ARG F 410 32.73 23.44 -42.31
CA ARG F 410 33.25 23.73 -40.99
C ARG F 410 32.20 24.41 -40.12
N LEU F 411 31.39 25.32 -40.71
CA LEU F 411 30.34 26.02 -39.99
C LEU F 411 29.23 25.04 -39.62
N ARG F 412 28.88 24.17 -40.57
CA ARG F 412 27.94 23.11 -40.32
C ARG F 412 28.36 22.32 -39.08
N GLU F 413 29.64 21.95 -39.01
CA GLU F 413 30.15 21.15 -37.89
C GLU F 413 30.10 21.96 -36.60
N GLU F 414 30.37 23.28 -36.68
CA GLU F 414 30.31 24.12 -35.49
C GLU F 414 28.89 24.13 -34.94
N ASN F 415 27.88 24.32 -35.80
CA ASN F 415 26.48 24.28 -35.40
C ASN F 415 26.15 22.95 -34.73
N GLN F 416 26.64 21.86 -35.34
CA GLN F 416 26.30 20.52 -34.93
C GLN F 416 26.95 20.18 -33.58
N ARG F 417 28.01 20.89 -33.18
CA ARG F 417 28.58 20.72 -31.84
C ARG F 417 27.82 21.54 -30.80
N THR F 418 26.97 22.48 -31.20
CA THR F 418 26.23 23.28 -30.24
C THR F 418 25.13 22.43 -29.61
N PRO F 419 24.91 22.54 -28.29
CA PRO F 419 23.79 21.86 -27.64
C PRO F 419 22.44 22.21 -28.28
N THR F 420 21.59 21.21 -28.40
CA THR F 420 20.26 21.33 -28.96
C THR F 420 19.32 22.04 -27.98
N PRO F 421 18.17 22.53 -28.46
CA PRO F 421 17.08 22.95 -27.59
C PRO F 421 16.80 21.96 -26.45
N HIS F 422 16.71 20.67 -26.79
CA HIS F 422 16.60 19.62 -25.78
C HIS F 422 17.64 19.79 -24.67
N ASP F 423 18.91 19.90 -25.06
CA ASP F 423 20.01 19.95 -24.13
C ASP F 423 19.95 21.21 -23.27
N VAL F 424 19.45 22.34 -23.79
CA VAL F 424 19.51 23.57 -23.01
C VAL F 424 18.25 23.73 -22.13
N VAL F 425 17.27 22.83 -22.23
CA VAL F 425 16.08 22.94 -21.39
C VAL F 425 16.46 23.09 -19.91
N PRO F 426 17.29 22.21 -19.30
CA PRO F 426 17.65 22.34 -17.88
C PRO F 426 18.37 23.64 -17.52
N VAL F 427 19.20 24.16 -18.43
CA VAL F 427 19.87 25.43 -18.25
C VAL F 427 18.84 26.55 -18.14
N ILE F 428 17.83 26.53 -19.03
CA ILE F 428 16.78 27.53 -19.02
C ILE F 428 15.95 27.41 -17.72
N GLU F 429 15.70 26.18 -17.26
CA GLU F 429 14.99 25.95 -15.99
C GLU F 429 15.76 26.58 -14.83
N GLU F 430 17.09 26.33 -14.76
CA GLU F 430 17.91 26.84 -13.66
C GLU F 430 17.99 28.36 -13.71
N LEU F 431 18.17 28.93 -14.91
CA LEU F 431 18.27 30.38 -15.03
C LEU F 431 16.94 31.02 -14.66
N THR F 432 15.83 30.35 -14.94
CA THR F 432 14.52 30.88 -14.59
C THR F 432 14.34 30.94 -13.06
N ALA F 433 14.78 29.87 -12.37
CA ALA F 433 14.73 29.81 -10.92
C ALA F 433 15.59 30.93 -10.32
N GLU F 434 16.80 31.12 -10.87
CA GLU F 434 17.73 32.11 -10.39
C GLU F 434 17.20 33.54 -10.58
N HIS F 435 16.60 33.84 -11.74
CA HIS F 435 16.35 35.22 -12.13
C HIS F 435 14.90 35.61 -11.99
N GLY F 436 14.00 34.65 -11.80
CA GLY F 436 12.60 34.95 -11.62
C GLY F 436 12.28 35.28 -10.16
N ARG F 437 10.98 35.23 -9.86
CA ARG F 437 10.43 35.39 -8.52
C ARG F 437 11.19 34.51 -7.52
N SER G 19 25.00 10.50 -34.10
CA SER G 19 23.79 10.44 -33.24
C SER G 19 22.54 10.97 -33.93
N HIS G 20 22.68 11.80 -34.99
CA HIS G 20 21.58 12.49 -35.64
C HIS G 20 20.74 11.51 -36.48
N MET G 21 19.43 11.45 -36.25
CA MET G 21 18.59 10.44 -36.89
C MET G 21 17.62 11.09 -37.87
N ARG G 22 17.21 10.30 -38.85
CA ARG G 22 16.02 10.56 -39.62
C ARG G 22 14.91 9.68 -39.08
N ILE G 23 13.80 10.31 -38.68
CA ILE G 23 12.71 9.63 -38.00
C ILE G 23 11.46 9.85 -38.82
N LEU G 24 10.84 8.74 -39.24
CA LEU G 24 9.60 8.81 -40.00
C LEU G 24 8.45 8.38 -39.11
N PHE G 25 7.51 9.30 -38.89
CA PHE G 25 6.24 8.99 -38.26
C PHE G 25 5.27 8.57 -39.35
N ALA G 26 4.49 7.52 -39.08
CA ALA G 26 3.49 7.02 -40.00
C ALA G 26 2.15 6.85 -39.29
N THR G 27 1.11 7.41 -39.89
CA THR G 27 -0.24 7.31 -39.36
C THR G 27 -1.25 7.24 -40.51
N VAL G 28 -2.30 6.48 -40.25
CA VAL G 28 -3.52 6.48 -41.03
C VAL G 28 -4.08 7.90 -40.99
N SER G 29 -4.94 8.21 -41.97
CA SER G 29 -5.37 9.58 -42.20
C SER G 29 -6.50 9.97 -41.26
N GLU G 30 -6.25 9.90 -39.94
CA GLU G 30 -7.20 10.42 -38.96
C GLU G 30 -6.50 11.50 -38.13
N LYS G 31 -7.08 12.70 -38.11
CA LYS G 31 -6.55 13.80 -37.32
C LYS G 31 -6.38 13.39 -35.86
N SER G 32 -7.38 12.66 -35.33
CA SER G 32 -7.40 12.27 -33.93
C SER G 32 -6.18 11.40 -33.60
N HIS G 33 -5.79 10.51 -34.52
CA HIS G 33 -4.57 9.71 -34.34
C HIS G 33 -3.31 10.56 -34.44
N LEU G 34 -3.24 11.40 -35.48
CA LEU G 34 -2.11 12.29 -35.70
C LEU G 34 -1.80 13.12 -34.46
N PHE G 35 -2.82 13.74 -33.86
CA PHE G 35 -2.59 14.67 -32.76
C PHE G 35 -1.96 13.99 -31.56
N THR G 36 -2.17 12.67 -31.40
CA THR G 36 -1.59 11.96 -30.26
C THR G 36 -0.08 11.81 -30.40
N MET G 37 0.44 12.01 -31.62
CA MET G 37 1.83 11.73 -31.95
C MET G 37 2.68 13.01 -31.90
N VAL G 38 2.04 14.17 -31.82
CA VAL G 38 2.72 15.42 -32.12
C VAL G 38 3.77 15.74 -31.04
N PRO G 39 3.46 15.64 -29.72
CA PRO G 39 4.47 15.98 -28.71
C PRO G 39 5.71 15.11 -28.79
N LEU G 40 5.55 13.80 -29.08
CA LEU G 40 6.71 12.95 -29.17
C LEU G 40 7.55 13.30 -30.40
N ALA G 41 6.87 13.54 -31.53
CA ALA G 41 7.54 13.98 -32.75
C ALA G 41 8.37 15.23 -32.49
N TRP G 42 7.78 16.22 -31.81
CA TRP G 42 8.48 17.47 -31.54
C TRP G 42 9.60 17.27 -30.51
N SER G 43 9.44 16.34 -29.58
CA SER G 43 10.50 16.07 -28.61
C SER G 43 11.75 15.59 -29.34
N LEU G 44 11.56 14.78 -30.38
CA LEU G 44 12.67 14.19 -31.12
C LEU G 44 13.29 15.25 -32.03
N ALA G 45 12.46 16.09 -32.65
CA ALA G 45 12.93 17.20 -33.46
C ALA G 45 13.76 18.17 -32.61
N ALA G 46 13.32 18.39 -31.37
CA ALA G 46 13.98 19.32 -30.45
C ALA G 46 15.36 18.80 -30.04
N ALA G 47 15.55 17.48 -30.13
CA ALA G 47 16.84 16.86 -29.80
C ALA G 47 17.74 16.80 -31.05
N GLY G 48 17.33 17.42 -32.15
CA GLY G 48 18.20 17.58 -33.30
C GLY G 48 17.90 16.60 -34.42
N HIS G 49 16.94 15.69 -34.25
CA HIS G 49 16.60 14.71 -35.28
C HIS G 49 15.69 15.35 -36.33
N GLU G 50 15.76 14.83 -37.56
CA GLU G 50 14.85 15.22 -38.61
C GLU G 50 13.61 14.33 -38.52
N VAL G 51 12.43 14.96 -38.46
CA VAL G 51 11.20 14.24 -38.26
C VAL G 51 10.24 14.58 -39.38
N HIS G 52 9.81 13.53 -40.09
CA HIS G 52 8.82 13.65 -41.15
C HIS G 52 7.62 12.79 -40.80
N VAL G 53 6.42 13.29 -41.14
CA VAL G 53 5.18 12.60 -40.86
C VAL G 53 4.51 12.22 -42.18
N ALA G 54 4.36 10.91 -42.40
CA ALA G 54 3.76 10.37 -43.61
C ALA G 54 2.34 9.86 -43.36
N SER G 55 1.44 10.26 -44.27
CA SER G 55 0.08 9.76 -44.35
C SER G 55 -0.46 10.00 -45.76
N ASN G 56 -1.71 9.58 -45.99
CA ASN G 56 -2.43 9.80 -47.22
C ASN G 56 -2.62 11.30 -47.44
N PRO G 57 -2.82 11.76 -48.70
CA PRO G 57 -3.07 13.18 -48.99
C PRO G 57 -4.15 13.87 -48.16
N ALA G 58 -5.20 13.14 -47.75
CA ALA G 58 -6.26 13.75 -46.97
C ALA G 58 -5.74 14.35 -45.66
N LEU G 59 -4.61 13.86 -45.12
CA LEU G 59 -4.12 14.34 -43.83
C LEU G 59 -3.10 15.48 -43.98
N THR G 60 -2.69 15.83 -45.20
CA THR G 60 -1.60 16.76 -45.41
C THR G 60 -1.83 18.08 -44.68
N ALA G 61 -3.01 18.66 -44.81
CA ALA G 61 -3.28 19.95 -44.21
C ALA G 61 -3.18 19.86 -42.68
N SER G 62 -3.70 18.76 -42.11
CA SER G 62 -3.63 18.56 -40.67
C SER G 62 -2.18 18.45 -40.19
N ILE G 63 -1.35 17.70 -40.92
CA ILE G 63 0.05 17.55 -40.53
C ILE G 63 0.73 18.93 -40.52
N LYS G 64 0.45 19.74 -41.55
CA LYS G 64 1.13 21.01 -41.74
C LYS G 64 0.83 21.99 -40.60
N SER G 65 -0.36 21.88 -40.00
CA SER G 65 -0.72 22.73 -38.86
C SER G 65 -0.18 22.23 -37.53
N THR G 66 0.61 21.13 -37.52
CA THR G 66 1.29 20.67 -36.32
C THR G 66 2.69 21.26 -36.20
N GLY G 67 3.15 21.95 -37.26
CA GLY G 67 4.51 22.43 -37.33
C GLY G 67 5.45 21.40 -37.97
N LEU G 68 5.00 20.16 -38.13
CA LEU G 68 5.84 19.08 -38.60
C LEU G 68 5.74 18.99 -40.12
N THR G 69 6.83 18.51 -40.73
CA THR G 69 6.89 18.31 -42.16
C THR G 69 6.09 17.09 -42.59
N ALA G 70 5.17 17.32 -43.54
CA ALA G 70 4.30 16.29 -44.09
C ALA G 70 4.94 15.63 -45.31
N VAL G 71 4.75 14.30 -45.42
CA VAL G 71 5.09 13.54 -46.60
C VAL G 71 3.83 12.84 -47.10
N PRO G 72 3.07 13.40 -48.07
CA PRO G 72 1.90 12.73 -48.64
C PRO G 72 2.33 11.46 -49.38
N VAL G 73 1.66 10.33 -49.08
CA VAL G 73 1.99 9.08 -49.73
C VAL G 73 0.69 8.42 -50.20
N GLY G 74 0.74 7.92 -51.44
CA GLY G 74 -0.32 7.11 -52.01
C GLY G 74 -1.58 7.90 -52.27
N LYS G 75 -2.75 7.25 -52.13
CA LYS G 75 -4.02 7.87 -52.41
C LYS G 75 -4.91 7.71 -51.18
N ASP G 76 -6.02 8.45 -51.20
CA ASP G 76 -7.02 8.41 -50.15
C ASP G 76 -7.87 7.14 -50.30
N HIS G 77 -8.44 6.71 -49.18
CA HIS G 77 -9.25 5.50 -49.08
C HIS G 77 -10.68 5.96 -48.78
N ASN G 78 -11.61 5.01 -48.79
CA ASN G 78 -13.03 5.27 -48.66
C ASN G 78 -13.57 4.66 -47.35
N LEU G 79 -12.72 4.50 -46.33
CA LEU G 79 -13.17 3.81 -45.13
C LEU G 79 -14.41 4.48 -44.55
N HIS G 80 -14.47 5.83 -44.53
CA HIS G 80 -15.57 6.50 -43.85
C HIS G 80 -16.91 6.32 -44.59
N GLU G 81 -16.87 6.32 -45.93
CA GLU G 81 -18.07 6.03 -46.72
C GLU G 81 -18.50 4.56 -46.50
N MET G 82 -17.54 3.62 -46.48
CA MET G 82 -17.83 2.21 -46.24
C MET G 82 -18.52 2.05 -44.88
N LEU G 83 -18.00 2.71 -43.85
CA LEU G 83 -18.54 2.63 -42.50
C LEU G 83 -19.93 3.22 -42.42
N THR G 84 -20.15 4.42 -42.99
CA THR G 84 -21.43 5.10 -42.83
C THR G 84 -22.50 4.35 -43.64
N GLU G 85 -22.14 3.87 -44.84
CA GLU G 85 -23.06 3.14 -45.69
C GLU G 85 -23.38 1.74 -45.17
N ASN G 86 -22.54 1.20 -44.28
CA ASN G 86 -22.69 -0.15 -43.74
C ASN G 86 -22.76 -0.02 -42.21
N ARG G 87 -23.46 1.00 -41.73
CA ARG G 87 -23.39 1.46 -40.34
C ARG G 87 -24.09 0.49 -39.40
N ASP G 88 -25.03 -0.28 -39.93
CA ASP G 88 -25.82 -1.23 -39.15
C ASP G 88 -25.03 -2.51 -38.87
N SER G 89 -23.84 -2.64 -39.46
CA SER G 89 -22.95 -3.75 -39.15
C SER G 89 -21.80 -3.26 -38.28
N LEU G 90 -21.85 -2.02 -37.79
CA LEU G 90 -20.70 -1.36 -37.17
C LEU G 90 -20.39 -1.97 -35.80
N GLU G 91 -21.35 -1.89 -34.88
CA GLU G 91 -21.17 -2.45 -33.54
C GLU G 91 -21.76 -3.86 -33.54
N ASN G 92 -20.89 -4.87 -33.59
CA ASN G 92 -21.34 -6.25 -33.65
C ASN G 92 -20.26 -7.10 -32.96
N PRO G 93 -20.50 -8.39 -32.64
CA PRO G 93 -19.53 -9.17 -31.88
C PRO G 93 -18.11 -9.20 -32.45
N LEU G 94 -17.96 -9.15 -33.79
CA LEU G 94 -16.64 -9.29 -34.42
C LEU G 94 -15.87 -7.97 -34.43
N SER G 95 -16.54 -6.85 -34.16
CA SER G 95 -15.86 -5.56 -34.05
C SER G 95 -15.60 -5.22 -32.59
N ASP G 96 -16.00 -6.11 -31.68
CA ASP G 96 -15.84 -5.86 -30.25
C ASP G 96 -14.53 -6.47 -29.80
N TRP G 97 -13.49 -5.64 -29.64
CA TRP G 97 -12.20 -6.11 -29.13
C TRP G 97 -12.00 -5.67 -27.68
N SER G 98 -13.09 -5.29 -27.00
CA SER G 98 -13.03 -4.71 -25.66
C SER G 98 -12.66 -5.74 -24.58
N THR G 99 -12.84 -7.05 -24.84
CA THR G 99 -12.48 -8.07 -23.89
C THR G 99 -11.59 -9.13 -24.54
N PRO G 100 -10.34 -8.77 -24.85
CA PRO G 100 -9.42 -9.70 -25.50
C PRO G 100 -8.84 -10.75 -24.55
N GLU G 101 -9.64 -11.78 -24.27
CA GLU G 101 -9.29 -12.81 -23.29
C GLU G 101 -9.44 -14.20 -23.92
N LEU G 102 -8.47 -15.10 -23.63
CA LEU G 102 -8.54 -16.50 -24.06
C LEU G 102 -9.90 -17.11 -23.75
N ASP G 103 -10.36 -16.92 -22.51
CA ASP G 103 -11.61 -17.49 -22.03
C ASP G 103 -12.81 -17.08 -22.87
N ARG G 104 -12.69 -16.00 -23.65
CA ARG G 104 -13.85 -15.51 -24.41
C ARG G 104 -13.68 -15.77 -25.90
N HIS G 105 -12.59 -16.44 -26.31
CA HIS G 105 -12.27 -16.61 -27.72
C HIS G 105 -11.81 -18.03 -27.98
N SER G 106 -12.64 -18.78 -28.72
CA SER G 106 -12.17 -19.97 -29.41
C SER G 106 -11.23 -19.54 -30.53
N TRP G 107 -10.51 -20.50 -31.10
CA TRP G 107 -9.66 -20.25 -32.25
C TRP G 107 -10.46 -19.56 -33.35
N GLU G 108 -11.65 -20.05 -33.65
CA GLU G 108 -12.33 -19.58 -34.84
C GLU G 108 -12.91 -18.20 -34.59
N GLN G 109 -13.21 -17.85 -33.33
CA GLN G 109 -13.69 -16.52 -33.02
C GLN G 109 -12.57 -15.49 -33.18
N VAL G 110 -11.38 -15.76 -32.64
CA VAL G 110 -10.28 -14.82 -32.71
C VAL G 110 -9.75 -14.76 -34.15
N LEU G 111 -9.69 -15.91 -34.85
CA LEU G 111 -9.25 -15.91 -36.23
C LEU G 111 -10.20 -15.05 -37.06
N MET G 112 -11.50 -15.18 -36.83
CA MET G 112 -12.50 -14.45 -37.60
C MET G 112 -12.34 -12.94 -37.34
N LYS G 113 -12.01 -12.55 -36.11
CA LYS G 113 -11.79 -11.14 -35.78
C LYS G 113 -10.61 -10.57 -36.56
N PHE G 114 -9.52 -11.33 -36.64
CA PHE G 114 -8.37 -10.90 -37.41
C PHE G 114 -8.69 -10.85 -38.91
N LYS G 115 -9.47 -11.83 -39.41
CA LYS G 115 -9.78 -11.87 -40.83
C LYS G 115 -10.58 -10.63 -41.21
N VAL G 116 -11.59 -10.30 -40.41
CA VAL G 116 -12.49 -9.22 -40.76
C VAL G 116 -11.83 -7.85 -40.53
N SER G 117 -11.00 -7.72 -39.48
CA SER G 117 -10.35 -6.45 -39.21
C SER G 117 -9.28 -6.17 -40.27
N VAL G 118 -8.55 -7.20 -40.70
CA VAL G 118 -7.58 -7.06 -41.78
C VAL G 118 -8.30 -6.67 -43.09
N MET G 119 -9.36 -7.40 -43.46
CA MET G 119 -10.03 -7.19 -44.74
C MET G 119 -10.70 -5.83 -44.74
N PHE G 120 -11.43 -5.47 -43.68
CA PHE G 120 -12.25 -4.28 -43.77
C PHE G 120 -11.48 -3.02 -43.35
N ALA G 121 -10.77 -3.04 -42.22
CA ALA G 121 -10.20 -1.82 -41.68
C ALA G 121 -8.73 -1.65 -42.08
N TYR G 122 -7.89 -2.63 -41.75
CA TYR G 122 -6.45 -2.43 -41.85
C TYR G 122 -6.00 -2.28 -43.30
N GLN G 123 -6.56 -3.10 -44.20
CA GLN G 123 -6.19 -3.03 -45.60
C GLN G 123 -6.68 -1.71 -46.21
N THR G 124 -7.91 -1.30 -45.91
CA THR G 124 -8.44 -0.05 -46.42
C THR G 124 -7.55 1.12 -46.01
N TYR G 125 -7.17 1.16 -44.72
CA TYR G 125 -6.37 2.23 -44.14
C TYR G 125 -4.96 2.27 -44.74
N ASN G 126 -4.38 1.09 -45.03
CA ASN G 126 -2.95 0.97 -45.26
C ASN G 126 -2.56 0.66 -46.73
N ASP G 127 -3.34 -0.15 -47.46
CA ASP G 127 -2.90 -0.63 -48.77
C ASP G 127 -2.80 0.52 -49.78
N CYS G 128 -3.62 1.55 -49.57
CA CYS G 128 -3.64 2.76 -50.39
C CYS G 128 -2.33 3.53 -50.33
N MET G 129 -1.41 3.22 -49.39
CA MET G 129 -0.22 4.04 -49.24
C MET G 129 1.04 3.22 -48.98
N VAL G 130 0.91 1.91 -48.76
CA VAL G 130 2.05 1.15 -48.27
C VAL G 130 3.22 1.16 -49.25
N HIS G 131 2.94 1.02 -50.57
CA HIS G 131 4.01 0.91 -51.55
C HIS G 131 4.74 2.25 -51.70
N GLU G 132 3.97 3.34 -51.67
CA GLU G 132 4.53 4.69 -51.74
C GLU G 132 5.34 4.98 -50.46
N LEU G 133 4.91 4.44 -49.31
CA LEU G 133 5.66 4.63 -48.07
C LEU G 133 6.97 3.84 -48.10
N VAL G 134 6.94 2.63 -48.65
CA VAL G 134 8.17 1.84 -48.80
C VAL G 134 9.16 2.59 -49.70
N ASP G 135 8.64 3.19 -50.79
CA ASP G 135 9.44 3.96 -51.74
C ASP G 135 10.09 5.13 -51.04
N TYR G 136 9.28 5.90 -50.28
CA TYR G 136 9.82 7.05 -49.58
C TYR G 136 10.90 6.61 -48.58
N ALA G 137 10.65 5.51 -47.87
CA ALA G 137 11.62 5.01 -46.89
C ALA G 137 12.92 4.61 -47.59
N ARG G 138 12.81 4.05 -48.80
CA ARG G 138 13.99 3.68 -49.58
C ARG G 138 14.79 4.91 -49.96
N HIS G 139 14.11 5.97 -50.42
CA HIS G 139 14.77 7.23 -50.72
C HIS G 139 15.41 7.87 -49.47
N TRP G 140 14.63 8.00 -48.38
CA TRP G 140 15.01 8.85 -47.26
C TRP G 140 15.88 8.11 -46.25
N GLN G 141 15.71 6.79 -46.19
CA GLN G 141 16.50 5.93 -45.31
C GLN G 141 16.34 6.35 -43.85
N PRO G 142 15.12 6.36 -43.28
CA PRO G 142 14.95 6.65 -41.86
C PRO G 142 15.70 5.64 -41.01
N ASP G 143 16.26 6.09 -39.89
CA ASP G 143 16.85 5.19 -38.90
C ASP G 143 15.75 4.53 -38.07
N LEU G 144 14.61 5.22 -37.94
CA LEU G 144 13.56 4.84 -37.02
C LEU G 144 12.22 5.23 -37.64
N VAL G 145 11.26 4.32 -37.52
CA VAL G 145 9.87 4.60 -37.89
C VAL G 145 9.02 4.47 -36.63
N ILE G 146 8.24 5.51 -36.32
CA ILE G 146 7.29 5.44 -35.22
C ILE G 146 5.90 5.45 -35.83
N TRP G 147 5.12 4.40 -35.52
CA TRP G 147 3.84 4.20 -36.20
C TRP G 147 2.67 4.15 -35.23
N ASP G 148 1.59 4.82 -35.63
CA ASP G 148 0.31 4.66 -35.00
C ASP G 148 -0.06 3.16 -35.04
N PRO G 149 -0.70 2.63 -33.97
CA PRO G 149 -0.86 1.18 -33.82
C PRO G 149 -1.73 0.43 -34.86
N VAL G 150 -2.51 1.15 -35.69
CA VAL G 150 -3.19 0.48 -36.80
C VAL G 150 -2.59 0.86 -38.16
N THR G 151 -1.40 1.48 -38.14
CA THR G 151 -0.73 1.91 -39.36
C THR G 151 0.36 0.91 -39.71
N TYR G 152 -0.07 -0.28 -40.14
CA TYR G 152 0.84 -1.40 -40.41
C TYR G 152 1.72 -1.13 -41.65
N ALA G 153 1.35 -0.16 -42.49
CA ALA G 153 2.24 0.28 -43.56
C ALA G 153 3.60 0.69 -43.00
N GLY G 154 3.57 1.27 -41.78
CA GLY G 154 4.76 1.79 -41.13
C GLY G 154 5.85 0.75 -40.93
N PRO G 155 5.58 -0.32 -40.15
CA PRO G 155 6.59 -1.36 -39.90
C PRO G 155 7.02 -2.12 -41.16
N VAL G 156 6.14 -2.21 -42.17
CA VAL G 156 6.50 -2.82 -43.44
C VAL G 156 7.61 -1.99 -44.08
N ALA G 157 7.36 -0.67 -44.23
CA ALA G 157 8.35 0.25 -44.77
C ALA G 157 9.65 0.22 -43.97
N ALA G 158 9.55 0.17 -42.64
CA ALA G 158 10.74 0.13 -41.79
C ALA G 158 11.56 -1.11 -42.08
N ARG G 159 10.87 -2.26 -42.08
CA ARG G 159 11.54 -3.54 -42.21
C ARG G 159 12.26 -3.63 -43.56
N VAL G 160 11.61 -3.14 -44.62
CA VAL G 160 12.21 -3.16 -45.94
C VAL G 160 13.57 -2.44 -45.93
N VAL G 161 13.73 -1.36 -45.15
CA VAL G 161 14.99 -0.61 -45.17
C VAL G 161 15.83 -0.89 -43.92
N GLY G 162 15.41 -1.83 -43.07
CA GLY G 162 16.16 -2.18 -41.88
C GLY G 162 16.09 -1.13 -40.75
N ALA G 163 15.14 -0.19 -40.83
CA ALA G 163 14.96 0.81 -39.78
C ALA G 163 14.44 0.13 -38.50
N ALA G 164 14.83 0.67 -37.33
CA ALA G 164 14.13 0.33 -36.09
C ALA G 164 12.71 0.86 -36.18
N HIS G 165 11.77 0.27 -35.43
CA HIS G 165 10.41 0.77 -35.47
C HIS G 165 9.69 0.42 -34.18
N ALA G 166 8.75 1.31 -33.80
CA ALA G 166 8.00 1.17 -32.56
C ALA G 166 6.59 1.73 -32.75
N ARG G 167 5.63 1.13 -32.06
CA ARG G 167 4.30 1.68 -31.98
C ARG G 167 4.31 2.84 -30.99
N LEU G 168 3.45 3.85 -31.26
CA LEU G 168 3.14 4.87 -30.29
C LEU G 168 1.65 4.82 -29.97
N LEU G 169 1.33 4.51 -28.70
CA LEU G 169 -0.02 4.11 -28.31
C LEU G 169 -0.83 5.28 -27.76
N TRP G 170 -2.02 5.47 -28.35
CA TRP G 170 -3.10 6.26 -27.81
C TRP G 170 -4.13 5.34 -27.13
N CYS G 171 -3.91 4.03 -27.24
CA CYS G 171 -4.95 3.04 -26.96
C CYS G 171 -4.59 2.19 -25.74
N ILE G 172 -5.61 1.85 -24.97
CA ILE G 172 -5.53 0.64 -24.16
C ILE G 172 -5.32 -0.51 -25.15
N ASP G 173 -4.31 -1.34 -24.91
CA ASP G 173 -3.66 -2.10 -25.97
C ASP G 173 -4.40 -3.42 -26.26
N ILE G 174 -5.67 -3.28 -26.64
CA ILE G 174 -6.51 -4.39 -27.04
C ILE G 174 -5.94 -5.06 -28.29
N TYR G 175 -5.18 -4.31 -29.10
CA TYR G 175 -4.64 -4.83 -30.35
C TYR G 175 -3.58 -5.89 -30.07
N ALA G 176 -2.59 -5.56 -29.23
CA ALA G 176 -1.52 -6.50 -28.94
C ALA G 176 -2.03 -7.61 -28.04
N LYS G 177 -3.03 -7.32 -27.21
CA LYS G 177 -3.59 -8.33 -26.34
C LYS G 177 -4.42 -9.34 -27.13
N MET G 178 -5.25 -8.86 -28.07
CA MET G 178 -5.99 -9.77 -28.95
C MET G 178 -5.01 -10.59 -29.78
N ARG G 179 -3.88 -10.01 -30.17
CA ARG G 179 -2.87 -10.75 -30.92
C ARG G 179 -2.29 -11.88 -30.07
N GLU G 180 -2.07 -11.62 -28.78
CA GLU G 180 -1.56 -12.63 -27.87
C GLU G 180 -2.57 -13.80 -27.79
N VAL G 181 -3.86 -13.50 -27.65
CA VAL G 181 -4.92 -14.49 -27.65
C VAL G 181 -4.87 -15.28 -28.96
N PHE G 182 -4.77 -14.56 -30.08
CA PHE G 182 -4.71 -15.17 -31.40
C PHE G 182 -3.55 -16.16 -31.47
N LEU G 183 -2.35 -15.78 -31.01
CA LEU G 183 -1.18 -16.63 -31.15
C LEU G 183 -1.25 -17.84 -30.22
N ALA G 184 -1.89 -17.69 -29.06
CA ALA G 184 -2.08 -18.81 -28.14
C ALA G 184 -2.99 -19.87 -28.79
N ARG G 185 -4.07 -19.41 -29.45
CA ARG G 185 -5.00 -20.31 -30.11
C ARG G 185 -4.39 -20.91 -31.36
N LEU G 186 -3.61 -20.12 -32.11
CA LEU G 186 -2.92 -20.60 -33.30
C LEU G 186 -2.04 -21.80 -32.95
N ALA G 187 -1.32 -21.71 -31.82
CA ALA G 187 -0.37 -22.73 -31.39
C ALA G 187 -1.08 -24.04 -31.03
N GLU G 188 -2.38 -23.99 -30.70
CA GLU G 188 -3.18 -25.16 -30.39
C GLU G 188 -3.68 -25.88 -31.63
N GLN G 189 -3.50 -25.31 -32.82
CA GLN G 189 -4.08 -25.88 -34.02
C GLN G 189 -3.09 -26.81 -34.69
N PRO G 190 -3.58 -27.88 -35.37
CA PRO G 190 -2.74 -28.70 -36.24
C PRO G 190 -2.18 -27.83 -37.36
N GLU G 191 -1.05 -28.25 -37.94
CA GLU G 191 -0.38 -27.47 -38.96
C GLU G 191 -1.28 -27.17 -40.15
N GLU G 192 -2.21 -28.07 -40.50
CA GLU G 192 -3.10 -27.92 -41.65
C GLU G 192 -4.08 -26.77 -41.41
N ARG G 193 -4.44 -26.53 -40.15
CA ARG G 193 -5.48 -25.59 -39.79
C ARG G 193 -4.89 -24.22 -39.43
N ARG G 194 -3.56 -24.10 -39.46
CA ARG G 194 -2.88 -22.87 -39.06
C ARG G 194 -3.04 -21.83 -40.15
N GLU G 195 -3.48 -20.64 -39.75
CA GLU G 195 -3.79 -19.55 -40.67
C GLU G 195 -3.58 -18.24 -39.91
N ASP G 196 -2.95 -17.26 -40.57
CA ASP G 196 -2.64 -15.98 -39.93
C ASP G 196 -2.89 -14.87 -40.94
N PRO G 197 -4.06 -14.20 -40.88
CA PRO G 197 -4.40 -13.11 -41.80
C PRO G 197 -3.39 -11.95 -41.83
N MET G 198 -2.74 -11.72 -40.69
CA MET G 198 -1.76 -10.64 -40.53
C MET G 198 -0.48 -11.01 -41.26
N ALA G 199 -0.02 -12.25 -41.06
CA ALA G 199 1.14 -12.79 -41.77
C ALA G 199 0.89 -12.87 -43.27
N ASP G 200 -0.31 -13.32 -43.68
CA ASP G 200 -0.61 -13.41 -45.11
C ASP G 200 -0.52 -12.02 -45.74
N TRP G 201 -1.19 -11.05 -45.10
CA TRP G 201 -1.29 -9.70 -45.65
C TRP G 201 0.08 -9.03 -45.64
N LEU G 202 0.71 -8.92 -44.47
CA LEU G 202 1.93 -8.12 -44.36
C LEU G 202 3.12 -8.91 -44.88
N GLY G 203 3.14 -10.23 -44.65
CA GLY G 203 4.18 -11.09 -45.21
C GLY G 203 4.13 -11.11 -46.74
N GLY G 204 2.91 -11.10 -47.30
CA GLY G 204 2.72 -10.97 -48.73
C GLY G 204 3.41 -9.72 -49.29
N ILE G 205 3.15 -8.58 -48.66
CA ILE G 205 3.72 -7.31 -49.11
C ILE G 205 5.23 -7.33 -48.92
N LEU G 206 5.71 -7.80 -47.76
CA LEU G 206 7.12 -7.87 -47.50
C LEU G 206 7.83 -8.77 -48.51
N GLY G 207 7.18 -9.90 -48.87
CA GLY G 207 7.68 -10.85 -49.86
C GLY G 207 7.96 -10.20 -51.21
N ARG G 208 7.04 -9.37 -51.69
CA ARG G 208 7.23 -8.61 -52.93
C ARG G 208 8.49 -7.76 -52.91
N TYR G 209 9.02 -7.37 -51.73
CA TYR G 209 10.24 -6.57 -51.66
C TYR G 209 11.41 -7.44 -51.22
N GLY G 210 11.20 -8.76 -51.18
CA GLY G 210 12.27 -9.69 -50.85
C GLY G 210 12.55 -9.78 -49.36
N HIS G 211 11.55 -9.50 -48.50
CA HIS G 211 11.75 -9.61 -47.07
C HIS G 211 10.76 -10.61 -46.49
N THR G 212 11.15 -11.18 -45.34
CA THR G 212 10.35 -12.14 -44.61
C THR G 212 9.40 -11.43 -43.65
N PHE G 213 8.36 -12.13 -43.22
CA PHE G 213 7.51 -11.67 -42.15
C PHE G 213 8.19 -11.92 -40.81
N ASP G 214 7.96 -11.03 -39.84
CA ASP G 214 8.32 -11.25 -38.45
C ASP G 214 7.21 -10.67 -37.59
N GLU G 215 6.96 -11.26 -36.42
CA GLU G 215 5.88 -10.85 -35.53
C GLU G 215 6.07 -9.38 -35.11
N GLU G 216 7.29 -8.87 -35.20
CA GLU G 216 7.54 -7.52 -34.73
C GLU G 216 6.90 -6.50 -35.65
N VAL G 217 6.45 -6.87 -36.87
CA VAL G 217 5.74 -5.92 -37.71
C VAL G 217 4.29 -5.77 -37.25
N VAL G 218 3.85 -6.64 -36.32
CA VAL G 218 2.49 -6.57 -35.81
C VAL G 218 2.42 -5.74 -34.52
N VAL G 219 3.48 -5.77 -33.70
CA VAL G 219 3.46 -5.10 -32.39
C VAL G 219 4.63 -4.13 -32.20
N GLY G 220 5.50 -4.00 -33.22
CA GLY G 220 6.67 -3.15 -33.13
C GLY G 220 7.82 -3.87 -32.43
N GLN G 221 9.04 -3.34 -32.60
CA GLN G 221 10.18 -3.84 -31.85
C GLN G 221 10.05 -3.42 -30.39
N TRP G 222 9.46 -2.24 -30.17
CA TRP G 222 9.01 -1.85 -28.84
C TRP G 222 7.79 -0.96 -28.98
N THR G 223 7.15 -0.70 -27.83
CA THR G 223 5.90 0.02 -27.73
C THR G 223 6.14 1.24 -26.84
N ILE G 224 5.92 2.44 -27.40
CA ILE G 224 5.94 3.67 -26.63
C ILE G 224 4.50 3.96 -26.23
N ASP G 225 4.24 4.03 -24.93
CA ASP G 225 2.88 3.95 -24.43
C ASP G 225 2.51 5.18 -23.61
N GLN G 226 1.46 5.88 -24.04
CA GLN G 226 0.97 7.09 -23.41
C GLN G 226 -0.14 6.78 -22.39
N ILE G 227 -0.50 5.50 -22.24
CA ILE G 227 -1.50 5.10 -21.25
C ILE G 227 -0.78 4.86 -19.92
N PRO G 228 -1.24 5.47 -18.80
CA PRO G 228 -0.69 5.14 -17.49
C PRO G 228 -0.72 3.64 -17.23
N THR G 229 0.37 3.11 -16.69
CA THR G 229 0.54 1.68 -16.44
C THR G 229 -0.67 1.05 -15.76
N SER G 230 -1.26 1.71 -14.76
CA SER G 230 -2.33 1.10 -13.98
C SER G 230 -3.58 0.89 -14.84
N LEU G 231 -3.72 1.59 -15.98
CA LEU G 231 -4.91 1.45 -16.81
C LEU G 231 -4.62 0.64 -18.07
N GLN G 232 -3.40 0.15 -18.23
CA GLN G 232 -2.99 -0.52 -19.46
C GLN G 232 -3.01 -2.03 -19.22
N LEU G 233 -3.27 -2.79 -20.30
CA LEU G 233 -3.24 -4.24 -20.24
C LEU G 233 -1.80 -4.72 -20.17
N PRO G 234 -1.46 -5.62 -19.22
CA PRO G 234 -0.11 -6.20 -19.14
C PRO G 234 0.15 -7.16 -20.31
N LEU G 235 1.35 -7.06 -20.90
CA LEU G 235 1.71 -7.74 -22.13
C LEU G 235 3.18 -8.11 -22.07
N SER G 236 3.58 -9.10 -22.88
CA SER G 236 4.99 -9.48 -23.02
C SER G 236 5.59 -8.76 -24.22
N LEU G 237 5.93 -7.50 -24.04
CA LEU G 237 6.65 -6.78 -25.08
C LEU G 237 7.47 -5.69 -24.39
N ARG G 238 8.41 -5.10 -25.11
CA ARG G 238 9.24 -4.04 -24.56
C ARG G 238 8.40 -2.75 -24.57
N ARG G 239 8.09 -2.26 -23.37
CA ARG G 239 7.21 -1.12 -23.18
C ARG G 239 8.02 0.07 -22.65
N VAL G 240 7.94 1.21 -23.35
CA VAL G 240 8.52 2.46 -22.91
C VAL G 240 7.37 3.41 -22.56
N PRO G 241 7.05 3.59 -21.27
CA PRO G 241 6.01 4.53 -20.87
C PRO G 241 6.46 5.96 -21.18
N VAL G 242 5.51 6.79 -21.61
CA VAL G 242 5.77 8.21 -21.78
C VAL G 242 4.55 8.97 -21.30
N ARG G 243 4.78 10.15 -20.73
CA ARG G 243 3.69 10.97 -20.24
C ARG G 243 2.88 11.54 -21.39
N TYR G 244 1.56 11.42 -21.31
CA TYR G 244 0.67 12.08 -22.25
C TYR G 244 0.74 13.60 -22.02
N LEU G 245 0.99 14.34 -23.10
CA LEU G 245 0.91 15.80 -23.13
C LEU G 245 -0.18 16.16 -24.12
N PRO G 246 -1.21 16.92 -23.70
CA PRO G 246 -2.33 17.22 -24.57
C PRO G 246 -1.92 17.96 -25.85
N HIS G 247 -2.37 17.44 -26.98
CA HIS G 247 -2.39 18.20 -28.22
C HIS G 247 -3.70 17.83 -28.94
N ASN G 248 -4.54 18.83 -29.17
CA ASN G 248 -5.88 18.61 -29.70
C ASN G 248 -6.02 19.40 -30.99
N GLY G 249 -4.89 19.66 -31.66
CA GLY G 249 -4.89 20.36 -32.93
C GLY G 249 -4.67 21.85 -32.72
N PRO G 250 -4.87 22.67 -33.77
CA PRO G 250 -4.59 24.10 -33.70
C PRO G 250 -5.38 24.77 -32.58
N SER G 251 -4.71 25.58 -31.76
CA SER G 251 -5.37 26.16 -30.60
C SER G 251 -4.97 27.61 -30.35
N GLU G 252 -5.94 28.38 -29.84
CA GLU G 252 -5.72 29.72 -29.33
C GLU G 252 -6.54 29.95 -28.07
N ILE G 253 -6.04 30.80 -27.17
CA ILE G 253 -6.70 31.14 -25.93
C ILE G 253 -7.71 32.27 -26.19
N PRO G 254 -9.02 32.05 -25.98
CA PRO G 254 -10.01 33.11 -26.16
C PRO G 254 -10.12 33.98 -24.90
N ASP G 255 -10.70 35.18 -25.06
CA ASP G 255 -10.77 36.18 -23.99
C ASP G 255 -11.63 35.69 -22.83
N TRP G 256 -12.71 34.96 -23.12
CA TRP G 256 -13.68 34.54 -22.12
C TRP G 256 -13.12 33.51 -21.13
N LEU G 257 -11.98 32.90 -21.47
CA LEU G 257 -11.42 31.83 -20.67
C LEU G 257 -10.94 32.34 -19.31
N ARG G 258 -10.60 33.64 -19.21
CA ARG G 258 -10.13 34.25 -17.96
C ARG G 258 -11.12 34.06 -16.81
N GLU G 259 -12.43 34.09 -17.10
CA GLU G 259 -13.46 34.06 -16.07
C GLU G 259 -13.44 32.71 -15.33
N ALA G 260 -13.13 32.72 -14.02
CA ALA G 260 -13.34 31.56 -13.17
C ALA G 260 -14.83 31.46 -12.82
N PRO G 261 -15.50 30.29 -12.96
CA PRO G 261 -16.96 30.26 -12.96
C PRO G 261 -17.68 30.25 -11.61
N GLY G 262 -17.05 29.80 -10.53
CA GLY G 262 -17.67 29.89 -9.21
C GLY G 262 -18.76 28.85 -8.95
N ARG G 263 -19.21 28.14 -9.99
CA ARG G 263 -20.08 26.98 -9.87
C ARG G 263 -19.67 25.91 -10.88
N PRO G 264 -19.99 24.62 -10.61
CA PRO G 264 -19.32 23.52 -11.30
C PRO G 264 -19.37 23.65 -12.82
N ARG G 265 -18.20 23.59 -13.48
CA ARG G 265 -18.13 23.68 -14.93
C ARG G 265 -18.19 22.26 -15.51
N VAL G 266 -19.09 22.10 -16.49
CA VAL G 266 -19.30 20.84 -17.19
C VAL G 266 -19.00 21.07 -18.66
N VAL G 267 -18.08 20.27 -19.22
CA VAL G 267 -17.69 20.39 -20.61
C VAL G 267 -18.20 19.17 -21.37
N LEU G 268 -18.69 19.42 -22.59
CA LEU G 268 -19.20 18.39 -23.49
C LEU G 268 -18.50 18.54 -24.84
N THR G 269 -17.79 17.49 -25.29
CA THR G 269 -17.11 17.47 -26.57
C THR G 269 -17.65 16.35 -27.44
N SER G 270 -17.63 16.54 -28.77
CA SER G 270 -17.82 15.44 -29.71
C SER G 270 -16.93 15.65 -30.94
N PHE G 282 -29.18 7.41 -30.59
CA PHE G 282 -28.58 7.83 -29.29
C PHE G 282 -29.04 9.28 -29.01
N MET G 283 -28.99 9.68 -27.74
CA MET G 283 -29.71 10.85 -27.26
C MET G 283 -29.29 12.08 -28.05
N PRO G 284 -30.20 12.78 -28.78
CA PRO G 284 -29.82 13.96 -29.56
C PRO G 284 -29.08 14.99 -28.71
N VAL G 285 -28.12 15.68 -29.35
CA VAL G 285 -27.26 16.62 -28.67
C VAL G 285 -28.11 17.81 -28.17
N ALA G 286 -29.14 18.16 -28.94
CA ALA G 286 -30.08 19.19 -28.54
C ALA G 286 -30.69 18.91 -27.17
N ASP G 287 -31.03 17.63 -26.91
CA ASP G 287 -31.66 17.23 -25.66
C ASP G 287 -30.65 17.25 -24.52
N MET G 288 -29.39 16.93 -24.85
CA MET G 288 -28.31 16.94 -23.87
C MET G 288 -28.11 18.36 -23.36
N ILE G 289 -28.07 19.32 -24.29
CA ILE G 289 -27.86 20.73 -23.97
C ILE G 289 -28.99 21.23 -23.07
N ASN G 290 -30.24 20.86 -23.41
CA ASN G 290 -31.42 21.34 -22.69
C ASN G 290 -31.44 20.75 -21.28
N THR G 291 -31.08 19.47 -21.12
CA THR G 291 -30.97 18.89 -19.79
C THR G 291 -29.94 19.62 -18.94
N LEU G 292 -28.74 19.83 -19.52
CA LEU G 292 -27.65 20.45 -18.80
C LEU G 292 -27.98 21.92 -18.52
N GLY G 293 -28.76 22.54 -19.42
CA GLY G 293 -29.23 23.91 -19.27
C GLY G 293 -30.08 24.14 -18.02
N SER G 294 -30.75 23.08 -17.53
CA SER G 294 -31.64 23.20 -16.38
C SER G 294 -30.91 22.94 -15.06
N MET G 295 -29.58 22.72 -15.10
CA MET G 295 -28.88 22.25 -13.91
C MET G 295 -28.06 23.40 -13.32
N ASP G 296 -27.63 23.24 -12.07
CA ASP G 296 -26.91 24.30 -11.35
C ASP G 296 -25.41 24.18 -11.68
N ILE G 297 -25.08 24.46 -12.94
CA ILE G 297 -23.75 24.26 -13.49
C ILE G 297 -23.52 25.29 -14.60
N ASP G 298 -22.23 25.48 -14.92
CA ASP G 298 -21.81 26.23 -16.10
C ASP G 298 -21.42 25.22 -17.17
N VAL G 299 -21.87 25.43 -18.41
CA VAL G 299 -21.69 24.45 -19.47
C VAL G 299 -20.90 25.07 -20.61
N VAL G 300 -19.88 24.35 -21.09
CA VAL G 300 -19.20 24.67 -22.34
C VAL G 300 -19.34 23.46 -23.26
N ALA G 301 -19.92 23.68 -24.45
CA ALA G 301 -20.08 22.62 -25.43
C ALA G 301 -19.26 22.94 -26.68
N ALA G 302 -18.24 22.12 -26.95
CA ALA G 302 -17.44 22.19 -28.17
C ALA G 302 -18.07 21.27 -29.22
N LEU G 303 -18.80 21.87 -30.18
CA LEU G 303 -19.58 21.12 -31.14
C LEU G 303 -19.22 21.56 -32.57
N PRO G 304 -19.25 20.63 -33.55
CA PRO G 304 -18.97 20.97 -34.95
C PRO G 304 -20.00 21.92 -35.59
N PRO G 305 -19.76 22.39 -36.84
CA PRO G 305 -20.62 23.40 -37.49
C PRO G 305 -22.12 23.13 -37.41
N GLU G 306 -22.56 21.98 -37.97
CA GLU G 306 -23.96 21.76 -38.28
C GLU G 306 -24.76 21.36 -37.05
N GLU G 307 -24.09 20.79 -36.04
CA GLU G 307 -24.73 20.48 -34.77
C GLU G 307 -25.10 21.77 -34.04
N VAL G 308 -24.29 22.81 -34.24
CA VAL G 308 -24.56 24.14 -33.68
C VAL G 308 -25.97 24.58 -34.09
N GLU G 309 -26.32 24.40 -35.36
CA GLU G 309 -27.54 24.96 -35.92
C GLU G 309 -28.70 23.95 -35.85
N ALA G 310 -28.40 22.69 -35.52
CA ALA G 310 -29.44 21.70 -35.26
C ALA G 310 -30.20 22.04 -33.96
N LEU G 311 -29.61 22.90 -33.13
CA LEU G 311 -30.25 23.34 -31.90
C LEU G 311 -30.95 24.67 -32.13
N GLU G 312 -32.00 24.94 -31.33
CA GLU G 312 -32.76 26.17 -31.39
C GLU G 312 -32.23 27.17 -30.35
N LYS G 313 -32.47 26.89 -29.06
CA LYS G 313 -32.15 27.83 -28.00
C LYS G 313 -30.90 27.37 -27.24
N VAL G 314 -30.02 28.35 -26.97
CA VAL G 314 -28.86 28.15 -26.11
C VAL G 314 -29.25 28.53 -24.68
N PRO G 315 -29.29 27.59 -23.70
CA PRO G 315 -29.62 27.97 -22.32
C PRO G 315 -28.69 29.05 -21.77
N ALA G 316 -29.14 29.70 -20.70
CA ALA G 316 -28.44 30.82 -20.09
C ALA G 316 -27.08 30.38 -19.55
N ASN G 317 -26.96 29.12 -19.08
CA ASN G 317 -25.74 28.67 -18.40
C ASN G 317 -24.71 28.11 -19.38
N THR G 318 -24.99 28.18 -20.70
CA THR G 318 -24.30 27.38 -21.70
C THR G 318 -23.60 28.28 -22.72
N ARG G 319 -22.31 27.98 -22.97
CA ARG G 319 -21.57 28.56 -24.07
C ARG G 319 -21.29 27.47 -25.09
N ILE G 320 -21.53 27.78 -26.37
CA ILE G 320 -21.28 26.84 -27.46
C ILE G 320 -20.17 27.41 -28.35
N VAL G 321 -19.18 26.57 -28.67
CA VAL G 321 -18.02 26.96 -29.44
C VAL G 321 -17.71 25.83 -30.44
N ASP G 322 -17.00 26.16 -31.53
CA ASP G 322 -16.54 25.16 -32.48
C ASP G 322 -15.25 24.54 -31.97
N PHE G 323 -14.29 25.40 -31.65
CA PHE G 323 -12.98 25.00 -31.17
C PHE G 323 -12.78 25.57 -29.77
N VAL G 324 -12.10 24.79 -28.93
CA VAL G 324 -11.71 25.25 -27.61
C VAL G 324 -10.35 24.63 -27.28
N PRO G 325 -9.39 25.40 -26.70
CA PRO G 325 -8.14 24.82 -26.24
C PRO G 325 -8.40 23.99 -24.98
N LEU G 326 -8.66 22.69 -25.19
CA LEU G 326 -9.21 21.84 -24.15
C LEU G 326 -8.28 21.82 -22.93
N HIS G 327 -6.96 21.79 -23.14
CA HIS G 327 -6.02 21.73 -22.02
C HIS G 327 -6.08 23.00 -21.18
N ALA G 328 -6.35 24.15 -21.81
CA ALA G 328 -6.48 25.41 -21.10
C ALA G 328 -7.86 25.52 -20.45
N LEU G 329 -8.88 24.90 -21.05
CA LEU G 329 -10.24 24.95 -20.54
C LEU G 329 -10.46 24.04 -19.32
N LEU G 330 -9.80 22.87 -19.26
CA LEU G 330 -10.24 21.83 -18.33
C LEU G 330 -9.74 22.05 -16.90
N PRO G 331 -8.66 22.81 -16.61
CA PRO G 331 -8.30 23.07 -15.21
C PRO G 331 -9.49 23.61 -14.42
N GLY G 332 -9.78 22.97 -13.28
CA GLY G 332 -10.87 23.40 -12.42
C GLY G 332 -12.26 22.95 -12.89
N ALA G 333 -12.42 22.45 -14.14
CA ALA G 333 -13.69 21.91 -14.58
C ALA G 333 -14.05 20.69 -13.73
N SER G 334 -15.35 20.39 -13.64
CA SER G 334 -15.85 19.34 -12.74
C SER G 334 -16.14 18.04 -13.49
N VAL G 335 -16.60 18.15 -14.76
CA VAL G 335 -16.95 16.98 -15.56
C VAL G 335 -16.59 17.24 -17.02
N LEU G 336 -16.03 16.22 -17.68
CA LEU G 336 -15.98 16.17 -19.13
C LEU G 336 -16.85 15.02 -19.61
N ILE G 337 -17.75 15.34 -20.56
CA ILE G 337 -18.62 14.36 -21.20
C ILE G 337 -18.12 14.13 -22.63
N HIS G 338 -17.81 12.87 -23.00
CA HIS G 338 -17.31 12.57 -24.32
C HIS G 338 -17.45 11.07 -24.65
N HIS G 339 -17.08 10.67 -25.88
CA HIS G 339 -17.32 9.35 -26.45
C HIS G 339 -16.14 8.39 -26.24
N GLY G 340 -15.03 8.87 -25.65
CA GLY G 340 -13.94 7.98 -25.26
C GLY G 340 -12.69 8.09 -26.13
N GLY G 341 -12.67 9.07 -27.05
CA GLY G 341 -11.48 9.42 -27.80
C GLY G 341 -10.34 9.84 -26.86
N PHE G 342 -9.10 9.62 -27.31
CA PHE G 342 -7.94 9.75 -26.46
C PHE G 342 -7.65 11.22 -26.13
N GLY G 343 -7.87 12.13 -27.08
CA GLY G 343 -7.61 13.55 -26.85
C GLY G 343 -8.38 14.06 -25.62
N SER G 344 -9.68 13.76 -25.59
CA SER G 344 -10.55 14.09 -24.48
C SER G 344 -10.16 13.33 -23.21
N TRP G 345 -10.03 12.01 -23.34
CA TRP G 345 -9.73 11.15 -22.22
C TRP G 345 -8.43 11.58 -21.53
N GLY G 346 -7.38 11.76 -22.36
CA GLY G 346 -6.07 12.09 -21.85
C GLY G 346 -6.01 13.51 -21.28
N THR G 347 -6.70 14.45 -21.91
CA THR G 347 -6.64 15.84 -21.46
C THR G 347 -7.41 16.00 -20.14
N ALA G 348 -8.56 15.33 -20.02
CA ALA G 348 -9.27 15.29 -18.75
C ALA G 348 -8.42 14.59 -17.70
N LEU G 349 -7.72 13.52 -18.09
CA LEU G 349 -6.93 12.77 -17.13
C LEU G 349 -5.82 13.64 -16.53
N VAL G 350 -5.12 14.42 -17.37
CA VAL G 350 -3.98 15.18 -16.87
C VAL G 350 -4.49 16.36 -16.05
N ASN G 351 -5.76 16.75 -16.23
CA ASN G 351 -6.32 17.85 -15.46
C ASN G 351 -7.10 17.34 -14.23
N GLY G 352 -7.13 16.02 -14.01
CA GLY G 352 -7.83 15.47 -12.86
C GLY G 352 -9.35 15.64 -12.92
N VAL G 353 -9.92 15.78 -14.12
CA VAL G 353 -11.34 16.03 -14.29
C VAL G 353 -12.08 14.70 -14.43
N PRO G 354 -13.06 14.40 -13.55
CA PRO G 354 -13.95 13.26 -13.73
C PRO G 354 -14.64 13.25 -15.08
N GLN G 355 -14.76 12.06 -15.66
CA GLN G 355 -15.24 11.88 -17.01
C GLN G 355 -16.53 11.07 -16.98
N PHE G 356 -17.48 11.50 -17.84
CA PHE G 356 -18.67 10.75 -18.12
C PHE G 356 -18.64 10.36 -19.60
N ILE G 357 -18.61 9.06 -19.85
CA ILE G 357 -18.36 8.52 -21.18
C ILE G 357 -19.52 7.61 -21.59
N PRO G 358 -20.54 8.18 -22.28
CA PRO G 358 -21.54 7.38 -22.97
C PRO G 358 -21.02 6.96 -24.34
N THR G 359 -20.77 5.66 -24.54
CA THR G 359 -20.08 5.22 -25.74
C THR G 359 -20.49 3.81 -26.13
N ILE G 360 -19.79 3.27 -27.15
CA ILE G 360 -20.04 1.97 -27.73
C ILE G 360 -18.75 1.15 -27.71
N ARG G 361 -18.87 -0.15 -28.02
CA ARG G 361 -17.72 -1.03 -28.07
C ARG G 361 -17.03 -0.93 -29.43
N TYR G 362 -16.44 0.25 -29.67
CA TYR G 362 -15.70 0.53 -30.88
C TYR G 362 -14.28 0.97 -30.49
N ALA G 363 -13.29 0.51 -31.26
CA ALA G 363 -11.90 0.70 -30.91
C ALA G 363 -11.75 0.34 -29.42
N ASP G 364 -11.07 1.21 -28.65
CA ASP G 364 -10.86 0.98 -27.22
C ASP G 364 -11.76 1.91 -26.40
N TRP G 365 -12.78 2.51 -27.03
CA TRP G 365 -13.59 3.50 -26.35
C TRP G 365 -14.23 2.93 -25.08
N TRP G 366 -14.71 1.69 -25.18
CA TRP G 366 -15.38 1.06 -24.05
C TRP G 366 -14.38 0.85 -22.91
N ASN G 367 -13.17 0.42 -23.27
CA ASN G 367 -12.09 0.21 -22.30
C ASN G 367 -11.68 1.53 -21.65
N LYS G 368 -11.73 2.62 -22.44
CA LYS G 368 -11.42 3.95 -21.92
C LYS G 368 -12.42 4.30 -20.83
N GLY G 369 -13.71 4.02 -21.08
CA GLY G 369 -14.76 4.22 -20.09
C GLY G 369 -14.63 3.29 -18.88
N THR G 370 -14.48 1.98 -19.12
CA THR G 370 -14.50 1.01 -18.04
C THR G 370 -13.27 1.16 -17.17
N SER G 371 -12.10 1.48 -17.75
CA SER G 371 -10.88 1.66 -16.98
C SER G 371 -11.10 2.73 -15.90
N LEU G 372 -11.72 3.86 -16.27
CA LEU G 372 -11.96 4.95 -15.33
C LEU G 372 -13.06 4.54 -14.33
N HIS G 373 -14.12 3.89 -14.83
CA HIS G 373 -15.21 3.42 -13.98
C HIS G 373 -14.67 2.53 -12.85
N GLU G 374 -13.88 1.49 -13.19
CA GLU G 374 -13.33 0.58 -12.20
C GLU G 374 -12.42 1.30 -11.22
N ALA G 375 -11.73 2.36 -11.67
CA ALA G 375 -10.83 3.10 -10.79
C ALA G 375 -11.61 4.08 -9.90
N GLY G 376 -12.90 4.28 -10.20
CA GLY G 376 -13.73 5.20 -9.44
C GLY G 376 -13.51 6.67 -9.83
N ALA G 377 -12.90 6.90 -11.00
CA ALA G 377 -12.54 8.25 -11.44
C ALA G 377 -13.59 8.84 -12.39
N GLY G 378 -14.46 8.00 -12.93
CA GLY G 378 -15.53 8.48 -13.79
C GLY G 378 -16.61 7.41 -13.97
N LEU G 379 -17.52 7.66 -14.92
CA LEU G 379 -18.65 6.78 -15.20
C LEU G 379 -18.73 6.51 -16.70
N VAL G 380 -18.93 5.24 -17.05
CA VAL G 380 -19.23 4.81 -18.41
C VAL G 380 -20.65 4.26 -18.45
N VAL G 381 -21.31 4.48 -19.60
CA VAL G 381 -22.61 3.89 -19.87
C VAL G 381 -22.68 3.64 -21.37
N HIS G 382 -23.46 2.63 -21.79
CA HIS G 382 -23.66 2.43 -23.21
C HIS G 382 -24.49 3.60 -23.76
N ALA G 383 -24.08 4.10 -24.94
CA ALA G 383 -24.70 5.28 -25.54
C ALA G 383 -26.20 5.08 -25.72
N SER G 384 -26.62 3.84 -25.98
CA SER G 384 -28.01 3.51 -26.27
C SER G 384 -28.89 3.72 -25.02
N GLU G 385 -28.28 3.65 -23.83
CA GLU G 385 -29.01 3.82 -22.59
C GLU G 385 -29.01 5.26 -22.07
N LEU G 386 -28.49 6.21 -22.86
CA LEU G 386 -28.43 7.58 -22.34
C LEU G 386 -29.77 8.29 -22.51
N THR G 387 -30.31 8.75 -21.37
CA THR G 387 -31.53 9.55 -21.30
C THR G 387 -31.25 10.83 -20.51
N ALA G 388 -32.21 11.76 -20.52
CA ALA G 388 -32.13 12.98 -19.73
C ALA G 388 -31.90 12.64 -18.25
N GLU G 389 -32.57 11.58 -17.77
CA GLU G 389 -32.49 11.18 -16.36
C GLU G 389 -31.09 10.68 -16.02
N VAL G 390 -30.52 9.83 -16.89
CA VAL G 390 -29.20 9.23 -16.70
C VAL G 390 -28.13 10.33 -16.79
N LEU G 391 -28.24 11.19 -17.80
CA LEU G 391 -27.33 12.32 -17.99
C LEU G 391 -27.28 13.18 -16.71
N ARG G 392 -28.46 13.63 -16.25
CA ARG G 392 -28.57 14.49 -15.08
C ARG G 392 -27.98 13.78 -13.86
N GLU G 393 -28.37 12.53 -13.64
CA GLU G 393 -27.99 11.83 -12.42
C GLU G 393 -26.47 11.59 -12.40
N SER G 394 -25.91 11.21 -13.57
CA SER G 394 -24.49 10.92 -13.68
C SER G 394 -23.66 12.17 -13.39
N VAL G 395 -24.05 13.30 -14.01
CA VAL G 395 -23.36 14.56 -13.83
C VAL G 395 -23.41 14.97 -12.35
N GLU G 396 -24.60 14.89 -11.74
CA GLU G 396 -24.78 15.23 -10.34
C GLU G 396 -23.82 14.41 -9.47
N ARG G 397 -23.72 13.10 -9.76
CA ARG G 397 -22.92 12.20 -8.95
C ARG G 397 -21.43 12.57 -9.08
N LEU G 398 -20.97 12.94 -10.29
CA LEU G 398 -19.57 13.27 -10.53
C LEU G 398 -19.21 14.62 -9.90
N VAL G 399 -20.20 15.51 -9.82
CA VAL G 399 -20.05 16.81 -9.15
C VAL G 399 -20.05 16.63 -7.64
N GLU G 400 -21.03 15.90 -7.09
CA GLU G 400 -21.32 15.91 -5.66
C GLU G 400 -20.45 14.91 -4.91
N ASP G 401 -20.29 13.70 -5.45
CA ASP G 401 -19.49 12.68 -4.79
C ASP G 401 -18.01 12.95 -5.05
N ALA G 402 -17.29 13.31 -3.97
CA ALA G 402 -15.92 13.77 -4.02
C ALA G 402 -14.93 12.65 -4.33
N SER G 403 -15.39 11.38 -4.23
CA SER G 403 -14.53 10.23 -4.47
C SER G 403 -14.09 10.16 -5.94
N TYR G 404 -14.91 10.73 -6.84
CA TYR G 404 -14.59 10.80 -8.26
C TYR G 404 -13.39 11.72 -8.50
N ARG G 405 -13.46 12.98 -8.02
CA ARG G 405 -12.34 13.90 -8.12
C ARG G 405 -11.08 13.30 -7.48
N GLU G 406 -11.23 12.59 -6.36
CA GLU G 406 -10.07 12.05 -5.66
C GLU G 406 -9.39 10.96 -6.47
N ALA G 407 -10.19 10.07 -7.07
CA ALA G 407 -9.67 9.01 -7.92
C ALA G 407 -9.04 9.58 -9.19
N ALA G 408 -9.69 10.61 -9.80
CA ALA G 408 -9.14 11.29 -10.96
C ALA G 408 -7.78 11.92 -10.63
N GLU G 409 -7.67 12.45 -9.41
CA GLU G 409 -6.47 13.12 -8.97
C GLU G 409 -5.33 12.12 -8.83
N ARG G 410 -5.63 10.91 -8.36
CA ARG G 410 -4.63 9.87 -8.25
C ARG G 410 -4.05 9.51 -9.63
N LEU G 411 -4.93 9.44 -10.66
CA LEU G 411 -4.52 9.10 -12.02
C LEU G 411 -3.67 10.23 -12.58
N ARG G 412 -4.11 11.47 -12.34
CA ARG G 412 -3.35 12.64 -12.71
C ARG G 412 -1.92 12.53 -12.17
N GLU G 413 -1.78 12.15 -10.90
CA GLU G 413 -0.47 12.06 -10.27
C GLU G 413 0.35 10.93 -10.88
N GLU G 414 -0.32 9.82 -11.25
CA GLU G 414 0.37 8.72 -11.88
C GLU G 414 0.97 9.17 -13.22
N ASN G 415 0.16 9.86 -14.05
CA ASN G 415 0.63 10.39 -15.33
C ASN G 415 1.84 11.32 -15.11
N GLN G 416 1.73 12.16 -14.07
CA GLN G 416 2.71 13.20 -13.82
C GLN G 416 4.03 12.59 -13.35
N ARG G 417 4.01 11.35 -12.82
CA ARG G 417 5.26 10.68 -12.46
C ARG G 417 5.89 10.00 -13.67
N THR G 418 5.15 9.86 -14.78
CA THR G 418 5.72 9.22 -15.96
C THR G 418 6.72 10.17 -16.61
N PRO G 419 7.89 9.67 -17.06
CA PRO G 419 8.83 10.48 -17.85
C PRO G 419 8.17 11.13 -19.06
N THR G 420 8.56 12.38 -19.31
CA THR G 420 8.09 13.17 -20.44
C THR G 420 8.70 12.67 -21.74
N PRO G 421 8.12 13.07 -22.89
CA PRO G 421 8.78 12.89 -24.19
C PRO G 421 10.26 13.28 -24.18
N HIS G 422 10.56 14.46 -23.60
CA HIS G 422 11.94 14.90 -23.43
C HIS G 422 12.78 13.80 -22.76
N ASP G 423 12.30 13.28 -21.63
CA ASP G 423 13.05 12.30 -20.85
C ASP G 423 13.23 10.99 -21.61
N VAL G 424 12.28 10.59 -22.47
CA VAL G 424 12.41 9.30 -23.12
C VAL G 424 13.20 9.39 -24.44
N VAL G 425 13.57 10.60 -24.87
CA VAL G 425 14.36 10.72 -26.09
C VAL G 425 15.60 9.81 -26.06
N PRO G 426 16.46 9.84 -25.03
CA PRO G 426 17.65 8.97 -25.00
C PRO G 426 17.34 7.47 -25.03
N VAL G 427 16.24 7.06 -24.40
CA VAL G 427 15.78 5.68 -24.43
C VAL G 427 15.47 5.27 -25.87
N ILE G 428 14.76 6.13 -26.60
CA ILE G 428 14.42 5.89 -27.99
C ILE G 428 15.69 5.84 -28.86
N GLU G 429 16.67 6.69 -28.58
CA GLU G 429 17.95 6.70 -29.27
C GLU G 429 18.68 5.38 -29.06
N GLU G 430 18.74 4.89 -27.81
CA GLU G 430 19.44 3.65 -27.49
C GLU G 430 18.73 2.47 -28.15
N LEU G 431 17.40 2.43 -28.08
CA LEU G 431 16.66 1.33 -28.67
C LEU G 431 16.83 1.33 -30.19
N THR G 432 16.95 2.51 -30.80
CA THR G 432 17.14 2.60 -32.24
C THR G 432 18.51 2.04 -32.63
N ALA G 433 19.54 2.38 -31.86
CA ALA G 433 20.89 1.86 -32.08
C ALA G 433 20.89 0.34 -31.97
N GLU G 434 20.23 -0.19 -30.93
CA GLU G 434 20.17 -1.62 -30.67
C GLU G 434 19.45 -2.36 -31.81
N HIS G 435 18.33 -1.84 -32.31
CA HIS G 435 17.44 -2.62 -33.16
C HIS G 435 17.57 -2.25 -34.63
N GLY G 436 18.16 -1.11 -34.95
CA GLY G 436 18.15 -0.67 -36.34
C GLY G 436 19.38 -1.19 -37.09
N ARG G 437 19.61 -0.63 -38.27
CA ARG G 437 20.84 -0.84 -39.02
C ARG G 437 22.07 -0.60 -38.13
C ACT H . 11.78 51.22 -1.18
O ACT H . 12.80 51.16 -0.48
OXT ACT H . 11.17 50.20 -1.56
CH3 ACT H . 11.27 52.61 -1.59
C ACT I . 3.03 73.61 10.39
O ACT I . 3.78 73.66 9.40
OXT ACT I . 1.92 74.20 10.47
CH3 ACT I . 3.48 72.79 11.63
C ACT J . 31.56 72.13 4.54
O ACT J . 31.29 70.95 4.88
OXT ACT J . 32.45 72.83 5.10
CH3 ACT J . 30.75 72.77 3.39
C1 GOL K . 19.07 46.82 12.75
O1 GOL K . 20.03 47.69 13.33
C2 GOL K . 19.73 45.77 11.87
O2 GOL K . 20.49 46.45 10.87
C3 GOL K . 18.72 44.82 11.22
O3 GOL K . 18.39 43.68 12.04
C1 GOL L . 15.70 47.68 -1.58
O1 GOL L . 15.43 47.24 -2.91
C2 GOL L . 17.03 48.42 -1.45
O2 GOL L . 17.01 49.26 -0.30
C3 GOL L . 18.24 47.50 -1.45
O3 GOL L . 18.96 47.55 -0.21
CBW ELO M . 16.53 26.55 12.60
CCA ELO M . 17.12 27.88 12.99
OAM ELO M . 16.56 28.91 12.18
CCC ELO M . 18.54 27.72 12.72
OAO ELO M . 18.49 27.23 11.39
CCE ELO M . 19.05 26.66 13.74
CCK ELO M . 20.58 26.71 14.10
OAI ELO M . 18.64 25.42 13.20
CBQ ELO M . 17.19 25.30 13.28
OAC ELO M . 16.61 25.06 14.64
CAW ELO M . 16.28 23.70 15.10
CAY ELO M . 14.90 23.25 14.62
CAU ELO M . 16.24 23.59 16.65
CBG ELO M . 17.56 24.03 17.33
CBS ELO M . 17.79 25.53 17.19
CBC ELO M . 16.03 22.10 16.96
CBM ELO M . 16.09 21.82 18.49
OAA ELO M . 14.77 21.57 16.38
CAS ELO M . 14.70 21.75 14.90
OAE ELO M . 15.78 21.06 14.26
CBA ELO M . 13.32 21.27 14.33
CBK ELO M . 12.86 22.30 13.32
CBE ELO M . 13.40 19.92 13.61
OAG ELO M . 13.57 20.24 12.26
CBI ELO M . 12.11 19.08 13.64
CBU ELO M . 11.33 19.42 14.84
CBO ELO M . 12.48 17.58 13.63
CBY ELO M . 11.32 16.59 13.02
CCG ELO M . 10.98 16.97 11.58
CCI ELO M . 11.85 15.33 13.01
CCO ELO M . 11.70 14.48 14.11
CCS ELO M . 12.33 13.21 14.13
CCR ELO M . 12.23 12.36 15.24
CCN ELO M . 12.84 11.09 15.37
OAL ELO M . 12.64 10.38 16.54
OAR ELO M . 13.55 10.67 14.45
OAK ELO M . 12.95 17.25 14.97
CCM ELO M . 13.89 16.23 15.02
OAQ ELO M . 14.93 16.16 14.38
CCQ ELO M . 13.70 15.19 15.91
CCT ELO M . 14.65 14.17 16.02
CCP ELO M . 14.34 13.14 16.90
CCJ ELO M . 15.14 12.03 17.14
CBZ ELO M . 14.62 11.08 18.01
CCH ELO M . 15.64 10.46 18.96
CBP ELO M . 13.97 9.94 17.13
CBJ ELO M . 13.88 8.65 18.01
CBV ELO M . 12.71 8.76 18.99
CBF ELO M . 13.70 7.35 17.19
OAH ELO M . 14.90 7.08 16.46
CBB ELO M . 13.36 6.16 18.12
CBL ELO M . 14.65 5.54 18.69
CAT ELO M . 12.56 5.07 17.36
CAZ ELO M . 12.09 3.99 18.35
OAF ELO M . 13.37 4.47 16.35
OAB ELO M . 11.39 5.70 16.82
CBD ELO M . 10.68 4.80 15.96
CBN ELO M . 9.45 5.51 15.43
CAV ELO M . 10.16 3.61 16.69
CBH ELO M . 9.57 2.57 15.70
CBT ELO M . 10.52 2.33 14.53
CAX ELO M . 11.23 2.97 17.60
OAD ELO M . 10.50 2.19 18.55
CBR ELO M . 11.14 1.00 19.06
CBX ELO M . 10.13 0.31 19.96
OAJ ELO M . 11.60 0.08 18.00
CCF ELO M . 10.64 -0.79 17.28
CCL ELO M . 11.39 -2.01 16.73
CCD ELO M . 9.46 -1.28 18.16
OAP ELO M . 9.79 -2.48 18.90
CCB ELO M . 8.99 -0.10 19.07
OAN ELO M . 7.84 -0.47 19.82
C ACT N . 0.46 34.39 -4.42
O ACT N . 1.26 33.45 -4.55
OXT ACT N . 0.82 35.59 -4.39
CH3 ACT N . -1.03 34.06 -4.32
C ACT O . 13.98 25.31 -9.01
O ACT O . 14.71 25.56 -8.02
OXT ACT O . 14.22 24.41 -9.85
CH3 ACT O . 12.69 26.15 -9.20
C1 GOL P . 0.87 51.94 4.74
O1 GOL P . 1.46 52.01 6.05
C2 GOL P . 0.79 50.53 4.18
O2 GOL P . -0.27 49.80 4.80
C3 GOL P . 0.66 50.52 2.67
O3 GOL P . 0.46 49.19 2.17
C1 GOL Q . 3.35 46.77 18.51
O1 GOL Q . 2.78 46.85 17.20
C2 GOL Q . 4.82 47.17 18.51
O2 GOL Q . 4.99 48.18 17.52
C3 GOL Q . 5.81 46.06 18.23
O3 GOL Q . 5.35 44.78 18.66
CBW ELO R . 7.71 -13.83 22.43
CCA ELO R . 7.31 -15.27 22.06
OAM ELO R . 6.71 -15.96 23.18
CCC ELO R . 8.54 -15.99 21.75
OAO ELO R . 9.29 -15.91 22.99
CCE ELO R . 9.18 -15.28 20.54
CCK ELO R . 10.26 -16.12 19.80
OAI ELO R . 9.68 -13.97 20.98
CBQ ELO R . 8.65 -13.08 21.45
OAC ELO R . 7.88 -12.43 20.36
CAW ELO R . 8.18 -11.07 19.96
CAY ELO R . 7.42 -10.00 20.81
CAU ELO R . 7.79 -10.85 18.48
CBG ELO R . 8.52 -11.82 17.51
CBS ELO R . 7.67 -13.04 17.19
CBC ELO R . 8.17 -9.42 18.12
CBM ELO R . 7.85 -9.11 16.64
OAA ELO R . 7.52 -8.43 19.01
CAS ELO R . 7.97 -8.63 20.38
OAE ELO R . 9.39 -8.77 20.32
CBA ELO R . 7.55 -7.42 21.33
CBK ELO R . 7.48 -7.83 22.78
CBE ELO R . 8.48 -6.16 21.26
OAG ELO R . 9.86 -6.39 21.63
CBI ELO R . 7.94 -5.05 22.20
CBU ELO R . 6.53 -4.72 21.72
CBO ELO R . 8.91 -3.86 22.05
CBY ELO R . 8.57 -2.55 22.89
CCG ELO R . 8.66 -2.92 24.37
CCI ELO R . 9.53 -1.68 22.38
CCO ELO R . 9.32 -0.76 21.33
CCS ELO R . 10.43 -0.07 20.76
CCR ELO R . 10.40 0.88 19.72
CCN ELO R . 11.52 1.55 19.12
OAL ELO R . 11.25 2.44 18.10
OAR ELO R . 12.70 1.39 19.48
OAK ELO R . 8.98 -3.65 20.61
CCM ELO R . 10.23 -3.31 20.11
OAQ ELO R . 11.30 -3.83 20.40
CCQ ELO R . 10.24 -2.30 19.15
CCT ELO R . 11.38 -1.80 18.51
CCP ELO R . 11.19 -0.73 17.63
CCJ ELO R . 12.19 -0.11 16.89
CBZ ELO R . 11.82 0.99 16.12
CCH ELO R . 12.48 1.07 14.77
CBP ELO R . 12.21 2.24 16.98
CBJ ELO R . 12.33 3.55 16.15
CBV ELO R . 10.93 4.05 15.76
CBF ELO R . 12.99 4.65 17.02
OAH ELO R . 14.33 4.31 17.30
CBB ELO R . 12.96 6.03 16.31
CBL ELO R . 14.02 6.06 15.20
CAT ELO R . 13.22 7.13 17.35
CAZ ELO R . 13.16 8.52 16.64
OAF ELO R . 14.55 6.96 17.90
OAB ELO R . 12.19 7.00 18.37
CBD ELO R . 12.30 8.00 19.40
CBN ELO R . 11.19 7.81 20.45
CAV ELO R . 12.11 9.38 18.81
CBH ELO R . 12.26 10.42 19.93
CBT ELO R . 13.71 10.58 20.39
CAX ELO R . 13.13 9.65 17.66
OAD ELO R . 12.69 10.88 16.99
CBR ELO R . 13.67 11.59 16.11
CBX ELO R . 12.90 12.59 15.27
OAJ ELO R . 14.77 12.28 16.83
CCF ELO R . 14.65 13.66 17.36
CCL ELO R . 15.97 14.38 17.13
CCD ELO R . 13.58 14.54 16.70
OAP ELO R . 14.19 15.28 15.59
CCB ELO R . 12.37 13.66 16.25
OAN ELO R . 11.30 14.44 15.69
C1 GOL S . -13.04 -27.25 38.17
O1 GOL S . -14.18 -26.87 37.42
C2 GOL S . -13.47 -27.74 39.53
O2 GOL S . -13.64 -29.16 39.44
C3 GOL S . -12.52 -27.36 40.65
O3 GOL S . -11.15 -27.56 40.29
CBW ELO T . -18.95 -42.80 15.39
CCA ELO T . -18.40 -41.36 15.27
OAM ELO T . -18.03 -40.81 16.54
CCC ELO T . -19.53 -40.58 14.78
OAO ELO T . -20.42 -40.96 15.80
CCE ELO T . -19.85 -41.15 13.34
CCK ELO T . -20.69 -40.26 12.39
OAI ELO T . -20.49 -42.43 13.52
CBQ ELO T . -19.58 -43.38 14.06
OAC ELO T . -18.56 -43.74 13.04
CAW ELO T . -18.62 -44.95 12.23
CAY ELO T . -18.11 -46.20 13.01
CAU ELO T . -17.76 -44.76 10.96
CBG ELO T . -18.31 -43.66 10.03
CBS ELO T . -18.40 -42.30 10.73
CBC ELO T . -17.82 -46.11 10.19
CBM ELO T . -17.16 -46.00 8.79
OAA ELO T . -17.24 -47.23 10.98
CAS ELO T . -18.10 -47.49 12.14
OAE ELO T . -19.45 -47.70 11.69
CBA ELO T . -17.66 -48.76 12.93
CBK ELO T . -17.37 -48.34 14.34
CBE ELO T . -18.79 -49.79 13.04
OAG ELO T . -19.49 -49.46 14.20
CBI ELO T . -18.36 -51.21 13.28
CBU ELO T . -16.95 -51.32 12.78
CBO ELO T . -19.27 -52.11 12.46
CBY ELO T . -19.30 -53.60 12.95
CCG ELO T . -19.68 -53.69 14.42
CCI ELO T . -20.22 -54.33 12.17
CCO ELO T . -19.80 -54.91 10.96
CCS ELO T . -20.65 -55.66 10.12
CCR ELO T . -20.24 -56.22 8.90
CCN ELO T . -21.12 -56.94 8.05
OAL ELO T . -20.69 -57.51 6.86
OAR ELO T . -22.28 -57.08 8.43
OAK ELO T . -18.78 -52.04 11.11
CCM ELO T . -19.76 -52.34 10.22
OAQ ELO T . -20.89 -51.87 10.31
CCQ ELO T . -19.50 -53.22 9.17
CCT ELO T . -20.52 -53.53 8.26
CCP ELO T . -20.31 -54.43 7.21
CCJ ELO T . -21.27 -54.78 6.25
CBZ ELO T . -20.95 -55.73 5.25
CCH ELO T . -21.47 -55.34 3.88
CBP ELO T . -21.52 -57.11 5.72
CBJ ELO T . -21.60 -58.17 4.55
CBV ELO T . -20.21 -58.40 3.95
CBF ELO T . -22.23 -59.55 4.98
OAH ELO T . -23.15 -59.31 6.04
CBB ELO T . -22.99 -60.32 3.83
CBL ELO T . -24.22 -59.52 3.40
CAT ELO T . -23.47 -61.73 4.31
CAZ ELO T . -23.21 -62.89 3.27
OAF ELO T . -24.90 -61.64 4.54
OAB ELO T . -22.77 -61.98 5.53
CBD ELO T . -22.79 -63.30 6.12
CBN ELO T . -21.61 -63.35 7.11
CAV ELO T . -22.57 -64.37 5.12
CBH ELO T . -22.75 -65.77 5.76
CBT ELO T . -24.04 -65.91 6.60
CAX ELO T . -23.54 -64.21 3.99
OAD ELO T . -23.31 -65.44 3.22
CBR ELO T . -23.71 -65.60 1.84
CBX ELO T . -22.51 -66.09 0.98
OAJ ELO T . -24.80 -66.53 1.71
CCF ELO T . -24.46 -67.83 2.24
CCL ELO T . -25.71 -68.69 2.26
CCD ELO T . -23.38 -68.53 1.39
OAP ELO T . -23.94 -69.05 0.16
CCB ELO T . -22.17 -67.61 1.10
OAN ELO T . -21.54 -68.05 -0.15
C ACT U . -3.09 -34.45 39.45
O ACT U . -3.76 -35.37 39.96
OXT ACT U . -2.79 -34.41 38.25
CH3 ACT U . -2.60 -33.30 40.34
C ACT V . -25.12 -48.19 33.35
O ACT V . -24.20 -48.81 33.93
OXT ACT V . -24.95 -47.47 32.32
CH3 ACT V . -26.56 -48.31 33.94
CBW ELO W . -25.93 -78.90 -5.62
CCA ELO W . -26.61 -80.27 -5.77
OAM ELO W . -26.09 -80.96 -6.89
CCC ELO W . -27.95 -79.95 -6.13
OAO ELO W . -27.69 -79.02 -7.17
CCE ELO W . -28.55 -79.32 -4.89
CCK ELO W . -30.09 -79.43 -4.84
OAI ELO W . -28.12 -77.94 -4.85
CBQ ELO W . -26.67 -77.81 -4.71
OAC ELO W . -26.16 -77.81 -3.28
CAW ELO W . -25.99 -76.59 -2.50
CAY ELO W . -24.66 -75.84 -2.86
CAU ELO W . -26.04 -76.98 -1.01
CBG ELO W . -27.46 -77.38 -0.58
CBS ELO W . -27.98 -78.42 -1.58
CBC ELO W . -25.61 -75.78 -0.19
CBM ELO W . -25.95 -76.03 1.29
OAA ELO W . -24.16 -75.50 -0.46
CAS ELO W . -24.09 -74.86 -1.75
OAE ELO W . -24.87 -73.74 -1.56
CBA ELO W . -22.72 -74.29 -2.17
CBK ELO W . -22.32 -74.97 -3.44
CBE ELO W . -22.84 -72.80 -2.53
OAG ELO W . -22.84 -72.61 -3.93
CBI ELO W . -21.63 -72.06 -2.10
CBU ELO W . -21.33 -72.75 -0.81
CBO ELO W . -22.06 -70.60 -1.90
CBY ELO W . -20.99 -69.52 -2.25
CCG ELO W . -20.81 -69.42 -3.75
CCI ELO W . -21.48 -68.30 -1.78
CCO ELO W . -21.46 -67.96 -0.41
CCS ELO W . -21.96 -66.73 0.05
CCR ELO W . -22.01 -66.34 1.41
CCN ELO W . -22.58 -65.12 1.88
OAL ELO W . -22.54 -64.82 3.23
OAR ELO W . -23.05 -64.30 1.09
OAK ELO W . -22.48 -70.50 -0.52
CCM ELO W . -23.48 -69.62 -0.28
OAQ ELO W . -24.42 -69.41 -1.05
CCQ ELO W . -23.40 -68.91 0.92
CCT ELO W . -24.35 -67.96 1.32
CCP ELO W . -24.11 -67.30 2.52
CCJ ELO W . -24.92 -66.35 3.13
CBZ ELO W . -24.46 -65.77 4.32
CCH ELO W . -25.58 -65.57 5.34
CBP ELO W . -23.79 -64.44 3.86
CBJ ELO W . -23.51 -63.39 5.01
CBV ELO W . -22.59 -64.04 6.04
CBF ELO W . -22.86 -62.07 4.48
OAH ELO W . -23.51 -61.66 3.29
CBB ELO W . -22.95 -60.84 5.42
CBL ELO W . -24.42 -60.42 5.43
CAT ELO W . -22.04 -59.67 4.90
CAZ ELO W . -21.98 -58.42 5.82
OAF ELO W . -22.50 -59.28 3.61
OAB ELO W . -20.73 -60.17 4.82
CBD ELO W . -19.78 -59.35 4.13
CBN ELO W . -18.39 -59.94 4.41
CAV ELO W . -19.76 -57.90 4.63
CBH ELO W . -19.16 -57.01 3.51
CBT ELO W . -19.57 -55.56 3.64
CAX ELO W . -21.13 -57.37 5.09
OAD ELO W . -20.77 -56.24 5.94
CBR ELO W . -21.55 -55.87 7.10
CBX ELO W . -20.82 -56.22 8.43
OAJ ELO W . -21.81 -54.47 7.07
CCF ELO W . -20.55 -53.79 6.94
CCL ELO W . -20.83 -52.37 6.50
CCD ELO W . -19.81 -53.78 8.28
OAP ELO W . -20.41 -52.84 9.19
CCB ELO W . -19.73 -55.19 8.91
OAN ELO W . -19.82 -55.07 10.36
C ACT X . -18.01 -74.25 -23.77
O ACT X . -16.77 -74.43 -23.90
OXT ACT X . -18.74 -73.74 -24.64
CH3 ACT X . -18.67 -74.71 -22.45
C1 GOL Y . -10.50 -100.81 -19.00
O1 GOL Y . -10.25 -101.62 -17.84
C2 GOL Y . -9.24 -100.14 -19.53
O2 GOL Y . -8.84 -99.09 -18.66
C3 GOL Y . -9.40 -99.52 -20.90
O3 GOL Y . -9.35 -98.09 -20.83
CBW ELO Z . 14.39 38.40 -39.13
CCA ELO Z . 13.94 37.05 -39.68
OAM ELO Z . 14.32 35.90 -38.82
CCC ELO Z . 14.65 36.98 -40.93
OAO ELO Z . 15.95 37.23 -40.39
CCE ELO Z . 14.04 38.14 -41.81
CCK ELO Z . 13.92 37.97 -43.36
OAI ELO Z . 14.81 39.26 -41.53
CBQ ELO Z . 14.48 39.66 -40.18
OAC ELO Z . 13.23 40.52 -40.14
CAW ELO Z . 13.31 41.93 -40.42
CAY ELO Z . 13.66 42.70 -39.09
CAU ELO Z . 11.92 42.28 -40.95
CBG ELO Z . 11.60 41.65 -42.34
CBS ELO Z . 11.03 40.25 -42.16
CBC ELO Z . 11.83 43.75 -41.05
CBM ELO Z . 10.53 44.13 -41.82
OAA ELO Z . 11.91 44.33 -39.67
CAS ELO Z . 13.26 44.16 -39.09
OAE ELO Z . 14.21 44.87 -39.90
CBA ELO Z . 13.42 44.79 -37.69
CBK ELO Z . 14.00 43.71 -36.82
CBE ELO Z . 14.49 45.84 -37.82
OAG ELO Z . 15.62 45.09 -37.52
CBI ELO Z . 14.49 46.99 -36.83
CBU ELO Z . 13.09 47.17 -36.46
CBO ELO Z . 15.03 48.26 -37.54
CBY ELO Z . 15.65 49.38 -36.52
CCG ELO Z . 16.77 48.70 -35.74
CCI ELO Z . 16.13 50.38 -37.32
CCO ELO Z . 15.24 51.39 -37.74
CCS ELO Z . 15.58 52.40 -38.66
CCR ELO Z . 14.69 53.40 -39.15
CCN ELO Z . 14.95 54.42 -40.14
OAL ELO Z . 13.90 55.27 -40.41
OAR ELO Z . 16.05 54.57 -40.69
OAK ELO Z . 13.98 48.72 -38.48
CCM ELO Z . 14.44 49.36 -39.62
OAQ ELO Z . 15.40 49.06 -40.35
CCQ ELO Z . 13.73 50.49 -39.99
CCT ELO Z . 14.05 51.26 -41.10
CCP ELO Z . 13.26 52.38 -41.28
CCJ ELO Z . 13.43 53.28 -42.33
CBZ ELO Z . 12.65 54.43 -42.37
CCH ELO Z . 12.23 54.76 -43.79
CBP ELO Z . 13.61 55.54 -41.83
CBJ ELO Z . 13.02 56.97 -41.97
CBV ELO Z . 11.84 57.11 -40.97
CBF ELO Z . 14.08 58.11 -41.69
OAH ELO Z . 15.18 58.02 -42.60
CBB ELO Z . 13.50 59.51 -41.92
CBL ELO Z . 13.44 59.81 -43.42
CAT ELO Z . 14.42 60.55 -41.26
CAZ ELO Z . 13.73 61.94 -41.27
OAF ELO Z . 15.63 60.65 -42.05
OAB ELO Z . 14.66 60.14 -39.94
CBD ELO Z . 15.63 60.97 -39.31
CBN ELO Z . 16.01 60.37 -37.95
CAV ELO Z . 14.99 62.29 -39.05
CBH ELO Z . 15.94 63.30 -38.38
CBT ELO Z . 17.39 63.19 -38.87
CAX ELO Z . 14.46 62.91 -40.33
OAD ELO Z . 13.55 63.93 -39.89
CBR ELO Z . 13.32 64.93 -40.87
CBX ELO Z . 12.32 65.95 -40.28
OAJ ELO Z . 14.62 65.50 -41.21
CCF ELO Z . 15.24 66.54 -40.28
CCL ELO Z . 16.25 67.39 -41.02
CCD ELO Z . 14.21 67.49 -39.65
OAP ELO Z . 13.82 68.49 -40.68
CCB ELO Z . 13.03 66.60 -39.11
OAN ELO Z . 12.10 67.31 -38.20
C ACT AA . 31.15 35.41 -28.50
O ACT AA . 32.31 35.46 -28.93
OXT ACT AA . 30.84 35.40 -27.30
CH3 ACT AA . 30.04 35.39 -29.52
C ACT BA . 18.22 13.44 -21.26
O ACT BA . 18.64 13.92 -22.35
OXT ACT BA . 17.02 13.58 -20.84
CH3 ACT BA . 19.19 12.62 -20.40
C ACT CA . 13.80 18.15 -17.40
O ACT CA . 13.67 16.89 -17.34
OXT ACT CA . 12.83 18.91 -17.65
CH3 ACT CA . 15.18 18.81 -17.09
C1 GOL DA . 2.00 23.48 -25.14
O1 GOL DA . 1.83 24.00 -23.82
C2 GOL DA . 1.16 24.24 -26.16
O2 GOL DA . 1.95 25.16 -26.94
C3 GOL DA . 0.37 23.30 -27.05
O3 GOL DA . 1.03 22.05 -27.23
C1 GOL EA . 29.56 36.22 -19.11
O1 GOL EA . 28.67 35.10 -19.00
C2 GOL EA . 28.80 37.53 -19.10
O2 GOL EA . 29.67 38.63 -19.45
C3 GOL EA . 28.11 37.81 -17.79
O3 GOL EA . 27.15 38.85 -17.90
C1 GOL FA . -5.40 48.82 -19.58
O1 GOL FA . -4.85 48.10 -20.68
C2 GOL FA . -4.67 50.13 -19.35
O2 GOL FA . -4.09 50.58 -20.58
C3 GOL FA . -3.64 50.05 -18.23
O3 GOL FA . -2.58 51.00 -18.39
C ACT GA . 18.56 16.84 -19.85
O ACT GA . 18.96 17.25 -20.99
OXT ACT GA . 17.35 16.74 -19.52
CH3 ACT GA . 19.61 16.50 -18.78
C ACT HA . 20.11 13.66 -26.72
O ACT HA . 19.73 12.69 -26.01
OXT ACT HA . 19.83 13.81 -27.94
CH3 ACT HA . 21.04 14.68 -26.09
C ACT IA . 1.52 -3.02 -17.67
O ACT IA . 2.63 -3.46 -18.05
OXT ACT IA . 0.78 -2.26 -18.35
CH3 ACT IA . 1.06 -3.44 -16.27
C1 GOL JA . 11.74 18.78 -39.15
O1 GOL JA . 12.56 17.99 -38.26
C2 GOL JA . 10.43 19.26 -38.53
O2 GOL JA . 9.35 18.33 -38.79
C3 GOL JA . 10.03 20.64 -39.01
O3 GOL JA . 10.50 21.70 -38.18
C1 GOL KA . -6.50 38.51 -24.51
O1 GOL KA . -5.32 39.29 -24.53
C2 GOL KA . -6.38 37.19 -23.73
O2 GOL KA . -6.56 36.07 -24.60
C3 GOL KA . -7.39 37.08 -22.62
O3 GOL KA . -7.10 36.02 -21.71
#